data_9MMW
#
_entry.id   9MMW
#
_cell.length_a   1.00
_cell.length_b   1.00
_cell.length_c   1.00
_cell.angle_alpha   90.00
_cell.angle_beta   90.00
_cell.angle_gamma   90.00
#
_symmetry.space_group_name_H-M   'P 1'
#
loop_
_entity.id
_entity.type
_entity.pdbx_description
1 polymer 'CRISPR-associated ring nuclease and adenosine deaminase, subunit A'
2 polymer "RNA (5'-R(*AP*(A23))-3')"
3 non-polymer 'ZINC ION'
#
loop_
_entity_poly.entity_id
_entity_poly.type
_entity_poly.pdbx_seq_one_letter_code
_entity_poly.pdbx_strand_id
1 'polypeptide(L)'
;MRILLCSVGTSWAVVPEAMQLLGSQGFDEVHVLTTASSKISPGVEQLLRYFEMHPGPRFSISRVQDFEDLRSEQDHMLFE
EVLWRWLLQRAPQAAHRYICLAGGYKTISAAMQRAAALFGACEVFHVLCEPRFGPQGNREASTLEEVEQAIATNALRFVR
LGPEPGWPQLRLLSAPSFPLESTLQGPVHWVRASDMRLRQHVEGVLERSRHILAAWEGISELPIPALAAWPPSHLRWLHE
PLDPVQDKAWVQALPKVELHCHLGGFATHGELLHKVRQEAANPESLPPVRAIPLPPGWPIPEEPIGLERYMRLGDNNGSA
LLKDPGCLRAQCRLLYEALLADHVAYAEIRCSPANYASASRSPWVVLQEIRNHFQQAMEETPEDRRCHVNLLLTATREEG
GDRSRIARHLALAITAAEHWKNGCRVVGVDLAGFEDRTTRAAMFATDFEPVHRVGLAVTVHAGENDDVEGIWQAVFKLSA
RRLGHALHLSRSPDLLRVVAERGIAVELCPYANLQIKGFPLDEEQEGSETYPLRGYLAAGVAVTLNTDNLGISQASLTDN
LLLTARLCPGITRLEVLKTQVFAAQAAFANQAERKALWARLAQVPVPTDTEQKNGNDAKASHQPR
;
E,F,G,H,A,B
2 'polyribonucleotide' A(A23) Q,D,T,I,C,J
#
loop_
_chem_comp.id
_chem_comp.type
_chem_comp.name
_chem_comp.formula
A RNA linking ADENOSINE-5'-MONOPHOSPHATE 'C10 H14 N5 O7 P'
A23 RNA linking 'ADENOSINE-5'-PHOSPHATE-2',3'-CYCLIC PHOSPHATE' 'C10 H13 N5 O9 P2'
ZN non-polymer 'ZINC ION' 'Zn 2'
#
# COMPACT_ATOMS: atom_id res chain seq x y z
N MET A 1 -78.85 23.34 2.25
CA MET A 1 -79.71 24.43 1.85
C MET A 1 -79.69 24.62 0.33
N ARG A 2 -80.71 25.30 -0.19
CA ARG A 2 -80.83 25.55 -1.62
C ARG A 2 -81.18 27.02 -1.82
N ILE A 3 -80.42 27.70 -2.69
CA ILE A 3 -80.57 29.13 -2.93
C ILE A 3 -80.75 29.35 -4.43
N LEU A 4 -81.75 30.14 -4.79
CA LEU A 4 -82.04 30.46 -6.19
C LEU A 4 -81.59 31.89 -6.48
N LEU A 5 -80.78 32.04 -7.53
CA LEU A 5 -80.34 33.35 -8.00
C LEU A 5 -80.84 33.54 -9.42
N CYS A 6 -81.48 34.68 -9.68
CA CYS A 6 -82.10 34.94 -10.97
C CYS A 6 -82.13 36.43 -11.25
N SER A 7 -81.95 36.79 -12.52
CA SER A 7 -82.02 38.18 -12.96
C SER A 7 -83.43 38.51 -13.44
N VAL A 8 -83.73 39.82 -13.45
CA VAL A 8 -85.03 40.33 -13.85
C VAL A 8 -84.83 41.40 -14.92
N GLY A 9 -85.53 41.26 -16.03
CA GLY A 9 -85.59 42.30 -17.03
C GLY A 9 -86.92 43.04 -16.94
N THR A 10 -87.61 43.17 -18.06
CA THR A 10 -88.95 43.76 -18.05
C THR A 10 -90.03 42.74 -17.72
N SER A 11 -89.70 41.44 -17.74
CA SER A 11 -90.66 40.38 -17.43
C SER A 11 -90.41 39.91 -16.01
N TRP A 12 -91.20 40.43 -15.07
CA TRP A 12 -91.10 40.02 -13.68
C TRP A 12 -91.54 38.59 -13.46
N ALA A 13 -92.29 38.01 -14.40
CA ALA A 13 -92.82 36.66 -14.24
C ALA A 13 -91.74 35.59 -14.30
N VAL A 14 -90.52 35.94 -14.66
CA VAL A 14 -89.44 34.96 -14.73
C VAL A 14 -89.19 34.32 -13.37
N VAL A 15 -89.11 35.15 -12.32
CA VAL A 15 -88.77 34.65 -10.99
C VAL A 15 -89.82 33.67 -10.46
N PRO A 16 -91.12 33.97 -10.47
CA PRO A 16 -92.08 32.98 -9.94
C PRO A 16 -92.05 31.65 -10.67
N GLU A 17 -91.86 31.66 -12.00
CA GLU A 17 -91.76 30.41 -12.74
C GLU A 17 -90.51 29.65 -12.35
N ALA A 18 -89.38 30.35 -12.23
CA ALA A 18 -88.12 29.69 -11.85
C ALA A 18 -88.17 29.13 -10.42
N MET A 19 -89.08 29.63 -9.58
CA MET A 19 -89.19 29.12 -8.22
C MET A 19 -89.74 27.70 -8.19
N GLN A 20 -90.50 27.31 -9.22
CA GLN A 20 -91.06 25.97 -9.32
C GLN A 20 -90.21 25.04 -10.18
N LEU A 21 -88.89 25.23 -10.19
CA LEU A 21 -88.02 24.35 -10.98
C LEU A 21 -88.09 22.91 -10.47
N LEU A 22 -88.08 22.72 -9.16
CA LEU A 22 -88.16 21.39 -8.58
C LEU A 22 -89.57 21.01 -8.14
N GLY A 23 -90.51 21.94 -8.16
CA GLY A 23 -91.90 21.64 -7.86
C GLY A 23 -92.28 22.09 -6.45
N SER A 24 -92.86 21.16 -5.67
CA SER A 24 -93.37 21.51 -4.35
C SER A 24 -92.26 21.75 -3.35
N GLN A 25 -91.06 21.23 -3.60
CA GLN A 25 -89.95 21.44 -2.68
C GLN A 25 -89.55 22.91 -2.63
N GLY A 26 -89.44 23.55 -3.79
CA GLY A 26 -89.08 24.96 -3.83
C GLY A 26 -87.64 25.20 -3.44
N PHE A 27 -87.37 26.45 -3.07
CA PHE A 27 -86.04 26.90 -2.69
C PHE A 27 -86.08 27.48 -1.28
N ASP A 28 -85.05 27.18 -0.50
CA ASP A 28 -84.95 27.77 0.84
C ASP A 28 -84.73 29.27 0.76
N GLU A 29 -83.94 29.73 -0.21
CA GLU A 29 -83.72 31.15 -0.44
C GLU A 29 -83.91 31.45 -1.92
N VAL A 30 -84.56 32.58 -2.21
CA VAL A 30 -84.77 33.05 -3.57
C VAL A 30 -84.31 34.49 -3.62
N HIS A 31 -83.16 34.74 -4.23
CA HIS A 31 -82.58 36.06 -4.32
C HIS A 31 -82.63 36.56 -5.77
N VAL A 32 -82.88 37.86 -5.91
CA VAL A 32 -83.15 38.48 -7.21
C VAL A 32 -82.19 39.64 -7.42
N LEU A 33 -81.57 39.69 -8.59
CA LEU A 33 -80.73 40.81 -9.00
C LEU A 33 -81.45 41.61 -10.08
N THR A 34 -81.45 42.93 -9.94
CA THR A 34 -82.22 43.80 -10.83
C THR A 34 -81.38 45.04 -11.15
N THR A 35 -81.63 45.61 -12.32
CA THR A 35 -80.99 46.86 -12.70
C THR A 35 -81.80 48.05 -12.17
N ALA A 36 -81.16 49.21 -12.16
CA ALA A 36 -81.79 50.43 -11.64
C ALA A 36 -82.50 51.18 -12.77
N SER A 37 -83.51 50.54 -13.33
CA SER A 37 -84.29 51.08 -14.44
C SER A 37 -85.71 51.37 -13.99
N SER A 38 -86.26 52.50 -14.46
CA SER A 38 -87.63 52.85 -14.14
C SER A 38 -88.62 51.87 -14.77
N LYS A 39 -88.26 51.30 -15.92
CA LYS A 39 -89.13 50.34 -16.60
C LYS A 39 -89.28 49.03 -15.84
N ILE A 40 -88.46 48.79 -14.82
CA ILE A 40 -88.51 47.55 -14.06
C ILE A 40 -89.19 47.73 -12.70
N SER A 41 -89.31 48.96 -12.21
CA SER A 41 -89.94 49.20 -10.91
C SER A 41 -91.34 48.60 -10.79
N PRO A 42 -92.24 48.72 -11.78
CA PRO A 42 -93.51 47.99 -11.67
C PRO A 42 -93.33 46.49 -11.56
N GLY A 43 -92.32 45.94 -12.23
CA GLY A 43 -92.03 44.52 -12.10
C GLY A 43 -91.56 44.16 -10.70
N VAL A 44 -90.78 45.04 -10.07
CA VAL A 44 -90.32 44.82 -8.70
C VAL A 44 -91.50 44.76 -7.75
N GLU A 45 -92.47 45.66 -7.91
CA GLU A 45 -93.66 45.65 -7.07
C GLU A 45 -94.45 44.37 -7.26
N GLN A 46 -94.57 43.91 -8.51
CA GLN A 46 -95.24 42.63 -8.76
C GLN A 46 -94.50 41.48 -8.10
N LEU A 47 -93.16 41.53 -8.10
CA LEU A 47 -92.38 40.52 -7.38
C LEU A 47 -92.59 40.62 -5.87
N LEU A 48 -92.66 41.85 -5.35
CA LEU A 48 -92.86 42.03 -3.92
C LEU A 48 -94.22 41.49 -3.47
N ARG A 49 -95.28 41.81 -4.22
CA ARG A 49 -96.59 41.31 -3.85
C ARG A 49 -96.68 39.80 -4.06
N TYR A 50 -95.91 39.25 -5.00
CA TYR A 50 -95.83 37.80 -5.13
C TYR A 50 -95.07 37.18 -3.97
N PHE A 51 -94.07 37.87 -3.42
CA PHE A 51 -93.31 37.33 -2.31
C PHE A 51 -94.06 37.43 -0.99
N GLU A 52 -95.03 38.35 -0.88
CA GLU A 52 -95.83 38.42 0.33
C GLU A 52 -96.63 37.14 0.54
N MET A 53 -97.17 36.58 -0.54
CA MET A 53 -97.85 35.30 -0.49
C MET A 53 -96.90 34.24 -1.06
N HIS A 54 -97.29 32.97 -1.01
CA HIS A 54 -96.37 31.83 -1.00
C HIS A 54 -95.20 32.09 -0.04
N PRO A 55 -95.47 32.24 1.25
CA PRO A 55 -94.37 32.47 2.21
C PRO A 55 -93.54 31.20 2.41
N GLY A 56 -92.40 31.39 3.07
CA GLY A 56 -91.56 30.28 3.45
C GLY A 56 -90.10 30.41 3.06
N PRO A 57 -89.82 30.87 1.85
CA PRO A 57 -88.42 31.16 1.48
C PRO A 57 -88.01 32.58 1.85
N ARG A 58 -86.70 32.79 1.86
CA ARG A 58 -86.12 34.10 2.14
C ARG A 58 -85.85 34.82 0.83
N PHE A 59 -86.31 36.06 0.73
CA PHE A 59 -86.33 36.78 -0.53
C PHE A 59 -85.48 38.05 -0.45
N SER A 60 -84.97 38.44 -1.63
CA SER A 60 -84.24 39.70 -1.77
C SER A 60 -84.36 40.13 -3.23
N ILE A 61 -84.71 41.39 -3.45
CA ILE A 61 -84.90 41.93 -4.80
C ILE A 61 -83.83 43.01 -4.99
N SER A 62 -82.66 42.76 -4.40
CA SER A 62 -81.55 43.71 -4.50
C SER A 62 -81.35 44.21 -5.93
N ARG A 63 -81.38 45.53 -6.08
CA ARG A 63 -81.29 46.18 -7.39
C ARG A 63 -79.89 46.75 -7.56
N VAL A 64 -79.32 46.57 -8.76
CA VAL A 64 -77.99 47.07 -9.06
C VAL A 64 -78.09 48.58 -9.33
N GLN A 65 -77.57 49.38 -8.40
CA GLN A 65 -77.55 50.81 -8.61
C GLN A 65 -76.52 51.19 -9.66
N ASP A 66 -76.63 52.42 -10.17
CA ASP A 66 -75.72 52.98 -11.16
C ASP A 66 -75.80 52.25 -12.51
N PHE A 67 -76.83 51.44 -12.71
CA PHE A 67 -77.07 50.74 -13.97
C PHE A 67 -78.52 50.96 -14.37
N GLU A 68 -78.76 51.96 -15.21
CA GLU A 68 -80.11 52.27 -15.66
C GLU A 68 -80.46 51.50 -16.92
N ASP A 69 -79.64 51.62 -17.96
CA ASP A 69 -79.84 50.91 -19.21
C ASP A 69 -78.49 50.47 -19.76
N LEU A 70 -78.52 49.42 -20.58
CA LEU A 70 -77.32 48.91 -21.23
C LEU A 70 -76.93 49.89 -22.32
N ARG A 71 -76.06 50.84 -21.98
CA ARG A 71 -75.67 51.89 -22.91
C ARG A 71 -74.32 51.65 -23.56
N SER A 72 -73.34 51.11 -22.83
CA SER A 72 -72.01 50.92 -23.38
C SER A 72 -71.32 49.82 -22.58
N GLU A 73 -70.01 49.68 -22.79
CA GLU A 73 -69.25 48.63 -22.13
C GLU A 73 -69.08 48.90 -20.64
N GLN A 74 -69.02 50.18 -20.25
CA GLN A 74 -68.81 50.51 -18.84
C GLN A 74 -69.98 50.08 -17.99
N ASP A 75 -71.19 50.07 -18.56
CA ASP A 75 -72.35 49.58 -17.82
C ASP A 75 -72.26 48.08 -17.57
N HIS A 76 -71.92 47.31 -18.60
CA HIS A 76 -71.86 45.86 -18.46
C HIS A 76 -70.78 45.44 -17.47
N MET A 77 -69.60 46.05 -17.55
CA MET A 77 -68.54 45.73 -16.60
C MET A 77 -68.89 46.20 -15.20
N LEU A 78 -69.76 47.21 -15.07
CA LEU A 78 -70.27 47.58 -13.76
C LEU A 78 -71.22 46.52 -13.23
N PHE A 79 -72.11 46.01 -14.08
CA PHE A 79 -73.06 44.98 -13.67
C PHE A 79 -72.36 43.68 -13.28
N GLU A 80 -71.33 43.31 -14.02
CA GLU A 80 -70.62 42.06 -13.75
C GLU A 80 -69.94 42.10 -12.40
N GLU A 81 -69.30 43.22 -12.06
CA GLU A 81 -68.64 43.35 -10.76
C GLU A 81 -69.63 43.23 -9.62
N VAL A 82 -70.79 43.88 -9.75
CA VAL A 82 -71.83 43.75 -8.72
C VAL A 82 -72.35 42.33 -8.67
N LEU A 83 -72.54 41.70 -9.83
CA LEU A 83 -73.04 40.33 -9.87
C LEU A 83 -72.15 39.37 -9.08
N TRP A 84 -70.85 39.39 -9.36
CA TRP A 84 -69.95 38.41 -8.74
C TRP A 84 -69.92 38.57 -7.22
N ARG A 85 -69.90 39.81 -6.75
CA ARG A 85 -70.00 40.05 -5.31
C ARG A 85 -71.39 39.68 -4.80
N TRP A 86 -72.43 39.99 -5.57
CA TRP A 86 -73.79 39.62 -5.16
C TRP A 86 -73.96 38.12 -5.13
N LEU A 87 -73.40 37.43 -6.12
CA LEU A 87 -73.44 35.97 -6.13
C LEU A 87 -72.67 35.39 -4.96
N LEU A 88 -71.53 35.99 -4.62
CA LEU A 88 -70.74 35.51 -3.49
C LEU A 88 -71.47 35.75 -2.16
N GLN A 89 -72.28 36.81 -2.08
CA GLN A 89 -72.94 37.16 -0.82
C GLN A 89 -74.24 36.40 -0.61
N ARG A 90 -75.09 36.35 -1.64
CA ARG A 90 -76.40 35.71 -1.50
C ARG A 90 -76.30 34.19 -1.43
N ALA A 91 -75.19 33.61 -1.87
CA ALA A 91 -75.00 32.16 -1.82
C ALA A 91 -73.50 31.86 -1.82
N PRO A 92 -72.85 31.91 -0.65
CA PRO A 92 -71.43 31.60 -0.59
C PRO A 92 -71.14 30.11 -0.58
N GLN A 93 -71.81 29.37 -1.47
CA GLN A 93 -71.65 27.93 -1.59
C GLN A 93 -71.93 27.54 -3.03
N ALA A 94 -70.95 26.97 -3.71
CA ALA A 94 -71.13 26.56 -5.10
C ALA A 94 -72.17 25.43 -5.22
N ALA A 95 -72.18 24.51 -4.26
CA ALA A 95 -73.11 23.39 -4.30
C ALA A 95 -74.54 23.78 -3.97
N HIS A 96 -74.76 24.98 -3.41
CA HIS A 96 -76.08 25.44 -3.05
C HIS A 96 -76.61 26.51 -4.00
N ARG A 97 -76.05 26.60 -5.20
CA ARG A 97 -76.37 27.67 -6.13
C ARG A 97 -77.25 27.14 -7.25
N TYR A 98 -78.40 27.77 -7.46
CA TYR A 98 -79.29 27.50 -8.59
C TYR A 98 -79.49 28.82 -9.32
N ILE A 99 -78.92 28.94 -10.51
CA ILE A 99 -78.84 30.21 -11.22
C ILE A 99 -79.73 30.14 -12.46
N CYS A 100 -80.66 31.09 -12.57
CA CYS A 100 -81.54 31.22 -13.72
C CYS A 100 -81.10 32.42 -14.56
N LEU A 101 -81.03 32.22 -15.88
CA LEU A 101 -80.57 33.24 -16.80
C LEU A 101 -81.68 33.77 -17.70
N ALA A 102 -82.94 33.46 -17.39
CA ALA A 102 -84.04 33.86 -18.25
C ALA A 102 -84.21 35.38 -18.27
N GLY A 103 -84.12 36.02 -17.10
CA GLY A 103 -84.34 37.44 -17.01
C GLY A 103 -83.14 38.27 -17.42
N GLY A 104 -83.38 39.57 -17.57
CA GLY A 104 -82.32 40.51 -17.88
C GLY A 104 -82.02 40.61 -19.36
N TYR A 105 -80.99 41.42 -19.65
CA TYR A 105 -80.53 41.60 -21.01
C TYR A 105 -79.94 40.31 -21.57
N LYS A 106 -79.63 40.33 -22.86
CA LYS A 106 -78.93 39.21 -23.47
C LYS A 106 -77.55 39.02 -22.85
N THR A 107 -76.83 40.13 -22.63
CA THR A 107 -75.54 40.04 -21.94
C THR A 107 -75.71 39.66 -20.48
N ILE A 108 -76.77 40.13 -19.83
CA ILE A 108 -77.04 39.74 -18.45
C ILE A 108 -77.28 38.24 -18.37
N SER A 109 -78.04 37.69 -19.33
CA SER A 109 -78.23 36.25 -19.39
C SER A 109 -76.90 35.53 -19.63
N ALA A 110 -76.07 36.06 -20.54
CA ALA A 110 -74.76 35.48 -20.76
C ALA A 110 -73.86 35.68 -19.55
N ALA A 111 -74.05 36.79 -18.82
CA ALA A 111 -73.29 37.00 -17.58
C ALA A 111 -73.72 36.00 -16.50
N MET A 112 -74.99 35.56 -16.55
CA MET A 112 -75.44 34.57 -15.58
C MET A 112 -74.66 33.27 -15.72
N GLN A 113 -74.49 32.79 -16.95
CA GLN A 113 -73.79 31.53 -17.16
C GLN A 113 -72.29 31.68 -16.96
N ARG A 114 -71.73 32.83 -17.35
CA ARG A 114 -70.31 33.07 -17.13
C ARG A 114 -69.98 33.11 -15.64
N ALA A 115 -70.82 33.77 -14.84
CA ALA A 115 -70.57 33.84 -13.41
C ALA A 115 -70.66 32.46 -12.77
N ALA A 116 -71.62 31.64 -13.21
CA ALA A 116 -71.73 30.29 -12.68
C ALA A 116 -70.54 29.43 -13.07
N ALA A 117 -70.09 29.56 -14.32
CA ALA A 117 -68.96 28.76 -14.78
C ALA A 117 -67.68 29.11 -14.03
N LEU A 118 -67.58 30.34 -13.51
CA LEU A 118 -66.39 30.75 -12.80
C LEU A 118 -66.43 30.31 -11.34
N PHE A 119 -67.49 30.65 -10.62
CA PHE A 119 -67.59 30.39 -9.19
C PHE A 119 -68.29 29.08 -8.87
N GLY A 120 -68.85 28.40 -9.85
CA GLY A 120 -69.50 27.13 -9.57
C GLY A 120 -70.97 27.32 -9.21
N ALA A 121 -71.79 26.42 -9.73
CA ALA A 121 -73.23 26.45 -9.46
C ALA A 121 -73.78 25.05 -9.61
N CYS A 122 -74.70 24.69 -8.70
CA CYS A 122 -75.29 23.37 -8.72
C CYS A 122 -76.19 23.17 -9.93
N GLU A 123 -76.77 24.25 -10.46
CA GLU A 123 -77.63 24.15 -11.64
C GLU A 123 -77.69 25.50 -12.33
N VAL A 124 -77.60 25.49 -13.65
CA VAL A 124 -77.90 26.64 -14.49
C VAL A 124 -79.05 26.26 -15.39
N PHE A 125 -80.14 27.03 -15.34
CA PHE A 125 -81.35 26.65 -16.04
C PHE A 125 -82.02 27.88 -16.64
N HIS A 126 -82.81 27.62 -17.69
CA HIS A 126 -83.61 28.62 -18.38
C HIS A 126 -85.07 28.19 -18.38
N VAL A 127 -85.97 29.13 -18.10
CA VAL A 127 -87.39 28.85 -17.99
C VAL A 127 -88.11 29.51 -19.15
N LEU A 128 -89.04 28.77 -19.77
CA LEU A 128 -89.81 29.26 -20.90
C LEU A 128 -91.29 29.03 -20.64
N CYS A 129 -92.11 30.02 -21.00
CA CYS A 129 -93.54 29.97 -20.78
C CYS A 129 -94.27 29.96 -22.12
N GLU A 130 -95.31 29.14 -22.21
CA GLU A 130 -96.08 29.04 -23.43
C GLU A 130 -96.87 30.33 -23.68
N PRO A 131 -97.02 30.74 -24.93
CA PRO A 131 -97.69 32.03 -25.22
C PRO A 131 -99.20 31.98 -25.10
N ARG A 132 -99.74 30.90 -24.53
CA ARG A 132 -101.18 30.69 -24.51
C ARG A 132 -101.90 31.54 -23.47
N PHE A 133 -101.22 32.46 -22.81
CA PHE A 133 -101.81 33.29 -21.77
C PHE A 133 -101.98 34.72 -22.26
N GLY A 134 -102.63 35.55 -21.43
CA GLY A 134 -102.90 36.92 -21.76
C GLY A 134 -104.15 37.06 -22.62
N PRO A 135 -104.43 38.30 -23.07
CA PRO A 135 -105.60 38.59 -23.90
C PRO A 135 -105.52 37.93 -25.28
N ALA A 141 -97.35 34.47 -19.75
CA ALA A 141 -97.79 34.96 -18.45
C ALA A 141 -97.09 36.27 -18.09
N SER A 142 -97.88 37.31 -17.84
CA SER A 142 -97.34 38.63 -17.51
C SER A 142 -97.93 39.24 -16.23
N THR A 143 -99.12 38.85 -15.82
CA THR A 143 -99.75 39.36 -14.61
C THR A 143 -99.69 38.32 -13.51
N LEU A 144 -100.10 38.74 -12.30
CA LEU A 144 -100.05 37.84 -11.15
C LEU A 144 -100.98 36.65 -11.34
N GLU A 145 -102.20 36.90 -11.84
CA GLU A 145 -103.14 35.80 -12.05
C GLU A 145 -102.67 34.85 -13.14
N GLU A 146 -102.09 35.40 -14.23
CA GLU A 146 -101.58 34.55 -15.30
C GLU A 146 -100.43 33.69 -14.83
N VAL A 147 -99.62 34.19 -13.89
CA VAL A 147 -98.51 33.41 -13.36
C VAL A 147 -99.04 32.19 -12.61
N GLU A 148 -100.07 32.39 -11.79
CA GLU A 148 -100.66 31.28 -11.04
C GLU A 148 -101.23 30.22 -11.98
N GLN A 149 -101.90 30.65 -13.05
CA GLN A 149 -102.47 29.71 -14.01
C GLN A 149 -101.38 28.91 -14.72
N ALA A 150 -100.27 29.58 -15.05
CA ALA A 150 -99.17 28.88 -15.71
C ALA A 150 -98.56 27.80 -14.82
N ILE A 151 -98.40 28.12 -13.53
CA ILE A 151 -97.81 27.14 -12.60
C ILE A 151 -98.71 25.93 -12.46
N ALA A 152 -100.02 26.15 -12.30
CA ALA A 152 -100.93 25.04 -12.08
C ALA A 152 -101.11 24.18 -13.33
N THR A 153 -101.11 24.80 -14.50
CA THR A 153 -101.36 24.10 -15.75
C THR A 153 -100.10 23.57 -16.41
N ASN A 154 -98.94 23.71 -15.76
CA ASN A 154 -97.67 23.14 -16.23
C ASN A 154 -97.34 23.62 -17.65
N ALA A 155 -97.12 24.92 -17.76
CA ALA A 155 -96.79 25.56 -19.03
C ALA A 155 -95.31 25.94 -19.12
N LEU A 156 -94.46 25.37 -18.28
CA LEU A 156 -93.04 25.68 -18.26
C LEU A 156 -92.23 24.50 -18.77
N ARG A 157 -90.98 24.78 -19.14
CA ARG A 157 -90.10 23.80 -19.76
C ARG A 157 -88.86 23.49 -18.95
N PHE A 158 -88.25 24.51 -18.33
CA PHE A 158 -87.12 24.33 -17.40
C PHE A 158 -85.93 23.66 -18.09
N VAL A 159 -85.35 24.40 -19.04
CA VAL A 159 -84.14 23.94 -19.72
C VAL A 159 -82.95 24.09 -18.77
N ARG A 160 -82.56 23.00 -18.13
CA ARG A 160 -81.46 23.00 -17.16
C ARG A 160 -80.16 22.71 -17.91
N LEU A 161 -79.31 23.73 -18.04
CA LEU A 161 -78.07 23.57 -18.80
C LEU A 161 -77.14 22.56 -18.14
N GLY A 162 -77.00 22.62 -16.82
CA GLY A 162 -76.16 21.69 -16.11
C GLY A 162 -75.32 22.35 -15.03
N PRO A 163 -74.84 21.55 -14.08
CA PRO A 163 -74.01 22.11 -13.01
C PRO A 163 -72.67 22.60 -13.53
N GLU A 164 -72.13 23.61 -12.84
CA GLU A 164 -70.83 24.17 -13.16
C GLU A 164 -69.86 23.87 -12.03
N PRO A 165 -68.80 23.10 -12.27
CA PRO A 165 -67.81 22.87 -11.20
C PRO A 165 -67.12 24.14 -10.74
N GLY A 166 -66.88 25.09 -11.64
CA GLY A 166 -66.14 26.29 -11.31
C GLY A 166 -64.64 26.07 -11.34
N TRP A 167 -63.91 27.12 -10.99
CA TRP A 167 -62.46 26.99 -11.02
C TRP A 167 -61.90 26.83 -9.62
N PRO A 168 -60.90 25.96 -9.45
CA PRO A 168 -60.48 25.57 -8.09
C PRO A 168 -60.07 26.72 -7.19
N GLN A 169 -59.37 27.72 -7.72
CA GLN A 169 -58.94 28.85 -6.92
C GLN A 169 -59.88 30.05 -7.04
N LEU A 170 -61.00 29.90 -7.75
CA LEU A 170 -62.01 30.94 -7.83
C LEU A 170 -63.22 30.69 -6.96
N ARG A 171 -63.52 29.44 -6.63
CA ARG A 171 -64.67 29.11 -5.78
C ARG A 171 -64.34 29.24 -4.30
N LEU A 172 -63.10 29.54 -3.94
CA LEU A 172 -62.72 29.77 -2.56
C LEU A 172 -62.92 31.23 -2.13
N LEU A 173 -63.31 32.10 -3.05
CA LEU A 173 -63.56 33.50 -2.70
C LEU A 173 -64.82 33.62 -1.85
N SER A 174 -64.80 34.57 -0.92
CA SER A 174 -65.89 34.75 0.04
C SER A 174 -66.39 36.18 -0.01
N ALA A 175 -67.63 36.37 0.44
CA ALA A 175 -68.26 37.69 0.39
C ALA A 175 -67.53 38.76 1.20
N PRO A 176 -67.10 38.51 2.45
CA PRO A 176 -66.43 39.59 3.19
C PRO A 176 -65.18 40.13 2.51
N SER A 177 -64.50 39.32 1.70
CA SER A 177 -63.33 39.81 0.98
C SER A 177 -63.71 40.83 -0.09
N PHE A 178 -64.90 40.70 -0.67
CA PHE A 178 -65.38 41.60 -1.73
C PHE A 178 -66.81 42.04 -1.37
N PRO A 179 -66.94 43.01 -0.47
CA PRO A 179 -68.26 43.37 0.06
C PRO A 179 -69.05 44.23 -0.93
N LEU A 180 -70.34 44.38 -0.63
CA LEU A 180 -71.23 45.29 -1.36
C LEU A 180 -71.72 46.40 -0.45
N GLU A 181 -71.90 47.58 -1.03
CA GLU A 181 -72.53 48.71 -0.36
C GLU A 181 -74.02 48.64 -0.67
N SER A 182 -74.79 48.11 0.28
CA SER A 182 -76.23 47.92 0.09
C SER A 182 -77.00 48.92 0.93
N THR A 183 -77.92 49.64 0.30
CA THR A 183 -78.74 50.64 0.96
C THR A 183 -80.21 50.24 0.82
N LEU A 184 -80.91 50.18 1.95
CA LEU A 184 -82.30 49.74 1.94
C LEU A 184 -83.22 50.90 1.59
N GLN A 185 -84.19 50.62 0.71
CA GLN A 185 -85.24 51.56 0.34
C GLN A 185 -86.60 50.92 0.56
N GLY A 186 -86.76 50.29 1.73
CA GLY A 186 -87.91 49.49 2.03
C GLY A 186 -87.55 48.03 2.08
N PRO A 187 -88.26 47.21 1.29
CA PRO A 187 -87.90 45.79 1.16
C PRO A 187 -86.94 45.48 0.01
N VAL A 188 -86.37 46.50 -0.62
CA VAL A 188 -85.51 46.34 -1.80
C VAL A 188 -84.13 46.89 -1.47
N HIS A 189 -83.10 46.09 -1.74
CA HIS A 189 -81.72 46.51 -1.55
C HIS A 189 -81.21 47.22 -2.79
N TRP A 190 -80.35 48.22 -2.58
CA TRP A 190 -79.69 48.93 -3.66
C TRP A 190 -78.18 48.74 -3.48
N VAL A 191 -77.58 47.89 -4.31
CA VAL A 191 -76.21 47.43 -4.11
C VAL A 191 -75.28 48.17 -5.07
N ARG A 192 -74.15 48.62 -4.54
CA ARG A 192 -73.12 49.28 -5.32
C ARG A 192 -71.76 48.69 -4.97
N ALA A 193 -70.89 48.58 -5.96
CA ALA A 193 -69.53 48.09 -5.77
C ALA A 193 -68.60 49.29 -5.61
N SER A 194 -67.76 49.24 -4.56
CA SER A 194 -66.84 50.35 -4.29
C SER A 194 -65.86 50.55 -5.44
N ASP A 195 -65.26 49.46 -5.92
CA ASP A 195 -64.32 49.51 -7.03
C ASP A 195 -64.43 48.21 -7.81
N MET A 196 -63.47 47.95 -8.69
CA MET A 196 -63.50 46.78 -9.57
C MET A 196 -62.45 45.76 -9.16
N ARG A 197 -62.26 45.58 -7.84
CA ARG A 197 -61.21 44.68 -7.36
C ARG A 197 -61.53 43.21 -7.66
N LEU A 198 -62.81 42.85 -7.70
CA LEU A 198 -63.15 41.44 -7.92
C LEU A 198 -62.90 41.02 -9.35
N ARG A 199 -63.29 41.84 -10.33
CA ARG A 199 -63.00 41.51 -11.72
C ARG A 199 -61.50 41.50 -11.98
N GLN A 200 -60.77 42.44 -11.35
CA GLN A 200 -59.33 42.45 -11.48
C GLN A 200 -58.71 41.20 -10.88
N HIS A 201 -59.21 40.75 -9.72
CA HIS A 201 -58.72 39.52 -9.12
C HIS A 201 -59.06 38.31 -9.98
N VAL A 202 -60.28 38.26 -10.52
CA VAL A 202 -60.68 37.15 -11.37
C VAL A 202 -59.85 37.13 -12.65
N GLU A 203 -59.63 38.31 -13.25
CA GLU A 203 -58.85 38.37 -14.49
C GLU A 203 -57.42 37.88 -14.26
N GLY A 204 -56.83 38.25 -13.11
CA GLY A 204 -55.50 37.76 -12.80
C GLY A 204 -55.46 36.26 -12.60
N VAL A 205 -56.52 35.71 -12.00
CA VAL A 205 -56.60 34.26 -11.80
C VAL A 205 -56.68 33.54 -13.14
N LEU A 206 -57.57 33.99 -14.03
CA LEU A 206 -57.72 33.34 -15.32
C LEU A 206 -56.46 33.50 -16.17
N GLU A 207 -55.85 34.67 -16.13
CA GLU A 207 -54.61 34.88 -16.89
C GLU A 207 -53.51 33.96 -16.39
N ARG A 208 -53.37 33.82 -15.07
CA ARG A 208 -52.37 32.91 -14.53
C ARG A 208 -52.71 31.46 -14.85
N SER A 209 -54.00 31.11 -14.80
CA SER A 209 -54.41 29.74 -15.09
C SER A 209 -54.09 29.35 -16.53
N ARG A 210 -54.31 30.28 -17.46
CA ARG A 210 -54.00 29.99 -18.86
C ARG A 210 -52.50 29.77 -19.07
N HIS A 211 -51.67 30.54 -18.35
CA HIS A 211 -50.23 30.37 -18.47
C HIS A 211 -49.79 28.99 -17.99
N ILE A 212 -50.36 28.52 -16.89
CA ILE A 212 -49.97 27.21 -16.36
C ILE A 212 -50.38 26.10 -17.32
N LEU A 213 -51.60 26.16 -17.85
CA LEU A 213 -52.06 25.14 -18.77
C LEU A 213 -51.29 25.19 -20.09
N ALA A 214 -50.94 26.40 -20.54
CA ALA A 214 -50.13 26.51 -21.75
C ALA A 214 -48.74 25.90 -21.56
N ALA A 215 -48.13 26.14 -20.41
CA ALA A 215 -46.81 25.64 -20.11
C ALA A 215 -46.84 24.26 -19.45
N TRP A 216 -48.02 23.66 -19.32
CA TRP A 216 -48.15 22.40 -18.62
C TRP A 216 -47.43 21.27 -19.34
N GLU A 217 -47.46 21.27 -20.67
CA GLU A 217 -46.84 20.18 -21.44
C GLU A 217 -45.34 20.12 -21.21
N GLY A 218 -44.68 21.27 -21.24
CA GLY A 218 -43.24 21.31 -21.05
C GLY A 218 -42.83 21.60 -19.62
N ILE A 219 -43.55 21.02 -18.67
CA ILE A 219 -43.25 21.25 -17.26
C ILE A 219 -41.92 20.60 -16.87
N SER A 220 -41.55 19.51 -17.54
CA SER A 220 -40.33 18.79 -17.18
C SER A 220 -39.07 19.50 -17.66
N GLU A 221 -39.15 20.31 -18.69
CA GLU A 221 -37.98 21.00 -19.22
C GLU A 221 -37.74 22.36 -18.58
N LEU A 222 -38.56 22.75 -17.59
CA LEU A 222 -38.34 23.96 -16.83
C LEU A 222 -37.55 23.63 -15.57
N PRO A 223 -36.36 24.19 -15.39
CA PRO A 223 -35.59 23.86 -14.17
C PRO A 223 -36.31 24.25 -12.89
N ILE A 224 -37.06 25.33 -12.90
CA ILE A 224 -37.85 25.80 -11.77
C ILE A 224 -39.32 25.61 -12.12
N PRO A 225 -40.08 24.83 -11.37
CA PRO A 225 -41.49 24.59 -11.74
C PRO A 225 -42.37 25.82 -11.65
N ALA A 226 -41.98 26.84 -10.87
CA ALA A 226 -42.74 28.08 -10.79
C ALA A 226 -42.71 28.87 -12.08
N LEU A 227 -41.82 28.53 -13.00
CA LEU A 227 -41.77 29.23 -14.29
C LEU A 227 -42.97 28.92 -15.17
N ALA A 228 -43.69 27.83 -14.91
CA ALA A 228 -44.82 27.48 -15.74
C ALA A 228 -45.97 28.47 -15.61
N ALA A 229 -45.98 29.28 -14.56
CA ALA A 229 -46.97 30.35 -14.44
C ALA A 229 -46.61 31.58 -15.24
N TRP A 230 -45.42 31.62 -15.86
CA TRP A 230 -45.03 32.75 -16.67
C TRP A 230 -45.88 32.83 -17.94
N PRO A 231 -46.06 34.02 -18.48
CA PRO A 231 -46.73 34.14 -19.78
C PRO A 231 -45.93 33.41 -20.85
N PRO A 232 -46.61 32.86 -21.85
CA PRO A 232 -45.89 32.13 -22.91
C PRO A 232 -44.85 32.96 -23.63
N SER A 233 -45.05 34.27 -23.76
CA SER A 233 -44.04 35.11 -24.39
C SER A 233 -42.79 35.22 -23.53
N HIS A 234 -42.96 35.22 -22.21
CA HIS A 234 -41.81 35.23 -21.31
C HIS A 234 -41.05 33.91 -21.35
N LEU A 235 -41.76 32.80 -21.53
CA LEU A 235 -41.09 31.51 -21.65
C LEU A 235 -40.32 31.41 -22.96
N ARG A 236 -40.85 32.03 -24.02
CA ARG A 236 -40.09 32.13 -25.26
C ARG A 236 -38.83 32.98 -25.07
N TRP A 237 -38.90 33.98 -24.19
CA TRP A 237 -37.75 34.80 -23.87
C TRP A 237 -36.67 34.01 -23.16
N LEU A 238 -37.06 33.06 -22.30
CA LEU A 238 -36.07 32.23 -21.60
C LEU A 238 -35.26 31.40 -22.57
N HIS A 239 -35.89 30.90 -23.64
CA HIS A 239 -35.18 30.06 -24.59
C HIS A 239 -34.32 30.86 -25.55
N GLU A 240 -34.44 32.19 -25.56
CA GLU A 240 -33.60 33.04 -26.38
C GLU A 240 -32.20 33.15 -25.76
N PRO A 241 -31.18 33.44 -26.58
CA PRO A 241 -29.83 33.58 -26.03
C PRO A 241 -29.72 34.75 -25.06
N LEU A 242 -28.85 34.59 -24.07
CA LEU A 242 -28.61 35.63 -23.09
C LEU A 242 -27.90 36.82 -23.73
N ASP A 243 -28.33 38.03 -23.35
CA ASP A 243 -27.73 39.26 -23.85
C ASP A 243 -26.92 39.90 -22.74
N PRO A 244 -25.59 39.95 -22.84
CA PRO A 244 -24.78 40.42 -21.71
C PRO A 244 -25.05 41.86 -21.30
N VAL A 245 -25.56 42.68 -22.21
CA VAL A 245 -25.78 44.09 -21.94
C VAL A 245 -27.24 44.37 -21.57
N GLN A 246 -28.18 43.79 -22.30
CA GLN A 246 -29.59 44.05 -22.05
C GLN A 246 -30.17 43.19 -20.93
N ASP A 247 -29.47 42.14 -20.50
CA ASP A 247 -29.95 41.28 -19.42
C ASP A 247 -29.22 41.53 -18.11
N LYS A 248 -28.52 42.67 -17.99
CA LYS A 248 -27.84 43.00 -16.75
C LYS A 248 -28.82 43.06 -15.58
N ALA A 249 -29.93 43.77 -15.75
CA ALA A 249 -30.85 43.97 -14.64
C ALA A 249 -31.52 42.67 -14.24
N TRP A 250 -31.83 41.80 -15.21
CA TRP A 250 -32.47 40.53 -14.90
C TRP A 250 -31.52 39.60 -14.17
N VAL A 251 -30.29 39.47 -14.67
CA VAL A 251 -29.31 38.60 -14.03
C VAL A 251 -28.96 39.13 -12.64
N GLN A 252 -28.86 40.45 -12.49
CA GLN A 252 -28.59 41.03 -11.19
C GLN A 252 -29.68 40.70 -10.18
N ALA A 253 -30.93 40.69 -10.63
CA ALA A 253 -32.06 40.42 -9.74
C ALA A 253 -32.26 38.94 -9.46
N LEU A 254 -31.60 38.04 -10.19
CA LEU A 254 -31.78 36.61 -9.95
C LEU A 254 -31.32 36.24 -8.55
N PRO A 255 -32.06 35.40 -7.84
CA PRO A 255 -31.50 34.73 -6.66
C PRO A 255 -30.44 33.74 -7.11
N LYS A 256 -29.22 33.90 -6.62
CA LYS A 256 -28.08 33.13 -7.08
C LYS A 256 -27.55 32.24 -5.97
N VAL A 257 -26.83 31.20 -6.39
CA VAL A 257 -26.16 30.29 -5.48
C VAL A 257 -24.66 30.39 -5.74
N GLU A 258 -23.90 30.59 -4.68
CA GLU A 258 -22.45 30.70 -4.75
C GLU A 258 -21.83 29.47 -4.08
N LEU A 259 -21.03 28.72 -4.84
CA LEU A 259 -20.44 27.50 -4.33
C LEU A 259 -18.91 27.53 -4.28
N HIS A 260 -18.28 28.48 -4.98
CA HIS A 260 -16.82 28.53 -5.06
C HIS A 260 -16.39 29.98 -4.87
N CYS A 261 -16.14 30.36 -3.63
CA CYS A 261 -15.78 31.72 -3.26
C CYS A 261 -14.79 31.67 -2.12
N HIS A 262 -13.63 32.28 -2.31
CA HIS A 262 -12.56 32.28 -1.33
C HIS A 262 -12.66 33.52 -0.46
N LEU A 263 -12.61 33.33 0.86
CA LEU A 263 -12.65 34.46 1.79
C LEU A 263 -11.44 35.36 1.62
N GLY A 264 -10.25 34.78 1.45
CA GLY A 264 -9.02 35.53 1.35
C GLY A 264 -8.79 36.24 0.04
N GLY A 265 -9.72 36.14 -0.91
CA GLY A 265 -9.57 36.82 -2.18
C GLY A 265 -10.66 37.82 -2.46
N PHE A 266 -11.17 38.49 -1.43
CA PHE A 266 -12.32 39.37 -1.57
C PHE A 266 -11.94 40.84 -1.67
N ALA A 267 -11.27 41.38 -0.65
CA ALA A 267 -10.87 42.78 -0.66
C ALA A 267 -9.37 42.89 -0.95
N THR A 268 -9.00 42.51 -2.17
CA THR A 268 -7.58 42.38 -2.50
C THR A 268 -6.94 43.70 -2.93
N HIS A 269 -7.72 44.65 -3.41
CA HIS A 269 -7.20 45.95 -3.84
C HIS A 269 -8.35 46.94 -3.85
N GLY A 270 -8.07 48.15 -4.34
CA GLY A 270 -9.12 49.13 -4.53
C GLY A 270 -9.66 49.69 -3.22
N GLU A 271 -10.92 50.12 -3.28
CA GLU A 271 -11.54 50.79 -2.15
C GLU A 271 -11.94 49.81 -1.06
N LEU A 272 -12.22 48.55 -1.42
CA LEU A 272 -12.58 47.55 -0.43
C LEU A 272 -11.40 47.14 0.43
N LEU A 273 -10.21 47.05 -0.16
CA LEU A 273 -9.03 46.68 0.61
C LEU A 273 -8.73 47.72 1.70
N HIS A 274 -8.90 48.99 1.37
CA HIS A 274 -8.65 50.05 2.35
C HIS A 274 -9.69 50.02 3.47
N LYS A 275 -10.92 49.61 3.16
CA LYS A 275 -11.93 49.47 4.20
C LYS A 275 -11.56 48.39 5.20
N VAL A 276 -11.01 47.27 4.72
CA VAL A 276 -10.62 46.20 5.62
C VAL A 276 -9.45 46.63 6.51
N ARG A 277 -8.48 47.34 5.93
CA ARG A 277 -7.36 47.82 6.72
C ARG A 277 -7.78 48.86 7.75
N GLN A 278 -8.84 49.63 7.46
CA GLN A 278 -9.26 50.69 8.38
C GLN A 278 -9.72 50.13 9.71
N GLU A 279 -10.45 49.01 9.69
CA GLU A 279 -10.97 48.43 10.94
C GLU A 279 -10.00 47.45 11.58
N ALA A 280 -8.71 47.56 11.28
CA ALA A 280 -7.71 46.73 11.94
C ALA A 280 -7.68 47.02 13.43
N ALA A 281 -7.64 45.95 14.24
CA ALA A 281 -7.54 46.12 15.67
C ALA A 281 -6.17 46.67 16.08
N ASN A 282 -5.14 46.40 15.30
CA ASN A 282 -3.78 46.85 15.56
C ASN A 282 -3.23 47.51 14.30
N PRO A 283 -3.58 48.77 14.06
CA PRO A 283 -3.10 49.44 12.84
C PRO A 283 -1.59 49.52 12.74
N GLU A 284 -0.89 49.55 13.88
CA GLU A 284 0.57 49.60 13.86
C GLU A 284 1.18 48.34 13.27
N SER A 285 0.47 47.21 13.34
CA SER A 285 0.96 45.94 12.82
C SER A 285 0.53 45.68 11.38
N LEU A 286 -0.16 46.63 10.75
CA LEU A 286 -0.62 46.43 9.38
C LEU A 286 0.57 46.39 8.43
N PRO A 287 0.66 45.37 7.56
CA PRO A 287 1.75 45.36 6.58
C PRO A 287 1.58 46.50 5.59
N PRO A 288 2.67 46.99 5.02
CA PRO A 288 2.55 48.04 4.00
C PRO A 288 1.79 47.54 2.78
N VAL A 289 1.02 48.45 2.18
CA VAL A 289 0.26 48.11 0.98
C VAL A 289 1.24 47.88 -0.16
N ARG A 290 1.38 46.64 -0.59
CA ARG A 290 2.28 46.32 -1.68
C ARG A 290 1.77 46.91 -2.98
N ALA A 291 2.70 47.27 -3.86
CA ALA A 291 2.36 47.85 -5.16
C ALA A 291 2.11 46.72 -6.15
N ILE A 292 0.84 46.35 -6.33
CA ILE A 292 0.48 45.25 -7.21
C ILE A 292 -0.35 45.81 -8.36
N PRO A 293 0.26 46.13 -9.50
CA PRO A 293 -0.51 46.69 -10.62
C PRO A 293 -1.29 45.61 -11.35
N LEU A 294 -2.57 45.87 -11.58
CA LEU A 294 -3.40 44.92 -12.29
C LEU A 294 -3.01 44.86 -13.76
N PRO A 295 -3.19 43.72 -14.41
CA PRO A 295 -2.91 43.64 -15.84
C PRO A 295 -3.82 44.56 -16.61
N PRO A 296 -3.37 45.10 -17.74
CA PRO A 296 -4.20 46.02 -18.52
C PRO A 296 -5.48 45.34 -19.00
N GLY A 297 -6.57 46.10 -19.01
CA GLY A 297 -7.85 45.57 -19.44
C GLY A 297 -8.59 44.79 -18.38
N TRP A 298 -8.08 44.74 -17.16
CA TRP A 298 -8.74 43.99 -16.09
C TRP A 298 -10.16 44.50 -15.90
N PRO A 299 -11.14 43.61 -15.69
CA PRO A 299 -11.02 42.17 -15.45
C PRO A 299 -10.90 41.30 -16.71
N ILE A 300 -10.75 41.89 -17.89
CA ILE A 300 -10.62 41.09 -19.11
C ILE A 300 -9.27 41.39 -19.75
N PRO A 301 -8.22 40.67 -19.38
CA PRO A 301 -6.88 40.98 -19.89
C PRO A 301 -6.74 40.65 -21.36
N GLU A 302 -5.75 41.28 -21.99
CA GLU A 302 -5.45 40.98 -23.39
C GLU A 302 -4.96 39.54 -23.53
N GLU A 303 -4.13 39.09 -22.60
CA GLU A 303 -3.54 37.76 -22.62
C GLU A 303 -3.60 37.13 -21.24
N PRO A 304 -3.91 35.84 -21.17
CA PRO A 304 -4.06 35.17 -19.88
C PRO A 304 -2.77 35.20 -19.07
N ILE A 305 -2.91 35.37 -17.76
CA ILE A 305 -1.77 35.62 -16.89
C ILE A 305 -1.27 34.38 -16.17
N GLY A 306 -2.02 33.29 -16.20
CA GLY A 306 -1.61 32.08 -15.51
C GLY A 306 -1.97 32.10 -14.03
N LEU A 307 -1.75 30.96 -13.38
CA LEU A 307 -2.13 30.83 -11.97
C LEU A 307 -1.19 31.58 -11.05
N GLU A 308 0.12 31.54 -11.33
CA GLU A 308 1.07 32.20 -10.44
C GLU A 308 0.85 33.71 -10.41
N ARG A 309 0.64 34.32 -11.58
CA ARG A 309 0.38 35.75 -11.61
C ARG A 309 -0.98 36.07 -10.99
N TYR A 310 -1.95 35.17 -11.15
CA TYR A 310 -3.28 35.41 -10.60
C TYR A 310 -3.26 35.43 -9.07
N MET A 311 -2.52 34.50 -8.45
CA MET A 311 -2.48 34.45 -7.00
C MET A 311 -1.71 35.61 -6.40
N ARG A 312 -0.72 36.16 -7.11
CA ARG A 312 0.03 37.28 -6.58
C ARG A 312 -0.78 38.57 -6.55
N LEU A 313 -1.94 38.61 -7.21
CA LEU A 313 -2.77 39.80 -7.18
C LEU A 313 -3.49 39.97 -5.85
N GLY A 314 -3.61 38.90 -5.07
CA GLY A 314 -4.29 38.97 -3.79
C GLY A 314 -3.34 39.04 -2.61
N ASP A 315 -2.08 39.39 -2.87
CA ASP A 315 -1.07 39.45 -1.81
C ASP A 315 -1.34 40.56 -0.81
N ASN A 316 -2.12 41.57 -1.17
CA ASN A 316 -2.48 42.63 -0.23
C ASN A 316 -3.49 42.17 0.82
N ASN A 317 -4.17 41.06 0.58
CA ASN A 317 -5.08 40.49 1.57
C ASN A 317 -4.68 39.06 1.87
N GLY A 318 -5.48 38.35 2.65
CA GLY A 318 -5.20 36.96 2.95
C GLY A 318 -4.48 36.81 4.29
N SER A 319 -3.49 35.92 4.32
CA SER A 319 -2.79 35.63 5.57
C SER A 319 -2.08 36.86 6.10
N ALA A 320 -1.48 37.66 5.21
CA ALA A 320 -0.71 38.81 5.64
C ALA A 320 -1.58 39.85 6.35
N LEU A 321 -2.86 39.90 6.04
CA LEU A 321 -3.74 40.92 6.58
C LEU A 321 -4.77 40.40 7.57
N LEU A 322 -5.29 39.19 7.37
CA LEU A 322 -6.43 38.71 8.14
C LEU A 322 -6.04 38.03 9.44
N LYS A 323 -4.75 38.01 9.80
CA LYS A 323 -4.38 37.65 11.16
C LYS A 323 -4.85 38.67 12.18
N ASP A 324 -5.08 39.91 11.75
CA ASP A 324 -5.67 40.92 12.63
C ASP A 324 -7.14 40.61 12.85
N PRO A 325 -7.60 40.48 14.10
CA PRO A 325 -9.02 40.18 14.32
C PRO A 325 -9.97 41.23 13.77
N GLY A 326 -9.59 42.52 13.83
CA GLY A 326 -10.45 43.56 13.29
C GLY A 326 -10.55 43.50 11.78
N CYS A 327 -9.44 43.21 11.12
CA CYS A 327 -9.46 43.02 9.67
C CYS A 327 -10.29 41.79 9.29
N LEU A 328 -10.18 40.72 10.07
CA LEU A 328 -10.95 39.52 9.78
C LEU A 328 -12.44 39.77 9.93
N ARG A 329 -12.85 40.53 10.94
CA ARG A 329 -14.26 40.87 11.09
C ARG A 329 -14.74 41.73 9.93
N ALA A 330 -13.92 42.71 9.51
CA ALA A 330 -14.30 43.54 8.38
C ALA A 330 -14.42 42.73 7.10
N GLN A 331 -13.47 41.81 6.87
CA GLN A 331 -13.49 41.01 5.66
C GLN A 331 -14.73 40.14 5.58
N CYS A 332 -15.12 39.52 6.70
CA CYS A 332 -16.30 38.67 6.71
C CYS A 332 -17.57 39.49 6.54
N ARG A 333 -17.68 40.62 7.22
CA ARG A 333 -18.90 41.40 7.16
C ARG A 333 -19.04 42.13 5.82
N LEU A 334 -17.93 42.53 5.23
CA LEU A 334 -17.99 43.16 3.90
C LEU A 334 -18.27 42.14 2.81
N LEU A 335 -17.78 40.90 2.95
CA LEU A 335 -18.11 39.86 1.98
C LEU A 335 -19.59 39.55 1.98
N TYR A 336 -20.19 39.48 3.17
CA TYR A 336 -21.63 39.21 3.26
C TYR A 336 -22.44 40.31 2.59
N GLU A 337 -21.99 41.56 2.70
CA GLU A 337 -22.69 42.66 2.06
C GLU A 337 -22.63 42.54 0.54
N ALA A 338 -21.49 42.08 0.01
CA ALA A 338 -21.40 41.82 -1.43
C ALA A 338 -22.35 40.70 -1.85
N LEU A 339 -22.48 39.67 -1.02
CA LEU A 339 -23.43 38.60 -1.31
C LEU A 339 -24.87 39.12 -1.29
N LEU A 340 -25.19 39.99 -0.32
CA LEU A 340 -26.52 40.59 -0.29
C LEU A 340 -26.76 41.48 -1.49
N ALA A 341 -25.77 42.29 -1.87
CA ALA A 341 -25.93 43.20 -3.00
C ALA A 341 -26.10 42.47 -4.32
N ASP A 342 -25.60 41.24 -4.41
CA ASP A 342 -25.73 40.42 -5.62
C ASP A 342 -26.92 39.49 -5.56
N HIS A 343 -27.76 39.58 -4.52
CA HIS A 343 -28.95 38.75 -4.37
C HIS A 343 -28.60 37.27 -4.34
N VAL A 344 -27.43 36.96 -3.78
CA VAL A 344 -27.07 35.57 -3.53
C VAL A 344 -27.93 35.04 -2.41
N ALA A 345 -28.53 33.86 -2.61
CA ALA A 345 -29.40 33.24 -1.63
C ALA A 345 -28.69 32.21 -0.77
N TYR A 346 -27.75 31.48 -1.35
CA TYR A 346 -26.94 30.51 -0.62
C TYR A 346 -25.50 30.68 -1.04
N ALA A 347 -24.60 30.67 -0.07
CA ALA A 347 -23.18 30.80 -0.34
C ALA A 347 -22.41 29.78 0.46
N GLU A 348 -21.36 29.24 -0.16
CA GLU A 348 -20.36 28.43 0.54
C GLU A 348 -19.03 29.17 0.40
N ILE A 349 -18.51 29.65 1.53
CA ILE A 349 -17.29 30.44 1.56
C ILE A 349 -16.13 29.55 1.98
N ARG A 350 -15.05 29.61 1.22
CA ARG A 350 -13.83 28.85 1.52
C ARG A 350 -12.86 29.72 2.31
N CYS A 351 -12.37 29.18 3.42
CA CYS A 351 -11.45 29.89 4.28
C CYS A 351 -10.36 28.95 4.76
N SER A 352 -9.24 29.53 5.20
CA SER A 352 -8.12 28.79 5.75
C SER A 352 -7.79 29.37 7.11
N PRO A 353 -8.54 28.98 8.15
CA PRO A 353 -8.35 29.58 9.47
C PRO A 353 -6.96 29.40 10.04
N ALA A 354 -6.28 28.29 9.75
CA ALA A 354 -4.93 28.10 10.28
C ALA A 354 -3.95 29.07 9.65
N ASN A 355 -4.24 29.57 8.44
CA ASN A 355 -3.40 30.59 7.83
C ASN A 355 -3.48 31.92 8.57
N TYR A 356 -4.61 32.18 9.23
CA TYR A 356 -4.83 33.44 9.94
C TYR A 356 -4.57 33.31 11.43
N ALA A 357 -4.10 32.16 11.89
CA ALA A 357 -3.86 31.93 13.30
C ALA A 357 -2.57 32.59 13.75
N SER A 358 -2.57 33.08 14.99
CA SER A 358 -1.42 33.71 15.60
C SER A 358 -1.02 32.93 16.86
N ALA A 359 -0.08 33.49 17.61
CA ALA A 359 0.38 32.85 18.83
C ALA A 359 -0.75 32.75 19.86
N SER A 360 -1.53 33.82 20.01
CA SER A 360 -2.62 33.87 20.97
C SER A 360 -3.97 33.47 20.39
N ARG A 361 -4.04 33.22 19.08
CA ARG A 361 -5.29 32.95 18.38
C ARG A 361 -5.14 31.64 17.63
N SER A 362 -5.72 30.57 18.17
CA SER A 362 -5.67 29.28 17.53
C SER A 362 -6.59 29.24 16.31
N PRO A 363 -6.34 28.31 15.38
CA PRO A 363 -7.25 28.16 14.24
C PRO A 363 -8.70 27.92 14.63
N TRP A 364 -8.96 27.26 15.75
CA TRP A 364 -10.34 27.11 16.21
C TRP A 364 -10.92 28.46 16.62
N VAL A 365 -10.12 29.31 17.24
CA VAL A 365 -10.59 30.66 17.57
C VAL A 365 -10.90 31.43 16.30
N VAL A 366 -10.05 31.31 15.28
CA VAL A 366 -10.26 32.02 14.04
C VAL A 366 -11.52 31.52 13.33
N LEU A 367 -11.67 30.19 13.25
CA LEU A 367 -12.84 29.61 12.60
C LEU A 367 -14.12 30.00 13.34
N GLN A 368 -14.08 29.98 14.66
CA GLN A 368 -15.24 30.38 15.45
C GLN A 368 -15.59 31.84 15.20
N GLU A 369 -14.58 32.70 15.09
CA GLU A 369 -14.81 34.11 14.79
C GLU A 369 -15.41 34.28 13.40
N ILE A 370 -14.89 33.54 12.41
CA ILE A 370 -15.42 33.61 11.06
C ILE A 370 -16.87 33.16 11.03
N ARG A 371 -17.17 32.04 11.70
CA ARG A 371 -18.53 31.54 11.74
C ARG A 371 -19.45 32.52 12.46
N ASN A 372 -18.98 33.13 13.55
CA ASN A 372 -19.83 34.03 14.32
C ASN A 372 -20.05 35.35 13.60
N HIS A 373 -19.06 35.79 12.81
CA HIS A 373 -19.24 37.01 12.02
C HIS A 373 -20.31 36.80 10.94
N PHE A 374 -20.30 35.64 10.29
CA PHE A 374 -21.30 35.38 9.26
C PHE A 374 -22.67 35.12 9.87
N GLN A 375 -22.72 34.40 10.99
CA GLN A 375 -24.00 34.14 11.65
C GLN A 375 -24.63 35.43 12.14
N GLN A 376 -23.83 36.34 12.70
CA GLN A 376 -24.36 37.63 13.12
C GLN A 376 -24.87 38.43 11.93
N ALA A 377 -24.14 38.39 10.81
CA ALA A 377 -24.60 39.07 9.61
C ALA A 377 -25.90 38.47 9.09
N MET A 378 -26.01 37.14 9.08
CA MET A 378 -27.26 36.50 8.66
C MET A 378 -28.40 36.83 9.60
N GLU A 379 -28.14 36.82 10.91
CA GLU A 379 -29.20 37.08 11.88
C GLU A 379 -29.72 38.50 11.77
N GLU A 380 -28.88 39.44 11.34
CA GLU A 380 -29.29 40.83 11.19
C GLU A 380 -30.02 41.09 9.88
N THR A 381 -30.07 40.12 8.97
CA THR A 381 -30.74 40.23 7.69
C THR A 381 -32.12 39.57 7.76
N PRO A 382 -33.14 40.22 7.22
CA PRO A 382 -34.47 39.59 7.18
C PRO A 382 -34.45 38.31 6.37
N GLU A 383 -35.29 37.36 6.79
CA GLU A 383 -35.29 36.03 6.19
C GLU A 383 -35.58 36.08 4.70
N ASP A 384 -36.46 36.99 4.27
CA ASP A 384 -36.80 37.08 2.86
C ASP A 384 -35.61 37.54 2.01
N ARG A 385 -34.61 38.15 2.65
CA ARG A 385 -33.44 38.67 1.94
C ARG A 385 -32.14 38.06 2.46
N ARG A 386 -32.23 37.07 3.34
CA ARG A 386 -31.05 36.51 3.99
C ARG A 386 -30.31 35.56 3.06
N CYS A 387 -28.99 35.75 2.96
CA CYS A 387 -28.12 34.82 2.26
C CYS A 387 -27.56 33.85 3.29
N HIS A 388 -27.91 32.58 3.15
CA HIS A 388 -27.34 31.57 4.04
C HIS A 388 -25.89 31.31 3.63
N VAL A 389 -24.99 31.42 4.61
CA VAL A 389 -23.57 31.22 4.39
C VAL A 389 -23.14 29.95 5.11
N ASN A 390 -22.56 29.03 4.37
CA ASN A 390 -21.87 27.88 4.94
C ASN A 390 -20.38 28.03 4.68
N LEU A 391 -19.59 27.27 5.41
CA LEU A 391 -18.14 27.36 5.32
C LEU A 391 -17.54 26.04 4.87
N LEU A 392 -16.63 26.13 3.90
CA LEU A 392 -15.75 25.03 3.54
C LEU A 392 -14.35 25.39 3.99
N LEU A 393 -13.64 24.44 4.57
CA LEU A 393 -12.27 24.67 5.00
C LEU A 393 -11.32 24.17 3.93
N THR A 394 -10.36 25.00 3.54
CA THR A 394 -9.47 24.70 2.43
C THR A 394 -8.24 23.96 2.94
N ALA A 395 -8.03 22.75 2.43
CA ALA A 395 -6.80 21.99 2.67
C ALA A 395 -5.89 22.22 1.47
N THR A 396 -4.88 23.05 1.64
CA THR A 396 -4.02 23.48 0.55
C THR A 396 -2.87 22.49 0.35
N ARG A 397 -2.76 21.94 -0.85
CA ARG A 397 -1.62 21.12 -1.21
C ARG A 397 -0.41 22.01 -1.43
N GLU A 398 0.70 21.68 -0.78
CA GLU A 398 1.95 22.42 -0.94
C GLU A 398 3.05 21.45 -1.34
N GLU A 399 3.87 21.87 -2.31
CA GLU A 399 4.88 21.00 -2.91
C GLU A 399 5.83 20.42 -1.86
N GLY A 400 5.78 19.10 -1.70
CA GLY A 400 6.59 18.37 -0.74
C GLY A 400 6.73 19.04 0.61
N GLY A 401 5.71 19.76 1.04
CA GLY A 401 5.81 20.60 2.21
C GLY A 401 5.03 20.10 3.40
N ASP A 402 4.80 20.98 4.38
CA ASP A 402 4.14 20.60 5.62
C ASP A 402 2.71 20.13 5.38
N ARG A 403 2.44 18.88 5.71
CA ARG A 403 1.08 18.37 5.74
C ARG A 403 0.42 18.61 7.10
N SER A 404 1.12 19.33 8.00
CA SER A 404 0.59 19.65 9.30
C SER A 404 -0.53 20.68 9.22
N ARG A 405 -0.44 21.63 8.29
CA ARG A 405 -1.52 22.59 8.10
C ARG A 405 -2.75 21.93 7.49
N ILE A 406 -2.53 20.96 6.60
CA ILE A 406 -3.64 20.16 6.08
C ILE A 406 -4.27 19.35 7.20
N ALA A 407 -3.45 18.76 8.05
CA ALA A 407 -3.97 18.00 9.19
C ALA A 407 -4.75 18.90 10.14
N ARG A 408 -4.27 20.12 10.36
CA ARG A 408 -4.99 21.05 11.23
C ARG A 408 -6.30 21.47 10.59
N HIS A 409 -6.31 21.70 9.28
CA HIS A 409 -7.53 22.11 8.59
C HIS A 409 -8.55 20.98 8.51
N LEU A 410 -8.08 19.76 8.21
CA LEU A 410 -9.00 18.64 8.13
C LEU A 410 -9.57 18.28 9.49
N ALA A 411 -8.75 18.37 10.53
CA ALA A 411 -9.24 18.12 11.88
C ALA A 411 -10.17 19.23 12.35
N LEU A 412 -9.91 20.48 11.94
CA LEU A 412 -10.78 21.58 12.31
C LEU A 412 -12.17 21.41 11.72
N ALA A 413 -12.24 20.94 10.47
CA ALA A 413 -13.53 20.72 9.83
C ALA A 413 -14.31 19.60 10.51
N ILE A 414 -13.64 18.51 10.85
CA ILE A 414 -14.31 17.40 11.53
C ILE A 414 -14.86 17.86 12.88
N THR A 415 -14.10 18.68 13.60
CA THR A 415 -14.57 19.20 14.87
C THR A 415 -15.73 20.18 14.67
N ALA A 416 -15.62 21.04 13.67
CA ALA A 416 -16.64 22.06 13.44
C ALA A 416 -17.89 21.52 12.75
N ALA A 417 -17.78 20.40 12.03
CA ALA A 417 -18.94 19.88 11.31
C ALA A 417 -20.07 19.53 12.26
N GLU A 418 -19.74 18.93 13.40
CA GLU A 418 -20.71 18.55 14.40
C GLU A 418 -20.86 19.57 15.53
N HIS A 419 -20.03 20.60 15.56
CA HIS A 419 -20.17 21.63 16.57
C HIS A 419 -21.39 22.51 16.32
N TRP A 420 -21.60 22.91 15.06
CA TRP A 420 -22.70 23.79 14.69
C TRP A 420 -23.70 23.00 13.86
N LYS A 421 -24.91 22.84 14.40
CA LYS A 421 -25.98 22.14 13.70
C LYS A 421 -27.00 23.08 13.07
N ASN A 422 -26.86 24.38 13.30
CA ASN A 422 -27.83 25.37 12.85
C ASN A 422 -27.07 26.61 12.41
N GLY A 423 -27.77 27.46 11.64
CA GLY A 423 -27.15 28.68 11.17
C GLY A 423 -26.00 28.41 10.23
N CYS A 424 -24.99 29.28 10.30
CA CYS A 424 -23.75 29.05 9.57
C CYS A 424 -23.04 27.83 10.14
N ARG A 425 -22.60 26.93 9.27
CA ARG A 425 -21.94 25.73 9.72
C ARG A 425 -20.92 25.26 8.70
N VAL A 426 -19.96 24.49 9.16
CA VAL A 426 -18.91 23.93 8.29
C VAL A 426 -19.47 22.66 7.65
N VAL A 427 -19.49 22.63 6.32
CA VAL A 427 -20.19 21.60 5.59
C VAL A 427 -19.28 20.76 4.71
N GLY A 428 -18.03 21.14 4.53
CA GLY A 428 -17.15 20.37 3.69
C GLY A 428 -15.74 20.90 3.74
N VAL A 429 -14.87 20.27 2.95
CA VAL A 429 -13.48 20.66 2.83
C VAL A 429 -13.16 20.88 1.36
N ASP A 430 -12.19 21.76 1.11
CA ASP A 430 -11.70 22.02 -0.23
C ASP A 430 -10.24 21.59 -0.31
N LEU A 431 -9.94 20.75 -1.30
CA LEU A 431 -8.57 20.37 -1.59
C LEU A 431 -8.06 21.26 -2.71
N ALA A 432 -7.18 22.21 -2.37
CA ALA A 432 -6.69 23.20 -3.31
C ALA A 432 -5.18 23.31 -3.14
N GLY A 433 -4.61 24.37 -3.70
CA GLY A 433 -3.18 24.62 -3.56
C GLY A 433 -2.37 24.16 -4.75
N PHE A 434 -1.14 23.73 -4.50
CA PHE A 434 -0.27 23.28 -5.58
C PHE A 434 -0.81 22.02 -6.23
N GLU A 435 -0.56 21.90 -7.54
CA GLU A 435 -1.06 20.75 -8.30
C GLU A 435 0.02 20.33 -9.29
N ASP A 436 0.35 19.05 -9.29
CA ASP A 436 1.38 18.50 -10.16
C ASP A 436 1.20 16.98 -10.16
N ARG A 437 2.04 16.30 -10.94
CA ARG A 437 2.01 14.84 -10.96
C ARG A 437 2.32 14.25 -9.60
N THR A 438 3.01 14.98 -8.73
CA THR A 438 3.27 14.51 -7.37
C THR A 438 2.00 14.61 -6.51
N THR A 439 1.21 15.67 -6.70
CA THR A 439 0.03 15.92 -5.88
C THR A 439 -1.27 15.65 -6.65
N ARG A 440 -1.32 14.57 -7.44
CA ARG A 440 -2.54 14.23 -8.16
C ARG A 440 -3.64 13.72 -7.24
N ALA A 441 -3.40 13.80 -5.94
CA ALA A 441 -4.43 13.66 -4.90
C ALA A 441 -4.87 12.22 -4.66
N ALA A 442 -4.18 11.26 -5.26
CA ALA A 442 -4.40 9.87 -4.87
C ALA A 442 -3.79 9.58 -3.50
N MET A 443 -2.64 10.18 -3.21
CA MET A 443 -1.97 9.93 -1.94
C MET A 443 -2.50 10.80 -0.81
N PHE A 444 -3.41 11.72 -1.10
CA PHE A 444 -4.18 12.41 -0.07
C PHE A 444 -5.39 11.61 0.39
N ALA A 445 -5.65 10.45 -0.22
CA ALA A 445 -6.82 9.65 0.14
C ALA A 445 -6.77 9.16 1.57
N THR A 446 -5.58 8.95 2.12
CA THR A 446 -5.45 8.58 3.53
C THR A 446 -5.80 9.75 4.44
N ASP A 447 -5.42 10.97 4.03
CA ASP A 447 -5.77 12.16 4.81
C ASP A 447 -7.26 12.40 4.89
N PHE A 448 -8.01 11.96 3.88
CA PHE A 448 -9.41 12.33 3.74
C PHE A 448 -10.38 11.23 4.12
N GLU A 449 -9.89 10.05 4.48
CA GLU A 449 -10.77 9.01 5.00
C GLU A 449 -11.48 9.46 6.28
N PRO A 450 -10.78 10.08 7.25
CA PRO A 450 -11.51 10.62 8.42
C PRO A 450 -12.56 11.65 8.06
N VAL A 451 -12.32 12.45 7.02
CA VAL A 451 -13.35 13.38 6.55
C VAL A 451 -14.57 12.62 6.05
N HIS A 452 -14.35 11.53 5.32
CA HIS A 452 -15.45 10.71 4.82
C HIS A 452 -16.18 9.99 5.94
N ARG A 453 -15.47 9.60 7.01
CA ARG A 453 -16.11 8.90 8.12
C ARG A 453 -17.15 9.76 8.82
N VAL A 454 -16.94 11.07 8.90
CA VAL A 454 -17.85 11.96 9.62
C VAL A 454 -18.83 12.66 8.67
N GLY A 455 -18.94 12.17 7.44
CA GLY A 455 -19.92 12.69 6.51
C GLY A 455 -19.69 14.11 6.05
N LEU A 456 -18.43 14.52 5.91
CA LEU A 456 -18.08 15.82 5.39
C LEU A 456 -17.90 15.70 3.88
N ALA A 457 -18.54 16.59 3.14
CA ALA A 457 -18.41 16.58 1.70
C ALA A 457 -17.05 17.15 1.28
N VAL A 458 -16.61 16.78 0.07
CA VAL A 458 -15.30 17.16 -0.44
C VAL A 458 -15.48 17.79 -1.82
N THR A 459 -14.82 18.93 -2.02
CA THR A 459 -14.66 19.51 -3.34
C THR A 459 -13.16 19.66 -3.62
N VAL A 460 -12.77 19.43 -4.87
CA VAL A 460 -11.37 19.37 -5.25
C VAL A 460 -11.10 20.41 -6.34
N HIS A 461 -10.00 21.15 -6.18
CA HIS A 461 -9.50 22.06 -7.20
C HIS A 461 -8.73 21.27 -8.24
N ALA A 462 -9.25 21.25 -9.47
CA ALA A 462 -8.42 20.91 -10.62
C ALA A 462 -7.63 22.15 -11.02
N GLY A 463 -6.37 22.25 -10.60
CA GLY A 463 -5.61 23.47 -10.70
C GLY A 463 -5.09 23.73 -12.10
N GLU A 464 -4.07 24.58 -12.17
CA GLU A 464 -3.46 24.91 -13.46
C GLU A 464 -2.74 23.68 -13.99
N ASN A 465 -3.39 22.98 -14.92
CA ASN A 465 -2.91 21.70 -15.43
C ASN A 465 -3.86 21.27 -16.53
N ASP A 466 -3.42 20.33 -17.34
CA ASP A 466 -4.24 19.71 -18.36
C ASP A 466 -4.22 18.19 -18.21
N ASP A 467 -4.39 17.74 -16.98
CA ASP A 467 -4.36 16.31 -16.65
C ASP A 467 -5.74 15.85 -16.24
N VAL A 468 -6.21 14.77 -16.87
CA VAL A 468 -7.47 14.15 -16.48
C VAL A 468 -7.27 13.13 -15.36
N GLU A 469 -6.05 12.66 -15.13
CA GLU A 469 -5.79 11.72 -14.06
C GLU A 469 -6.03 12.32 -12.68
N GLY A 470 -5.84 13.63 -12.53
CA GLY A 470 -6.20 14.28 -11.29
C GLY A 470 -7.70 14.27 -11.04
N ILE A 471 -8.49 14.52 -12.10
CA ILE A 471 -9.94 14.47 -11.96
C ILE A 471 -10.40 13.04 -11.69
N TRP A 472 -9.77 12.06 -12.33
CA TRP A 472 -10.13 10.67 -12.12
C TRP A 472 -9.92 10.28 -10.65
N GLN A 473 -8.80 10.71 -10.08
CA GLN A 473 -8.48 10.38 -8.70
C GLN A 473 -9.30 11.21 -7.72
N ALA A 474 -9.69 12.43 -8.12
CA ALA A 474 -10.60 13.22 -7.31
C ALA A 474 -11.95 12.52 -7.18
N VAL A 475 -12.44 11.95 -8.27
CA VAL A 475 -13.76 11.32 -8.27
C VAL A 475 -13.75 10.03 -7.46
N PHE A 476 -12.73 9.19 -7.64
CA PHE A 476 -12.75 7.84 -7.10
C PHE A 476 -11.84 7.65 -5.88
N LYS A 477 -10.64 8.22 -5.90
CA LYS A 477 -9.77 8.09 -4.74
C LYS A 477 -10.17 9.04 -3.62
N LEU A 478 -10.69 10.22 -3.95
CA LEU A 478 -11.07 11.20 -2.95
C LEU A 478 -12.57 11.28 -2.70
N SER A 479 -13.39 10.65 -3.54
CA SER A 479 -14.84 10.74 -3.43
C SER A 479 -15.31 12.20 -3.43
N ALA A 480 -14.73 13.00 -4.30
CA ALA A 480 -15.15 14.39 -4.42
C ALA A 480 -16.56 14.49 -4.98
N ARG A 481 -17.38 15.30 -4.33
CA ARG A 481 -18.74 15.55 -4.79
C ARG A 481 -18.84 16.76 -5.71
N ARG A 482 -17.83 17.61 -5.73
CA ARG A 482 -17.76 18.76 -6.61
C ARG A 482 -16.34 18.87 -7.14
N LEU A 483 -16.21 19.42 -8.35
CA LEU A 483 -14.91 19.65 -8.96
C LEU A 483 -14.79 21.10 -9.37
N GLY A 484 -13.68 21.73 -9.00
CA GLY A 484 -13.42 23.12 -9.32
C GLY A 484 -12.48 23.23 -10.52
N HIS A 485 -12.86 24.10 -11.46
CA HIS A 485 -12.05 24.40 -12.64
C HIS A 485 -11.71 23.15 -13.46
N ALA A 486 -12.67 22.23 -13.55
CA ALA A 486 -12.50 21.02 -14.36
C ALA A 486 -12.83 21.37 -15.80
N LEU A 487 -11.90 22.07 -16.45
CA LEU A 487 -12.12 22.64 -17.78
C LEU A 487 -11.72 21.69 -18.90
N HIS A 488 -11.28 20.49 -18.58
CA HIS A 488 -10.77 19.54 -19.57
C HIS A 488 -11.39 18.16 -19.39
N LEU A 489 -12.69 18.13 -19.10
CA LEU A 489 -13.39 16.85 -18.99
C LEU A 489 -13.68 16.22 -20.35
N SER A 490 -13.87 17.04 -21.39
CA SER A 490 -14.22 16.51 -22.70
C SER A 490 -13.11 15.65 -23.31
N ARG A 491 -11.86 15.90 -22.94
CA ARG A 491 -10.76 15.13 -23.53
C ARG A 491 -10.82 13.67 -23.11
N SER A 492 -11.50 13.36 -22.02
CA SER A 492 -11.72 11.97 -21.59
C SER A 492 -13.22 11.70 -21.66
N PRO A 493 -13.70 11.07 -22.73
CA PRO A 493 -15.14 10.81 -22.83
C PRO A 493 -15.69 9.92 -21.73
N ASP A 494 -14.90 8.96 -21.24
CA ASP A 494 -15.36 8.15 -20.13
C ASP A 494 -15.50 8.99 -18.86
N LEU A 495 -14.54 9.87 -18.60
CA LEU A 495 -14.60 10.71 -17.41
C LEU A 495 -15.79 11.65 -17.46
N LEU A 496 -16.07 12.23 -18.63
CA LEU A 496 -17.21 13.13 -18.78
C LEU A 496 -18.52 12.40 -18.51
N ARG A 497 -18.63 11.15 -18.98
CA ARG A 497 -19.83 10.37 -18.71
C ARG A 497 -19.94 10.01 -17.23
N VAL A 498 -18.83 9.67 -16.59
CA VAL A 498 -18.85 9.35 -15.16
C VAL A 498 -19.27 10.57 -14.34
N VAL A 499 -18.72 11.73 -14.65
CA VAL A 499 -19.08 12.95 -13.94
C VAL A 499 -20.56 13.23 -14.08
N ALA A 500 -21.10 13.07 -15.29
CA ALA A 500 -22.53 13.30 -15.51
C ALA A 500 -23.37 12.21 -14.85
N GLU A 501 -22.94 10.96 -14.94
CA GLU A 501 -23.73 9.86 -14.41
C GLU A 501 -23.81 9.89 -12.89
N ARG A 502 -22.70 10.24 -12.23
CA ARG A 502 -22.64 10.23 -10.78
C ARG A 502 -23.19 11.52 -10.17
N GLY A 503 -23.61 12.47 -10.99
CA GLY A 503 -24.11 13.74 -10.49
C GLY A 503 -23.04 14.57 -9.79
N ILE A 504 -21.81 14.50 -10.25
CA ILE A 504 -20.73 15.30 -9.69
C ILE A 504 -20.74 16.66 -10.36
N ALA A 505 -20.91 17.71 -9.56
CA ALA A 505 -21.00 19.05 -10.09
C ALA A 505 -19.62 19.58 -10.46
N VAL A 506 -19.59 20.46 -11.46
CA VAL A 506 -18.37 21.12 -11.89
C VAL A 506 -18.51 22.60 -11.56
N GLU A 507 -17.57 23.12 -10.79
CA GLU A 507 -17.57 24.52 -10.40
C GLU A 507 -16.80 25.31 -11.46
N LEU A 508 -17.53 26.03 -12.30
CA LEU A 508 -16.94 26.89 -13.32
C LEU A 508 -16.90 28.32 -12.81
N CYS A 509 -15.76 28.98 -13.03
CA CYS A 509 -15.55 30.37 -12.63
C CYS A 509 -15.20 31.15 -13.88
N PRO A 510 -16.20 31.68 -14.58
CA PRO A 510 -15.98 32.27 -15.91
C PRO A 510 -14.85 33.29 -16.00
N TYR A 511 -14.89 34.33 -15.17
CA TYR A 511 -13.87 35.37 -15.24
C TYR A 511 -12.49 34.83 -14.86
N ALA A 512 -12.41 34.07 -13.78
CA ALA A 512 -11.13 33.50 -13.36
C ALA A 512 -10.56 32.56 -14.41
N ASN A 513 -11.42 31.73 -15.01
CA ASN A 513 -10.98 30.84 -16.07
C ASN A 513 -10.48 31.63 -17.28
N LEU A 514 -11.19 32.70 -17.63
CA LEU A 514 -10.74 33.58 -18.71
C LEU A 514 -9.44 34.28 -18.35
N GLN A 515 -9.31 34.73 -17.10
CA GLN A 515 -8.11 35.47 -16.71
C GLN A 515 -6.90 34.56 -16.57
N ILE A 516 -7.10 33.29 -16.21
CA ILE A 516 -5.99 32.38 -15.98
C ILE A 516 -5.67 31.58 -17.24
N LYS A 517 -6.68 31.05 -17.91
CA LYS A 517 -6.47 30.20 -19.08
C LYS A 517 -6.71 30.90 -20.40
N GLY A 518 -7.56 31.93 -20.45
CA GLY A 518 -7.74 32.70 -21.67
C GLY A 518 -8.56 32.02 -22.75
N PHE A 519 -9.86 31.87 -22.52
CA PHE A 519 -10.74 31.36 -23.55
C PHE A 519 -11.15 32.46 -24.53
N PRO A 520 -11.47 32.10 -25.77
CA PRO A 520 -11.92 33.12 -26.73
C PRO A 520 -13.25 33.73 -26.34
N LEU A 521 -13.43 34.99 -26.73
CA LEU A 521 -14.62 35.76 -26.40
C LEU A 521 -15.33 36.20 -27.66
N ASP A 522 -16.66 36.24 -27.60
CA ASP A 522 -17.51 36.73 -28.68
C ASP A 522 -17.27 36.00 -30.00
N GLU A 523 -16.82 34.74 -29.92
CA GLU A 523 -16.57 33.99 -31.13
C GLU A 523 -17.90 33.58 -31.77
N GLU A 524 -17.82 33.16 -33.03
CA GLU A 524 -19.02 33.00 -33.83
C GLU A 524 -19.87 31.81 -33.40
N GLN A 525 -19.35 30.59 -33.55
CA GLN A 525 -20.13 29.42 -33.16
C GLN A 525 -19.48 28.58 -32.07
N GLU A 526 -18.27 28.04 -32.29
CA GLU A 526 -17.77 26.97 -31.43
C GLU A 526 -16.39 26.53 -31.92
N GLY A 527 -15.74 25.62 -31.20
CA GLY A 527 -14.64 24.87 -31.77
C GLY A 527 -13.27 24.97 -31.12
N SER A 528 -12.88 23.89 -30.45
CA SER A 528 -11.49 23.61 -30.07
C SER A 528 -10.91 24.57 -29.04
N GLU A 529 -11.59 25.68 -28.78
CA GLU A 529 -11.13 26.63 -27.78
C GLU A 529 -12.24 27.15 -26.88
N THR A 530 -13.50 26.91 -27.21
CA THR A 530 -14.60 27.55 -26.51
C THR A 530 -14.67 27.08 -25.06
N TYR A 531 -15.21 27.94 -24.21
CA TYR A 531 -15.52 27.58 -22.84
C TYR A 531 -16.39 26.32 -22.84
N PRO A 532 -16.05 25.31 -22.04
CA PRO A 532 -16.77 24.03 -22.13
C PRO A 532 -18.10 24.01 -21.40
N LEU A 533 -18.64 25.17 -21.06
CA LEU A 533 -19.89 25.23 -20.31
C LEU A 533 -21.04 24.63 -21.12
N ARG A 534 -21.17 25.01 -22.39
CA ARG A 534 -22.28 24.50 -23.20
C ARG A 534 -22.10 23.02 -23.50
N GLY A 535 -20.87 22.58 -23.73
CA GLY A 535 -20.62 21.17 -23.95
C GLY A 535 -20.91 20.33 -22.72
N TYR A 536 -20.57 20.83 -21.53
CA TYR A 536 -20.87 20.12 -20.30
C TYR A 536 -22.38 20.02 -20.09
N LEU A 537 -23.11 21.10 -20.37
CA LEU A 537 -24.55 21.08 -20.17
C LEU A 537 -25.23 20.05 -21.08
N ALA A 538 -24.77 19.96 -22.34
CA ALA A 538 -25.33 18.99 -23.26
C ALA A 538 -24.97 17.56 -22.89
N ALA A 539 -23.89 17.36 -22.14
CA ALA A 539 -23.47 16.03 -21.73
C ALA A 539 -24.12 15.59 -20.43
N GLY A 540 -25.04 16.38 -19.89
CA GLY A 540 -25.66 16.04 -18.63
C GLY A 540 -24.86 16.39 -17.40
N VAL A 541 -23.79 17.17 -17.54
CA VAL A 541 -22.98 17.55 -16.40
C VAL A 541 -23.69 18.64 -15.62
N ALA A 542 -23.75 18.46 -14.30
CA ALA A 542 -24.24 19.52 -13.41
C ALA A 542 -23.19 20.62 -13.34
N VAL A 543 -23.52 21.79 -13.87
CA VAL A 543 -22.57 22.90 -13.98
C VAL A 543 -23.04 24.04 -13.10
N THR A 544 -22.12 24.58 -12.32
CA THR A 544 -22.36 25.77 -11.51
C THR A 544 -21.39 26.85 -11.95
N LEU A 545 -21.83 28.11 -11.84
CA LEU A 545 -21.02 29.25 -12.22
C LEU A 545 -20.72 30.07 -10.96
N ASN A 546 -19.45 30.39 -10.76
CA ASN A 546 -18.99 30.98 -9.51
C ASN A 546 -18.06 32.14 -9.78
N THR A 547 -17.67 32.82 -8.70
CA THR A 547 -16.77 33.96 -8.77
C THR A 547 -15.32 33.59 -8.51
N ASP A 548 -15.07 32.48 -7.81
CA ASP A 548 -13.73 32.05 -7.39
C ASP A 548 -13.16 33.05 -6.40
N ASN A 549 -12.73 34.22 -6.88
CA ASN A 549 -12.20 35.28 -6.04
C ASN A 549 -12.88 36.58 -6.44
N LEU A 550 -13.71 37.13 -5.55
CA LEU A 550 -14.44 38.35 -5.87
C LEU A 550 -13.49 39.53 -6.06
N GLY A 551 -12.41 39.57 -5.29
CA GLY A 551 -11.48 40.68 -5.37
C GLY A 551 -10.47 40.57 -6.49
N ILE A 552 -9.81 39.40 -6.60
CA ILE A 552 -8.78 39.24 -7.62
C ILE A 552 -9.38 39.36 -9.01
N SER A 553 -10.54 38.75 -9.23
CA SER A 553 -11.16 38.75 -10.54
C SER A 553 -11.92 40.02 -10.86
N GLN A 554 -12.19 40.87 -9.86
CA GLN A 554 -12.93 42.12 -10.07
C GLN A 554 -14.27 41.88 -10.76
N ALA A 555 -15.00 40.86 -10.31
CA ALA A 555 -16.28 40.54 -10.92
C ALA A 555 -17.18 39.90 -9.88
N SER A 556 -18.45 40.28 -9.91
CA SER A 556 -19.46 39.69 -9.06
C SER A 556 -19.97 38.40 -9.69
N LEU A 557 -20.94 37.77 -9.02
CA LEU A 557 -21.59 36.61 -9.62
C LEU A 557 -22.43 37.01 -10.83
N THR A 558 -23.07 38.17 -10.77
CA THR A 558 -23.81 38.67 -11.93
C THR A 558 -22.89 38.87 -13.13
N ASP A 559 -21.72 39.46 -12.90
CA ASP A 559 -20.77 39.68 -13.98
C ASP A 559 -20.30 38.36 -14.58
N ASN A 560 -20.09 37.35 -13.73
CA ASN A 560 -19.66 36.05 -14.22
C ASN A 560 -20.73 35.38 -15.07
N LEU A 561 -22.00 35.48 -14.64
CA LEU A 561 -23.09 34.89 -15.42
C LEU A 561 -23.22 35.56 -16.78
N LEU A 562 -23.08 36.89 -16.83
CA LEU A 562 -23.18 37.59 -18.10
C LEU A 562 -21.99 37.33 -19.00
N LEU A 563 -20.84 36.99 -18.41
CA LEU A 563 -19.66 36.68 -19.22
C LEU A 563 -19.85 35.39 -20.01
N THR A 564 -20.72 34.50 -19.55
CA THR A 564 -20.95 33.25 -20.27
C THR A 564 -21.61 33.49 -21.62
N ALA A 565 -22.33 34.59 -21.77
CA ALA A 565 -22.86 34.94 -23.09
C ALA A 565 -21.74 35.20 -24.08
N ARG A 566 -20.69 35.88 -23.64
CA ARG A 566 -19.51 36.08 -24.48
C ARG A 566 -18.65 34.84 -24.58
N LEU A 567 -18.53 34.08 -23.47
CA LEU A 567 -17.69 32.89 -23.49
C LEU A 567 -18.33 31.76 -24.30
N CYS A 568 -19.64 31.58 -24.15
CA CYS A 568 -20.36 30.51 -24.85
C CYS A 568 -21.34 31.12 -25.84
N PRO A 569 -21.09 30.99 -27.14
CA PRO A 569 -22.00 31.62 -28.13
C PRO A 569 -23.39 31.04 -28.06
N GLY A 570 -24.38 31.93 -27.95
CA GLY A 570 -25.76 31.52 -28.03
C GLY A 570 -26.28 30.74 -26.86
N ILE A 571 -25.65 30.87 -25.69
CA ILE A 571 -26.16 30.21 -24.49
C ILE A 571 -27.46 30.88 -24.07
N THR A 572 -28.50 30.08 -23.89
CA THR A 572 -29.80 30.63 -23.54
C THR A 572 -29.86 31.00 -22.08
N ARG A 573 -30.67 32.01 -21.78
CA ARG A 573 -30.85 32.44 -20.39
C ARG A 573 -31.63 31.41 -19.58
N LEU A 574 -32.25 30.43 -20.23
CA LEU A 574 -32.79 29.28 -19.51
C LEU A 574 -31.67 28.40 -18.98
N GLU A 575 -30.54 28.34 -19.71
CA GLU A 575 -29.39 27.59 -19.24
C GLU A 575 -28.71 28.28 -18.07
N VAL A 576 -28.86 29.60 -17.96
CA VAL A 576 -28.39 30.30 -16.77
C VAL A 576 -29.20 29.86 -15.55
N LEU A 577 -30.52 29.73 -15.73
CA LEU A 577 -31.37 29.26 -14.63
C LEU A 577 -31.04 27.82 -14.25
N LYS A 578 -30.66 26.98 -15.22
CA LYS A 578 -30.30 25.61 -14.89
C LYS A 578 -29.05 25.55 -14.03
N THR A 579 -28.10 26.44 -14.28
CA THR A 579 -26.88 26.46 -13.47
C THR A 579 -27.19 26.79 -12.02
N GLN A 580 -28.13 27.70 -11.78
CA GLN A 580 -28.56 27.98 -10.42
C GLN A 580 -29.23 26.77 -9.79
N VAL A 581 -30.06 26.06 -10.56
CA VAL A 581 -30.70 24.86 -10.05
C VAL A 581 -29.68 23.76 -9.81
N PHE A 582 -28.67 23.68 -10.69
CA PHE A 582 -27.57 22.73 -10.47
C PHE A 582 -26.82 23.07 -9.20
N ALA A 583 -26.56 24.36 -8.97
CA ALA A 583 -25.82 24.77 -7.77
C ALA A 583 -26.63 24.51 -6.50
N ALA A 584 -27.94 24.72 -6.56
CA ALA A 584 -28.79 24.42 -5.41
C ALA A 584 -28.77 22.94 -5.10
N GLN A 585 -28.76 22.10 -6.13
CA GLN A 585 -28.74 20.65 -5.90
C GLN A 585 -27.35 20.19 -5.46
N ALA A 586 -26.30 20.87 -5.91
CA ALA A 586 -24.94 20.50 -5.58
C ALA A 586 -24.46 21.08 -4.26
N ALA A 587 -25.23 21.96 -3.65
CA ALA A 587 -24.81 22.58 -2.39
C ALA A 587 -24.69 21.55 -1.30
N PHE A 588 -23.69 21.71 -0.43
CA PHE A 588 -23.54 20.80 0.69
C PHE A 588 -24.47 21.24 1.83
N ALA A 589 -25.74 21.41 1.52
CA ALA A 589 -26.74 21.92 2.44
C ALA A 589 -27.56 20.77 3.01
N ASN A 590 -28.21 21.03 4.15
CA ASN A 590 -29.12 20.06 4.74
C ASN A 590 -30.53 20.33 4.25
N GLN A 591 -31.50 19.59 4.79
CA GLN A 591 -32.87 19.68 4.30
C GLN A 591 -33.46 21.07 4.52
N ALA A 592 -33.21 21.68 5.68
CA ALA A 592 -33.75 23.00 5.96
C ALA A 592 -33.13 24.06 5.06
N GLU A 593 -31.83 23.97 4.81
CA GLU A 593 -31.17 24.95 3.95
C GLU A 593 -31.64 24.83 2.52
N ARG A 594 -31.84 23.60 2.03
CA ARG A 594 -32.35 23.42 0.67
C ARG A 594 -33.78 23.92 0.56
N LYS A 595 -34.61 23.65 1.57
CA LYS A 595 -35.98 24.12 1.55
C LYS A 595 -36.04 25.64 1.49
N ALA A 596 -35.21 26.32 2.28
CA ALA A 596 -35.14 27.77 2.22
C ALA A 596 -34.55 28.24 0.90
N LEU A 597 -33.64 27.47 0.32
CA LEU A 597 -33.01 27.85 -0.94
C LEU A 597 -33.97 27.72 -2.11
N TRP A 598 -34.76 26.65 -2.14
CA TRP A 598 -35.71 26.46 -3.24
C TRP A 598 -36.78 27.53 -3.22
N ALA A 599 -37.24 27.94 -2.04
CA ALA A 599 -38.20 29.03 -1.95
C ALA A 599 -37.63 30.33 -2.50
N ARG A 600 -36.33 30.54 -2.36
CA ARG A 600 -35.71 31.72 -2.94
C ARG A 600 -35.56 31.59 -4.45
N LEU A 601 -35.17 30.40 -4.92
CA LEU A 601 -35.04 30.17 -6.35
C LEU A 601 -36.37 30.28 -7.08
N ALA A 602 -37.47 29.95 -6.40
CA ALA A 602 -38.78 30.02 -7.01
C ALA A 602 -39.18 31.45 -7.37
N GLN A 603 -38.53 32.44 -6.79
CA GLN A 603 -38.85 33.85 -7.06
C GLN A 603 -37.94 34.38 -8.17
N VAL A 604 -38.17 33.86 -9.37
CA VAL A 604 -37.41 34.31 -10.55
C VAL A 604 -37.91 35.70 -10.96
N PRO A 605 -37.01 36.65 -11.21
CA PRO A 605 -37.46 37.99 -11.62
C PRO A 605 -38.22 37.96 -12.94
N VAL A 606 -39.23 38.80 -13.02
CA VAL A 606 -40.04 38.88 -14.24
C VAL A 606 -39.26 39.60 -15.32
N PRO A 607 -39.18 39.05 -16.53
CA PRO A 607 -38.47 39.75 -17.61
C PRO A 607 -39.17 41.06 -17.97
N THR A 608 -38.36 42.01 -18.41
CA THR A 608 -38.83 43.37 -18.71
C THR A 608 -38.99 43.63 -20.20
N ASP A 609 -38.16 43.03 -21.04
CA ASP A 609 -38.07 43.43 -22.44
C ASP A 609 -38.45 42.30 -23.39
N THR A 610 -39.54 41.60 -23.10
CA THR A 610 -40.02 40.52 -23.96
C THR A 610 -40.79 41.06 -25.17
N GLU A 611 -40.09 41.89 -25.95
CA GLU A 611 -40.66 42.46 -27.16
C GLU A 611 -39.75 42.38 -28.38
N GLN A 612 -38.45 42.25 -28.21
CA GLN A 612 -37.52 42.19 -29.33
C GLN A 612 -36.79 40.84 -29.38
N MET B 1 -58.27 39.22 -41.48
CA MET B 1 -59.53 38.89 -42.14
C MET B 1 -60.66 38.80 -41.13
N ARG B 2 -61.35 39.92 -40.92
CA ARG B 2 -62.41 39.97 -39.92
C ARG B 2 -63.59 39.10 -40.33
N ILE B 3 -63.97 38.18 -39.45
CA ILE B 3 -65.09 37.27 -39.68
C ILE B 3 -66.10 37.49 -38.56
N LEU B 4 -67.36 37.69 -38.92
CA LEU B 4 -68.42 37.94 -37.96
C LEU B 4 -69.30 36.70 -37.84
N LEU B 5 -69.42 36.18 -36.62
CA LEU B 5 -70.29 35.05 -36.31
C LEU B 5 -71.43 35.54 -35.45
N CYS B 6 -72.65 35.09 -35.78
CA CYS B 6 -73.84 35.56 -35.08
C CYS B 6 -74.96 34.55 -35.24
N SER B 7 -75.98 34.70 -34.39
CA SER B 7 -77.16 33.86 -34.41
C SER B 7 -78.40 34.73 -34.47
N VAL B 8 -79.50 34.16 -34.95
CA VAL B 8 -80.76 34.88 -35.14
C VAL B 8 -81.90 34.08 -34.53
N GLY B 9 -82.84 34.78 -33.93
CA GLY B 9 -84.12 34.20 -33.55
C GLY B 9 -85.21 34.73 -34.47
N THR B 10 -86.27 35.29 -33.89
CA THR B 10 -87.32 35.96 -34.66
C THR B 10 -87.03 37.44 -34.84
N SER B 11 -85.76 37.84 -34.80
CA SER B 11 -85.32 39.23 -34.85
C SER B 11 -84.18 39.38 -35.85
N TRP B 12 -84.39 38.88 -37.07
CA TRP B 12 -83.39 38.84 -38.14
C TRP B 12 -82.61 40.13 -38.30
N ALA B 13 -83.20 41.27 -37.93
CA ALA B 13 -82.57 42.56 -38.10
C ALA B 13 -81.31 42.74 -37.26
N VAL B 14 -80.98 41.79 -36.39
CA VAL B 14 -79.77 41.93 -35.57
C VAL B 14 -78.52 41.81 -36.43
N VAL B 15 -78.55 40.92 -37.44
CA VAL B 15 -77.37 40.73 -38.29
C VAL B 15 -76.99 42.00 -39.04
N PRO B 16 -77.89 42.66 -39.77
CA PRO B 16 -77.49 43.91 -40.45
C PRO B 16 -77.00 44.98 -39.48
N GLU B 17 -77.54 45.02 -38.26
CA GLU B 17 -77.00 45.91 -37.25
C GLU B 17 -75.65 45.43 -36.75
N ALA B 18 -75.47 44.11 -36.64
CA ALA B 18 -74.17 43.58 -36.27
C ALA B 18 -73.12 43.84 -37.34
N MET B 19 -73.55 44.08 -38.58
CA MET B 19 -72.65 44.41 -39.68
C MET B 19 -71.90 45.70 -39.45
N GLN B 20 -72.37 46.58 -38.57
CA GLN B 20 -71.84 47.92 -38.43
C GLN B 20 -70.99 48.10 -37.19
N LEU B 21 -70.47 47.00 -36.61
CA LEU B 21 -69.60 47.12 -35.45
C LEU B 21 -68.32 47.87 -35.80
N LEU B 22 -67.73 47.54 -36.94
CA LEU B 22 -66.47 48.14 -37.37
C LEU B 22 -66.67 49.40 -38.22
N GLY B 23 -67.91 49.80 -38.46
CA GLY B 23 -68.18 51.00 -39.24
C GLY B 23 -68.11 50.77 -40.74
N SER B 24 -67.51 51.71 -41.45
CA SER B 24 -67.40 51.59 -42.90
C SER B 24 -66.46 50.46 -43.31
N GLN B 25 -65.56 50.04 -42.43
CA GLN B 25 -64.64 48.96 -42.77
C GLN B 25 -65.39 47.65 -43.02
N GLY B 26 -66.35 47.33 -42.17
CA GLY B 26 -67.13 46.12 -42.34
C GLY B 26 -66.32 44.87 -42.02
N PHE B 27 -66.92 43.73 -42.38
CA PHE B 27 -66.33 42.43 -42.15
C PHE B 27 -65.96 41.80 -43.49
N ASP B 28 -65.08 40.78 -43.43
CA ASP B 28 -64.71 40.04 -44.62
C ASP B 28 -65.53 38.78 -44.81
N GLU B 29 -65.97 38.15 -43.73
CA GLU B 29 -66.89 37.03 -43.79
C GLU B 29 -67.96 37.22 -42.73
N VAL B 30 -69.20 36.89 -43.09
CA VAL B 30 -70.34 37.02 -42.19
C VAL B 30 -71.14 35.73 -42.29
N HIS B 31 -71.10 34.92 -41.24
CA HIS B 31 -71.79 33.63 -41.20
C HIS B 31 -72.80 33.65 -40.07
N VAL B 32 -74.03 33.24 -40.37
CA VAL B 32 -75.15 33.33 -39.44
C VAL B 32 -75.62 31.92 -39.12
N LEU B 33 -75.77 31.62 -37.83
CA LEU B 33 -76.28 30.34 -37.37
C LEU B 33 -77.76 30.49 -37.05
N THR B 34 -78.55 29.49 -37.42
CA THR B 34 -80.00 29.56 -37.31
C THR B 34 -80.54 28.19 -36.92
N THR B 35 -81.73 28.19 -36.33
CA THR B 35 -82.44 26.96 -36.05
C THR B 35 -83.36 26.60 -37.23
N ALA B 36 -83.97 25.41 -37.13
CA ALA B 36 -84.84 24.91 -38.19
C ALA B 36 -86.30 25.30 -38.00
N SER B 37 -86.59 26.15 -37.02
CA SER B 37 -87.97 26.55 -36.76
C SER B 37 -88.53 27.35 -37.94
N SER B 38 -89.85 27.22 -38.15
CA SER B 38 -90.52 27.94 -39.23
C SER B 38 -90.78 29.40 -38.89
N LYS B 39 -90.64 29.81 -37.63
CA LYS B 39 -90.81 31.21 -37.26
C LYS B 39 -89.64 32.07 -37.71
N ILE B 40 -88.52 31.45 -38.09
CA ILE B 40 -87.34 32.19 -38.51
C ILE B 40 -87.14 32.13 -40.02
N SER B 41 -87.74 31.16 -40.71
CA SER B 41 -87.63 31.07 -42.16
C SER B 41 -88.00 32.37 -42.88
N PRO B 42 -89.10 33.07 -42.54
CA PRO B 42 -89.32 34.38 -43.15
C PRO B 42 -88.19 35.37 -42.90
N GLY B 43 -87.59 35.33 -41.70
CA GLY B 43 -86.45 36.18 -41.44
C GLY B 43 -85.20 35.74 -42.19
N VAL B 44 -85.11 34.47 -42.54
CA VAL B 44 -83.99 33.98 -43.34
C VAL B 44 -84.02 34.61 -44.73
N GLU B 45 -85.20 34.68 -45.34
CA GLU B 45 -85.32 35.32 -46.65
C GLU B 45 -84.95 36.80 -46.58
N GLN B 46 -85.37 37.49 -45.51
CA GLN B 46 -85.01 38.89 -45.35
C GLN B 46 -83.50 39.06 -45.24
N LEU B 47 -82.83 38.13 -44.55
CA LEU B 47 -81.37 38.14 -44.52
C LEU B 47 -80.79 37.90 -45.91
N LEU B 48 -81.42 37.01 -46.69
CA LEU B 48 -80.98 36.81 -48.06
C LEU B 48 -81.18 38.07 -48.89
N ARG B 49 -82.31 38.77 -48.70
CA ARG B 49 -82.56 39.99 -49.46
C ARG B 49 -81.54 41.07 -49.14
N TYR B 50 -81.19 41.23 -47.85
CA TYR B 50 -80.19 42.22 -47.48
C TYR B 50 -78.83 41.89 -48.08
N PHE B 51 -78.48 40.61 -48.14
CA PHE B 51 -77.16 40.21 -48.62
C PHE B 51 -76.96 40.58 -50.08
N GLU B 52 -77.99 40.39 -50.91
CA GLU B 52 -77.83 40.69 -52.34
C GLU B 52 -77.83 42.20 -52.59
N MET B 53 -78.63 42.96 -51.84
CA MET B 53 -78.64 44.41 -52.03
C MET B 53 -77.52 45.10 -51.25
N HIS B 54 -76.77 44.36 -50.44
CA HIS B 54 -75.49 44.81 -49.89
C HIS B 54 -74.45 43.74 -50.18
N PRO B 55 -73.92 43.70 -51.41
CA PRO B 55 -72.87 42.73 -51.73
C PRO B 55 -71.59 43.01 -50.97
N GLY B 56 -70.60 42.12 -51.10
CA GLY B 56 -69.36 42.28 -50.37
C GLY B 56 -68.91 40.98 -49.73
N PRO B 57 -68.84 40.98 -48.40
CA PRO B 57 -68.28 39.83 -47.68
C PRO B 57 -69.07 38.55 -47.91
N ARG B 58 -68.36 37.43 -47.79
CA ARG B 58 -68.99 36.13 -47.93
C ARG B 58 -70.08 35.94 -46.88
N PHE B 59 -71.17 35.29 -47.29
CA PHE B 59 -72.35 35.15 -46.45
C PHE B 59 -72.73 33.70 -46.30
N SER B 60 -73.29 33.37 -45.13
CA SER B 60 -73.79 32.03 -44.86
C SER B 60 -74.89 32.14 -43.81
N ILE B 61 -75.98 31.41 -44.03
CA ILE B 61 -77.14 31.46 -43.14
C ILE B 61 -77.40 30.04 -42.63
N SER B 62 -76.32 29.30 -42.39
CA SER B 62 -76.37 27.91 -41.92
C SER B 62 -77.41 27.73 -40.83
N ARG B 63 -78.30 26.75 -41.03
CA ARG B 63 -79.39 26.47 -40.12
C ARG B 63 -79.17 25.12 -39.44
N VAL B 64 -79.38 25.08 -38.13
CA VAL B 64 -79.27 23.84 -37.38
C VAL B 64 -80.50 22.99 -37.70
N GLN B 65 -80.28 21.86 -38.38
CA GLN B 65 -81.39 21.07 -38.90
C GLN B 65 -82.21 20.43 -37.77
N ASP B 66 -81.54 19.95 -36.72
CA ASP B 66 -82.21 19.20 -35.68
C ASP B 66 -82.72 20.06 -34.53
N PHE B 67 -82.56 21.38 -34.60
CA PHE B 67 -83.02 22.30 -33.58
C PHE B 67 -84.18 23.12 -34.14
N GLU B 68 -85.33 23.05 -33.48
CA GLU B 68 -86.48 23.87 -33.82
C GLU B 68 -87.03 24.65 -32.62
N ASP B 69 -87.04 24.03 -31.43
CA ASP B 69 -87.49 24.71 -30.24
C ASP B 69 -86.76 24.11 -29.04
N LEU B 70 -86.73 24.89 -27.95
CA LEU B 70 -86.04 24.47 -26.72
C LEU B 70 -87.01 23.60 -25.92
N ARG B 71 -87.20 22.37 -26.41
CA ARG B 71 -88.11 21.46 -25.74
C ARG B 71 -87.53 20.94 -24.42
N SER B 72 -86.26 20.55 -24.43
CA SER B 72 -85.65 19.93 -23.27
C SER B 72 -84.15 20.17 -23.33
N GLU B 73 -83.40 19.44 -22.49
CA GLU B 73 -81.96 19.65 -22.39
C GLU B 73 -81.23 19.18 -23.65
N GLN B 74 -81.72 18.12 -24.29
CA GLN B 74 -81.04 17.58 -25.46
C GLN B 74 -80.99 18.60 -26.60
N ASP B 75 -81.96 19.50 -26.68
CA ASP B 75 -81.93 20.54 -27.71
C ASP B 75 -80.75 21.48 -27.49
N HIS B 76 -80.54 21.91 -26.25
CA HIS B 76 -79.46 22.86 -25.97
C HIS B 76 -78.09 22.23 -26.23
N MET B 77 -77.90 20.98 -25.80
CA MET B 77 -76.63 20.31 -26.05
C MET B 77 -76.42 20.06 -27.54
N LEU B 78 -77.49 19.76 -28.27
CA LEU B 78 -77.38 19.60 -29.72
C LEU B 78 -76.99 20.91 -30.39
N PHE B 79 -77.53 22.03 -29.92
CA PHE B 79 -77.17 23.32 -30.48
C PHE B 79 -75.70 23.64 -30.23
N GLU B 80 -75.21 23.37 -29.02
CA GLU B 80 -73.82 23.69 -28.70
C GLU B 80 -72.85 22.85 -29.54
N GLU B 81 -73.13 21.56 -29.69
CA GLU B 81 -72.25 20.71 -30.49
C GLU B 81 -72.17 21.19 -31.93
N VAL B 82 -73.31 21.54 -32.52
CA VAL B 82 -73.31 22.08 -33.87
C VAL B 82 -72.62 23.44 -33.91
N LEU B 83 -72.91 24.29 -32.93
CA LEU B 83 -72.34 25.63 -32.91
C LEU B 83 -70.82 25.59 -32.80
N TRP B 84 -70.30 24.73 -31.93
CA TRP B 84 -68.84 24.64 -31.77
C TRP B 84 -68.18 24.17 -33.05
N ARG B 85 -68.76 23.16 -33.71
CA ARG B 85 -68.23 22.75 -35.01
C ARG B 85 -68.42 23.84 -36.05
N TRP B 86 -69.55 24.54 -36.02
CA TRP B 86 -69.78 25.65 -36.94
C TRP B 86 -68.78 26.78 -36.69
N LEU B 87 -68.49 27.06 -35.43
CA LEU B 87 -67.52 28.11 -35.11
C LEU B 87 -66.14 27.76 -35.64
N LEU B 88 -65.73 26.50 -35.49
CA LEU B 88 -64.43 26.07 -36.00
C LEU B 88 -64.37 26.16 -37.52
N GLN B 89 -65.45 25.75 -38.20
CA GLN B 89 -65.42 25.69 -39.66
C GLN B 89 -65.46 27.08 -40.28
N ARG B 90 -66.34 27.96 -39.78
CA ARG B 90 -66.49 29.28 -40.40
C ARG B 90 -65.40 30.25 -39.95
N ALA B 91 -64.91 30.13 -38.72
CA ALA B 91 -63.87 30.99 -38.18
C ALA B 91 -62.77 30.12 -37.59
N PRO B 92 -61.90 29.56 -38.44
CA PRO B 92 -60.83 28.69 -37.92
C PRO B 92 -59.89 29.39 -36.96
N GLN B 93 -59.65 30.68 -37.15
CA GLN B 93 -58.72 31.44 -36.33
C GLN B 93 -59.48 32.34 -35.38
N ALA B 94 -59.07 32.33 -34.10
CA ALA B 94 -59.71 33.17 -33.09
C ALA B 94 -59.18 34.60 -33.07
N ALA B 95 -58.09 34.88 -33.79
CA ALA B 95 -57.50 36.22 -33.78
C ALA B 95 -58.39 37.24 -34.47
N HIS B 96 -59.24 36.82 -35.40
CA HIS B 96 -60.16 37.69 -36.12
C HIS B 96 -61.56 37.09 -36.13
N ARG B 97 -61.99 36.61 -34.97
CA ARG B 97 -63.29 35.97 -34.80
C ARG B 97 -64.18 36.92 -34.01
N TYR B 98 -65.12 37.55 -34.71
CA TYR B 98 -66.07 38.47 -34.09
C TYR B 98 -67.38 37.73 -33.86
N ILE B 99 -67.87 37.76 -32.62
CA ILE B 99 -69.00 36.93 -32.20
C ILE B 99 -70.08 37.84 -31.66
N CYS B 100 -71.31 37.67 -32.18
CA CYS B 100 -72.47 38.46 -31.78
C CYS B 100 -73.49 37.55 -31.11
N LEU B 101 -74.00 37.98 -29.95
CA LEU B 101 -74.96 37.20 -29.18
C LEU B 101 -76.33 37.86 -29.11
N ALA B 102 -76.61 38.82 -30.01
CA ALA B 102 -77.88 39.54 -29.94
C ALA B 102 -79.07 38.63 -30.20
N GLY B 103 -78.98 37.77 -31.22
CA GLY B 103 -80.10 36.94 -31.60
C GLY B 103 -80.15 35.61 -30.85
N GLY B 104 -81.22 34.86 -31.11
CA GLY B 104 -81.41 33.56 -30.50
C GLY B 104 -82.02 33.64 -29.13
N TYR B 105 -82.18 32.45 -28.53
CA TYR B 105 -82.71 32.34 -27.17
C TYR B 105 -81.73 32.95 -26.17
N LYS B 106 -82.19 33.04 -24.92
CA LYS B 106 -81.30 33.46 -23.85
C LYS B 106 -80.14 32.48 -23.68
N THR B 107 -80.42 31.17 -23.76
CA THR B 107 -79.37 30.18 -23.69
C THR B 107 -78.43 30.28 -24.89
N ILE B 108 -78.98 30.50 -26.07
CA ILE B 108 -78.14 30.62 -27.27
C ILE B 108 -77.19 31.79 -27.14
N SER B 109 -77.69 32.94 -26.68
CA SER B 109 -76.82 34.07 -26.42
C SER B 109 -75.80 33.75 -25.33
N ALA B 110 -76.24 33.06 -24.27
CA ALA B 110 -75.30 32.61 -23.26
C ALA B 110 -74.31 31.60 -23.83
N ALA B 111 -74.78 30.68 -24.67
CA ALA B 111 -73.88 29.75 -25.34
C ALA B 111 -73.00 30.46 -26.37
N MET B 112 -73.49 31.59 -26.90
CA MET B 112 -72.69 32.35 -27.84
C MET B 112 -71.42 32.89 -27.19
N GLN B 113 -71.53 33.45 -26.00
CA GLN B 113 -70.35 33.94 -25.30
C GLN B 113 -69.54 32.81 -24.67
N ARG B 114 -70.20 31.72 -24.28
CA ARG B 114 -69.47 30.60 -23.70
C ARG B 114 -68.50 29.99 -24.71
N ALA B 115 -68.93 29.84 -25.97
CA ALA B 115 -68.04 29.35 -27.01
C ALA B 115 -66.88 30.32 -27.24
N ALA B 116 -67.14 31.62 -27.09
CA ALA B 116 -66.08 32.61 -27.23
C ALA B 116 -65.03 32.44 -26.14
N ALA B 117 -65.46 32.21 -24.89
CA ALA B 117 -64.53 32.02 -23.80
C ALA B 117 -63.77 30.71 -23.92
N LEU B 118 -64.29 29.74 -24.67
CA LEU B 118 -63.64 28.44 -24.80
C LEU B 118 -62.61 28.43 -25.92
N PHE B 119 -63.04 28.72 -27.15
CA PHE B 119 -62.18 28.65 -28.32
C PHE B 119 -61.57 29.99 -28.69
N GLY B 120 -61.87 31.04 -27.96
CA GLY B 120 -61.27 32.33 -28.25
C GLY B 120 -62.11 33.15 -29.20
N ALA B 121 -61.96 34.47 -29.10
CA ALA B 121 -62.69 35.39 -29.95
C ALA B 121 -61.98 36.72 -29.99
N CYS B 122 -61.91 37.32 -31.18
CA CYS B 122 -61.32 38.65 -31.29
C CYS B 122 -62.15 39.69 -30.56
N GLU B 123 -63.48 39.57 -30.63
CA GLU B 123 -64.36 40.49 -29.92
C GLU B 123 -65.74 39.86 -29.78
N VAL B 124 -66.34 40.04 -28.62
CA VAL B 124 -67.71 39.63 -28.34
C VAL B 124 -68.51 40.89 -28.04
N PHE B 125 -69.64 41.05 -28.75
CA PHE B 125 -70.39 42.30 -28.67
C PHE B 125 -71.88 42.02 -28.71
N HIS B 126 -72.64 42.97 -28.19
CA HIS B 126 -74.10 42.98 -28.27
C HIS B 126 -74.55 44.27 -28.92
N VAL B 127 -75.45 44.16 -29.90
CA VAL B 127 -75.98 45.31 -30.62
C VAL B 127 -77.40 45.56 -30.16
N LEU B 128 -77.73 46.84 -29.95
CA LEU B 128 -79.06 47.24 -29.52
C LEU B 128 -79.54 48.38 -30.41
N CYS B 129 -80.85 48.45 -30.62
CA CYS B 129 -81.47 49.47 -31.46
C CYS B 129 -82.53 50.20 -30.65
N GLU B 130 -82.56 51.52 -30.78
CA GLU B 130 -83.59 52.30 -30.11
C GLU B 130 -84.96 52.00 -30.72
N PRO B 131 -86.00 51.89 -29.90
CA PRO B 131 -87.35 51.60 -30.42
C PRO B 131 -88.07 52.86 -30.92
N ARG B 132 -87.70 53.29 -32.13
CA ARG B 132 -88.29 54.49 -32.73
C ARG B 132 -88.62 54.27 -34.20
N PHE B 133 -88.96 53.03 -34.57
CA PHE B 133 -89.27 52.69 -35.95
C PHE B 133 -90.63 52.01 -36.01
N GLY B 134 -91.13 51.83 -37.23
CA GLY B 134 -92.43 51.27 -37.46
C GLY B 134 -93.51 52.34 -37.55
N PRO B 135 -94.74 51.92 -37.86
CA PRO B 135 -95.87 52.85 -37.99
C PRO B 135 -96.22 53.56 -36.69
N ALA B 141 -86.17 48.35 -35.71
CA ALA B 141 -86.09 47.98 -37.11
C ALA B 141 -86.54 46.54 -37.32
N SER B 142 -87.45 46.34 -38.27
CA SER B 142 -87.95 44.99 -38.58
C SER B 142 -87.83 44.69 -40.07
N THR B 143 -88.02 45.70 -40.91
CA THR B 143 -87.99 45.52 -42.36
C THR B 143 -86.67 46.05 -42.92
N LEU B 144 -86.50 45.85 -44.23
CA LEU B 144 -85.28 46.30 -44.89
C LEU B 144 -85.13 47.81 -44.83
N GLU B 145 -86.22 48.55 -45.06
CA GLU B 145 -86.15 50.01 -45.01
C GLU B 145 -85.93 50.51 -43.59
N GLU B 146 -86.54 49.86 -42.60
CA GLU B 146 -86.35 50.28 -41.21
C GLU B 146 -84.90 50.10 -40.78
N VAL B 147 -84.27 48.99 -41.18
CA VAL B 147 -82.86 48.78 -40.87
C VAL B 147 -82.00 49.85 -41.51
N GLU B 148 -82.27 50.17 -42.78
CA GLU B 148 -81.45 51.14 -43.49
C GLU B 148 -81.54 52.51 -42.83
N GLN B 149 -82.74 52.88 -42.35
CA GLN B 149 -82.86 54.11 -41.59
C GLN B 149 -82.08 54.04 -40.28
N ALA B 150 -82.12 52.87 -39.62
CA ALA B 150 -81.38 52.72 -38.37
C ALA B 150 -79.87 52.85 -38.59
N ILE B 151 -79.36 52.27 -39.68
CA ILE B 151 -77.93 52.38 -39.97
C ILE B 151 -77.55 53.82 -40.25
N ALA B 152 -78.35 54.52 -41.06
CA ALA B 152 -77.98 55.88 -41.48
C ALA B 152 -78.15 56.89 -40.35
N THR B 153 -79.24 56.77 -39.58
CA THR B 153 -79.54 57.74 -38.52
C THR B 153 -78.79 57.48 -37.23
N ASN B 154 -77.73 56.66 -37.27
CA ASN B 154 -76.92 56.34 -36.09
C ASN B 154 -77.78 55.79 -34.96
N ALA B 155 -78.69 54.87 -35.30
CA ALA B 155 -79.59 54.26 -34.33
C ALA B 155 -79.07 52.91 -33.83
N LEU B 156 -77.75 52.75 -33.74
CA LEU B 156 -77.13 51.52 -33.30
C LEU B 156 -76.35 51.75 -32.01
N ARG B 157 -76.31 50.72 -31.18
CA ARG B 157 -75.60 50.79 -29.90
C ARG B 157 -74.91 49.45 -29.66
N PHE B 158 -73.59 49.48 -29.61
CA PHE B 158 -72.76 48.27 -29.49
C PHE B 158 -72.18 48.19 -28.09
N VAL B 159 -72.27 47.01 -27.48
CA VAL B 159 -71.71 46.76 -26.16
C VAL B 159 -70.66 45.66 -26.33
N ARG B 160 -69.40 46.06 -26.46
CA ARG B 160 -68.32 45.12 -26.73
C ARG B 160 -67.87 44.47 -25.43
N LEU B 161 -68.22 43.20 -25.25
CA LEU B 161 -67.88 42.49 -24.02
C LEU B 161 -66.39 42.22 -23.86
N GLY B 162 -65.59 42.45 -24.90
CA GLY B 162 -64.17 42.32 -24.80
C GLY B 162 -63.63 41.09 -25.51
N PRO B 163 -62.34 41.11 -25.87
CA PRO B 163 -61.73 39.95 -26.50
C PRO B 163 -61.62 38.78 -25.53
N GLU B 164 -61.63 37.58 -26.10
CA GLU B 164 -61.53 36.33 -25.34
C GLU B 164 -60.34 35.53 -25.83
N PRO B 165 -59.35 35.24 -24.98
CA PRO B 165 -58.18 34.47 -25.44
C PRO B 165 -58.44 32.98 -25.57
N GLY B 166 -59.55 32.47 -25.04
CA GLY B 166 -59.80 31.04 -25.12
C GLY B 166 -58.96 30.26 -24.12
N TRP B 167 -58.73 29.00 -24.46
CA TRP B 167 -57.94 28.11 -23.61
C TRP B 167 -56.81 27.50 -24.42
N PRO B 168 -55.65 27.28 -23.81
CA PRO B 168 -54.45 26.93 -24.59
C PRO B 168 -54.61 25.70 -25.46
N GLN B 169 -55.27 24.65 -24.96
CA GLN B 169 -55.41 23.40 -25.69
C GLN B 169 -56.76 23.27 -26.38
N LEU B 170 -57.58 24.33 -26.35
CA LEU B 170 -58.87 24.33 -27.04
C LEU B 170 -58.89 25.21 -28.27
N ARG B 171 -58.05 26.24 -28.34
CA ARG B 171 -57.99 27.12 -29.50
C ARG B 171 -57.23 26.50 -30.68
N LEU B 172 -56.61 25.35 -30.48
CA LEU B 172 -55.90 24.65 -31.54
C LEU B 172 -56.77 23.64 -32.28
N LEU B 173 -58.01 23.45 -31.84
CA LEU B 173 -58.90 22.50 -32.51
C LEU B 173 -59.27 23.01 -33.90
N SER B 174 -59.44 22.07 -34.82
CA SER B 174 -59.67 22.39 -36.22
C SER B 174 -60.96 21.74 -36.71
N ALA B 175 -61.52 22.33 -37.77
CA ALA B 175 -62.75 21.80 -38.35
C ALA B 175 -62.65 20.36 -38.84
N PRO B 176 -61.59 19.92 -39.53
CA PRO B 176 -61.56 18.52 -40.00
C PRO B 176 -61.68 17.49 -38.89
N SER B 177 -61.16 17.78 -37.70
CA SER B 177 -61.28 16.84 -36.59
C SER B 177 -62.73 16.63 -36.18
N PHE B 178 -63.55 17.67 -36.31
CA PHE B 178 -64.98 17.61 -35.95
C PHE B 178 -65.78 18.17 -37.12
N PRO B 179 -65.95 17.40 -38.18
CA PRO B 179 -66.66 17.92 -39.36
C PRO B 179 -68.14 18.14 -39.09
N LEU B 180 -68.71 19.08 -39.83
CA LEU B 180 -70.12 19.43 -39.74
C LEU B 180 -70.77 19.17 -41.10
N GLU B 181 -71.57 18.11 -41.17
CA GLU B 181 -72.25 17.77 -42.42
C GLU B 181 -73.26 18.85 -42.78
N SER B 182 -73.22 19.31 -44.03
CA SER B 182 -74.05 20.41 -44.49
C SER B 182 -74.85 19.98 -45.70
N THR B 183 -76.14 20.30 -45.70
CA THR B 183 -77.04 20.02 -46.83
C THR B 183 -77.60 21.34 -47.33
N LEU B 184 -77.58 21.54 -48.65
CA LEU B 184 -77.99 22.78 -49.26
C LEU B 184 -79.45 22.70 -49.71
N GLN B 185 -80.25 23.66 -49.25
CA GLN B 185 -81.63 23.85 -49.69
C GLN B 185 -81.78 25.18 -50.41
N GLY B 186 -80.80 25.49 -51.27
CA GLY B 186 -80.71 26.77 -51.90
C GLY B 186 -79.46 27.50 -51.47
N PRO B 187 -79.59 28.78 -51.12
CA PRO B 187 -78.45 29.54 -50.61
C PRO B 187 -78.25 29.42 -49.10
N VAL B 188 -78.97 28.52 -48.43
CA VAL B 188 -78.94 28.38 -46.99
C VAL B 188 -78.45 26.99 -46.64
N HIS B 189 -77.45 26.92 -45.76
CA HIS B 189 -76.90 25.65 -45.32
C HIS B 189 -77.75 25.03 -44.22
N TRP B 190 -77.92 23.71 -44.27
CA TRP B 190 -78.56 22.95 -43.22
C TRP B 190 -77.53 21.98 -42.64
N VAL B 191 -77.17 22.19 -41.38
CA VAL B 191 -76.04 21.51 -40.76
C VAL B 191 -76.54 20.57 -39.67
N ARG B 192 -75.76 19.52 -39.42
CA ARG B 192 -76.06 18.55 -38.38
C ARG B 192 -74.77 18.02 -37.82
N ALA B 193 -74.87 17.44 -36.61
CA ALA B 193 -73.73 16.84 -35.93
C ALA B 193 -73.90 15.32 -35.92
N SER B 194 -72.89 14.62 -36.43
CA SER B 194 -72.95 13.15 -36.45
C SER B 194 -72.96 12.57 -35.05
N ASP B 195 -72.22 13.18 -34.12
CA ASP B 195 -72.14 12.69 -32.76
C ASP B 195 -71.88 13.88 -31.83
N MET B 196 -71.51 13.57 -30.58
CA MET B 196 -71.15 14.58 -29.59
C MET B 196 -69.66 14.53 -29.29
N ARG B 197 -68.86 14.30 -30.33
CA ARG B 197 -67.43 14.12 -30.15
C ARG B 197 -66.74 15.40 -29.66
N LEU B 198 -67.13 16.54 -30.21
CA LEU B 198 -66.50 17.80 -29.81
C LEU B 198 -66.86 18.18 -28.39
N ARG B 199 -68.13 18.01 -28.01
CA ARG B 199 -68.55 18.37 -26.66
C ARG B 199 -67.89 17.49 -25.61
N GLN B 200 -67.76 16.19 -25.90
CA GLN B 200 -67.07 15.29 -24.98
C GLN B 200 -65.59 15.61 -24.88
N HIS B 201 -64.97 16.02 -25.99
CA HIS B 201 -63.57 16.44 -25.96
C HIS B 201 -63.39 17.68 -25.09
N VAL B 202 -64.28 18.67 -25.23
CA VAL B 202 -64.14 19.91 -24.49
C VAL B 202 -64.28 19.66 -22.99
N GLU B 203 -65.28 18.87 -22.60
CA GLU B 203 -65.52 18.63 -21.18
C GLU B 203 -64.40 17.81 -20.56
N GLY B 204 -63.82 16.87 -21.30
CA GLY B 204 -62.66 16.17 -20.81
C GLY B 204 -61.46 17.07 -20.64
N VAL B 205 -61.32 18.06 -21.54
CA VAL B 205 -60.24 19.03 -21.42
C VAL B 205 -60.43 19.92 -20.21
N LEU B 206 -61.64 20.47 -20.05
CA LEU B 206 -61.89 21.36 -18.92
C LEU B 206 -61.76 20.63 -17.59
N GLU B 207 -62.21 19.37 -17.54
CA GLU B 207 -62.02 18.57 -16.34
C GLU B 207 -60.54 18.36 -16.04
N ARG B 208 -59.74 18.07 -17.08
CA ARG B 208 -58.31 17.94 -16.89
C ARG B 208 -57.67 19.27 -16.53
N SER B 209 -58.15 20.36 -17.13
CA SER B 209 -57.63 21.68 -16.79
C SER B 209 -57.90 22.03 -15.33
N ARG B 210 -59.09 21.68 -14.84
CA ARG B 210 -59.41 21.90 -13.43
C ARG B 210 -58.49 21.10 -12.52
N HIS B 211 -58.20 19.85 -12.90
CA HIS B 211 -57.34 19.01 -12.08
C HIS B 211 -55.93 19.57 -11.98
N ILE B 212 -55.38 20.06 -13.10
CA ILE B 212 -54.02 20.58 -13.09
C ILE B 212 -53.94 21.84 -12.23
N LEU B 213 -54.89 22.75 -12.39
CA LEU B 213 -54.87 23.99 -11.62
C LEU B 213 -55.08 23.73 -10.14
N ALA B 214 -55.95 22.77 -9.80
CA ALA B 214 -56.16 22.42 -8.40
C ALA B 214 -54.90 21.85 -7.79
N ALA B 215 -54.21 20.97 -8.53
CA ALA B 215 -52.99 20.32 -8.05
C ALA B 215 -51.74 21.10 -8.41
N TRP B 216 -51.89 22.31 -8.97
CA TRP B 216 -50.72 23.10 -9.34
C TRP B 216 -49.87 23.44 -8.12
N GLU B 217 -50.51 23.85 -7.03
CA GLU B 217 -49.80 24.07 -5.78
C GLU B 217 -49.58 22.73 -5.10
N GLY B 218 -48.31 22.35 -4.94
CA GLY B 218 -47.96 21.03 -4.45
C GLY B 218 -47.53 20.04 -5.50
N ILE B 219 -47.23 20.50 -6.71
CA ILE B 219 -46.78 19.60 -7.76
C ILE B 219 -45.38 19.07 -7.47
N SER B 220 -44.59 19.81 -6.68
CA SER B 220 -43.23 19.40 -6.39
C SER B 220 -43.18 18.15 -5.51
N GLU B 221 -44.21 17.90 -4.70
CA GLU B 221 -44.25 16.71 -3.86
C GLU B 221 -44.73 15.48 -4.59
N LEU B 222 -45.21 15.61 -5.83
CA LEU B 222 -45.61 14.45 -6.62
C LEU B 222 -44.37 13.89 -7.32
N PRO B 223 -44.03 12.61 -7.09
CA PRO B 223 -42.85 12.06 -7.77
C PRO B 223 -42.97 12.04 -9.28
N ILE B 224 -44.18 11.85 -9.80
CA ILE B 224 -44.45 11.87 -11.24
C ILE B 224 -45.26 13.11 -11.55
N PRO B 225 -44.73 14.06 -12.32
CA PRO B 225 -45.46 15.32 -12.58
C PRO B 225 -46.77 15.10 -13.32
N ALA B 226 -46.92 14.02 -14.08
CA ALA B 226 -48.16 13.74 -14.78
C ALA B 226 -49.33 13.49 -13.84
N LEU B 227 -49.07 13.24 -12.56
CA LEU B 227 -50.13 13.02 -11.58
C LEU B 227 -50.94 14.28 -11.29
N ALA B 228 -50.46 15.45 -11.69
CA ALA B 228 -51.21 16.68 -11.45
C ALA B 228 -52.51 16.73 -12.23
N ALA B 229 -52.65 15.91 -13.27
CA ALA B 229 -53.90 15.82 -14.01
C ALA B 229 -54.91 14.90 -13.37
N TRP B 230 -54.56 14.26 -12.26
CA TRP B 230 -55.48 13.38 -11.56
C TRP B 230 -56.57 14.20 -10.85
N PRO B 231 -57.76 13.62 -10.69
CA PRO B 231 -58.78 14.29 -9.89
C PRO B 231 -58.32 14.41 -8.45
N PRO B 232 -58.75 15.46 -7.74
CA PRO B 232 -58.28 15.65 -6.35
C PRO B 232 -58.65 14.50 -5.43
N SER B 233 -59.75 13.79 -5.69
CA SER B 233 -60.05 12.59 -4.91
C SER B 233 -59.00 11.50 -5.13
N HIS B 234 -58.56 11.34 -6.39
CA HIS B 234 -57.55 10.34 -6.70
C HIS B 234 -56.21 10.69 -6.06
N LEU B 235 -55.88 11.98 -5.97
CA LEU B 235 -54.65 12.39 -5.32
C LEU B 235 -54.69 12.19 -3.82
N ARG B 236 -55.86 12.37 -3.19
CA ARG B 236 -55.99 12.06 -1.77
C ARG B 236 -55.92 10.56 -1.52
N TRP B 237 -56.45 9.77 -2.45
CA TRP B 237 -56.26 8.33 -2.40
C TRP B 237 -54.79 7.96 -2.45
N LEU B 238 -54.02 8.68 -3.25
CA LEU B 238 -52.60 8.37 -3.40
C LEU B 238 -51.84 8.58 -2.10
N HIS B 239 -52.32 9.51 -1.25
CA HIS B 239 -51.68 9.75 0.03
C HIS B 239 -52.16 8.81 1.12
N GLU B 240 -53.16 7.99 0.85
CA GLU B 240 -53.65 7.03 1.82
C GLU B 240 -52.73 5.81 1.87
N PRO B 241 -52.69 5.12 3.00
CA PRO B 241 -51.82 3.94 3.11
C PRO B 241 -52.21 2.86 2.10
N LEU B 242 -51.19 2.19 1.56
CA LEU B 242 -51.40 1.13 0.59
C LEU B 242 -52.11 -0.05 1.23
N ASP B 243 -53.09 -0.61 0.51
CA ASP B 243 -53.83 -1.76 0.99
C ASP B 243 -53.38 -3.00 0.25
N PRO B 244 -52.76 -3.98 0.92
CA PRO B 244 -52.19 -5.13 0.21
C PRO B 244 -53.19 -5.98 -0.54
N VAL B 245 -54.44 -6.08 -0.09
CA VAL B 245 -55.44 -6.92 -0.75
C VAL B 245 -56.27 -6.12 -1.74
N GLN B 246 -56.62 -4.88 -1.39
CA GLN B 246 -57.46 -4.08 -2.27
C GLN B 246 -56.69 -3.47 -3.43
N ASP B 247 -55.43 -3.08 -3.23
CA ASP B 247 -54.64 -2.41 -4.24
C ASP B 247 -53.78 -3.38 -5.05
N LYS B 248 -54.12 -4.67 -5.03
CA LYS B 248 -53.34 -5.64 -5.79
C LYS B 248 -53.43 -5.36 -7.29
N ALA B 249 -54.62 -5.01 -7.78
CA ALA B 249 -54.77 -4.74 -9.20
C ALA B 249 -54.08 -3.46 -9.61
N TRP B 250 -54.13 -2.43 -8.76
CA TRP B 250 -53.47 -1.17 -9.09
C TRP B 250 -51.96 -1.32 -9.11
N VAL B 251 -51.39 -2.06 -8.16
CA VAL B 251 -49.95 -2.27 -8.14
C VAL B 251 -49.53 -3.11 -9.32
N GLN B 252 -50.31 -4.14 -9.67
CA GLN B 252 -49.97 -5.00 -10.79
C GLN B 252 -49.87 -4.22 -12.09
N ALA B 253 -50.71 -3.20 -12.26
CA ALA B 253 -50.72 -2.41 -13.48
C ALA B 253 -49.68 -1.29 -13.48
N LEU B 254 -49.03 -1.02 -12.36
CA LEU B 254 -47.99 0.01 -12.32
C LEU B 254 -46.83 -0.37 -13.24
N PRO B 255 -46.34 0.55 -14.06
CA PRO B 255 -45.04 0.32 -14.73
C PRO B 255 -43.93 0.36 -13.70
N LYS B 256 -43.22 -0.76 -13.55
CA LYS B 256 -42.26 -0.94 -12.49
C LYS B 256 -40.84 -0.96 -13.04
N VAL B 257 -39.89 -0.69 -12.16
CA VAL B 257 -38.46 -0.72 -12.47
C VAL B 257 -37.83 -1.80 -11.62
N GLU B 258 -37.08 -2.69 -12.26
CA GLU B 258 -36.41 -3.79 -11.59
C GLU B 258 -34.91 -3.54 -11.64
N LEU B 259 -34.27 -3.44 -10.48
CA LEU B 259 -32.84 -3.17 -10.40
C LEU B 259 -32.02 -4.28 -9.77
N HIS B 260 -32.65 -5.21 -9.04
CA HIS B 260 -31.95 -6.29 -8.37
C HIS B 260 -32.70 -7.59 -8.68
N CYS B 261 -32.31 -8.24 -9.78
CA CYS B 261 -32.97 -9.47 -10.23
C CYS B 261 -31.89 -10.40 -10.76
N HIS B 262 -31.71 -11.54 -10.11
CA HIS B 262 -30.71 -12.51 -10.53
C HIS B 262 -31.29 -13.45 -11.58
N LEU B 263 -30.55 -13.62 -12.68
CA LEU B 263 -31.00 -14.52 -13.74
C LEU B 263 -31.05 -15.97 -13.25
N GLY B 264 -30.06 -16.38 -12.46
CA GLY B 264 -29.94 -17.74 -12.01
C GLY B 264 -30.91 -18.19 -10.95
N GLY B 265 -31.71 -17.29 -10.40
CA GLY B 265 -32.67 -17.67 -9.39
C GLY B 265 -34.11 -17.47 -9.82
N PHE B 266 -34.41 -17.69 -11.09
CA PHE B 266 -35.75 -17.42 -11.61
C PHE B 266 -36.60 -18.68 -11.73
N ALA B 267 -36.19 -19.68 -12.48
CA ALA B 267 -36.99 -20.90 -12.65
C ALA B 267 -36.44 -22.00 -11.77
N THR B 268 -36.56 -21.79 -10.46
CA THR B 268 -35.89 -22.68 -9.50
C THR B 268 -36.74 -23.91 -9.16
N HIS B 269 -38.06 -23.77 -9.18
CA HIS B 269 -38.93 -24.89 -8.87
C HIS B 269 -40.26 -24.70 -9.60
N GLY B 270 -41.20 -25.61 -9.35
CA GLY B 270 -42.52 -25.50 -9.94
C GLY B 270 -42.52 -25.85 -11.42
N GLU B 271 -43.56 -25.38 -12.10
CA GLU B 271 -43.68 -25.64 -13.54
C GLU B 271 -42.60 -24.90 -14.32
N LEU B 272 -42.14 -23.75 -13.83
CA LEU B 272 -41.14 -22.98 -14.56
C LEU B 272 -39.81 -23.73 -14.63
N LEU B 273 -39.43 -24.44 -13.57
CA LEU B 273 -38.20 -25.21 -13.59
C LEU B 273 -38.26 -26.31 -14.65
N HIS B 274 -39.41 -26.97 -14.78
CA HIS B 274 -39.54 -28.03 -15.77
C HIS B 274 -39.65 -27.48 -17.18
N LYS B 275 -40.19 -26.27 -17.35
CA LYS B 275 -40.26 -25.67 -18.68
C LYS B 275 -38.86 -25.35 -19.20
N VAL B 276 -37.96 -24.92 -18.32
CA VAL B 276 -36.59 -24.68 -18.73
C VAL B 276 -35.88 -25.99 -19.03
N ARG B 277 -36.11 -27.01 -18.20
CA ARG B 277 -35.44 -28.30 -18.39
C ARG B 277 -35.86 -28.96 -19.69
N GLN B 278 -37.15 -28.90 -20.04
CA GLN B 278 -37.63 -29.57 -21.24
C GLN B 278 -37.18 -28.87 -22.52
N GLU B 279 -36.57 -27.71 -22.43
CA GLU B 279 -36.01 -27.02 -23.60
C GLU B 279 -34.52 -27.24 -23.73
N ALA B 280 -33.94 -28.14 -22.94
CA ALA B 280 -32.51 -28.41 -23.01
C ALA B 280 -32.11 -28.96 -24.37
N ALA B 281 -30.95 -28.50 -24.85
CA ALA B 281 -30.41 -29.03 -26.10
C ALA B 281 -29.90 -30.45 -25.93
N ASN B 282 -29.43 -30.80 -24.73
CA ASN B 282 -28.91 -32.13 -24.41
C ASN B 282 -29.63 -32.64 -23.17
N PRO B 283 -30.82 -33.23 -23.32
CA PRO B 283 -31.54 -33.73 -22.14
C PRO B 283 -30.78 -34.81 -21.37
N GLU B 284 -29.89 -35.54 -22.04
CA GLU B 284 -29.13 -36.58 -21.35
C GLU B 284 -28.13 -36.00 -20.36
N SER B 285 -27.70 -34.75 -20.58
CA SER B 285 -26.78 -34.08 -19.68
C SER B 285 -27.47 -33.34 -18.55
N LEU B 286 -28.80 -33.40 -18.49
CA LEU B 286 -29.53 -32.70 -17.44
C LEU B 286 -29.25 -33.36 -16.09
N PRO B 287 -28.90 -32.60 -15.06
CA PRO B 287 -28.74 -33.20 -13.75
C PRO B 287 -30.08 -33.66 -13.22
N PRO B 288 -30.09 -34.69 -12.37
CA PRO B 288 -31.36 -35.11 -11.75
C PRO B 288 -31.93 -33.98 -10.89
N VAL B 289 -33.25 -33.87 -10.90
CA VAL B 289 -33.93 -32.85 -10.10
C VAL B 289 -33.77 -33.21 -8.64
N ARG B 290 -33.00 -32.43 -7.91
CA ARG B 290 -32.80 -32.67 -6.48
C ARG B 290 -34.05 -32.32 -5.69
N ALA B 291 -34.31 -33.10 -4.65
CA ALA B 291 -35.44 -32.85 -3.76
C ALA B 291 -35.10 -31.66 -2.87
N ILE B 292 -35.66 -30.50 -3.18
CA ILE B 292 -35.44 -29.30 -2.39
C ILE B 292 -36.78 -28.87 -1.82
N PRO B 293 -37.11 -29.25 -0.58
CA PRO B 293 -38.42 -28.89 -0.02
C PRO B 293 -38.43 -27.45 0.49
N LEU B 294 -39.43 -26.70 0.07
CA LEU B 294 -39.56 -25.33 0.52
C LEU B 294 -39.97 -25.28 1.99
N PRO B 295 -39.53 -24.28 2.74
CA PRO B 295 -39.98 -24.14 4.12
C PRO B 295 -41.48 -23.94 4.18
N PRO B 296 -42.14 -24.44 5.22
CA PRO B 296 -43.60 -24.30 5.30
C PRO B 296 -44.01 -22.84 5.38
N GLY B 297 -45.12 -22.52 4.73
CA GLY B 297 -45.59 -21.15 4.64
C GLY B 297 -44.98 -20.33 3.54
N TRP B 298 -44.10 -20.91 2.73
CA TRP B 298 -43.44 -20.17 1.67
C TRP B 298 -44.50 -19.55 0.74
N PRO B 299 -44.31 -18.31 0.30
CA PRO B 299 -43.11 -17.46 0.45
C PRO B 299 -42.99 -16.75 1.80
N ILE B 300 -43.86 -17.01 2.76
CA ILE B 300 -43.77 -16.36 4.07
C ILE B 300 -43.51 -17.42 5.13
N PRO B 301 -42.25 -17.74 5.41
CA PRO B 301 -41.96 -18.80 6.38
C PRO B 301 -42.32 -18.40 7.79
N GLU B 302 -42.55 -19.42 8.63
CA GLU B 302 -42.86 -19.16 10.03
C GLU B 302 -41.67 -18.54 10.74
N GLU B 303 -40.46 -18.96 10.41
CA GLU B 303 -39.24 -18.36 10.91
C GLU B 303 -38.28 -18.08 9.76
N PRO B 304 -37.43 -17.06 9.89
CA PRO B 304 -36.43 -16.79 8.85
C PRO B 304 -35.48 -17.96 8.69
N ILE B 305 -35.07 -18.22 7.43
CA ILE B 305 -34.27 -19.40 7.12
C ILE B 305 -32.79 -19.10 6.98
N GLY B 306 -32.39 -17.83 6.97
CA GLY B 306 -30.99 -17.48 6.83
C GLY B 306 -30.53 -17.52 5.38
N LEU B 307 -29.32 -17.00 5.17
CA LEU B 307 -28.80 -16.90 3.81
C LEU B 307 -28.41 -18.25 3.25
N GLU B 308 -27.78 -19.10 4.06
CA GLU B 308 -27.29 -20.38 3.57
C GLU B 308 -28.44 -21.26 3.07
N ARG B 309 -29.51 -21.35 3.85
CA ARG B 309 -30.66 -22.15 3.41
C ARG B 309 -31.35 -21.52 2.21
N TYR B 310 -31.30 -20.19 2.09
CA TYR B 310 -31.97 -19.51 0.98
C TYR B 310 -31.32 -19.85 -0.35
N MET B 311 -29.98 -19.77 -0.41
CA MET B 311 -29.30 -20.05 -1.67
C MET B 311 -29.39 -21.52 -2.06
N ARG B 312 -29.55 -22.42 -1.08
CA ARG B 312 -29.71 -23.83 -1.43
C ARG B 312 -31.06 -24.13 -2.04
N LEU B 313 -32.04 -23.24 -1.91
CA LEU B 313 -33.33 -23.46 -2.55
C LEU B 313 -33.27 -23.26 -4.06
N GLY B 314 -32.22 -22.61 -4.56
CA GLY B 314 -32.05 -22.42 -5.98
C GLY B 314 -31.05 -23.37 -6.60
N ASP B 315 -30.76 -24.47 -5.90
CA ASP B 315 -29.76 -25.43 -6.37
C ASP B 315 -30.21 -26.22 -7.59
N ASN B 316 -31.49 -26.18 -7.94
CA ASN B 316 -31.99 -26.87 -9.12
C ASN B 316 -31.84 -26.07 -10.40
N ASN B 317 -31.44 -24.79 -10.30
CA ASN B 317 -31.20 -23.96 -11.48
C ASN B 317 -29.83 -23.33 -11.32
N GLY B 318 -29.53 -22.38 -12.20
CA GLY B 318 -28.24 -21.71 -12.14
C GLY B 318 -27.15 -22.47 -12.86
N SER B 319 -25.97 -22.58 -12.23
CA SER B 319 -24.83 -23.20 -12.89
C SER B 319 -25.11 -24.65 -13.26
N ALA B 320 -25.92 -25.34 -12.46
CA ALA B 320 -26.23 -26.73 -12.74
C ALA B 320 -26.97 -26.89 -14.06
N LEU B 321 -27.92 -26.01 -14.33
CA LEU B 321 -28.82 -26.17 -15.48
C LEU B 321 -28.48 -25.28 -16.66
N LEU B 322 -27.87 -24.11 -16.43
CA LEU B 322 -27.73 -23.10 -17.46
C LEU B 322 -26.49 -23.26 -18.31
N LYS B 323 -25.71 -24.33 -18.10
CA LYS B 323 -24.62 -24.64 -19.03
C LYS B 323 -25.17 -25.15 -20.35
N ASP B 324 -26.40 -25.65 -20.35
CA ASP B 324 -27.05 -26.06 -21.58
C ASP B 324 -27.53 -24.82 -22.35
N PRO B 325 -27.16 -24.68 -23.62
CA PRO B 325 -27.64 -23.51 -24.39
C PRO B 325 -29.15 -23.45 -24.51
N GLY B 326 -29.83 -24.60 -24.58
CA GLY B 326 -31.28 -24.60 -24.62
C GLY B 326 -31.91 -24.14 -23.32
N CYS B 327 -31.35 -24.59 -22.20
CA CYS B 327 -31.86 -24.15 -20.90
C CYS B 327 -31.60 -22.66 -20.67
N LEU B 328 -30.44 -22.17 -21.10
CA LEU B 328 -30.14 -20.75 -20.98
C LEU B 328 -31.10 -19.92 -21.83
N ARG B 329 -31.45 -20.41 -23.02
CA ARG B 329 -32.39 -19.70 -23.86
C ARG B 329 -33.77 -19.66 -23.24
N ALA B 330 -34.23 -20.78 -22.69
CA ALA B 330 -35.55 -20.80 -22.05
C ALA B 330 -35.56 -19.93 -20.80
N GLN B 331 -34.48 -19.97 -20.03
CA GLN B 331 -34.40 -19.14 -18.83
C GLN B 331 -34.50 -17.66 -19.16
N CYS B 332 -33.83 -17.22 -20.22
CA CYS B 332 -33.89 -15.81 -20.59
C CYS B 332 -35.27 -15.44 -21.11
N ARG B 333 -35.82 -16.25 -22.03
CA ARG B 333 -37.12 -15.94 -22.61
C ARG B 333 -38.23 -15.99 -21.56
N LEU B 334 -38.20 -16.99 -20.69
CA LEU B 334 -39.24 -17.10 -19.67
C LEU B 334 -39.14 -15.99 -18.64
N LEU B 335 -37.92 -15.58 -18.29
CA LEU B 335 -37.74 -14.47 -17.35
C LEU B 335 -38.30 -13.18 -17.94
N TYR B 336 -38.08 -12.95 -19.23
CA TYR B 336 -38.63 -11.76 -19.88
C TYR B 336 -40.16 -11.82 -19.90
N GLU B 337 -40.73 -13.00 -20.10
CA GLU B 337 -42.18 -13.14 -20.08
C GLU B 337 -42.74 -12.80 -18.69
N ALA B 338 -42.01 -13.18 -17.64
CA ALA B 338 -42.42 -12.80 -16.29
C ALA B 338 -42.30 -11.30 -16.08
N LEU B 339 -41.34 -10.65 -16.73
CA LEU B 339 -41.23 -9.20 -16.63
C LEU B 339 -42.37 -8.50 -17.35
N LEU B 340 -42.75 -9.00 -18.52
CA LEU B 340 -43.87 -8.41 -19.26
C LEU B 340 -45.18 -8.61 -18.52
N ALA B 341 -45.39 -9.78 -17.92
CA ALA B 341 -46.61 -10.04 -17.19
C ALA B 341 -46.73 -9.16 -15.96
N ASP B 342 -45.60 -8.69 -15.43
CA ASP B 342 -45.58 -7.82 -14.26
C ASP B 342 -45.54 -6.35 -14.63
N HIS B 343 -45.62 -6.02 -15.92
CA HIS B 343 -45.63 -4.65 -16.41
C HIS B 343 -44.36 -3.90 -15.99
N VAL B 344 -43.26 -4.62 -15.93
CA VAL B 344 -41.96 -3.99 -15.70
C VAL B 344 -41.54 -3.28 -16.97
N ALA B 345 -41.21 -2.00 -16.85
CA ALA B 345 -40.82 -1.21 -18.01
C ALA B 345 -39.31 -1.18 -18.23
N TYR B 346 -38.54 -1.22 -17.15
CA TYR B 346 -37.10 -1.30 -17.21
C TYR B 346 -36.62 -2.32 -16.19
N ALA B 347 -35.70 -3.18 -16.61
CA ALA B 347 -35.15 -4.18 -15.71
C ALA B 347 -33.65 -4.26 -15.90
N GLU B 348 -32.95 -4.61 -14.82
CA GLU B 348 -31.52 -4.87 -14.86
C GLU B 348 -31.30 -6.27 -14.30
N ILE B 349 -30.98 -7.21 -15.19
CA ILE B 349 -30.84 -8.61 -14.82
C ILE B 349 -29.38 -8.89 -14.51
N ARG B 350 -29.13 -9.55 -13.37
CA ARG B 350 -27.80 -9.92 -12.95
C ARG B 350 -27.52 -11.36 -13.36
N CYS B 351 -26.37 -11.57 -14.00
CA CYS B 351 -26.01 -12.88 -14.51
C CYS B 351 -24.52 -13.13 -14.29
N SER B 352 -24.15 -14.41 -14.29
CA SER B 352 -22.77 -14.85 -14.09
C SER B 352 -22.39 -15.71 -15.28
N PRO B 353 -22.06 -15.09 -16.41
CA PRO B 353 -21.79 -15.87 -17.64
C PRO B 353 -20.64 -16.85 -17.50
N ALA B 354 -19.63 -16.55 -16.69
CA ALA B 354 -18.53 -17.49 -16.51
C ALA B 354 -18.96 -18.73 -15.75
N ASN B 355 -20.02 -18.63 -14.93
CA ASN B 355 -20.56 -19.81 -14.28
C ASN B 355 -21.22 -20.76 -15.27
N TYR B 356 -21.69 -20.26 -16.40
CA TYR B 356 -22.41 -21.08 -17.37
C TYR B 356 -21.55 -21.45 -18.56
N ALA B 357 -20.24 -21.19 -18.49
CA ALA B 357 -19.34 -21.48 -19.60
C ALA B 357 -18.93 -22.95 -19.58
N SER B 358 -18.45 -23.42 -20.73
CA SER B 358 -18.05 -24.81 -20.90
C SER B 358 -16.75 -24.83 -21.70
N ALA B 359 -16.34 -26.04 -22.09
CA ALA B 359 -15.11 -26.19 -22.86
C ALA B 359 -15.23 -25.54 -24.24
N SER B 360 -16.39 -25.67 -24.87
CA SER B 360 -16.63 -25.09 -26.19
C SER B 360 -17.39 -23.77 -26.14
N ARG B 361 -17.90 -23.38 -24.98
CA ARG B 361 -18.69 -22.15 -24.82
C ARG B 361 -17.96 -21.25 -23.85
N SER B 362 -17.27 -20.25 -24.37
CA SER B 362 -16.56 -19.30 -23.54
C SER B 362 -17.55 -18.40 -22.81
N PRO B 363 -17.13 -17.76 -21.71
CA PRO B 363 -18.03 -16.81 -21.05
C PRO B 363 -18.50 -15.68 -21.95
N TRP B 364 -17.69 -15.28 -22.94
CA TRP B 364 -18.16 -14.31 -23.92
C TRP B 364 -19.28 -14.88 -24.78
N VAL B 365 -19.18 -16.16 -25.13
CA VAL B 365 -20.25 -16.81 -25.89
C VAL B 365 -21.53 -16.86 -25.07
N VAL B 366 -21.41 -17.19 -23.78
CA VAL B 366 -22.58 -17.26 -22.91
C VAL B 366 -23.21 -15.87 -22.76
N LEU B 367 -22.39 -14.86 -22.51
CA LEU B 367 -22.91 -13.51 -22.32
C LEU B 367 -23.55 -12.98 -23.59
N GLN B 368 -22.93 -13.25 -24.75
CA GLN B 368 -23.51 -12.82 -26.01
C GLN B 368 -24.85 -13.51 -26.27
N GLU B 369 -24.95 -14.78 -25.91
CA GLU B 369 -26.22 -15.49 -26.05
C GLU B 369 -27.29 -14.90 -25.13
N ILE B 370 -26.92 -14.57 -23.89
CA ILE B 370 -27.87 -13.99 -22.95
C ILE B 370 -28.36 -12.64 -23.46
N ARG B 371 -27.45 -11.80 -23.95
CA ARG B 371 -27.83 -10.49 -24.45
C ARG B 371 -28.75 -10.61 -25.66
N ASN B 372 -28.44 -11.53 -26.57
CA ASN B 372 -29.23 -11.67 -27.79
C ASN B 372 -30.59 -12.31 -27.50
N HIS B 373 -30.66 -13.17 -26.48
CA HIS B 373 -31.95 -13.73 -26.08
C HIS B 373 -32.88 -12.65 -25.56
N PHE B 374 -32.34 -11.73 -24.77
CA PHE B 374 -33.15 -10.61 -24.26
C PHE B 374 -33.41 -9.59 -25.35
N GLN B 375 -32.42 -9.32 -26.20
CA GLN B 375 -32.62 -8.39 -27.30
C GLN B 375 -33.69 -8.90 -28.26
N GLN B 376 -33.66 -10.19 -28.59
CA GLN B 376 -34.69 -10.76 -29.45
C GLN B 376 -36.06 -10.69 -28.78
N ALA B 377 -36.11 -10.96 -27.48
CA ALA B 377 -37.37 -10.84 -26.75
C ALA B 377 -37.88 -9.40 -26.75
N MET B 378 -36.97 -8.43 -26.58
CA MET B 378 -37.37 -7.03 -26.60
C MET B 378 -37.89 -6.62 -27.97
N GLU B 379 -37.20 -7.03 -29.03
CA GLU B 379 -37.58 -6.61 -30.38
C GLU B 379 -38.93 -7.19 -30.79
N GLU B 380 -39.26 -8.39 -30.33
CA GLU B 380 -40.55 -8.99 -30.63
C GLU B 380 -41.70 -8.33 -29.89
N THR B 381 -41.43 -7.46 -28.92
CA THR B 381 -42.44 -6.78 -28.13
C THR B 381 -42.69 -5.38 -28.66
N PRO B 382 -43.94 -4.96 -28.78
CA PRO B 382 -44.24 -3.60 -29.23
C PRO B 382 -43.66 -2.56 -28.29
N GLU B 383 -43.34 -1.39 -28.85
CA GLU B 383 -42.72 -0.33 -28.08
C GLU B 383 -43.54 0.07 -26.86
N ASP B 384 -44.88 0.00 -26.97
CA ASP B 384 -45.73 0.52 -25.91
C ASP B 384 -45.61 -0.27 -24.62
N ARG B 385 -45.48 -1.60 -24.72
CA ARG B 385 -45.39 -2.45 -23.54
C ARG B 385 -44.06 -3.18 -23.45
N ARG B 386 -43.02 -2.65 -24.09
CA ARG B 386 -41.72 -3.32 -24.11
C ARG B 386 -40.99 -3.09 -22.78
N CYS B 387 -40.40 -4.16 -22.26
CA CYS B 387 -39.56 -4.09 -21.07
C CYS B 387 -38.10 -4.02 -21.54
N HIS B 388 -37.46 -2.88 -21.34
CA HIS B 388 -36.05 -2.76 -21.66
C HIS B 388 -35.23 -3.51 -20.61
N VAL B 389 -34.34 -4.38 -21.08
CA VAL B 389 -33.51 -5.20 -20.20
C VAL B 389 -32.07 -4.80 -20.40
N ASN B 390 -31.39 -4.50 -19.30
CA ASN B 390 -29.95 -4.28 -19.26
C ASN B 390 -29.32 -5.33 -18.39
N LEU B 391 -28.01 -5.54 -18.55
CA LEU B 391 -27.32 -6.63 -17.89
C LEU B 391 -26.25 -6.11 -16.93
N LEU B 392 -26.23 -6.69 -15.73
CA LEU B 392 -25.14 -6.51 -14.79
C LEU B 392 -24.43 -7.85 -14.64
N LEU B 393 -23.11 -7.82 -14.60
CA LEU B 393 -22.34 -9.04 -14.41
C LEU B 393 -21.97 -9.17 -12.94
N THR B 394 -22.31 -10.30 -12.34
CA THR B 394 -22.07 -10.51 -10.92
C THR B 394 -20.65 -11.02 -10.71
N ALA B 395 -19.88 -10.27 -9.92
CA ALA B 395 -18.56 -10.71 -9.48
C ALA B 395 -18.74 -11.35 -8.10
N THR B 396 -18.80 -12.67 -8.07
CA THR B 396 -19.07 -13.43 -6.86
C THR B 396 -17.76 -13.70 -6.14
N ARG B 397 -17.72 -13.37 -4.86
CA ARG B 397 -16.53 -13.54 -4.03
C ARG B 397 -16.78 -14.63 -2.98
N GLU B 398 -15.78 -15.45 -2.74
CA GLU B 398 -15.88 -16.54 -1.78
C GLU B 398 -14.73 -16.48 -0.79
N GLU B 399 -14.64 -17.50 0.06
CA GLU B 399 -13.56 -17.62 1.04
C GLU B 399 -12.37 -18.29 0.37
N GLY B 400 -11.27 -17.56 0.28
CA GLY B 400 -9.99 -18.05 -0.23
C GLY B 400 -10.07 -18.92 -1.48
N GLY B 401 -11.05 -18.69 -2.34
CA GLY B 401 -11.23 -19.54 -3.49
C GLY B 401 -10.43 -19.08 -4.68
N ASP B 402 -11.10 -18.71 -5.76
CA ASP B 402 -10.42 -18.17 -6.92
C ASP B 402 -10.81 -16.71 -7.13
N ARG B 403 -9.83 -15.91 -7.56
CA ARG B 403 -10.09 -14.55 -8.01
C ARG B 403 -10.06 -14.48 -9.54
N SER B 404 -9.91 -15.62 -10.21
CA SER B 404 -9.87 -15.64 -11.66
C SER B 404 -11.26 -15.52 -12.27
N ARG B 405 -12.27 -16.11 -11.63
CA ARG B 405 -13.64 -15.92 -12.09
C ARG B 405 -14.09 -14.49 -11.92
N ILE B 406 -13.67 -13.84 -10.82
CA ILE B 406 -13.94 -12.42 -10.65
C ILE B 406 -13.24 -11.62 -11.74
N ALA B 407 -11.99 -11.94 -12.01
CA ALA B 407 -11.25 -11.24 -13.07
C ALA B 407 -11.88 -11.46 -14.43
N ARG B 408 -12.40 -12.67 -14.66
CA ARG B 408 -13.09 -12.95 -15.92
C ARG B 408 -14.38 -12.16 -16.04
N HIS B 409 -15.15 -12.06 -14.96
CA HIS B 409 -16.43 -11.35 -15.02
C HIS B 409 -16.24 -9.86 -15.18
N LEU B 410 -15.26 -9.28 -14.47
CA LEU B 410 -14.99 -7.85 -14.62
C LEU B 410 -14.46 -7.54 -16.02
N ALA B 411 -13.60 -8.40 -16.54
CA ALA B 411 -13.07 -8.20 -17.88
C ALA B 411 -14.15 -8.40 -18.95
N LEU B 412 -15.07 -9.32 -18.70
CA LEU B 412 -16.20 -9.51 -19.61
C LEU B 412 -17.07 -8.27 -19.66
N ALA B 413 -17.29 -7.63 -18.50
CA ALA B 413 -18.13 -6.45 -18.45
C ALA B 413 -17.50 -5.27 -19.17
N ILE B 414 -16.19 -5.10 -19.04
CA ILE B 414 -15.52 -4.00 -19.73
C ILE B 414 -15.57 -4.20 -21.24
N THR B 415 -15.40 -5.44 -21.69
CA THR B 415 -15.51 -5.75 -23.12
C THR B 415 -16.92 -5.53 -23.62
N ALA B 416 -17.92 -5.98 -22.88
CA ALA B 416 -19.31 -5.87 -23.30
C ALA B 416 -19.90 -4.48 -23.10
N ALA B 417 -19.31 -3.66 -22.23
CA ALA B 417 -19.85 -2.34 -21.97
C ALA B 417 -19.84 -1.49 -23.23
N GLU B 418 -18.74 -1.53 -23.98
CA GLU B 418 -18.61 -0.77 -25.21
C GLU B 418 -18.90 -1.58 -26.47
N HIS B 419 -19.17 -2.88 -26.33
CA HIS B 419 -19.56 -3.67 -27.50
C HIS B 419 -20.95 -3.33 -27.98
N TRP B 420 -21.91 -3.23 -27.06
CA TRP B 420 -23.30 -2.95 -27.38
C TRP B 420 -23.63 -1.55 -26.89
N LYS B 421 -24.01 -0.67 -27.83
CA LYS B 421 -24.40 0.69 -27.51
C LYS B 421 -25.90 0.91 -27.57
N ASN B 422 -26.65 -0.05 -28.12
CA ASN B 422 -28.10 0.06 -28.23
C ASN B 422 -28.74 -1.23 -27.76
N GLY B 423 -30.06 -1.19 -27.58
CA GLY B 423 -30.78 -2.37 -27.17
C GLY B 423 -30.37 -2.83 -25.78
N CYS B 424 -30.38 -4.13 -25.59
CA CYS B 424 -29.84 -4.72 -24.36
C CYS B 424 -28.34 -4.51 -24.33
N ARG B 425 -27.82 -4.10 -23.18
CA ARG B 425 -26.40 -3.84 -23.05
C ARG B 425 -25.95 -4.05 -21.61
N VAL B 426 -24.65 -4.21 -21.44
CA VAL B 426 -24.06 -4.41 -20.12
C VAL B 426 -23.75 -3.05 -19.52
N VAL B 427 -24.34 -2.76 -18.37
CA VAL B 427 -24.32 -1.42 -17.80
C VAL B 427 -23.70 -1.36 -16.42
N GLY B 428 -23.21 -2.47 -15.89
CA GLY B 428 -22.59 -2.42 -14.59
C GLY B 428 -22.12 -3.79 -14.15
N VAL B 429 -21.56 -3.81 -12.94
CA VAL B 429 -21.13 -5.04 -12.28
C VAL B 429 -21.74 -5.07 -10.89
N ASP B 430 -22.05 -6.27 -10.43
CA ASP B 430 -22.61 -6.48 -9.09
C ASP B 430 -21.61 -7.29 -8.27
N LEU B 431 -21.03 -6.66 -7.25
CA LEU B 431 -20.08 -7.35 -6.36
C LEU B 431 -20.88 -8.03 -5.27
N ALA B 432 -21.07 -9.35 -5.41
CA ALA B 432 -21.80 -10.15 -4.43
C ALA B 432 -20.90 -11.25 -3.92
N GLY B 433 -21.44 -12.16 -3.13
CA GLY B 433 -20.70 -13.34 -2.70
C GLY B 433 -20.83 -13.60 -1.20
N PHE B 434 -19.70 -13.61 -0.50
CA PHE B 434 -19.59 -14.25 0.81
C PHE B 434 -19.63 -13.22 1.93
N GLU B 435 -20.19 -13.62 3.06
CA GLU B 435 -20.27 -12.76 4.26
C GLU B 435 -19.04 -12.98 5.12
N ASP B 436 -18.16 -11.98 5.17
CA ASP B 436 -17.04 -11.98 6.11
C ASP B 436 -16.31 -10.65 6.01
N ARG B 437 -15.50 -10.37 7.03
CA ARG B 437 -14.58 -9.25 6.99
C ARG B 437 -13.38 -9.52 6.09
N THR B 438 -13.18 -10.78 5.69
CA THR B 438 -12.11 -11.12 4.75
C THR B 438 -12.49 -10.91 3.30
N THR B 439 -13.79 -10.79 3.00
CA THR B 439 -14.28 -10.54 1.65
C THR B 439 -15.02 -9.21 1.57
N ARG B 440 -14.61 -8.24 2.37
CA ARG B 440 -15.25 -6.94 2.36
C ARG B 440 -14.79 -6.15 1.14
N ALA B 441 -15.30 -4.92 1.02
CA ALA B 441 -15.17 -4.16 -0.22
C ALA B 441 -13.72 -3.79 -0.52
N ALA B 442 -13.00 -3.26 0.48
CA ALA B 442 -11.67 -2.73 0.22
C ALA B 442 -10.70 -3.82 -0.21
N MET B 443 -10.98 -5.08 0.12
CA MET B 443 -10.14 -6.17 -0.33
C MET B 443 -10.12 -6.26 -1.85
N PHE B 444 -11.26 -5.96 -2.48
CA PHE B 444 -11.39 -6.02 -3.93
C PHE B 444 -11.27 -4.66 -4.61
N ALA B 445 -11.01 -3.60 -3.84
CA ALA B 445 -10.94 -2.26 -4.42
C ALA B 445 -9.87 -2.13 -5.49
N THR B 446 -8.83 -2.96 -5.44
CA THR B 446 -7.83 -2.97 -6.50
C THR B 446 -8.42 -3.48 -7.80
N ASP B 447 -9.31 -4.47 -7.74
CA ASP B 447 -9.84 -5.12 -8.92
C ASP B 447 -10.79 -4.22 -9.72
N PHE B 448 -11.43 -3.24 -9.07
CA PHE B 448 -12.46 -2.44 -9.72
C PHE B 448 -11.95 -1.10 -10.24
N GLU B 449 -10.66 -0.83 -10.13
CA GLU B 449 -10.12 0.36 -10.79
C GLU B 449 -10.32 0.32 -12.31
N PRO B 450 -10.08 -0.79 -13.01
CA PRO B 450 -10.43 -0.82 -14.44
C PRO B 450 -11.90 -0.61 -14.72
N VAL B 451 -12.78 -1.08 -13.83
CA VAL B 451 -14.21 -0.90 -14.02
C VAL B 451 -14.57 0.59 -13.99
N HIS B 452 -13.96 1.33 -13.08
CA HIS B 452 -14.22 2.77 -13.00
C HIS B 452 -13.60 3.52 -14.16
N ARG B 453 -12.48 3.04 -14.69
CA ARG B 453 -11.82 3.73 -15.80
C ARG B 453 -12.71 3.76 -17.04
N VAL B 454 -13.40 2.66 -17.33
CA VAL B 454 -14.23 2.57 -18.52
C VAL B 454 -15.66 3.00 -18.20
N GLY B 455 -15.85 3.56 -17.01
CA GLY B 455 -17.12 4.14 -16.63
C GLY B 455 -18.27 3.16 -16.48
N LEU B 456 -18.01 1.97 -15.96
CA LEU B 456 -19.07 1.04 -15.56
C LEU B 456 -19.53 1.38 -14.15
N ALA B 457 -20.83 1.38 -13.96
CA ALA B 457 -21.39 1.55 -12.63
C ALA B 457 -21.21 0.28 -11.81
N VAL B 458 -21.19 0.44 -10.50
CA VAL B 458 -20.96 -0.67 -9.57
C VAL B 458 -22.08 -0.68 -8.55
N THR B 459 -22.70 -1.85 -8.38
CA THR B 459 -23.62 -2.09 -7.27
C THR B 459 -23.04 -3.19 -6.40
N VAL B 460 -23.20 -3.06 -5.09
CA VAL B 460 -22.53 -3.93 -4.13
C VAL B 460 -23.57 -4.56 -3.22
N HIS B 461 -23.49 -5.88 -3.07
CA HIS B 461 -24.31 -6.58 -2.09
C HIS B 461 -23.84 -6.22 -0.69
N ALA B 462 -24.75 -5.72 0.14
CA ALA B 462 -24.39 -5.23 1.46
C ALA B 462 -25.52 -5.54 2.42
N GLY B 463 -25.26 -5.30 3.71
CA GLY B 463 -26.28 -5.52 4.73
C GLY B 463 -26.76 -6.95 4.85
N GLU B 464 -25.83 -7.92 4.78
CA GLU B 464 -26.15 -9.32 4.99
C GLU B 464 -25.20 -9.91 6.03
N ASN B 465 -24.46 -9.05 6.71
CA ASN B 465 -23.55 -9.46 7.77
C ASN B 465 -23.81 -8.62 9.02
N ASP B 466 -24.83 -7.77 8.96
CA ASP B 466 -25.15 -6.85 10.04
C ASP B 466 -23.95 -5.97 10.39
N ASP B 467 -23.20 -5.57 9.37
CA ASP B 467 -22.02 -4.74 9.52
C ASP B 467 -22.15 -3.50 8.67
N VAL B 468 -21.67 -2.37 9.20
CA VAL B 468 -21.72 -1.11 8.46
C VAL B 468 -20.36 -0.72 7.90
N GLU B 469 -19.27 -1.31 8.38
CA GLU B 469 -17.97 -1.02 7.81
C GLU B 469 -17.89 -1.48 6.37
N GLY B 470 -18.59 -2.57 6.04
CA GLY B 470 -18.66 -2.99 4.65
C GLY B 470 -19.39 -1.99 3.78
N ILE B 471 -20.44 -1.37 4.31
CA ILE B 471 -21.16 -0.35 3.55
C ILE B 471 -20.30 0.89 3.38
N TRP B 472 -19.51 1.24 4.40
CA TRP B 472 -18.56 2.35 4.26
C TRP B 472 -17.57 2.09 3.15
N GLN B 473 -17.00 0.88 3.12
CA GLN B 473 -16.00 0.56 2.11
C GLN B 473 -16.63 0.44 0.73
N ALA B 474 -17.88 0.00 0.65
CA ALA B 474 -18.57 -0.05 -0.63
C ALA B 474 -18.76 1.35 -1.20
N VAL B 475 -19.15 2.30 -0.35
CA VAL B 475 -19.43 3.65 -0.82
C VAL B 475 -18.15 4.38 -1.20
N PHE B 476 -17.08 4.21 -0.42
CA PHE B 476 -15.90 5.05 -0.58
C PHE B 476 -14.72 4.32 -1.21
N LYS B 477 -14.56 3.01 -0.95
CA LYS B 477 -13.45 2.30 -1.57
C LYS B 477 -13.83 1.66 -2.89
N LEU B 478 -15.12 1.38 -3.13
CA LEU B 478 -15.57 0.84 -4.39
C LEU B 478 -16.34 1.83 -5.25
N SER B 479 -16.68 3.01 -4.71
CA SER B 479 -17.49 3.99 -5.42
C SER B 479 -18.79 3.39 -5.92
N ALA B 480 -19.43 2.58 -5.07
CA ALA B 480 -20.68 1.94 -5.42
C ALA B 480 -21.76 2.99 -5.64
N ARG B 481 -22.52 2.83 -6.73
CA ARG B 481 -23.63 3.72 -7.02
C ARG B 481 -24.93 3.24 -6.38
N ARG B 482 -25.07 1.93 -6.19
CA ARG B 482 -26.22 1.34 -5.53
C ARG B 482 -25.73 0.33 -4.50
N LEU B 483 -26.54 0.12 -3.47
CA LEU B 483 -26.24 -0.83 -2.41
C LEU B 483 -27.34 -1.86 -2.35
N GLY B 484 -26.97 -3.13 -2.51
CA GLY B 484 -27.95 -4.20 -2.38
C GLY B 484 -28.32 -4.43 -0.94
N HIS B 485 -29.62 -4.56 -0.66
CA HIS B 485 -30.14 -4.75 0.69
C HIS B 485 -29.73 -3.62 1.61
N ALA B 486 -28.65 -3.79 2.36
CA ALA B 486 -28.15 -2.77 3.29
C ALA B 486 -29.25 -2.34 4.26
N LEU B 487 -29.67 -3.30 5.09
CA LEU B 487 -30.79 -3.11 5.99
C LEU B 487 -30.39 -2.51 7.33
N HIS B 488 -29.12 -2.19 7.53
CA HIS B 488 -28.63 -1.67 8.80
C HIS B 488 -27.92 -0.34 8.61
N LEU B 489 -28.44 0.48 7.70
CA LEU B 489 -27.89 1.82 7.50
C LEU B 489 -28.19 2.75 8.67
N SER B 490 -29.40 2.66 9.23
CA SER B 490 -29.78 3.54 10.32
C SER B 490 -28.91 3.34 11.55
N ARG B 491 -28.28 2.17 11.69
CA ARG B 491 -27.45 1.91 12.86
C ARG B 491 -26.23 2.82 12.90
N SER B 492 -25.81 3.34 11.75
CA SER B 492 -24.74 4.33 11.68
C SER B 492 -25.32 5.64 11.12
N PRO B 493 -25.69 6.59 11.97
CA PRO B 493 -26.38 7.80 11.48
C PRO B 493 -25.54 8.63 10.52
N ASP B 494 -24.21 8.58 10.67
CA ASP B 494 -23.36 9.31 9.73
C ASP B 494 -23.37 8.67 8.35
N LEU B 495 -23.40 7.33 8.30
CA LEU B 495 -23.47 6.63 7.02
C LEU B 495 -24.82 6.87 6.34
N LEU B 496 -25.90 6.88 7.11
CA LEU B 496 -27.22 7.11 6.54
C LEU B 496 -27.30 8.49 5.88
N ARG B 497 -26.72 9.50 6.52
CA ARG B 497 -26.69 10.84 5.93
C ARG B 497 -25.87 10.85 4.65
N VAL B 498 -24.73 10.14 4.65
CA VAL B 498 -23.88 10.09 3.46
C VAL B 498 -24.60 9.41 2.31
N VAL B 499 -25.29 8.30 2.58
CA VAL B 499 -26.00 7.59 1.52
C VAL B 499 -27.08 8.48 0.91
N ALA B 500 -27.82 9.20 1.75
CA ALA B 500 -28.83 10.13 1.25
C ALA B 500 -28.20 11.29 0.50
N GLU B 501 -27.09 11.83 1.02
CA GLU B 501 -26.50 13.03 0.43
C GLU B 501 -25.87 12.74 -0.93
N ARG B 502 -25.20 11.60 -1.07
CA ARG B 502 -24.51 11.27 -2.31
C ARG B 502 -25.44 10.62 -3.34
N GLY B 503 -26.70 10.41 -3.00
CA GLY B 503 -27.63 9.83 -3.96
C GLY B 503 -27.45 8.36 -4.21
N ILE B 504 -26.76 7.65 -3.32
CA ILE B 504 -26.55 6.22 -3.46
C ILE B 504 -27.86 5.50 -3.20
N ALA B 505 -28.31 4.71 -4.17
CA ALA B 505 -29.58 4.01 -4.03
C ALA B 505 -29.40 2.75 -3.20
N VAL B 506 -30.47 2.38 -2.50
CA VAL B 506 -30.50 1.18 -1.67
C VAL B 506 -31.53 0.24 -2.29
N GLU B 507 -31.08 -0.97 -2.62
CA GLU B 507 -31.93 -1.97 -3.27
C GLU B 507 -32.53 -2.87 -2.19
N LEU B 508 -33.76 -2.57 -1.79
CA LEU B 508 -34.49 -3.41 -0.84
C LEU B 508 -35.26 -4.48 -1.59
N CYS B 509 -35.19 -5.71 -1.07
CA CYS B 509 -35.92 -6.86 -1.63
C CYS B 509 -36.83 -7.40 -0.53
N PRO B 510 -38.07 -6.91 -0.44
CA PRO B 510 -38.89 -7.18 0.75
C PRO B 510 -39.10 -8.66 1.07
N TYR B 511 -39.37 -9.50 0.08
CA TYR B 511 -39.63 -10.90 0.37
C TYR B 511 -38.35 -11.64 0.76
N ALA B 512 -37.26 -11.42 0.03
CA ALA B 512 -36.00 -12.07 0.36
C ALA B 512 -35.49 -11.60 1.71
N ASN B 513 -35.65 -10.31 2.01
CA ASN B 513 -35.27 -9.81 3.33
C ASN B 513 -36.10 -10.45 4.43
N LEU B 514 -37.41 -10.58 4.21
CA LEU B 514 -38.25 -11.26 5.18
C LEU B 514 -37.90 -12.73 5.29
N GLN B 515 -37.62 -13.38 4.16
CA GLN B 515 -37.33 -14.81 4.18
C GLN B 515 -35.97 -15.11 4.81
N ILE B 516 -34.97 -14.27 4.54
CA ILE B 516 -33.62 -14.52 5.05
C ILE B 516 -33.47 -13.98 6.47
N LYS B 517 -33.85 -12.72 6.69
CA LYS B 517 -33.60 -12.07 7.98
C LYS B 517 -34.80 -12.15 8.90
N GLY B 518 -36.00 -11.89 8.38
CA GLY B 518 -37.18 -11.86 9.21
C GLY B 518 -37.44 -10.47 9.77
N PHE B 519 -38.66 -9.97 9.61
CA PHE B 519 -39.05 -8.69 10.14
C PHE B 519 -40.46 -8.80 10.70
N PRO B 520 -40.80 -7.98 11.70
CA PRO B 520 -42.18 -7.99 12.21
C PRO B 520 -43.15 -7.64 11.11
N LEU B 521 -44.29 -8.32 11.11
CA LEU B 521 -45.25 -8.25 10.02
C LEU B 521 -46.61 -7.84 10.55
N ASP B 522 -47.24 -6.90 9.85
CA ASP B 522 -48.60 -6.44 10.17
C ASP B 522 -48.68 -5.78 11.54
N GLU B 523 -47.57 -5.24 12.04
CA GLU B 523 -47.58 -4.52 13.29
C GLU B 523 -48.15 -3.12 13.07
N GLU B 524 -49.02 -2.67 13.98
CA GLU B 524 -49.68 -1.38 13.80
C GLU B 524 -48.73 -0.22 14.08
N GLN B 525 -47.73 -0.42 14.91
CA GLN B 525 -46.74 0.60 15.24
C GLN B 525 -45.40 0.25 14.59
N GLU B 526 -44.40 1.08 14.87
CA GLU B 526 -43.07 0.92 14.26
C GLU B 526 -42.00 1.19 15.31
N GLY B 527 -41.15 0.20 15.56
CA GLY B 527 -39.98 0.47 16.38
C GLY B 527 -38.93 -0.61 16.45
N SER B 528 -37.69 -0.23 16.15
CA SER B 528 -36.47 -0.97 16.48
C SER B 528 -36.32 -2.30 15.78
N GLU B 529 -37.36 -2.77 15.09
CA GLU B 529 -37.27 -4.01 14.33
C GLU B 529 -37.92 -3.93 12.96
N THR B 530 -38.73 -2.91 12.70
CA THR B 530 -39.51 -2.82 11.48
C THR B 530 -38.60 -2.74 10.26
N TYR B 531 -39.12 -3.18 9.13
CA TYR B 531 -38.42 -3.03 7.86
C TYR B 531 -38.07 -1.55 7.67
N PRO B 532 -36.82 -1.22 7.35
CA PRO B 532 -36.39 0.18 7.43
C PRO B 532 -36.77 1.01 6.21
N LEU B 533 -37.73 0.54 5.41
CA LEU B 533 -38.09 1.23 4.18
C LEU B 533 -38.59 2.65 4.46
N ARG B 534 -39.54 2.80 5.38
CA ARG B 534 -40.08 4.12 5.67
C ARG B 534 -39.08 4.99 6.38
N GLY B 535 -38.24 4.40 7.24
CA GLY B 535 -37.17 5.17 7.87
C GLY B 535 -36.14 5.64 6.87
N TYR B 536 -35.81 4.81 5.88
CA TYR B 536 -34.89 5.22 4.83
C TYR B 536 -35.48 6.34 3.99
N LEU B 537 -36.76 6.24 3.65
CA LEU B 537 -37.41 7.29 2.89
C LEU B 537 -37.44 8.60 3.66
N ALA B 538 -37.71 8.54 4.96
CA ALA B 538 -37.77 9.74 5.78
C ALA B 538 -36.41 10.42 5.88
N ALA B 539 -35.32 9.67 5.76
CA ALA B 539 -33.98 10.21 5.83
C ALA B 539 -33.47 10.71 4.48
N GLY B 540 -34.27 10.62 3.43
CA GLY B 540 -33.85 11.05 2.12
C GLY B 540 -33.07 10.03 1.32
N VAL B 541 -33.10 8.76 1.72
CA VAL B 541 -32.43 7.71 0.97
C VAL B 541 -33.27 7.36 -0.26
N ALA B 542 -32.61 7.19 -1.40
CA ALA B 542 -33.27 6.78 -2.63
C ALA B 542 -33.48 5.27 -2.57
N VAL B 543 -34.67 4.85 -2.19
CA VAL B 543 -34.97 3.44 -1.92
C VAL B 543 -35.71 2.84 -3.10
N THR B 544 -35.28 1.64 -3.49
CA THR B 544 -35.91 0.89 -4.57
C THR B 544 -36.34 -0.47 -4.03
N LEU B 545 -37.42 -1.00 -4.59
CA LEU B 545 -37.96 -2.29 -4.20
C LEU B 545 -37.80 -3.28 -5.34
N ASN B 546 -37.24 -4.45 -5.03
CA ASN B 546 -36.84 -5.40 -6.05
C ASN B 546 -37.23 -6.81 -5.63
N THR B 547 -37.06 -7.76 -6.55
CA THR B 547 -37.44 -9.15 -6.35
C THR B 547 -36.31 -10.03 -5.85
N ASP B 548 -35.06 -9.59 -5.96
CA ASP B 548 -33.90 -10.44 -5.69
C ASP B 548 -33.93 -11.67 -6.59
N ASN B 549 -34.48 -12.77 -6.11
CA ASN B 549 -34.64 -14.00 -6.88
C ASN B 549 -36.12 -14.26 -7.07
N LEU B 550 -36.58 -14.17 -8.32
CA LEU B 550 -38.00 -14.39 -8.60
C LEU B 550 -38.44 -15.80 -8.25
N GLY B 551 -37.59 -16.79 -8.50
CA GLY B 551 -37.94 -18.16 -8.21
C GLY B 551 -37.79 -18.57 -6.77
N ILE B 552 -36.62 -18.31 -6.18
CA ILE B 552 -36.38 -18.73 -4.80
C ILE B 552 -37.37 -18.07 -3.85
N SER B 553 -37.59 -16.77 -4.03
CA SER B 553 -38.51 -16.05 -3.15
C SER B 553 -39.97 -16.27 -3.52
N GLN B 554 -40.24 -16.81 -4.70
CA GLN B 554 -41.59 -17.18 -5.12
C GLN B 554 -42.53 -15.98 -5.08
N ALA B 555 -42.02 -14.81 -5.47
CA ALA B 555 -42.82 -13.60 -5.48
C ALA B 555 -42.40 -12.74 -6.65
N SER B 556 -43.37 -12.02 -7.21
CA SER B 556 -43.11 -11.08 -8.29
C SER B 556 -42.81 -9.71 -7.70
N LEU B 557 -42.54 -8.74 -8.59
CA LEU B 557 -42.35 -7.37 -8.14
C LEU B 557 -43.63 -6.81 -7.55
N THR B 558 -44.77 -7.20 -8.10
CA THR B 558 -46.06 -6.78 -7.55
C THR B 558 -46.22 -7.27 -6.11
N ASP B 559 -45.86 -8.54 -5.87
CA ASP B 559 -45.98 -9.08 -4.51
C ASP B 559 -45.02 -8.40 -3.56
N ASN B 560 -43.82 -8.06 -4.03
CA ASN B 560 -42.85 -7.38 -3.17
C ASN B 560 -43.32 -5.98 -2.81
N LEU B 561 -43.94 -5.27 -3.76
CA LEU B 561 -44.50 -3.96 -3.45
C LEU B 561 -45.64 -4.07 -2.45
N LEU B 562 -46.48 -5.09 -2.60
CA LEU B 562 -47.61 -5.25 -1.69
C LEU B 562 -47.16 -5.68 -0.30
N LEU B 563 -46.07 -6.45 -0.21
CA LEU B 563 -45.56 -6.87 1.09
C LEU B 563 -45.04 -5.72 1.92
N THR B 564 -44.68 -4.60 1.29
CA THR B 564 -44.26 -3.43 2.05
C THR B 564 -45.41 -2.83 2.86
N ALA B 565 -46.65 -3.09 2.45
CA ALA B 565 -47.79 -2.65 3.25
C ALA B 565 -47.83 -3.36 4.60
N ARG B 566 -47.45 -4.64 4.62
CA ARG B 566 -47.39 -5.38 5.88
C ARG B 566 -46.05 -5.23 6.58
N LEU B 567 -44.97 -5.03 5.84
CA LEU B 567 -43.67 -4.82 6.47
C LEU B 567 -43.59 -3.44 7.11
N CYS B 568 -44.11 -2.42 6.45
CA CYS B 568 -44.05 -1.06 6.95
C CYS B 568 -45.46 -0.57 7.21
N PRO B 569 -45.84 -0.35 8.47
CA PRO B 569 -47.21 0.12 8.76
C PRO B 569 -47.45 1.52 8.23
N GLY B 570 -48.56 1.69 7.52
CA GLY B 570 -48.95 3.00 7.06
C GLY B 570 -48.16 3.55 5.90
N ILE B 571 -47.43 2.70 5.18
CA ILE B 571 -46.73 3.16 3.99
C ILE B 571 -47.77 3.56 2.94
N THR B 572 -47.64 4.78 2.41
CA THR B 572 -48.60 5.26 1.44
C THR B 572 -48.25 4.75 0.05
N ARG B 573 -49.28 4.63 -0.78
CA ARG B 573 -49.07 4.26 -2.17
C ARG B 573 -48.43 5.37 -2.98
N LEU B 574 -48.40 6.59 -2.46
CA LEU B 574 -47.52 7.62 -2.99
C LEU B 574 -46.05 7.23 -2.84
N GLU B 575 -45.71 6.64 -1.68
CA GLU B 575 -44.34 6.20 -1.44
C GLU B 575 -43.96 5.01 -2.31
N VAL B 576 -44.93 4.21 -2.73
CA VAL B 576 -44.66 3.16 -3.71
C VAL B 576 -44.25 3.78 -5.04
N LEU B 577 -44.93 4.86 -5.45
CA LEU B 577 -44.57 5.57 -6.66
C LEU B 577 -43.20 6.21 -6.53
N LYS B 578 -42.84 6.66 -5.33
CA LYS B 578 -41.53 7.26 -5.13
C LYS B 578 -40.41 6.26 -5.34
N THR B 579 -40.62 5.01 -4.93
CA THR B 579 -39.63 3.97 -5.15
C THR B 579 -39.40 3.71 -6.64
N GLN B 580 -40.48 3.68 -7.42
CA GLN B 580 -40.34 3.53 -8.86
C GLN B 580 -39.60 4.71 -9.47
N VAL B 581 -39.90 5.92 -9.02
CA VAL B 581 -39.18 7.10 -9.49
C VAL B 581 -37.73 7.05 -9.03
N PHE B 582 -37.50 6.60 -7.79
CA PHE B 582 -36.13 6.44 -7.31
C PHE B 582 -35.36 5.43 -8.15
N ALA B 583 -35.98 4.30 -8.48
CA ALA B 583 -35.31 3.27 -9.26
C ALA B 583 -35.02 3.74 -10.67
N ALA B 584 -35.92 4.54 -11.25
CA ALA B 584 -35.68 5.11 -12.57
C ALA B 584 -34.46 6.03 -12.54
N GLN B 585 -34.33 6.84 -11.48
CA GLN B 585 -33.16 7.69 -11.35
C GLN B 585 -31.91 6.87 -11.03
N ALA B 586 -32.07 5.80 -10.26
CA ALA B 586 -30.94 4.96 -9.87
C ALA B 586 -30.51 4.00 -10.96
N ALA B 587 -31.28 3.85 -12.02
CA ALA B 587 -30.96 2.89 -13.07
C ALA B 587 -29.66 3.27 -13.76
N PHE B 588 -28.91 2.26 -14.17
CA PHE B 588 -27.70 2.48 -14.95
C PHE B 588 -28.07 2.60 -16.42
N ALA B 589 -29.03 3.48 -16.73
CA ALA B 589 -29.55 3.65 -18.07
C ALA B 589 -28.96 4.91 -18.70
N ASN B 590 -28.87 4.92 -20.02
CA ASN B 590 -28.39 6.10 -20.73
C ASN B 590 -29.55 7.08 -20.93
N GLN B 591 -29.28 8.17 -21.67
CA GLN B 591 -30.30 9.19 -21.87
C GLN B 591 -31.49 8.65 -22.66
N ALA B 592 -31.22 7.82 -23.67
CA ALA B 592 -32.32 7.25 -24.46
C ALA B 592 -33.17 6.29 -23.63
N GLU B 593 -32.52 5.44 -22.83
CA GLU B 593 -33.28 4.49 -22.01
C GLU B 593 -34.06 5.20 -20.91
N ARG B 594 -33.45 6.20 -20.29
CA ARG B 594 -34.13 6.94 -19.23
C ARG B 594 -35.32 7.71 -19.78
N LYS B 595 -35.17 8.31 -20.96
CA LYS B 595 -36.27 9.06 -21.57
C LYS B 595 -37.45 8.14 -21.86
N ALA B 596 -37.19 6.96 -22.41
CA ALA B 596 -38.26 6.02 -22.72
C ALA B 596 -38.90 5.49 -21.44
N LEU B 597 -38.12 5.33 -20.37
CA LEU B 597 -38.66 4.85 -19.11
C LEU B 597 -39.57 5.89 -18.46
N TRP B 598 -39.20 7.16 -18.54
CA TRP B 598 -40.04 8.21 -17.96
C TRP B 598 -41.37 8.32 -18.69
N ALA B 599 -41.38 8.07 -20.00
CA ALA B 599 -42.64 8.05 -20.73
C ALA B 599 -43.55 6.95 -20.23
N ARG B 600 -42.97 5.78 -19.88
CA ARG B 600 -43.77 4.70 -19.32
C ARG B 600 -44.24 5.02 -17.91
N LEU B 601 -43.37 5.62 -17.09
CA LEU B 601 -43.73 5.90 -15.70
C LEU B 601 -44.81 6.96 -15.59
N ALA B 602 -44.94 7.83 -16.60
CA ALA B 602 -45.98 8.84 -16.60
C ALA B 602 -47.38 8.26 -16.74
N GLN B 603 -47.50 6.99 -17.13
CA GLN B 603 -48.80 6.35 -17.32
C GLN B 603 -49.17 5.55 -16.07
N VAL B 604 -49.40 6.28 -14.99
CA VAL B 604 -49.82 5.65 -13.73
C VAL B 604 -51.26 5.16 -13.87
N PRO B 605 -51.57 3.93 -13.47
CA PRO B 605 -52.94 3.45 -13.58
C PRO B 605 -53.90 4.26 -12.74
N VAL B 606 -55.10 4.45 -13.27
CA VAL B 606 -56.15 5.19 -12.57
C VAL B 606 -56.73 4.29 -11.48
N PRO B 607 -56.80 4.76 -10.24
CA PRO B 607 -57.38 3.93 -9.18
C PRO B 607 -58.86 3.67 -9.39
N THR B 608 -59.30 2.52 -8.89
CA THR B 608 -60.70 2.13 -8.93
C THR B 608 -61.23 2.02 -7.51
N ASP B 609 -62.47 2.49 -7.31
CA ASP B 609 -63.14 2.43 -6.01
C ASP B 609 -62.33 3.16 -4.93
N THR B 610 -62.21 4.48 -5.12
CA THR B 610 -61.51 5.32 -4.18
C THR B 610 -62.40 5.58 -2.96
N GLU B 611 -61.96 6.49 -2.09
CA GLU B 611 -62.68 6.83 -0.87
C GLU B 611 -62.91 5.61 0.02
PC A23 C 2 -85.12 36.90 -30.12
O1C A23 C 2 -83.57 37.29 -30.54
O2C A23 C 2 -86.05 37.86 -30.72
P A23 C 2 -85.90 33.44 -24.57
OP1 A23 C 2 -87.06 32.82 -25.31
OP2 A23 C 2 -84.74 32.48 -24.47
O5' A23 C 2 -85.45 34.86 -25.27
C5' A23 C 2 -86.28 35.41 -26.26
C4' A23 C 2 -85.64 35.14 -27.56
O4' A23 C 2 -85.97 33.51 -28.05
C3' A23 C 2 -86.14 35.88 -28.49
O3' A23 C 2 -85.23 36.95 -28.82
C2' A23 C 2 -86.22 34.89 -29.87
O2' A23 C 2 -85.45 35.41 -30.67
C1' A23 C 2 -85.72 33.52 -29.42
N9 A23 C 2 -86.43 32.47 -30.07
C8 A23 C 2 -87.74 32.28 -30.04
N7 A23 C 2 -88.04 31.22 -30.76
C5 A23 C 2 -86.91 30.71 -31.27
C6 A23 C 2 -86.57 29.62 -32.09
N6 A23 C 2 -87.61 28.74 -32.59
N1 A23 C 2 -85.30 29.39 -32.41
C2 A23 C 2 -84.35 30.19 -31.96
N3 A23 C 2 -84.61 31.23 -31.19
C4 A23 C 2 -85.88 31.51 -30.82
PC A23 D 2 -86.53 40.54 -20.93
O1C A23 D 2 -86.26 39.45 -19.72
O2C A23 D 2 -87.97 40.59 -21.21
P A23 D 2 -82.07 42.67 -25.23
OP1 A23 D 2 -81.69 44.13 -25.17
OP2 A23 D 2 -81.28 41.86 -24.22
O5' A23 D 2 -83.70 42.49 -25.01
C5' A23 D 2 -84.19 41.28 -24.47
C4' A23 D 2 -84.30 41.42 -23.01
O4' A23 D 2 -83.63 42.94 -22.48
C3' A23 D 2 -85.53 41.43 -22.64
O3' A23 D 2 -85.89 40.19 -22.00
C2' A23 D 2 -85.63 42.61 -21.41
O2' A23 D 2 -86.04 42.01 -20.42
C1' A23 D 2 -84.18 43.08 -21.21
N9 A23 D 2 -84.15 44.44 -20.78
C8 A23 D 2 -84.62 45.48 -21.44
N7 A23 D 2 -84.40 46.57 -20.72
C5 A23 D 2 -83.79 46.23 -19.58
C6 A23 D 2 -83.31 46.91 -18.44
N6 A23 D 2 -83.45 48.35 -18.34
N1 A23 D 2 -82.72 46.24 -17.46
C2 A23 D 2 -82.60 44.93 -17.55
N3 A23 D 2 -83.03 44.23 -18.59
C4 A23 D 2 -83.62 44.86 -19.61
N MET E 1 36.34 1.81 73.94
CA MET E 1 37.27 2.52 74.82
C MET E 1 37.12 4.03 74.69
N ARG E 2 37.84 4.77 75.54
CA ARG E 2 37.67 6.22 75.69
C ARG E 2 39.04 6.85 75.91
N ILE E 3 39.61 7.40 74.86
CA ILE E 3 40.92 8.03 74.93
C ILE E 3 40.75 9.51 75.27
N LEU E 4 41.50 9.98 76.25
CA LEU E 4 41.60 11.40 76.58
C LEU E 4 42.85 11.97 75.93
N LEU E 5 42.70 13.07 75.20
CA LEU E 5 43.78 13.74 74.50
C LEU E 5 43.78 15.21 74.91
N CYS E 6 44.91 15.70 75.44
CA CYS E 6 44.99 17.06 75.96
C CYS E 6 46.41 17.60 75.81
N SER E 7 46.52 18.91 75.72
CA SER E 7 47.81 19.59 75.68
C SER E 7 48.21 20.07 77.07
N VAL E 8 49.51 20.34 77.21
CA VAL E 8 50.09 20.89 78.43
C VAL E 8 50.85 22.16 78.07
N GLY E 9 50.50 23.26 78.71
CA GLY E 9 51.28 24.47 78.61
C GLY E 9 52.27 24.52 79.76
N THR E 10 52.28 25.62 80.50
CA THR E 10 53.08 25.68 81.73
C THR E 10 52.34 25.09 82.92
N SER E 11 51.06 24.76 82.77
CA SER E 11 50.24 24.20 83.86
C SER E 11 50.11 22.70 83.61
N TRP E 12 50.94 21.91 84.28
CA TRP E 12 50.86 20.46 84.19
C TRP E 12 49.59 19.90 84.82
N ALA E 13 48.92 20.70 85.66
CA ALA E 13 47.72 20.24 86.35
C ALA E 13 46.53 20.04 85.41
N VAL E 14 46.64 20.44 84.15
CA VAL E 14 45.53 20.29 83.21
C VAL E 14 45.15 18.83 83.06
N VAL E 15 46.14 17.95 82.84
CA VAL E 15 45.84 16.54 82.59
C VAL E 15 45.20 15.86 83.79
N PRO E 16 45.74 15.94 85.02
CA PRO E 16 45.07 15.26 86.14
C PRO E 16 43.66 15.75 86.38
N GLU E 17 43.40 17.04 86.19
CA GLU E 17 42.04 17.55 86.29
C GLU E 17 41.16 16.98 85.18
N ALA E 18 41.69 16.91 83.95
CA ALA E 18 40.90 16.47 82.82
C ALA E 18 40.49 15.01 82.90
N MET E 19 41.20 14.19 83.67
CA MET E 19 40.83 12.79 83.80
C MET E 19 39.53 12.57 84.56
N GLN E 20 39.06 13.57 85.31
CA GLN E 20 37.87 13.45 86.12
C GLN E 20 36.63 14.00 85.42
N LEU E 21 36.67 14.11 84.09
CA LEU E 21 35.47 14.51 83.36
C LEU E 21 34.35 13.48 83.53
N LEU E 22 34.68 12.21 83.40
CA LEU E 22 33.69 11.14 83.50
C LEU E 22 33.50 10.64 84.93
N GLY E 23 34.33 11.08 85.87
CA GLY E 23 34.17 10.70 87.26
C GLY E 23 35.11 9.59 87.69
N SER E 24 34.58 8.66 88.49
CA SER E 24 35.42 7.56 88.99
C SER E 24 35.74 6.55 87.89
N GLN E 25 34.92 6.49 86.84
CA GLN E 25 35.17 5.52 85.77
C GLN E 25 36.44 5.88 84.99
N GLY E 26 36.67 7.17 84.76
CA GLY E 26 37.92 7.59 84.12
C GLY E 26 38.01 7.22 82.65
N PHE E 27 39.25 7.29 82.14
CA PHE E 27 39.55 7.05 80.75
C PHE E 27 40.42 5.80 80.61
N ASP E 28 40.12 5.00 79.59
CA ASP E 28 40.94 3.81 79.32
C ASP E 28 42.35 4.21 78.89
N GLU E 29 42.48 5.25 78.06
CA GLU E 29 43.77 5.76 77.66
C GLU E 29 43.79 7.28 77.84
N VAL E 30 44.94 7.81 78.22
CA VAL E 30 45.15 9.25 78.35
C VAL E 30 46.49 9.55 77.69
N HIS E 31 46.46 10.21 76.54
CA HIS E 31 47.66 10.61 75.82
C HIS E 31 47.82 12.12 75.86
N VAL E 32 49.06 12.56 76.01
CA VAL E 32 49.38 13.97 76.26
C VAL E 32 50.32 14.45 75.15
N LEU E 33 49.99 15.60 74.57
CA LEU E 33 50.86 16.26 73.60
C LEU E 33 51.45 17.51 74.23
N THR E 34 52.76 17.70 74.07
CA THR E 34 53.48 18.79 74.71
C THR E 34 54.52 19.32 73.75
N THR E 35 54.89 20.58 73.92
CA THR E 35 55.93 21.19 73.10
C THR E 35 57.30 20.97 73.73
N ALA E 36 58.34 21.17 72.92
CA ALA E 36 59.71 20.90 73.35
C ALA E 36 60.33 22.18 73.93
N SER E 37 59.84 22.54 75.11
CA SER E 37 60.30 23.74 75.82
C SER E 37 60.90 23.33 77.16
N SER E 38 61.98 24.02 77.54
CA SER E 38 62.65 23.69 78.80
C SER E 38 61.82 24.13 80.00
N LYS E 39 61.15 25.27 79.90
CA LYS E 39 60.40 25.82 81.03
C LYS E 39 59.17 24.99 81.38
N ILE E 40 58.78 24.04 80.52
CA ILE E 40 57.65 23.16 80.79
C ILE E 40 58.09 21.72 81.00
N SER E 41 59.38 21.42 80.88
CA SER E 41 59.88 20.08 81.19
C SER E 41 59.59 19.65 82.62
N PRO E 42 59.76 20.48 83.65
CA PRO E 42 59.37 20.04 85.01
C PRO E 42 57.91 19.66 85.11
N GLY E 43 57.03 20.29 84.33
CA GLY E 43 55.65 19.86 84.29
C GLY E 43 55.48 18.44 83.79
N VAL E 44 56.31 18.04 82.82
CA VAL E 44 56.28 16.67 82.33
C VAL E 44 56.68 15.69 83.44
N GLU E 45 57.73 16.04 84.20
CA GLU E 45 58.16 15.18 85.30
C GLU E 45 57.08 15.09 86.37
N GLN E 46 56.42 16.20 86.68
CA GLN E 46 55.30 16.17 87.60
C GLN E 46 54.16 15.33 87.04
N LEU E 47 53.95 15.40 85.72
CA LEU E 47 52.94 14.56 85.09
C LEU E 47 53.30 13.08 85.22
N LEU E 48 54.58 12.74 85.05
CA LEU E 48 55.02 11.36 85.22
C LEU E 48 54.78 10.87 86.63
N ARG E 49 55.06 11.71 87.63
CA ARG E 49 54.85 11.32 89.02
C ARG E 49 53.37 11.06 89.28
N TYR E 50 52.49 11.87 88.69
CA TYR E 50 51.06 11.59 88.78
C TYR E 50 50.72 10.30 88.04
N PHE E 51 51.39 10.02 86.93
CA PHE E 51 51.11 8.81 86.18
C PHE E 51 51.67 7.55 86.86
N GLU E 52 52.73 7.70 87.65
CA GLU E 52 53.28 6.54 88.36
C GLU E 52 52.25 5.97 89.32
N MET E 53 51.54 6.83 90.03
CA MET E 53 50.42 6.41 90.86
C MET E 53 49.14 6.65 90.06
N HIS E 54 47.97 6.41 90.66
CA HIS E 54 46.69 6.31 89.95
C HIS E 54 46.82 5.40 88.72
N PRO E 55 47.21 4.14 88.90
CA PRO E 55 47.43 3.26 87.75
C PRO E 55 46.11 2.79 87.16
N GLY E 56 46.21 2.22 85.96
CA GLY E 56 45.07 1.64 85.28
C GLY E 56 44.87 2.09 83.85
N PRO E 57 45.04 3.37 83.56
CA PRO E 57 45.00 3.83 82.16
C PRO E 57 46.38 3.79 81.51
N ARG E 58 46.37 3.85 80.19
CA ARG E 58 47.58 3.86 79.39
C ARG E 58 47.97 5.30 79.07
N PHE E 59 49.23 5.64 79.30
CA PHE E 59 49.68 7.02 79.28
C PHE E 59 50.78 7.23 78.26
N SER E 60 50.81 8.45 77.70
CA SER E 60 51.89 8.89 76.83
C SER E 60 52.01 10.41 76.95
N ILE E 61 53.24 10.89 77.07
CA ILE E 61 53.51 12.31 77.22
C ILE E 61 54.33 12.75 76.02
N SER E 62 54.04 12.17 74.86
CA SER E 62 54.73 12.50 73.61
C SER E 62 54.86 14.01 73.45
N ARG E 63 56.11 14.45 73.26
CA ARG E 63 56.42 15.87 73.13
C ARG E 63 56.70 16.21 71.67
N VAL E 64 56.26 17.40 71.26
CA VAL E 64 56.42 17.85 69.87
C VAL E 64 57.84 18.37 69.73
N GLN E 65 58.70 17.61 69.07
CA GLN E 65 60.04 18.07 68.78
C GLN E 65 60.01 19.20 67.75
N ASP E 66 61.08 19.98 67.72
CA ASP E 66 61.28 21.12 66.83
C ASP E 66 60.30 22.27 67.10
N PHE E 67 59.63 22.26 68.25
CA PHE E 67 58.73 23.33 68.67
C PHE E 67 59.13 23.74 70.08
N GLU E 68 59.93 24.79 70.19
CA GLU E 68 60.36 25.30 71.49
C GLU E 68 59.40 26.37 72.02
N ASP E 69 59.07 27.34 71.18
CA ASP E 69 58.15 28.41 71.56
C ASP E 69 57.40 28.87 70.31
N LEU E 70 56.24 29.48 70.53
CA LEU E 70 55.45 30.03 69.44
C LEU E 70 56.10 31.34 69.00
N ARG E 71 56.97 31.25 67.99
CA ARG E 71 57.71 32.41 67.52
C ARG E 71 57.12 33.02 66.25
N SER E 72 56.72 32.20 65.29
CA SER E 72 56.20 32.71 64.03
C SER E 72 55.19 31.70 63.48
N GLU E 73 54.79 31.90 62.22
CA GLU E 73 53.81 31.02 61.59
C GLU E 73 54.35 29.64 61.34
N GLN E 74 55.67 29.51 61.14
CA GLN E 74 56.25 28.20 60.84
C GLN E 74 56.12 27.25 62.03
N ASP E 75 56.08 27.80 63.25
CA ASP E 75 55.93 26.95 64.42
C ASP E 75 54.53 26.38 64.52
N HIS E 76 53.50 27.21 64.34
CA HIS E 76 52.12 26.74 64.46
C HIS E 76 51.81 25.70 63.40
N MET E 77 52.24 25.93 62.16
CA MET E 77 51.99 24.96 61.09
C MET E 77 52.77 23.67 61.32
N LEU E 78 53.91 23.74 62.01
CA LEU E 78 54.61 22.53 62.41
C LEU E 78 53.84 21.77 63.48
N PHE E 79 53.30 22.49 64.47
CA PHE E 79 52.55 21.85 65.55
C PHE E 79 51.26 21.22 65.03
N GLU E 80 50.56 21.90 64.13
CA GLU E 80 49.29 21.39 63.63
C GLU E 80 49.47 20.07 62.88
N GLU E 81 50.52 19.99 62.06
CA GLU E 81 50.79 18.75 61.34
C GLU E 81 51.10 17.60 62.29
N VAL E 82 51.88 17.87 63.33
CA VAL E 82 52.17 16.84 64.32
C VAL E 82 50.90 16.45 65.07
N LEU E 83 50.09 17.43 65.43
CA LEU E 83 48.85 17.16 66.15
C LEU E 83 47.90 16.28 65.35
N TRP E 84 47.68 16.63 64.08
CA TRP E 84 46.76 15.85 63.26
C TRP E 84 47.25 14.41 63.09
N ARG E 85 48.56 14.24 62.90
CA ARG E 85 49.13 12.90 62.91
C ARG E 85 49.04 12.27 64.31
N TRP E 86 49.26 13.08 65.35
CA TRP E 86 49.15 12.58 66.72
C TRP E 86 47.72 12.19 67.04
N LEU E 87 46.75 12.96 66.54
CA LEU E 87 45.34 12.63 66.78
C LEU E 87 44.97 11.30 66.13
N LEU E 88 45.47 11.05 64.91
CA LEU E 88 45.15 9.81 64.22
C LEU E 88 45.81 8.61 64.86
N GLN E 89 47.02 8.77 65.40
CA GLN E 89 47.76 7.63 65.94
C GLN E 89 47.28 7.25 67.33
N ARG E 90 47.14 8.24 68.23
CA ARG E 90 46.78 7.95 69.60
C ARG E 90 45.31 7.57 69.77
N ALA E 91 44.47 7.87 68.79
CA ALA E 91 43.05 7.53 68.84
C ALA E 91 42.49 7.48 67.44
N PRO E 92 42.66 6.36 66.74
CA PRO E 92 42.13 6.25 65.37
C PRO E 92 40.65 5.93 65.34
N GLN E 93 39.87 6.64 66.16
CA GLN E 93 38.43 6.42 66.25
C GLN E 93 37.78 7.72 66.71
N ALA E 94 36.94 8.31 65.87
CA ALA E 94 36.29 9.57 66.23
C ALA E 94 35.33 9.40 67.40
N ALA E 95 34.60 8.28 67.44
CA ALA E 95 33.62 8.06 68.50
C ALA E 95 34.29 7.80 69.84
N HIS E 96 35.59 7.52 69.86
CA HIS E 96 36.31 7.23 71.08
C HIS E 96 37.30 8.33 71.46
N ARG E 97 37.11 9.54 70.94
CA ARG E 97 38.04 10.65 71.13
C ARG E 97 37.48 11.62 72.16
N TYR E 98 38.33 12.01 73.12
CA TYR E 98 38.00 13.04 74.10
C TYR E 98 39.14 14.05 74.12
N ILE E 99 38.89 15.25 73.63
CA ILE E 99 39.91 16.27 73.43
C ILE E 99 39.68 17.42 74.42
N CYS E 100 40.71 17.74 75.19
CA CYS E 100 40.71 18.87 76.10
C CYS E 100 41.65 19.94 75.54
N LEU E 101 41.18 21.19 75.53
CA LEU E 101 41.96 22.30 75.01
C LEU E 101 42.44 23.24 76.11
N ALA E 102 42.52 22.76 77.35
CA ALA E 102 42.93 23.60 78.47
C ALA E 102 44.42 23.93 78.45
N GLY E 103 45.20 23.31 77.57
CA GLY E 103 46.60 23.65 77.45
C GLY E 103 46.80 25.06 76.93
N GLY E 104 48.02 25.56 77.10
CA GLY E 104 48.33 26.93 76.77
C GLY E 104 48.48 27.17 75.29
N TYR E 105 49.04 28.33 74.95
CA TYR E 105 49.25 28.72 73.57
C TYR E 105 47.94 28.73 72.79
N LYS E 106 47.06 29.70 73.11
CA LYS E 106 45.67 29.72 72.67
C LYS E 106 45.46 29.18 71.26
N THR E 107 46.40 29.45 70.35
CA THR E 107 46.35 28.83 69.03
C THR E 107 46.33 27.31 69.13
N ILE E 108 47.17 26.75 70.00
CA ILE E 108 47.14 25.30 70.24
C ILE E 108 45.80 24.89 70.82
N SER E 109 45.28 25.67 71.76
CA SER E 109 43.93 25.42 72.26
C SER E 109 42.90 25.59 71.15
N ALA E 110 43.07 26.62 70.32
CA ALA E 110 42.20 26.75 69.14
C ALA E 110 42.46 25.64 68.14
N ALA E 111 43.69 25.13 68.08
CA ALA E 111 43.96 23.98 67.22
C ALA E 111 43.28 22.72 67.75
N MET E 112 43.14 22.59 69.07
CA MET E 112 42.47 21.42 69.63
C MET E 112 41.03 21.32 69.12
N GLN E 113 40.30 22.43 69.16
CA GLN E 113 38.95 22.44 68.60
C GLN E 113 39.00 22.30 67.08
N ARG E 114 40.02 22.88 66.43
CA ARG E 114 40.12 22.78 64.99
C ARG E 114 40.51 21.37 64.55
N ALA E 115 41.44 20.74 65.27
CA ALA E 115 41.78 19.35 64.96
C ALA E 115 40.59 18.44 65.15
N ALA E 116 39.81 18.68 66.21
CA ALA E 116 38.56 17.95 66.38
C ALA E 116 37.52 18.37 65.36
N ALA E 117 37.63 19.60 64.85
CA ALA E 117 36.69 20.09 63.85
C ALA E 117 36.81 19.31 62.55
N LEU E 118 37.94 18.65 62.32
CA LEU E 118 38.18 18.03 61.03
C LEU E 118 37.97 16.53 61.08
N PHE E 119 38.51 15.87 62.10
CA PHE E 119 38.51 14.42 62.19
C PHE E 119 37.41 13.86 63.08
N GLY E 120 36.68 14.71 63.76
CA GLY E 120 35.59 14.25 64.60
C GLY E 120 36.03 13.98 66.03
N ALA E 121 35.11 14.18 66.96
CA ALA E 121 35.42 13.98 68.37
C ALA E 121 34.15 13.64 69.12
N CYS E 122 34.25 12.66 70.03
CA CYS E 122 33.11 12.31 70.86
C CYS E 122 32.80 13.40 71.87
N GLU E 123 33.82 14.14 72.30
CA GLU E 123 33.62 15.25 73.21
C GLU E 123 34.82 16.19 73.13
N VAL E 124 34.54 17.49 73.13
CA VAL E 124 35.55 18.53 73.28
C VAL E 124 35.18 19.34 74.51
N PHE E 125 36.12 19.50 75.44
CA PHE E 125 35.82 20.11 76.73
C PHE E 125 36.99 20.93 77.21
N HIS E 126 36.70 21.85 78.13
CA HIS E 126 37.69 22.70 78.79
C HIS E 126 37.49 22.59 80.29
N VAL E 127 38.60 22.50 81.02
CA VAL E 127 38.58 22.31 82.47
C VAL E 127 39.03 23.60 83.15
N LEU E 128 38.31 23.98 84.20
CA LEU E 128 38.60 25.19 84.96
C LEU E 128 38.71 24.85 86.43
N CYS E 129 39.64 25.51 87.11
CA CYS E 129 39.91 25.25 88.53
C CYS E 129 39.70 26.53 89.34
N GLU E 130 39.07 26.37 90.49
CA GLU E 130 38.83 27.52 91.36
C GLU E 130 40.14 27.95 92.02
N PRO E 131 40.47 29.24 91.99
CA PRO E 131 41.74 29.69 92.58
C PRO E 131 41.72 29.75 94.09
N ARG E 132 41.72 28.59 94.75
CA ARG E 132 41.72 28.52 96.20
C ARG E 132 42.71 27.46 96.68
N PHE E 133 43.91 27.45 96.09
CA PHE E 133 44.93 26.49 96.45
C PHE E 133 46.28 27.19 96.50
N GLY E 134 47.21 26.60 97.26
CA GLY E 134 48.53 27.16 97.44
C GLY E 134 48.53 28.26 98.47
N PRO E 135 49.62 29.06 98.51
CA PRO E 135 49.78 30.15 99.47
C PRO E 135 48.74 31.25 99.27
N ALA E 141 45.33 25.07 91.55
CA ALA E 141 46.13 23.88 91.83
C ALA E 141 47.33 23.79 90.89
N SER E 142 48.53 23.81 91.47
CA SER E 142 49.76 23.74 90.69
C SER E 142 50.70 22.62 91.10
N THR E 143 50.60 22.11 92.32
CA THR E 143 51.44 21.03 92.79
C THR E 143 50.63 19.74 92.89
N LEU E 144 51.34 18.63 93.13
CA LEU E 144 50.68 17.33 93.21
C LEU E 144 49.69 17.28 94.37
N GLU E 145 50.07 17.81 95.53
CA GLU E 145 49.17 17.82 96.68
C GLU E 145 47.95 18.69 96.42
N GLU E 146 48.15 19.85 95.79
CA GLU E 146 47.03 20.74 95.50
C GLU E 146 46.07 20.11 94.49
N VAL E 147 46.57 19.29 93.58
CA VAL E 147 45.69 18.63 92.61
C VAL E 147 44.80 17.62 93.30
N GLU E 148 45.35 16.86 94.26
CA GLU E 148 44.57 15.82 94.93
C GLU E 148 43.40 16.42 95.69
N GLN E 149 43.62 17.52 96.40
CA GLN E 149 42.53 18.14 97.15
C GLN E 149 41.55 18.85 96.24
N ALA E 150 42.01 19.31 95.07
CA ALA E 150 41.09 19.89 94.11
C ALA E 150 40.09 18.87 93.61
N ILE E 151 40.54 17.64 93.35
CA ILE E 151 39.64 16.59 92.88
C ILE E 151 38.67 16.19 93.99
N ALA E 152 39.18 16.04 95.22
CA ALA E 152 38.34 15.60 96.32
C ALA E 152 37.28 16.64 96.67
N THR E 153 37.64 17.92 96.64
CA THR E 153 36.73 18.99 97.03
C THR E 153 35.85 19.48 95.88
N ASN E 154 35.97 18.87 94.70
CA ASN E 154 35.13 19.19 93.55
C ASN E 154 35.21 20.68 93.19
N ALA E 155 36.42 21.09 92.81
CA ALA E 155 36.70 22.47 92.44
C ALA E 155 36.74 22.68 90.93
N LEU E 156 36.28 21.70 90.15
CA LEU E 156 36.32 21.78 88.70
C LEU E 156 34.91 22.02 88.13
N ARG E 157 34.89 22.64 86.96
CA ARG E 157 33.64 23.03 86.30
C ARG E 157 33.27 22.15 85.12
N PHE E 158 34.25 21.79 84.28
CA PHE E 158 34.08 20.83 83.20
C PHE E 158 33.00 21.28 82.21
N VAL E 159 33.30 22.39 81.53
CA VAL E 159 32.45 22.83 80.43
C VAL E 159 32.76 22.01 79.18
N ARG E 160 31.72 21.46 78.56
CA ARG E 160 31.86 20.56 77.43
C ARG E 160 31.35 21.26 76.17
N LEU E 161 32.23 21.43 75.19
CA LEU E 161 31.85 22.12 73.96
C LEU E 161 30.93 21.28 73.08
N GLY E 162 30.81 19.98 73.34
CA GLY E 162 29.88 19.15 72.63
C GLY E 162 30.53 18.17 71.68
N PRO E 163 29.82 17.07 71.39
CA PRO E 163 30.34 16.10 70.43
C PRO E 163 30.35 16.69 69.02
N GLU E 164 31.27 16.18 68.20
CA GLU E 164 31.37 16.64 66.82
C GLU E 164 31.45 15.48 65.85
N PRO E 165 30.70 15.49 64.76
CA PRO E 165 30.82 14.40 63.77
C PRO E 165 32.11 14.43 62.99
N GLY E 166 32.60 15.61 62.61
CA GLY E 166 33.75 15.71 61.75
C GLY E 166 33.38 15.71 60.27
N TRP E 167 34.39 15.60 59.43
CA TRP E 167 34.02 15.63 58.02
C TRP E 167 34.10 14.23 57.40
N PRO E 168 33.14 13.89 56.54
CA PRO E 168 32.99 12.48 56.13
C PRO E 168 34.21 11.89 55.48
N GLN E 169 34.93 12.63 54.64
CA GLN E 169 36.11 12.11 53.97
C GLN E 169 37.41 12.48 54.69
N LEU E 170 37.32 13.12 55.86
CA LEU E 170 38.49 13.40 56.67
C LEU E 170 38.64 12.44 57.85
N ARG E 171 37.54 11.91 58.37
CA ARG E 171 37.58 10.98 59.49
C ARG E 171 37.92 9.56 59.06
N LEU E 172 38.02 9.31 57.76
CA LEU E 172 38.45 8.01 57.25
C LEU E 172 39.96 7.88 57.18
N LEU E 173 40.71 8.95 57.43
CA LEU E 173 42.16 8.89 57.42
C LEU E 173 42.68 8.08 58.60
N SER E 174 43.80 7.42 58.39
CA SER E 174 44.38 6.54 59.40
C SER E 174 45.85 6.87 59.60
N ALA E 175 46.38 6.44 60.75
CA ALA E 175 47.75 6.76 61.12
C ALA E 175 48.81 6.26 60.13
N PRO E 176 48.75 5.03 59.60
CA PRO E 176 49.83 4.59 58.72
C PRO E 176 50.02 5.45 57.48
N SER E 177 48.97 6.11 57.01
CA SER E 177 49.11 6.99 55.84
C SER E 177 50.03 8.17 56.16
N PHE E 178 49.92 8.73 57.37
CA PHE E 178 50.72 9.87 57.80
C PHE E 178 51.35 9.52 59.14
N PRO E 179 52.42 8.74 59.14
CA PRO E 179 53.01 8.27 60.40
C PRO E 179 53.82 9.35 61.10
N LEU E 180 54.03 9.13 62.40
CA LEU E 180 54.93 9.94 63.20
C LEU E 180 56.18 9.14 63.52
N GLU E 181 57.33 9.73 63.25
CA GLU E 181 58.61 9.18 63.69
C GLU E 181 58.88 9.67 65.11
N SER E 182 59.02 8.73 66.04
CA SER E 182 59.15 9.04 67.45
C SER E 182 60.43 8.43 68.01
N THR E 183 61.13 9.21 68.83
CA THR E 183 62.34 8.76 69.50
C THR E 183 62.06 8.70 71.00
N LEU E 184 62.31 7.55 71.61
CA LEU E 184 62.01 7.36 73.01
C LEU E 184 63.13 7.95 73.88
N GLN E 185 62.74 8.77 74.85
CA GLN E 185 63.66 9.34 75.84
C GLN E 185 63.04 9.03 77.19
N GLY E 186 63.39 7.86 77.75
CA GLY E 186 62.75 7.36 78.94
C GLY E 186 61.30 7.00 78.65
N PRO E 187 60.39 7.52 79.47
CA PRO E 187 58.96 7.29 79.26
C PRO E 187 58.26 8.34 78.40
N VAL E 188 59.01 9.21 77.74
CA VAL E 188 58.46 10.34 76.99
C VAL E 188 58.82 10.17 75.51
N HIS E 189 57.81 10.28 74.65
CA HIS E 189 58.04 10.23 73.21
C HIS E 189 58.41 11.62 72.69
N TRP E 190 59.22 11.64 71.64
CA TRP E 190 59.61 12.87 70.95
C TRP E 190 59.23 12.71 69.49
N VAL E 191 58.09 13.28 69.10
CA VAL E 191 57.50 13.07 67.79
C VAL E 191 57.77 14.26 66.90
N ARG E 192 57.93 13.99 65.61
CA ARG E 192 58.09 15.03 64.60
C ARG E 192 57.55 14.51 63.28
N ALA E 193 57.21 15.44 62.39
CA ALA E 193 56.63 15.12 61.10
C ALA E 193 57.69 15.25 60.00
N SER E 194 57.77 14.24 59.14
CA SER E 194 58.72 14.27 58.04
C SER E 194 58.43 15.42 57.08
N ASP E 195 57.17 15.62 56.74
CA ASP E 195 56.77 16.68 55.82
C ASP E 195 55.38 17.16 56.23
N MET E 196 54.72 17.88 55.31
CA MET E 196 53.42 18.48 55.59
C MET E 196 52.31 17.82 54.77
N ARG E 197 52.42 16.51 54.53
CA ARG E 197 51.48 15.83 53.66
C ARG E 197 50.07 15.83 54.24
N LEU E 198 49.94 15.63 55.55
CA LEU E 198 48.61 15.58 56.15
C LEU E 198 47.89 16.92 56.02
N ARG E 199 48.58 18.03 56.27
CA ARG E 199 47.96 19.34 56.07
C ARG E 199 47.61 19.56 54.60
N GLN E 200 48.53 19.19 53.69
CA GLN E 200 48.26 19.36 52.27
C GLN E 200 47.09 18.51 51.82
N HIS E 201 47.00 17.27 52.31
CA HIS E 201 45.85 16.43 52.00
C HIS E 201 44.58 17.01 52.58
N VAL E 202 44.63 17.49 53.83
CA VAL E 202 43.45 18.09 54.45
C VAL E 202 43.02 19.36 53.73
N GLU E 203 44.00 20.20 53.38
CA GLU E 203 43.67 21.46 52.70
C GLU E 203 42.99 21.20 51.35
N GLY E 204 43.47 20.20 50.61
CA GLY E 204 42.82 19.84 49.36
C GLY E 204 41.41 19.32 49.57
N VAL E 205 41.19 18.60 50.66
CA VAL E 205 39.86 18.09 50.97
C VAL E 205 38.89 19.24 51.24
N LEU E 206 39.29 20.17 52.11
CA LEU E 206 38.41 21.29 52.44
C LEU E 206 38.16 22.17 51.23
N GLU E 207 39.21 22.44 50.44
CA GLU E 207 39.03 23.27 49.25
C GLU E 207 38.09 22.59 48.26
N ARG E 208 38.24 21.28 48.06
CA ARG E 208 37.32 20.55 47.19
C ARG E 208 35.91 20.53 47.77
N SER E 209 35.80 20.34 49.09
CA SER E 209 34.48 20.30 49.73
C SER E 209 33.76 21.64 49.58
N ARG E 210 34.49 22.74 49.69
CA ARG E 210 33.89 24.05 49.51
C ARG E 210 33.38 24.22 48.08
N HIS E 211 34.12 23.70 47.10
CA HIS E 211 33.70 23.82 45.71
C HIS E 211 32.39 23.08 45.45
N ILE E 212 32.26 21.87 46.00
CA ILE E 212 31.03 21.09 45.79
C ILE E 212 29.84 21.79 46.43
N LEU E 213 30.01 22.27 47.66
CA LEU E 213 28.90 22.91 48.35
C LEU E 213 28.54 24.25 47.71
N ALA E 214 29.51 24.94 47.10
CA ALA E 214 29.20 26.18 46.39
C ALA E 214 28.41 25.90 45.12
N ALA E 215 28.78 24.86 44.39
CA ALA E 215 28.12 24.49 43.15
C ALA E 215 26.98 23.51 43.37
N TRP E 216 26.65 23.22 44.62
CA TRP E 216 25.60 22.24 44.92
C TRP E 216 24.24 22.69 44.41
N GLU E 217 23.95 23.99 44.52
CA GLU E 217 22.62 24.48 44.14
C GLU E 217 22.35 24.26 42.66
N GLY E 218 23.31 24.58 41.80
CA GLY E 218 23.13 24.42 40.37
C GLY E 218 23.63 23.09 39.86
N ILE E 219 23.38 22.02 40.61
CA ILE E 219 23.87 20.70 40.22
C ILE E 219 23.15 20.19 38.99
N SER E 220 21.88 20.55 38.81
CA SER E 220 21.14 20.07 37.66
C SER E 220 21.52 20.80 36.36
N GLU E 221 22.11 21.98 36.47
CA GLU E 221 22.48 22.78 35.30
C GLU E 221 23.80 22.33 34.69
N LEU E 222 24.57 21.51 35.40
CA LEU E 222 25.86 21.04 34.90
C LEU E 222 25.67 19.76 34.12
N PRO E 223 26.05 19.72 32.84
CA PRO E 223 25.87 18.49 32.06
C PRO E 223 26.63 17.30 32.63
N ILE E 224 27.81 17.53 33.17
CA ILE E 224 28.63 16.50 33.81
C ILE E 224 28.62 16.78 35.31
N PRO E 225 28.09 15.88 36.14
CA PRO E 225 28.01 16.17 37.58
C PRO E 225 29.35 16.35 38.25
N ALA E 226 30.43 15.82 37.68
CA ALA E 226 31.76 15.97 38.26
C ALA E 226 32.25 17.42 38.23
N LEU E 227 31.61 18.29 37.47
CA LEU E 227 32.02 19.69 37.39
C LEU E 227 31.71 20.46 38.67
N ALA E 228 30.89 19.92 39.57
CA ALA E 228 30.60 20.62 40.81
C ALA E 228 31.81 20.69 41.73
N ALA E 229 32.78 19.82 41.54
CA ALA E 229 34.03 19.90 42.30
C ALA E 229 34.97 20.97 41.78
N TRP E 230 34.63 21.62 40.66
CA TRP E 230 35.47 22.67 40.11
C TRP E 230 35.41 23.91 41.00
N PRO E 231 36.47 24.71 41.01
CA PRO E 231 36.40 25.99 41.71
C PRO E 231 35.35 26.89 41.08
N PRO E 232 34.71 27.75 41.87
CA PRO E 232 33.67 28.62 41.31
C PRO E 232 34.17 29.52 40.18
N SER E 233 35.43 29.93 40.21
CA SER E 233 35.96 30.73 39.11
C SER E 233 36.06 29.89 37.84
N HIS E 234 36.38 28.61 37.97
CA HIS E 234 36.41 27.73 36.80
C HIS E 234 35.01 27.51 36.24
N LEU E 235 34.00 27.45 37.10
CA LEU E 235 32.63 27.30 36.62
C LEU E 235 32.12 28.57 35.96
N ARG E 236 32.55 29.75 36.45
CA ARG E 236 32.22 30.98 35.75
C ARG E 236 32.91 31.05 34.40
N TRP E 237 34.09 30.44 34.28
CA TRP E 237 34.76 30.31 32.99
C TRP E 237 33.94 29.46 32.04
N LEU E 238 33.31 28.40 32.56
CA LEU E 238 32.51 27.52 31.71
C LEU E 238 31.35 28.26 31.07
N HIS E 239 30.75 29.21 31.78
CA HIS E 239 29.61 29.95 31.25
C HIS E 239 30.03 31.11 30.36
N GLU E 240 31.32 31.41 30.26
CA GLU E 240 31.80 32.43 29.34
C GLU E 240 31.82 31.87 27.92
N PRO E 241 31.74 32.74 26.90
CA PRO E 241 31.77 32.25 25.52
C PRO E 241 33.09 31.58 25.16
N LEU E 242 32.99 30.60 24.28
CA LEU E 242 34.17 29.86 23.83
C LEU E 242 35.05 30.73 22.96
N ASP E 243 36.37 30.61 23.16
CA ASP E 243 37.35 31.37 22.38
C ASP E 243 38.07 30.43 21.43
N PRO E 244 37.90 30.55 20.13
CA PRO E 244 38.49 29.58 19.20
C PRO E 244 40.01 29.51 19.26
N VAL E 245 40.68 30.58 19.67
CA VAL E 245 42.14 30.61 19.68
C VAL E 245 42.70 30.28 21.05
N GLN E 246 42.13 30.88 22.11
CA GLN E 246 42.61 30.66 23.46
C GLN E 246 42.15 29.34 24.06
N ASP E 247 41.10 28.72 23.53
CA ASP E 247 40.58 27.48 24.07
C ASP E 247 40.95 26.27 23.21
N LYS E 248 41.96 26.41 22.35
CA LYS E 248 42.38 25.29 21.51
C LYS E 248 42.87 24.12 22.36
N ALA E 249 43.70 24.41 23.37
CA ALA E 249 44.28 23.33 24.17
C ALA E 249 43.23 22.66 25.04
N TRP E 250 42.28 23.43 25.56
CA TRP E 250 41.23 22.84 26.40
C TRP E 250 40.31 21.95 25.57
N VAL E 251 39.91 22.43 24.39
CA VAL E 251 39.05 21.63 23.53
C VAL E 251 39.79 20.38 23.04
N GLN E 252 41.08 20.52 22.74
CA GLN E 252 41.87 19.38 22.28
C GLN E 252 41.95 18.29 23.33
N ALA E 253 42.12 18.67 24.60
CA ALA E 253 42.22 17.70 25.68
C ALA E 253 40.86 17.14 26.10
N LEU E 254 39.77 17.68 25.58
CA LEU E 254 38.45 17.20 25.96
C LEU E 254 38.26 15.76 25.48
N PRO E 255 37.78 14.86 26.33
CA PRO E 255 37.31 13.56 25.84
C PRO E 255 36.04 13.73 25.05
N LYS E 256 36.08 13.43 23.76
CA LYS E 256 34.98 13.72 22.85
C LYS E 256 34.28 12.44 22.43
N VAL E 257 33.10 12.61 21.86
CA VAL E 257 32.32 11.52 21.28
C VAL E 257 32.10 11.83 19.81
N GLU E 258 32.38 10.85 18.95
CA GLU E 258 32.20 10.98 17.52
C GLU E 258 31.07 10.06 17.06
N LEU E 259 30.05 10.65 16.44
CA LEU E 259 28.88 9.91 15.99
C LEU E 259 28.67 9.92 14.49
N HIS E 260 29.37 10.77 13.76
CA HIS E 260 29.22 10.89 12.31
C HIS E 260 30.60 11.02 11.70
N CYS E 261 31.19 9.89 11.34
CA CYS E 261 32.54 9.84 10.78
C CYS E 261 32.56 8.73 9.73
N HIS E 262 32.82 9.11 8.48
CA HIS E 262 32.87 8.13 7.39
C HIS E 262 34.28 7.57 7.27
N LEU E 263 34.37 6.24 7.18
CA LEU E 263 35.66 5.58 7.03
C LEU E 263 36.30 5.95 5.69
N GLY E 264 35.50 6.03 4.64
CA GLY E 264 36.02 6.30 3.31
C GLY E 264 36.44 7.73 3.05
N GLY E 265 36.18 8.64 3.98
CA GLY E 265 36.58 10.02 3.79
C GLY E 265 37.65 10.48 4.75
N PHE E 266 38.59 9.60 5.11
CA PHE E 266 39.59 9.89 6.13
C PHE E 266 40.93 10.31 5.54
N ALA E 267 41.50 9.49 4.66
CA ALA E 267 42.82 9.78 4.08
C ALA E 267 42.64 9.98 2.58
N THR E 268 42.21 11.18 2.21
CA THR E 268 41.83 11.46 0.83
C THR E 268 42.86 12.27 0.05
N HIS E 269 43.78 12.93 0.75
CA HIS E 269 44.85 13.69 0.11
C HIS E 269 45.96 13.90 1.12
N GLY E 270 47.04 14.51 0.67
CA GLY E 270 48.15 14.83 1.55
C GLY E 270 48.96 13.61 1.95
N GLU E 271 49.59 13.72 3.11
CA GLU E 271 50.48 12.66 3.58
C GLU E 271 49.70 11.42 4.00
N LEU E 272 48.50 11.59 4.53
CA LEU E 272 47.72 10.44 4.98
C LEU E 272 47.30 9.55 3.82
N LEU E 273 46.94 10.16 2.68
CA LEU E 273 46.55 9.38 1.52
C LEU E 273 47.72 8.54 1.01
N HIS E 274 48.92 9.10 1.04
CA HIS E 274 50.09 8.34 0.60
C HIS E 274 50.43 7.21 1.56
N LYS E 275 50.24 7.41 2.86
CA LYS E 275 50.49 6.34 3.83
C LYS E 275 49.57 5.16 3.58
N VAL E 276 48.30 5.43 3.27
CA VAL E 276 47.39 4.33 2.94
C VAL E 276 47.83 3.65 1.65
N ARG E 277 48.22 4.42 0.65
CA ARG E 277 48.66 3.84 -0.62
C ARG E 277 49.94 3.02 -0.44
N GLN E 278 50.88 3.50 0.38
CA GLN E 278 52.12 2.77 0.59
C GLN E 278 51.92 1.41 1.24
N GLU E 279 50.77 1.17 1.86
CA GLU E 279 50.50 -0.11 2.52
C GLU E 279 49.66 -1.04 1.66
N ALA E 280 49.48 -0.72 0.39
CA ALA E 280 48.71 -1.58 -0.50
C ALA E 280 49.35 -2.96 -0.61
N ALA E 281 48.53 -4.00 -0.52
CA ALA E 281 49.02 -5.36 -0.73
C ALA E 281 49.36 -5.61 -2.19
N ASN E 282 48.74 -4.86 -3.11
CA ASN E 282 48.97 -5.00 -4.54
C ASN E 282 49.27 -3.62 -5.12
N PRO E 283 50.52 -3.14 -4.96
CA PRO E 283 50.85 -1.81 -5.47
C PRO E 283 50.66 -1.67 -6.97
N GLU E 284 50.85 -2.75 -7.73
CA GLU E 284 50.65 -2.68 -9.18
C GLU E 284 49.21 -2.40 -9.56
N SER E 285 48.25 -2.75 -8.70
CA SER E 285 46.83 -2.51 -8.96
C SER E 285 46.35 -1.19 -8.39
N LEU E 286 47.23 -0.39 -7.80
CA LEU E 286 46.82 0.89 -7.24
C LEU E 286 46.39 1.85 -8.34
N PRO E 287 45.22 2.47 -8.22
CA PRO E 287 44.82 3.47 -9.21
C PRO E 287 45.74 4.68 -9.12
N PRO E 288 45.98 5.36 -10.24
CA PRO E 288 46.80 6.58 -10.20
C PRO E 288 46.15 7.65 -9.35
N VAL E 289 46.98 8.44 -8.69
CA VAL E 289 46.50 9.54 -7.85
C VAL E 289 45.87 10.58 -8.75
N ARG E 290 44.55 10.75 -8.66
CA ARG E 290 43.87 11.73 -9.47
C ARG E 290 44.23 13.14 -9.04
N ALA E 291 44.20 14.06 -10.00
CA ALA E 291 44.48 15.47 -9.74
C ALA E 291 43.20 16.12 -9.23
N ILE E 292 43.10 16.26 -7.91
CA ILE E 292 41.91 16.84 -7.28
C ILE E 292 42.34 18.08 -6.50
N PRO E 293 42.35 19.25 -7.12
CA PRO E 293 42.77 20.46 -6.41
C PRO E 293 41.71 20.90 -5.42
N LEU E 294 42.15 21.22 -4.20
CA LEU E 294 41.22 21.67 -3.17
C LEU E 294 40.77 23.10 -3.46
N PRO E 295 39.56 23.46 -3.04
CA PRO E 295 39.12 24.85 -3.21
C PRO E 295 40.01 25.79 -2.42
N PRO E 296 40.20 27.01 -2.91
CA PRO E 296 41.07 27.96 -2.20
C PRO E 296 40.53 28.27 -0.81
N GLY E 297 41.46 28.44 0.14
CA GLY E 297 41.09 28.73 1.50
C GLY E 297 40.68 27.52 2.31
N TRP E 298 40.83 26.32 1.77
CA TRP E 298 40.45 25.11 2.50
C TRP E 298 41.20 25.03 3.82
N PRO E 299 40.56 24.61 4.91
CA PRO E 299 39.20 24.06 5.01
C PRO E 299 38.09 25.09 5.07
N ILE E 300 38.36 26.38 4.92
CA ILE E 300 37.31 27.40 4.98
C ILE E 300 37.24 28.11 3.63
N PRO E 301 36.47 27.60 2.69
CA PRO E 301 36.44 28.20 1.35
C PRO E 301 35.78 29.57 1.36
N GLU E 302 36.11 30.35 0.33
CA GLU E 302 35.48 31.67 0.17
C GLU E 302 33.98 31.52 -0.08
N GLU E 303 33.60 30.54 -0.89
CA GLU E 303 32.22 30.30 -1.25
C GLU E 303 31.89 28.82 -1.16
N PRO E 304 30.69 28.48 -0.66
CA PRO E 304 30.34 27.06 -0.47
C PRO E 304 30.34 26.31 -1.79
N ILE E 305 30.87 25.09 -1.75
CA ILE E 305 31.14 24.33 -2.96
C ILE E 305 30.05 23.33 -3.32
N GLY E 306 29.07 23.13 -2.44
CA GLY E 306 28.00 22.20 -2.72
C GLY E 306 28.38 20.76 -2.42
N LEU E 307 27.37 19.88 -2.44
CA LEU E 307 27.59 18.48 -2.08
C LEU E 307 28.31 17.72 -3.17
N GLU E 308 27.98 17.98 -4.44
CA GLU E 308 28.60 17.25 -5.53
C GLU E 308 30.10 17.50 -5.59
N ARG E 309 30.51 18.75 -5.45
CA ARG E 309 31.94 19.07 -5.42
C ARG E 309 32.61 18.51 -4.17
N TYR E 310 31.88 18.47 -3.06
CA TYR E 310 32.45 17.98 -1.80
C TYR E 310 32.78 16.48 -1.90
N MET E 311 31.90 15.69 -2.51
CA MET E 311 32.14 14.27 -2.62
C MET E 311 33.28 13.94 -3.58
N ARG E 312 33.47 14.77 -4.62
CA ARG E 312 34.55 14.51 -5.56
C ARG E 312 35.92 14.73 -4.95
N LEU E 313 36.01 15.40 -3.80
CA LEU E 313 37.30 15.61 -3.16
C LEU E 313 37.86 14.34 -2.55
N GLY E 314 37.02 13.34 -2.29
CA GLY E 314 37.46 12.09 -1.71
C GLY E 314 37.62 10.98 -2.74
N ASP E 315 37.71 11.35 -4.01
CA ASP E 315 37.79 10.36 -5.08
C ASP E 315 39.11 9.57 -5.03
N ASN E 316 40.16 10.15 -4.45
CA ASN E 316 41.42 9.42 -4.30
C ASN E 316 41.34 8.30 -3.29
N ASN E 317 40.32 8.28 -2.43
CA ASN E 317 40.11 7.21 -1.48
C ASN E 317 38.71 6.62 -1.71
N GLY E 318 38.31 5.72 -0.82
CA GLY E 318 37.01 5.08 -0.94
C GLY E 318 37.07 3.77 -1.68
N SER E 319 36.05 3.50 -2.51
CA SER E 319 35.97 2.23 -3.20
C SER E 319 37.15 2.03 -4.14
N ALA E 320 37.64 3.11 -4.75
CA ALA E 320 38.76 3.01 -5.67
C ALA E 320 40.02 2.50 -5.00
N LEU E 321 40.19 2.73 -3.71
CA LEU E 321 41.43 2.43 -3.01
C LEU E 321 41.29 1.35 -1.95
N LEU E 322 40.12 1.22 -1.32
CA LEU E 322 39.94 0.35 -0.17
C LEU E 322 39.55 -1.07 -0.55
N LYS E 323 39.47 -1.39 -1.84
CA LYS E 323 39.32 -2.78 -2.24
C LYS E 323 40.59 -3.57 -1.99
N ASP E 324 41.72 -2.88 -1.88
CA ASP E 324 42.97 -3.53 -1.51
C ASP E 324 42.97 -3.83 -0.02
N PRO E 325 43.20 -5.08 0.39
CA PRO E 325 43.22 -5.38 1.83
C PRO E 325 44.28 -4.63 2.61
N GLY E 326 45.44 -4.37 2.01
CA GLY E 326 46.47 -3.62 2.70
C GLY E 326 46.08 -2.17 2.92
N CYS E 327 45.46 -1.56 1.91
CA CYS E 327 44.98 -0.19 2.06
C CYS E 327 43.86 -0.11 3.10
N LEU E 328 42.96 -1.09 3.10
CA LEU E 328 41.88 -1.12 4.08
C LEU E 328 42.42 -1.24 5.50
N ARG E 329 43.44 -2.08 5.69
CA ARG E 329 44.05 -2.20 7.02
C ARG E 329 44.69 -0.88 7.44
N ALA E 330 45.39 -0.21 6.53
CA ALA E 330 46.01 1.06 6.87
C ALA E 330 44.96 2.14 7.12
N GLN E 331 43.88 2.13 6.33
CA GLN E 331 42.83 3.13 6.49
C GLN E 331 42.18 3.03 7.86
N CYS E 332 41.88 1.81 8.30
CA CYS E 332 41.27 1.62 9.61
C CYS E 332 42.23 1.98 10.73
N ARG E 333 43.48 1.50 10.63
CA ARG E 333 44.43 1.70 11.72
C ARG E 333 44.86 3.16 11.83
N LEU E 334 45.04 3.84 10.70
CA LEU E 334 45.40 5.26 10.75
C LEU E 334 44.23 6.11 11.24
N LEU E 335 43.00 5.73 10.93
CA LEU E 335 41.85 6.48 11.44
C LEU E 335 41.75 6.35 12.95
N TYR E 336 42.05 5.17 13.49
CA TYR E 336 42.03 4.98 14.94
C TYR E 336 43.07 5.86 15.62
N GLU E 337 44.24 6.01 15.00
CA GLU E 337 45.27 6.87 15.57
C GLU E 337 44.83 8.33 15.58
N ALA E 338 44.09 8.74 14.55
CA ALA E 338 43.53 10.09 14.55
C ALA E 338 42.52 10.27 15.68
N LEU E 339 41.71 9.25 15.95
CA LEU E 339 40.77 9.31 17.05
C LEU E 339 41.49 9.39 18.39
N LEU E 340 42.57 8.62 18.56
CA LEU E 340 43.35 8.70 19.78
C LEU E 340 44.03 10.07 19.93
N ALA E 341 44.55 10.61 18.83
CA ALA E 341 45.23 11.90 18.89
C ALA E 341 44.28 13.03 19.25
N ASP E 342 43.00 12.89 18.97
CA ASP E 342 41.99 13.88 19.30
C ASP E 342 41.30 13.59 20.62
N HIS E 343 41.73 12.56 21.34
CA HIS E 343 41.17 12.19 22.63
C HIS E 343 39.68 11.85 22.53
N VAL E 344 39.29 11.28 21.39
CA VAL E 344 37.94 10.76 21.23
C VAL E 344 37.80 9.52 22.11
N ALA E 345 36.75 9.47 22.91
CA ALA E 345 36.53 8.36 23.82
C ALA E 345 35.61 7.31 23.23
N TYR E 346 34.58 7.73 22.51
CA TYR E 346 33.67 6.83 21.82
C TYR E 346 33.51 7.30 20.39
N ALA E 347 33.60 6.37 19.45
CA ALA E 347 33.42 6.69 18.04
C ALA E 347 32.48 5.68 17.41
N GLU E 348 31.68 6.17 16.46
CA GLU E 348 30.89 5.33 15.58
C GLU E 348 31.33 5.62 14.17
N ILE E 349 31.94 4.64 13.51
CA ILE E 349 32.52 4.82 12.18
C ILE E 349 31.55 4.23 11.16
N ARG E 350 31.28 5.00 10.10
CA ARG E 350 30.42 4.58 9.01
C ARG E 350 31.26 4.01 7.88
N CYS E 351 30.90 2.81 7.43
CA CYS E 351 31.63 2.13 6.37
C CYS E 351 30.63 1.49 5.42
N SER E 352 31.10 1.21 4.21
CA SER E 352 30.32 0.55 3.17
C SER E 352 31.10 -0.67 2.71
N PRO E 353 31.04 -1.77 3.45
CA PRO E 353 31.86 -2.95 3.12
C PRO E 353 31.58 -3.51 1.73
N ALA E 354 30.33 -3.46 1.26
CA ALA E 354 30.02 -3.97 -0.06
C ALA E 354 30.69 -3.15 -1.16
N ASN E 355 30.92 -1.86 -0.91
CA ASN E 355 31.64 -1.03 -1.87
C ASN E 355 33.07 -1.50 -2.05
N TYR E 356 33.67 -2.08 -1.01
CA TYR E 356 35.05 -2.52 -1.03
C TYR E 356 35.20 -3.99 -1.33
N ALA E 357 34.11 -4.68 -1.64
CA ALA E 357 34.16 -6.11 -1.90
C ALA E 357 34.72 -6.38 -3.29
N SER E 358 35.46 -7.47 -3.41
CA SER E 358 36.04 -7.91 -4.66
C SER E 358 35.51 -9.29 -5.01
N ALA E 359 36.07 -9.89 -6.07
CA ALA E 359 35.61 -11.20 -6.51
C ALA E 359 35.86 -12.27 -5.45
N SER E 360 37.02 -12.22 -4.79
CA SER E 360 37.37 -13.20 -3.77
C SER E 360 37.16 -12.70 -2.35
N ARG E 361 36.72 -11.46 -2.19
CA ARG E 361 36.55 -10.84 -0.87
C ARG E 361 35.11 -10.35 -0.75
N SER E 362 34.26 -11.15 -0.12
CA SER E 362 32.86 -10.83 0.02
C SER E 362 32.66 -9.68 1.01
N PRO E 363 31.52 -9.00 0.96
CA PRO E 363 31.26 -7.94 1.94
C PRO E 363 31.38 -8.39 3.38
N TRP E 364 31.02 -9.64 3.69
CA TRP E 364 31.21 -10.14 5.06
C TRP E 364 32.69 -10.22 5.41
N VAL E 365 33.53 -10.63 4.45
CA VAL E 365 34.97 -10.64 4.68
C VAL E 365 35.48 -9.23 4.93
N VAL E 366 35.01 -8.27 4.14
CA VAL E 366 35.46 -6.88 4.29
C VAL E 366 35.03 -6.32 5.64
N LEU E 367 33.76 -6.52 5.99
CA LEU E 367 33.27 -6.02 7.28
C LEU E 367 34.00 -6.68 8.44
N GLN E 368 34.24 -7.99 8.34
CA GLN E 368 34.97 -8.70 9.39
C GLN E 368 36.38 -8.17 9.53
N GLU E 369 37.04 -7.90 8.40
CA GLU E 369 38.38 -7.33 8.44
C GLU E 369 38.37 -5.93 9.05
N ILE E 370 37.37 -5.13 8.70
CA ILE E 370 37.25 -3.79 9.27
C ILE E 370 37.07 -3.87 10.78
N ARG E 371 36.18 -4.76 11.24
CA ARG E 371 35.92 -4.89 12.66
C ARG E 371 37.15 -5.37 13.41
N ASN E 372 37.87 -6.33 12.84
CA ASN E 372 39.05 -6.87 13.51
C ASN E 372 40.19 -5.86 13.53
N HIS E 373 40.32 -5.04 12.49
CA HIS E 373 41.34 -4.01 12.49
C HIS E 373 41.10 -3.00 13.60
N PHE E 374 39.83 -2.62 13.81
CA PHE E 374 39.52 -1.69 14.88
C PHE E 374 39.62 -2.36 16.24
N GLN E 375 39.16 -3.61 16.35
CA GLN E 375 39.23 -4.32 17.62
C GLN E 375 40.67 -4.53 18.05
N GLN E 376 41.55 -4.87 17.11
CA GLN E 376 42.96 -5.02 17.44
C GLN E 376 43.57 -3.71 17.88
N ALA E 377 43.22 -2.61 17.22
CA ALA E 377 43.71 -1.30 17.61
C ALA E 377 43.22 -0.92 19.00
N MET E 378 41.95 -1.20 19.32
CA MET E 378 41.45 -0.94 20.66
C MET E 378 42.17 -1.79 21.70
N GLU E 379 42.43 -3.05 21.40
CA GLU E 379 43.06 -3.94 22.36
C GLU E 379 44.49 -3.51 22.68
N GLU E 380 45.17 -2.92 21.69
CA GLU E 380 46.55 -2.49 21.89
C GLU E 380 46.66 -1.17 22.64
N THR E 381 45.55 -0.48 22.88
CA THR E 381 45.51 0.77 23.61
C THR E 381 45.13 0.53 25.06
N PRO E 382 45.81 1.19 26.01
CA PRO E 382 45.42 1.06 27.41
C PRO E 382 43.99 1.53 27.64
N GLU E 383 43.33 0.87 28.59
CA GLU E 383 41.89 1.11 28.81
C GLU E 383 41.61 2.56 29.16
N ASP E 384 42.49 3.19 29.94
CA ASP E 384 42.28 4.58 30.33
C ASP E 384 42.38 5.55 29.16
N ARG E 385 42.98 5.12 28.05
CA ARG E 385 43.15 5.96 26.87
C ARG E 385 42.45 5.38 25.64
N ARG E 386 41.77 4.25 25.80
CA ARG E 386 41.21 3.53 24.66
C ARG E 386 39.97 4.22 24.12
N CYS E 387 39.92 4.40 22.80
CA CYS E 387 38.72 4.87 22.13
C CYS E 387 37.90 3.67 21.71
N HIS E 388 36.67 3.57 22.22
CA HIS E 388 35.78 2.52 21.77
C HIS E 388 35.21 2.89 20.40
N VAL E 389 35.38 1.98 19.44
CA VAL E 389 34.91 2.19 18.08
C VAL E 389 33.79 1.20 17.81
N ASN E 390 32.65 1.72 17.41
CA ASN E 390 31.55 0.91 16.92
C ASN E 390 31.34 1.21 15.44
N LEU E 391 30.71 0.29 14.74
CA LEU E 391 30.56 0.38 13.29
C LEU E 391 29.10 0.60 12.93
N LEU E 392 28.85 1.60 12.10
CA LEU E 392 27.58 1.78 11.42
C LEU E 392 27.77 1.42 9.96
N LEU E 393 26.89 0.58 9.44
CA LEU E 393 26.93 0.23 8.03
C LEU E 393 26.07 1.21 7.27
N THR E 394 26.61 1.74 6.17
CA THR E 394 25.97 2.81 5.42
C THR E 394 25.21 2.22 4.23
N ALA E 395 23.89 2.39 4.23
CA ALA E 395 23.05 2.04 3.08
C ALA E 395 22.81 3.33 2.28
N THR E 396 23.37 3.38 1.08
CA THR E 396 23.33 4.60 0.28
C THR E 396 22.18 4.55 -0.73
N ARG E 397 21.31 5.56 -0.68
CA ARG E 397 20.31 5.72 -1.72
C ARG E 397 20.96 6.19 -3.02
N GLU E 398 20.49 5.64 -4.14
CA GLU E 398 21.11 5.88 -5.43
C GLU E 398 20.06 6.31 -6.44
N GLU E 399 20.45 7.24 -7.32
CA GLU E 399 19.60 7.60 -8.46
C GLU E 399 19.63 6.48 -9.49
N GLY E 400 18.48 5.86 -9.73
CA GLY E 400 18.41 4.73 -10.63
C GLY E 400 17.67 3.57 -10.01
N GLY E 401 17.40 3.67 -8.70
CA GLY E 401 16.65 2.66 -8.00
C GLY E 401 17.40 1.40 -7.62
N ASP E 402 18.72 1.36 -7.86
CA ASP E 402 19.50 0.18 -7.51
C ASP E 402 19.47 -0.06 -6.00
N ARG E 403 18.81 -1.13 -5.57
CA ARG E 403 18.62 -1.41 -4.16
C ARG E 403 19.27 -2.73 -3.73
N SER E 404 20.06 -3.34 -4.61
CA SER E 404 20.72 -4.60 -4.29
C SER E 404 21.87 -4.42 -3.33
N ARG E 405 22.62 -3.32 -3.44
CA ARG E 405 23.67 -3.02 -2.47
C ARG E 405 23.12 -2.53 -1.15
N ILE E 406 21.95 -1.89 -1.16
CA ILE E 406 21.25 -1.57 0.08
C ILE E 406 20.80 -2.85 0.77
N ALA E 407 20.28 -3.80 0.01
CA ALA E 407 19.87 -5.09 0.57
C ALA E 407 21.06 -5.82 1.18
N ARG E 408 22.23 -5.71 0.56
CA ARG E 408 23.42 -6.36 1.09
C ARG E 408 23.91 -5.69 2.36
N HIS E 409 23.90 -4.36 2.40
CA HIS E 409 24.35 -3.65 3.59
C HIS E 409 23.38 -3.84 4.75
N LEU E 410 22.08 -3.81 4.48
CA LEU E 410 21.11 -4.01 5.54
C LEU E 410 21.17 -5.44 6.07
N ALA E 411 21.39 -6.41 5.20
CA ALA E 411 21.51 -7.80 5.63
C ALA E 411 22.82 -8.03 6.36
N LEU E 412 23.87 -7.31 5.96
CA LEU E 412 25.17 -7.43 6.62
C LEU E 412 25.09 -6.93 8.06
N ALA E 413 24.39 -5.82 8.29
CA ALA E 413 24.27 -5.26 9.64
C ALA E 413 23.44 -6.14 10.54
N ILE E 414 22.39 -6.76 10.01
CA ILE E 414 21.59 -7.68 10.81
C ILE E 414 22.43 -8.89 11.21
N THR E 415 23.19 -9.43 10.26
CA THR E 415 24.01 -10.60 10.56
C THR E 415 25.10 -10.27 11.56
N ALA E 416 25.73 -9.10 11.42
CA ALA E 416 26.82 -8.71 12.30
C ALA E 416 26.34 -8.15 13.64
N ALA E 417 25.06 -7.81 13.76
CA ALA E 417 24.56 -7.24 15.01
C ALA E 417 24.66 -8.24 16.16
N GLU E 418 24.27 -9.49 15.92
CA GLU E 418 24.39 -10.51 16.94
C GLU E 418 25.67 -11.34 16.84
N HIS E 419 26.48 -11.12 15.80
CA HIS E 419 27.73 -11.87 15.70
C HIS E 419 28.73 -11.41 16.75
N TRP E 420 28.87 -10.10 16.94
CA TRP E 420 29.78 -9.54 17.93
C TRP E 420 28.96 -8.91 19.05
N LYS E 421 29.18 -9.39 20.27
CA LYS E 421 28.54 -8.83 21.45
C LYS E 421 29.51 -8.14 22.38
N ASN E 422 30.80 -8.13 22.05
CA ASN E 422 31.83 -7.47 22.84
C ASN E 422 32.78 -6.76 21.89
N GLY E 423 33.51 -5.78 22.44
CA GLY E 423 34.46 -5.06 21.64
C GLY E 423 33.79 -4.24 20.56
N CYS E 424 34.49 -4.08 19.44
CA CYS E 424 33.91 -3.42 18.28
C CYS E 424 32.75 -4.24 17.76
N ARG E 425 31.62 -3.58 17.54
CA ARG E 425 30.43 -4.27 17.05
C ARG E 425 29.63 -3.35 16.16
N VAL E 426 28.80 -3.95 15.32
CA VAL E 426 27.91 -3.20 14.44
C VAL E 426 26.66 -2.83 15.21
N VAL E 427 26.36 -1.53 15.27
CA VAL E 427 25.33 -1.02 16.17
C VAL E 427 24.19 -0.34 15.44
N GLY E 428 24.30 -0.10 14.14
CA GLY E 428 23.21 0.55 13.43
C GLY E 428 23.50 0.66 11.96
N VAL E 429 22.56 1.29 11.26
CA VAL E 429 22.66 1.52 9.83
C VAL E 429 22.46 3.00 9.56
N ASP E 430 23.19 3.51 8.58
CA ASP E 430 23.08 4.89 8.14
C ASP E 430 22.50 4.90 6.73
N LEU E 431 21.43 5.68 6.54
CA LEU E 431 20.80 5.82 5.23
C LEU E 431 21.43 7.05 4.59
N ALA E 432 22.36 6.81 3.67
CA ALA E 432 23.22 7.88 3.16
C ALA E 432 22.54 8.70 2.07
N GLY E 433 23.31 9.59 1.45
CA GLY E 433 22.74 10.73 0.75
C GLY E 433 22.51 10.65 -0.74
N PHE E 434 21.24 10.45 -1.12
CA PHE E 434 20.75 11.03 -2.36
C PHE E 434 19.39 11.64 -2.08
N GLU E 435 19.24 12.92 -2.42
CA GLU E 435 18.05 13.70 -2.07
C GLU E 435 16.94 13.44 -3.09
N ASP E 436 15.93 14.31 -3.07
CA ASP E 436 14.78 14.34 -3.97
C ASP E 436 13.65 13.47 -3.44
N ARG E 437 12.41 13.75 -3.86
CA ARG E 437 11.27 12.94 -3.45
C ARG E 437 11.48 11.47 -3.76
N THR E 438 12.08 11.16 -4.91
CA THR E 438 12.59 9.82 -5.18
C THR E 438 13.82 9.62 -4.30
N THR E 439 13.87 8.47 -3.62
CA THR E 439 14.90 8.18 -2.62
C THR E 439 14.80 9.16 -1.46
N ARG E 440 13.59 9.34 -0.92
CA ARG E 440 13.37 10.19 0.26
C ARG E 440 12.72 9.35 1.35
N ALA E 441 13.55 8.70 2.16
CA ALA E 441 13.11 8.11 3.42
C ALA E 441 12.03 7.05 3.23
N ALA E 442 10.76 7.46 3.35
CA ALA E 442 9.61 6.57 3.37
C ALA E 442 9.61 5.55 2.23
N MET E 443 10.29 5.86 1.13
CA MET E 443 10.45 4.88 0.06
C MET E 443 11.21 3.65 0.52
N PHE E 444 11.99 3.76 1.60
CA PHE E 444 12.76 2.64 2.13
C PHE E 444 12.17 2.10 3.42
N ALA E 445 10.94 2.48 3.78
CA ALA E 445 10.35 2.01 5.03
C ALA E 445 10.19 0.50 5.01
N THR E 446 9.84 -0.07 3.86
CA THR E 446 9.75 -1.52 3.74
C THR E 446 11.12 -2.17 3.90
N ASP E 447 12.16 -1.53 3.38
CA ASP E 447 13.51 -2.09 3.45
C ASP E 447 14.02 -2.18 4.88
N PHE E 448 13.59 -1.27 5.75
CA PHE E 448 14.13 -1.14 7.09
C PHE E 448 13.27 -1.80 8.15
N GLU E 449 12.18 -2.45 7.78
CA GLU E 449 11.45 -3.27 8.74
C GLU E 449 12.32 -4.37 9.35
N PRO E 450 13.13 -5.11 8.58
CA PRO E 450 14.02 -6.09 9.22
C PRO E 450 15.03 -5.47 10.17
N VAL E 451 15.49 -4.24 9.89
CA VAL E 451 16.47 -3.60 10.75
C VAL E 451 15.86 -3.31 12.12
N HIS E 452 14.62 -2.80 12.13
CA HIS E 452 13.95 -2.50 13.39
C HIS E 452 13.65 -3.76 14.19
N ARG E 453 13.38 -4.87 13.49
CA ARG E 453 13.01 -6.10 14.16
C ARG E 453 14.18 -6.77 14.86
N VAL E 454 15.42 -6.44 14.49
CA VAL E 454 16.59 -7.00 15.14
C VAL E 454 17.25 -6.01 16.09
N GLY E 455 16.56 -4.90 16.40
CA GLY E 455 17.07 -3.97 17.38
C GLY E 455 18.22 -3.11 16.91
N LEU E 456 18.39 -2.95 15.61
CA LEU E 456 19.43 -2.09 15.06
C LEU E 456 18.90 -0.66 15.00
N ALA E 457 19.68 0.28 15.51
CA ALA E 457 19.31 1.68 15.44
C ALA E 457 19.55 2.22 14.03
N VAL E 458 18.85 3.29 13.70
CA VAL E 458 18.90 3.90 12.37
C VAL E 458 19.23 5.38 12.51
N THR E 459 20.22 5.83 11.76
CA THR E 459 20.48 7.24 11.57
C THR E 459 20.30 7.58 10.09
N VAL E 460 19.68 8.71 9.81
CA VAL E 460 19.36 9.12 8.45
C VAL E 460 20.26 10.29 8.08
N HIS E 461 20.91 10.19 6.93
CA HIS E 461 21.98 11.11 6.53
C HIS E 461 21.44 12.00 5.43
N ALA E 462 20.80 13.10 5.83
CA ALA E 462 20.32 14.08 4.87
C ALA E 462 21.49 14.84 4.24
N GLY E 463 21.33 15.19 2.96
CA GLY E 463 22.40 15.88 2.25
C GLY E 463 21.96 16.64 1.02
N GLU E 464 22.39 17.91 0.91
CA GLU E 464 22.08 18.79 -0.20
C GLU E 464 20.57 18.80 -0.49
N ASN E 465 19.80 19.25 0.49
CA ASN E 465 18.35 19.35 0.34
C ASN E 465 17.83 20.38 1.32
N ASP E 466 16.65 20.89 1.04
CA ASP E 466 16.02 21.92 1.86
C ASP E 466 14.55 21.59 2.09
N ASP E 467 14.25 20.32 2.33
CA ASP E 467 12.89 19.86 2.54
C ASP E 467 12.76 19.28 3.95
N VAL E 468 11.68 19.63 4.64
CA VAL E 468 11.40 19.07 5.96
C VAL E 468 10.60 17.78 5.87
N GLU E 469 10.05 17.43 4.71
CA GLU E 469 9.31 16.18 4.57
C GLU E 469 10.23 14.98 4.72
N GLY E 470 11.49 15.10 4.27
CA GLY E 470 12.43 14.02 4.48
C GLY E 470 12.72 13.77 5.94
N ILE E 471 12.84 14.83 6.74
CA ILE E 471 13.05 14.68 8.16
C ILE E 471 11.80 14.10 8.83
N TRP E 472 10.62 14.54 8.38
CA TRP E 472 9.38 14.01 8.92
C TRP E 472 9.28 12.51 8.68
N GLN E 473 9.61 12.08 7.46
CA GLN E 473 9.52 10.67 7.12
C GLN E 473 10.63 9.86 7.80
N ALA E 474 11.81 10.46 8.00
CA ALA E 474 12.88 9.78 8.70
C ALA E 474 12.50 9.51 10.15
N VAL E 475 11.82 10.46 10.79
CA VAL E 475 11.47 10.31 12.20
C VAL E 475 10.37 9.26 12.37
N PHE E 476 9.36 9.28 11.50
CA PHE E 476 8.17 8.48 11.72
C PHE E 476 8.08 7.26 10.80
N LYS E 477 8.38 7.41 9.52
CA LYS E 477 8.34 6.26 8.62
C LYS E 477 9.57 5.38 8.78
N LEU E 478 10.72 5.98 9.11
CA LEU E 478 11.96 5.22 9.25
C LEU E 478 12.34 4.95 10.70
N SER E 479 11.69 5.61 11.66
CA SER E 479 12.03 5.47 13.08
C SER E 479 13.51 5.76 13.34
N ALA E 480 14.02 6.80 12.68
CA ALA E 480 15.43 7.16 12.85
C ALA E 480 15.66 7.71 14.25
N ARG E 481 16.70 7.21 14.90
CA ARG E 481 17.06 7.66 16.23
C ARG E 481 18.01 8.84 16.23
N ARG E 482 18.65 9.11 15.09
CA ARG E 482 19.53 10.26 14.92
C ARG E 482 19.32 10.82 13.53
N LEU E 483 19.62 12.10 13.36
CA LEU E 483 19.51 12.79 12.08
C LEU E 483 20.81 13.47 11.74
N GLY E 484 21.25 13.31 10.50
CA GLY E 484 22.49 13.89 10.02
C GLY E 484 22.20 15.12 9.17
N HIS E 485 22.91 16.21 9.47
CA HIS E 485 22.83 17.47 8.73
C HIS E 485 21.40 18.01 8.67
N ALA E 486 20.69 17.92 9.78
CA ALA E 486 19.32 18.44 9.85
C ALA E 486 19.36 19.94 10.17
N LEU E 487 19.77 20.71 9.17
CA LEU E 487 20.02 22.13 9.33
C LEU E 487 18.78 22.99 9.10
N HIS E 488 17.62 22.39 8.84
CA HIS E 488 16.41 23.14 8.56
C HIS E 488 15.25 22.69 9.43
N LEU E 489 15.53 22.33 10.69
CA LEU E 489 14.47 21.93 11.61
C LEU E 489 13.61 23.12 12.02
N SER E 490 14.21 24.30 12.18
CA SER E 490 13.47 25.47 12.62
C SER E 490 12.39 25.87 11.63
N ARG E 491 12.54 25.53 10.35
CA ARG E 491 11.55 25.89 9.36
C ARG E 491 10.21 25.20 9.59
N SER E 492 10.20 24.09 10.32
CA SER E 492 8.95 23.43 10.73
C SER E 492 8.89 23.44 12.25
N PRO E 493 8.12 24.35 12.86
CA PRO E 493 8.05 24.40 14.33
C PRO E 493 7.54 23.12 14.96
N ASP E 494 6.62 22.42 14.31
CA ASP E 494 6.16 21.13 14.85
C ASP E 494 7.27 20.09 14.82
N LEU E 495 8.02 20.05 13.73
CA LEU E 495 9.11 19.08 13.61
C LEU E 495 10.18 19.33 14.66
N LEU E 496 10.52 20.60 14.91
CA LEU E 496 11.54 20.92 15.90
C LEU E 496 11.11 20.47 17.30
N ARG E 497 9.83 20.68 17.63
CA ARG E 497 9.34 20.22 18.93
C ARG E 497 9.33 18.70 19.02
N VAL E 498 8.93 18.03 17.93
CA VAL E 498 8.91 16.56 17.93
C VAL E 498 10.32 16.01 18.11
N VAL E 499 11.30 16.60 17.42
CA VAL E 499 12.67 16.11 17.51
C VAL E 499 13.18 16.22 18.94
N ALA E 500 12.91 17.35 19.58
CA ALA E 500 13.36 17.55 20.96
C ALA E 500 12.58 16.68 21.93
N GLU E 501 11.27 16.53 21.72
CA GLU E 501 10.43 15.77 22.65
C GLU E 501 10.77 14.29 22.62
N ARG E 502 11.08 13.76 21.45
CA ARG E 502 11.39 12.33 21.31
C ARG E 502 12.85 12.02 21.58
N GLY E 503 13.67 13.03 21.88
CA GLY E 503 15.08 12.80 22.12
C GLY E 503 15.83 12.32 20.90
N ILE E 504 15.43 12.74 19.71
CA ILE E 504 16.12 12.39 18.48
C ILE E 504 17.29 13.34 18.31
N ALA E 505 18.50 12.79 18.31
CA ALA E 505 19.69 13.62 18.21
C ALA E 505 19.88 14.14 16.79
N VAL E 506 20.56 15.28 16.68
CA VAL E 506 20.90 15.86 15.40
C VAL E 506 22.42 15.92 15.32
N GLU E 507 22.97 15.28 14.29
CA GLU E 507 24.41 15.23 14.08
C GLU E 507 24.81 16.40 13.21
N LEU E 508 25.37 17.43 13.84
CA LEU E 508 25.88 18.59 13.13
C LEU E 508 27.35 18.41 12.83
N CYS E 509 27.76 18.79 11.62
CA CYS E 509 29.15 18.71 11.19
C CYS E 509 29.57 20.13 10.81
N PRO E 510 30.17 20.87 11.76
CA PRO E 510 30.40 22.30 11.52
C PRO E 510 31.19 22.62 10.26
N TYR E 511 32.34 21.99 10.04
CA TYR E 511 33.14 22.31 8.87
C TYR E 511 32.45 21.87 7.59
N ALA E 512 31.91 20.66 7.56
CA ALA E 512 31.25 20.16 6.36
C ALA E 512 30.03 21.00 6.02
N ASN E 513 29.25 21.39 7.03
CA ASN E 513 28.10 22.25 6.79
C ASN E 513 28.53 23.61 6.25
N LEU E 514 29.62 24.14 6.79
CA LEU E 514 30.17 25.38 6.25
C LEU E 514 30.67 25.20 4.82
N GLN E 515 31.34 24.08 4.55
CA GLN E 515 31.93 23.90 3.22
C GLN E 515 30.88 23.55 2.18
N ILE E 516 29.78 22.92 2.59
CA ILE E 516 28.76 22.51 1.64
C ILE E 516 27.65 23.55 1.52
N LYS E 517 27.21 24.13 2.64
CA LYS E 517 26.10 25.08 2.63
C LYS E 517 26.53 26.53 2.77
N GLY E 518 27.62 26.80 3.50
CA GLY E 518 28.14 28.14 3.59
C GLY E 518 27.42 29.07 4.56
N PHE E 519 27.55 28.79 5.85
CA PHE E 519 26.99 29.67 6.86
C PHE E 519 27.93 30.85 7.14
N PRO E 520 27.40 31.98 7.58
CA PRO E 520 28.26 33.13 7.90
C PRO E 520 29.15 32.87 9.11
N LEU E 521 30.29 33.54 9.13
CA LEU E 521 31.30 33.37 10.17
C LEU E 521 31.56 34.67 10.88
N ASP E 522 31.78 34.59 12.19
CA ASP E 522 32.17 35.73 13.02
C ASP E 522 31.18 36.88 12.93
N GLU E 523 29.90 36.58 12.70
CA GLU E 523 28.90 37.63 12.67
C GLU E 523 28.61 38.11 14.09
N GLU E 524 27.93 39.26 14.17
CA GLU E 524 27.80 39.95 15.43
C GLU E 524 26.87 39.23 16.41
N GLN E 525 25.59 39.11 16.08
CA GLN E 525 24.66 38.42 17.00
C GLN E 525 24.00 37.20 16.39
N GLU E 526 23.24 37.34 15.29
CA GLU E 526 22.29 36.30 14.91
C GLU E 526 21.54 36.71 13.64
N GLY E 527 20.69 35.81 13.13
CA GLY E 527 19.64 36.22 12.21
C GLY E 527 19.63 35.64 10.82
N SER E 528 18.69 34.73 10.57
CA SER E 528 18.27 34.31 9.24
C SER E 528 19.34 33.55 8.47
N GLU E 529 20.55 33.52 9.00
CA GLU E 529 21.65 32.82 8.35
C GLU E 529 22.52 32.03 9.32
N THR E 530 22.41 32.28 10.63
CA THR E 530 23.33 31.70 11.58
C THR E 530 23.19 30.18 11.61
N TYR E 531 24.30 29.52 11.94
CA TYR E 531 24.29 28.09 12.19
C TYR E 531 23.24 27.78 13.25
N PRO E 532 22.37 26.80 13.03
CA PRO E 532 21.24 26.59 13.95
C PRO E 532 21.61 25.82 15.21
N LEU E 533 22.89 25.73 15.53
CA LEU E 533 23.32 24.96 16.70
C LEU E 533 22.74 25.54 17.98
N ARG E 534 22.93 26.85 18.21
CA ARG E 534 22.43 27.47 19.43
C ARG E 534 20.91 27.59 19.43
N GLY E 535 20.31 27.73 18.25
CA GLY E 535 18.85 27.68 18.19
C GLY E 535 18.29 26.32 18.54
N TYR E 536 18.98 25.26 18.10
CA TYR E 536 18.55 23.90 18.44
C TYR E 536 18.70 23.63 19.93
N LEU E 537 19.79 24.09 20.52
CA LEU E 537 20.03 23.85 21.95
C LEU E 537 18.96 24.52 22.80
N ALA E 538 18.58 25.76 22.45
CA ALA E 538 17.53 26.45 23.19
C ALA E 538 16.18 25.78 23.05
N ALA E 539 15.96 25.03 21.98
CA ALA E 539 14.70 24.32 21.76
C ALA E 539 14.69 22.95 22.41
N GLY E 540 15.74 22.57 23.12
CA GLY E 540 15.81 21.26 23.73
C GLY E 540 16.24 20.15 22.83
N VAL E 541 16.80 20.47 21.66
CA VAL E 541 17.26 19.44 20.73
C VAL E 541 18.58 18.89 21.21
N ALA E 542 18.69 17.56 21.25
CA ALA E 542 19.97 16.90 21.50
C ALA E 542 20.87 17.11 20.30
N VAL E 543 21.91 17.92 20.46
CA VAL E 543 22.79 18.30 19.37
C VAL E 543 24.16 17.70 19.60
N THR E 544 24.72 17.09 18.56
CA THR E 544 26.06 16.55 18.57
C THR E 544 26.85 17.17 17.44
N LEU E 545 28.15 17.41 17.69
CA LEU E 545 29.04 18.02 16.70
C LEU E 545 30.03 16.96 16.23
N ASN E 546 30.21 16.87 14.91
CA ASN E 546 30.89 15.73 14.31
C ASN E 546 31.81 16.21 13.19
N THR E 547 32.66 15.31 12.71
CA THR E 547 33.62 15.61 11.66
C THR E 547 33.11 15.29 10.26
N ASP E 548 32.13 14.37 10.14
CA ASP E 548 31.62 13.90 8.86
C ASP E 548 32.71 13.15 8.11
N ASN E 549 33.65 13.90 7.52
CA ASN E 549 34.78 13.32 6.79
C ASN E 549 36.04 14.00 7.29
N LEU E 550 36.90 13.25 7.97
CA LEU E 550 38.13 13.84 8.50
C LEU E 550 39.06 14.29 7.39
N GLY E 551 39.11 13.55 6.29
CA GLY E 551 39.99 13.89 5.20
C GLY E 551 39.47 14.97 4.28
N ILE E 552 38.23 14.82 3.82
CA ILE E 552 37.68 15.78 2.85
C ILE E 552 37.59 17.16 3.48
N SER E 553 37.18 17.24 4.75
CA SER E 553 36.98 18.52 5.41
C SER E 553 38.26 19.11 5.98
N GLN E 554 39.34 18.33 6.08
CA GLN E 554 40.61 18.79 6.66
C GLN E 554 40.40 19.39 8.05
N ALA E 555 39.67 18.68 8.90
CA ALA E 555 39.43 19.19 10.24
C ALA E 555 39.19 18.02 11.19
N SER E 556 39.79 18.10 12.36
CA SER E 556 39.55 17.15 13.43
C SER E 556 38.27 17.53 14.16
N LEU E 557 37.91 16.71 15.16
CA LEU E 557 36.77 17.05 15.99
C LEU E 557 37.06 18.28 16.85
N THR E 558 38.31 18.45 17.28
CA THR E 558 38.70 19.66 17.99
C THR E 558 38.47 20.90 17.13
N ASP E 559 38.89 20.83 15.87
CA ASP E 559 38.71 21.95 14.96
C ASP E 559 37.23 22.23 14.73
N ASN E 560 36.42 21.18 14.58
CA ASN E 560 34.99 21.36 14.39
C ASN E 560 34.34 22.01 15.60
N LEU E 561 34.73 21.58 16.81
CA LEU E 561 34.18 22.17 18.02
C LEU E 561 34.54 23.65 18.11
N LEU E 562 35.78 24.00 17.80
CA LEU E 562 36.23 25.38 17.85
C LEU E 562 35.62 26.23 16.75
N LEU E 563 35.20 25.62 15.64
CA LEU E 563 34.56 26.40 14.58
C LEU E 563 33.19 26.91 15.01
N THR E 564 32.52 26.21 15.93
CA THR E 564 31.21 26.64 16.39
C THR E 564 31.26 27.99 17.09
N ALA E 565 32.41 28.37 17.65
CA ALA E 565 32.55 29.71 18.21
C ALA E 565 32.41 30.77 17.12
N ARG E 566 32.98 30.52 15.95
CA ARG E 566 32.78 31.43 14.82
C ARG E 566 31.43 31.24 14.16
N LEU E 567 30.92 30.01 14.10
CA LEU E 567 29.63 29.75 13.47
C LEU E 567 28.49 30.31 14.30
N CYS E 568 28.52 30.11 15.61
CA CYS E 568 27.46 30.56 16.51
C CYS E 568 28.01 31.63 17.44
N PRO E 569 27.62 32.89 17.27
CA PRO E 569 28.20 33.95 18.11
C PRO E 569 27.88 33.74 19.59
N GLY E 570 28.91 33.87 20.41
CA GLY E 570 28.74 33.81 21.86
C GLY E 570 28.25 32.49 22.39
N ILE E 571 28.66 31.38 21.77
CA ILE E 571 28.34 30.07 22.30
C ILE E 571 29.25 29.77 23.48
N THR E 572 28.67 29.42 24.62
CA THR E 572 29.45 29.16 25.80
C THR E 572 30.15 27.82 25.70
N ARG E 573 31.35 27.74 26.26
CA ARG E 573 32.08 26.48 26.29
C ARG E 573 31.39 25.44 27.17
N LEU E 574 30.43 25.85 28.00
CA LEU E 574 29.60 24.88 28.69
C LEU E 574 28.66 24.17 27.72
N GLU E 575 28.23 24.87 26.67
CA GLU E 575 27.41 24.25 25.64
C GLU E 575 28.21 23.26 24.81
N VAL E 576 29.53 23.43 24.74
CA VAL E 576 30.38 22.41 24.11
C VAL E 576 30.35 21.13 24.93
N LEU E 577 30.39 21.26 26.25
CA LEU E 577 30.29 20.10 27.12
C LEU E 577 28.93 19.41 26.97
N LYS E 578 27.87 20.19 26.78
CA LYS E 578 26.54 19.61 26.60
C LYS E 578 26.47 18.77 25.34
N THR E 579 27.13 19.20 24.27
CA THR E 579 27.14 18.43 23.03
C THR E 579 27.81 17.08 23.22
N GLN E 580 28.90 17.06 24.00
CA GLN E 580 29.53 15.78 24.34
C GLN E 580 28.59 14.91 25.15
N VAL E 581 27.88 15.52 26.11
CA VAL E 581 26.92 14.77 26.91
C VAL E 581 25.74 14.31 26.05
N PHE E 582 25.30 15.16 25.13
CA PHE E 582 24.24 14.76 24.19
C PHE E 582 24.71 13.61 23.32
N ALA E 583 25.95 13.66 22.84
CA ALA E 583 26.47 12.61 21.99
C ALA E 583 26.59 11.29 22.75
N ALA E 584 26.98 11.35 24.02
CA ALA E 584 27.05 10.14 24.84
C ALA E 584 25.69 9.49 25.00
N GLN E 585 24.65 10.30 25.22
CA GLN E 585 23.30 9.76 25.34
C GLN E 585 22.78 9.29 24.00
N ALA E 586 23.20 9.93 22.91
CA ALA E 586 22.74 9.57 21.58
C ALA E 586 23.47 8.38 20.99
N ALA E 587 24.57 7.96 21.58
CA ALA E 587 25.36 6.86 21.03
C ALA E 587 24.55 5.57 21.03
N PHE E 588 24.76 4.76 20.00
CA PHE E 588 24.10 3.46 19.91
C PHE E 588 24.90 2.45 20.73
N ALA E 589 25.19 2.77 21.97
CA ALA E 589 26.04 1.97 22.83
C ALA E 589 25.21 1.13 23.79
N ASN E 590 25.81 0.06 24.29
CA ASN E 590 25.17 -0.76 25.30
C ASN E 590 25.58 -0.26 26.69
N GLN E 591 25.14 -0.97 27.73
CA GLN E 591 25.37 -0.50 29.09
C GLN E 591 26.85 -0.43 29.43
N ALA E 592 27.62 -1.43 29.02
CA ALA E 592 29.06 -1.43 29.31
C ALA E 592 29.78 -0.31 28.57
N GLU E 593 29.40 -0.06 27.32
CA GLU E 593 30.04 1.00 26.56
C GLU E 593 29.65 2.37 27.11
N ARG E 594 28.39 2.55 27.49
CA ARG E 594 27.96 3.83 28.06
C ARG E 594 28.59 4.08 29.41
N LYS E 595 28.71 3.03 30.24
CA LYS E 595 29.33 3.19 31.55
C LYS E 595 30.79 3.60 31.43
N ALA E 596 31.52 2.98 30.49
CA ALA E 596 32.92 3.37 30.27
C ALA E 596 33.01 4.76 29.65
N LEU E 597 32.05 5.12 28.79
CA LEU E 597 32.04 6.43 28.17
C LEU E 597 31.81 7.54 29.20
N TRP E 598 30.89 7.31 30.14
CA TRP E 598 30.61 8.32 31.16
C TRP E 598 31.80 8.51 32.08
N ALA E 599 32.51 7.44 32.39
CA ALA E 599 33.67 7.54 33.27
C ALA E 599 34.74 8.44 32.65
N ARG E 600 34.95 8.33 31.34
CA ARG E 600 35.93 9.18 30.68
C ARG E 600 35.40 10.58 30.39
N LEU E 601 34.08 10.75 30.32
CA LEU E 601 33.53 12.10 30.18
C LEU E 601 33.66 12.89 31.48
N ALA E 602 33.66 12.20 32.62
CA ALA E 602 33.82 12.86 33.90
C ALA E 602 35.20 13.51 34.08
N GLN E 603 36.17 13.13 33.25
CA GLN E 603 37.53 13.68 33.35
C GLN E 603 37.68 14.89 32.43
N VAL E 604 36.91 15.93 32.72
CA VAL E 604 36.97 17.18 31.97
C VAL E 604 38.31 17.87 32.26
N PRO E 605 39.02 18.35 31.23
CA PRO E 605 40.30 19.03 31.49
C PRO E 605 40.13 20.28 32.34
N VAL E 606 41.11 20.51 33.20
CA VAL E 606 41.09 21.70 34.06
C VAL E 606 41.45 22.93 33.21
N PRO E 607 40.66 23.99 33.25
CA PRO E 607 41.00 25.19 32.48
C PRO E 607 42.24 25.88 33.01
N THR E 608 42.88 26.66 32.14
CA THR E 608 44.15 27.31 32.46
C THR E 608 44.04 28.81 32.64
N ASP E 609 43.06 29.47 32.03
CA ASP E 609 43.04 30.93 31.98
C ASP E 609 41.79 31.45 32.69
N THR E 610 41.49 30.94 33.88
CA THR E 610 40.35 31.39 34.66
C THR E 610 40.74 32.55 35.58
N GLU E 611 41.22 33.63 34.96
CA GLU E 611 41.56 34.84 35.69
C GLU E 611 40.98 36.10 35.07
N GLN E 612 40.73 36.14 33.76
CA GLN E 612 40.15 37.28 33.04
C GLN E 612 40.71 38.63 33.49
N MET F 1 38.37 48.19 52.97
CA MET F 1 38.36 48.43 54.41
C MET F 1 39.01 47.27 55.15
N ARG F 2 39.50 47.55 56.37
CA ARG F 2 40.15 46.52 57.19
C ARG F 2 39.64 46.67 58.61
N ILE F 3 38.88 45.69 59.09
CA ILE F 3 38.27 45.71 60.41
C ILE F 3 38.91 44.62 61.25
N LEU F 4 39.28 44.97 62.49
CA LEU F 4 39.90 44.04 63.42
C LEU F 4 38.92 43.71 64.53
N LEU F 5 38.65 42.42 64.73
CA LEU F 5 37.84 41.92 65.82
C LEU F 5 38.75 41.27 66.85
N CYS F 6 38.61 41.68 68.11
CA CYS F 6 39.51 41.23 69.17
C CYS F 6 38.70 40.96 70.43
N SER F 7 38.63 39.69 70.84
CA SER F 7 38.12 39.35 72.15
C SER F 7 39.12 39.77 73.22
N VAL F 8 38.60 40.08 74.41
CA VAL F 8 39.43 40.55 75.51
C VAL F 8 39.03 39.85 76.80
N GLY F 9 39.99 39.70 77.71
CA GLY F 9 39.73 39.14 79.03
C GLY F 9 40.35 39.96 80.13
N THR F 10 41.12 39.33 81.01
CA THR F 10 41.83 40.01 82.08
C THR F 10 43.15 40.62 81.61
N SER F 11 43.34 40.73 80.30
CA SER F 11 44.60 41.12 79.68
C SER F 11 44.36 42.18 78.62
N TRP F 12 43.66 43.25 79.01
CA TRP F 12 43.24 44.33 78.12
C TRP F 12 44.31 44.78 77.13
N ALA F 13 45.59 44.61 77.48
CA ALA F 13 46.69 45.07 76.66
C ALA F 13 46.81 44.32 75.32
N VAL F 14 46.08 43.22 75.15
CA VAL F 14 46.17 42.48 73.89
C VAL F 14 45.58 43.30 72.75
N VAL F 15 44.50 44.04 73.00
CA VAL F 15 43.86 44.82 71.94
C VAL F 15 44.79 45.90 71.38
N PRO F 16 45.41 46.75 72.20
CA PRO F 16 46.37 47.71 71.62
C PRO F 16 47.55 47.04 70.93
N GLU F 17 47.96 45.86 71.40
CA GLU F 17 49.02 45.13 70.72
C GLU F 17 48.50 44.51 69.41
N ALA F 18 47.23 44.09 69.40
CA ALA F 18 46.64 43.60 68.16
C ALA F 18 46.50 44.71 67.13
N MET F 19 46.48 45.97 67.57
CA MET F 19 46.43 47.11 66.67
C MET F 19 47.64 47.18 65.76
N GLN F 20 48.77 46.60 66.16
CA GLN F 20 50.03 46.76 65.46
C GLN F 20 50.33 45.62 64.49
N LEU F 21 49.35 44.77 64.19
CA LEU F 21 49.58 43.70 63.23
C LEU F 21 49.91 44.24 61.84
N LEU F 22 49.19 45.27 61.40
CA LEU F 22 49.37 45.83 60.08
C LEU F 22 50.45 46.91 60.03
N GLY F 23 50.98 47.32 61.16
CA GLY F 23 52.02 48.34 61.18
C GLY F 23 51.51 49.74 61.40
N SER F 24 52.17 50.71 60.77
CA SER F 24 51.76 52.11 60.94
C SER F 24 50.39 52.38 60.33
N GLN F 25 50.04 51.69 59.24
CA GLN F 25 48.75 51.91 58.61
C GLN F 25 47.60 51.55 59.55
N GLY F 26 47.74 50.47 60.30
CA GLY F 26 46.72 50.09 61.25
C GLY F 26 45.45 49.58 60.59
N PHE F 27 44.36 49.66 61.35
CA PHE F 27 43.05 49.19 60.91
C PHE F 27 42.10 50.36 60.75
N ASP F 28 41.20 50.25 59.77
CA ASP F 28 40.21 51.30 59.56
C ASP F 28 39.24 51.40 60.75
N GLU F 29 38.87 50.27 61.34
CA GLU F 29 38.10 50.27 62.58
C GLU F 29 38.39 48.99 63.32
N VAL F 30 38.33 49.06 64.65
CA VAL F 30 38.51 47.90 65.51
C VAL F 30 37.32 47.79 66.45
N HIS F 31 36.85 46.58 66.67
CA HIS F 31 35.74 46.31 67.56
C HIS F 31 36.14 45.21 68.53
N VAL F 32 35.81 45.40 69.80
CA VAL F 32 36.24 44.51 70.88
C VAL F 32 35.00 43.90 71.52
N LEU F 33 34.99 42.58 71.66
CA LEU F 33 33.95 41.87 72.38
C LEU F 33 34.44 41.58 73.79
N THR F 34 33.55 41.77 74.77
CA THR F 34 33.90 41.66 76.18
C THR F 34 32.78 40.94 76.90
N THR F 35 33.14 40.25 77.99
CA THR F 35 32.12 39.64 78.83
C THR F 35 31.73 40.59 79.96
N ALA F 36 30.63 40.26 80.63
CA ALA F 36 30.08 41.11 81.69
C ALA F 36 30.78 40.94 83.02
N SER F 37 31.96 40.33 83.05
CA SER F 37 32.66 40.09 84.30
C SER F 37 33.11 41.40 84.94
N SER F 38 33.01 41.46 86.26
CA SER F 38 33.47 42.62 87.01
C SER F 38 35.00 42.65 87.13
N LYS F 39 35.65 41.49 87.05
CA LYS F 39 37.11 41.46 87.11
C LYS F 39 37.73 42.18 85.93
N ILE F 40 37.13 42.03 84.75
CA ILE F 40 37.66 42.65 83.53
C ILE F 40 37.08 44.03 83.29
N SER F 41 36.21 44.51 84.18
CA SER F 41 35.68 45.87 84.03
C SER F 41 36.76 46.94 84.05
N PRO F 42 37.76 46.92 84.94
CA PRO F 42 38.80 47.95 84.89
C PRO F 42 39.55 48.00 83.56
N GLY F 43 39.74 46.86 82.90
CA GLY F 43 40.39 46.85 81.60
C GLY F 43 39.60 47.55 80.52
N VAL F 44 38.29 47.68 80.69
CA VAL F 44 37.46 48.36 79.70
C VAL F 44 37.84 49.84 79.63
N GLU F 45 38.01 50.50 80.78
CA GLU F 45 38.42 51.90 80.78
C GLU F 45 39.83 52.06 80.21
N GLN F 46 40.73 51.14 80.54
CA GLN F 46 42.08 51.20 79.99
C GLN F 46 42.05 51.15 78.46
N LEU F 47 41.15 50.35 77.89
CA LEU F 47 40.94 50.38 76.45
C LEU F 47 40.39 51.74 76.01
N LEU F 48 39.48 52.32 76.80
CA LEU F 48 38.90 53.61 76.45
C LEU F 48 39.95 54.71 76.42
N ARG F 49 40.83 54.75 77.42
CA ARG F 49 41.87 55.78 77.46
C ARG F 49 42.84 55.64 76.30
N TYR F 50 43.20 54.41 75.94
CA TYR F 50 44.07 54.19 74.79
C TYR F 50 43.39 54.67 73.51
N PHE F 51 42.09 54.39 73.37
CA PHE F 51 41.37 54.81 72.16
C PHE F 51 41.33 56.33 72.05
N GLU F 52 41.18 57.02 73.18
CA GLU F 52 41.11 58.48 73.16
C GLU F 52 42.43 59.08 72.68
N MET F 53 43.56 58.55 73.15
CA MET F 53 44.86 59.13 72.80
C MET F 53 45.41 58.54 71.50
N HIS F 54 44.77 57.51 70.96
CA HIS F 54 45.05 57.03 69.60
C HIS F 54 43.73 57.00 68.84
N PRO F 55 43.23 58.17 68.39
CA PRO F 55 41.96 58.18 67.65
C PRO F 55 42.13 57.99 66.15
N GLY F 56 41.02 57.93 65.43
CA GLY F 56 41.04 57.82 63.98
C GLY F 56 40.28 56.63 63.43
N PRO F 57 40.43 55.45 64.04
CA PRO F 57 39.54 54.34 63.73
C PRO F 57 38.35 54.26 64.67
N ARG F 58 37.26 53.71 64.16
CA ARG F 58 36.06 53.53 64.96
C ARG F 58 36.31 52.50 66.05
N PHE F 59 35.75 52.74 67.23
CA PHE F 59 35.98 51.89 68.39
C PHE F 59 34.66 51.37 68.93
N SER F 60 34.68 50.12 69.40
CA SER F 60 33.54 49.51 70.06
C SER F 60 34.06 48.50 71.08
N ILE F 61 33.52 48.56 72.29
CA ILE F 61 33.96 47.70 73.38
C ILE F 61 32.74 46.92 73.85
N SER F 62 31.86 46.57 72.90
CA SER F 62 30.62 45.84 73.16
C SER F 62 30.83 44.70 74.15
N ARG F 63 30.05 44.71 75.22
CA ARG F 63 30.18 43.74 76.30
C ARG F 63 29.00 42.76 76.24
N VAL F 64 29.32 41.47 76.32
CA VAL F 64 28.29 40.43 76.28
C VAL F 64 27.54 40.45 77.61
N GLN F 65 26.24 40.71 77.56
CA GLN F 65 25.44 40.72 78.77
C GLN F 65 25.24 39.31 79.30
N ASP F 66 24.81 39.23 80.57
CA ASP F 66 24.56 38.01 81.33
C ASP F 66 25.59 36.92 81.07
N PHE F 67 26.86 37.31 80.95
CA PHE F 67 27.99 36.39 80.86
C PHE F 67 29.06 36.93 81.81
N GLU F 68 29.04 36.46 83.06
CA GLU F 68 30.02 36.88 84.04
C GLU F 68 31.24 35.96 84.02
N ASP F 69 31.04 34.68 84.29
CA ASP F 69 32.10 33.69 84.28
C ASP F 69 31.66 32.45 83.52
N LEU F 70 32.63 31.74 82.96
CA LEU F 70 32.36 30.51 82.24
C LEU F 70 32.16 29.39 83.26
N ARG F 71 30.90 29.02 83.48
CA ARG F 71 30.55 28.02 84.48
C ARG F 71 30.16 26.67 83.89
N SER F 72 29.30 26.66 82.88
CA SER F 72 28.81 25.42 82.29
C SER F 72 28.75 25.58 80.78
N GLU F 73 28.12 24.60 80.12
CA GLU F 73 28.05 24.62 78.66
C GLU F 73 27.14 25.73 78.15
N GLN F 74 26.11 26.09 78.93
CA GLN F 74 25.16 27.10 78.47
C GLN F 74 25.83 28.47 78.33
N ASP F 75 26.83 28.76 79.17
CA ASP F 75 27.54 30.03 79.07
C ASP F 75 28.27 30.14 77.74
N HIS F 76 29.02 29.11 77.37
CA HIS F 76 29.78 29.15 76.13
C HIS F 76 28.87 29.27 74.92
N MET F 77 27.77 28.51 74.91
CA MET F 77 26.81 28.61 73.81
C MET F 77 26.19 29.99 73.74
N LEU F 78 25.93 30.62 74.90
CA LEU F 78 25.45 31.99 74.90
C LEU F 78 26.49 32.94 74.31
N PHE F 79 27.75 32.79 74.70
CA PHE F 79 28.81 33.60 74.11
C PHE F 79 28.99 33.29 72.63
N GLU F 80 28.87 32.01 72.26
CA GLU F 80 29.03 31.62 70.87
C GLU F 80 27.97 32.25 69.98
N GLU F 81 26.71 32.27 70.45
CA GLU F 81 25.64 32.86 69.66
C GLU F 81 25.82 34.36 69.51
N VAL F 82 26.19 35.04 70.61
CA VAL F 82 26.35 36.49 70.57
C VAL F 82 27.55 36.88 69.70
N LEU F 83 28.62 36.09 69.76
CA LEU F 83 29.80 36.37 68.96
C LEU F 83 29.47 36.37 67.47
N TRP F 84 28.69 35.37 67.02
CA TRP F 84 28.42 35.25 65.60
C TRP F 84 27.58 36.41 65.09
N ARG F 85 26.57 36.85 65.86
CA ARG F 85 25.83 38.05 65.49
C ARG F 85 26.72 39.28 65.57
N TRP F 86 27.58 39.35 66.59
CA TRP F 86 28.51 40.48 66.69
C TRP F 86 29.49 40.49 65.52
N LEU F 87 29.96 39.31 65.11
CA LEU F 87 30.87 39.23 63.97
C LEU F 87 30.20 39.73 62.69
N LEU F 88 28.95 39.33 62.46
CA LEU F 88 28.23 39.81 61.29
C LEU F 88 28.00 41.31 61.34
N GLN F 89 27.61 41.82 62.52
CA GLN F 89 27.26 43.23 62.63
C GLN F 89 28.48 44.14 62.47
N ARG F 90 29.57 43.80 63.16
CA ARG F 90 30.74 44.68 63.14
C ARG F 90 31.61 44.49 61.90
N ALA F 91 31.67 43.26 61.37
CA ALA F 91 32.46 42.96 60.18
C ALA F 91 31.58 42.21 59.20
N PRO F 92 30.72 42.94 58.46
CA PRO F 92 29.84 42.27 57.49
C PRO F 92 30.59 41.53 56.40
N GLN F 93 31.77 42.01 56.00
CA GLN F 93 32.53 41.41 54.92
C GLN F 93 33.65 40.55 55.49
N ALA F 94 33.77 39.32 54.98
CA ALA F 94 34.82 38.42 55.46
C ALA F 94 36.19 38.84 54.97
N ALA F 95 36.26 39.52 53.82
CA ALA F 95 37.54 39.98 53.29
C ALA F 95 38.11 41.16 54.07
N HIS F 96 37.27 41.87 54.83
CA HIS F 96 37.70 42.99 55.65
C HIS F 96 37.81 42.61 57.12
N ARG F 97 37.80 41.32 57.44
CA ARG F 97 37.68 40.83 58.80
C ARG F 97 39.04 40.32 59.29
N TYR F 98 39.54 40.91 60.36
CA TYR F 98 40.73 40.45 61.06
C TYR F 98 40.33 40.03 62.47
N ILE F 99 40.74 38.83 62.87
CA ILE F 99 40.31 38.22 64.12
C ILE F 99 41.54 37.85 64.93
N CYS F 100 41.55 38.27 66.20
CA CYS F 100 42.66 38.03 67.11
C CYS F 100 42.24 37.01 68.16
N LEU F 101 43.12 36.05 68.44
CA LEU F 101 42.83 34.96 69.35
C LEU F 101 43.32 35.21 70.78
N ALA F 102 43.96 36.35 71.03
CA ALA F 102 44.68 36.53 72.29
C ALA F 102 43.74 36.57 73.49
N GLY F 103 42.70 37.39 73.44
CA GLY F 103 41.88 37.63 74.61
C GLY F 103 40.85 36.55 74.88
N GLY F 104 40.24 36.64 76.06
CA GLY F 104 39.17 35.74 76.44
C GLY F 104 39.68 34.42 77.00
N TYR F 105 38.71 33.55 77.32
CA TYR F 105 39.00 32.22 77.82
C TYR F 105 39.68 31.38 76.75
N LYS F 106 40.12 30.18 77.16
CA LYS F 106 40.61 29.21 76.19
C LYS F 106 39.53 28.82 75.19
N THR F 107 38.30 28.61 75.69
CA THR F 107 37.19 28.33 74.79
C THR F 107 36.88 29.52 73.89
N ILE F 108 36.98 30.73 74.43
CA ILE F 108 36.73 31.93 73.63
C ILE F 108 37.72 32.02 72.47
N SER F 109 39.00 31.79 72.76
CA SER F 109 40.01 31.83 71.71
C SER F 109 39.75 30.74 70.67
N ALA F 110 39.33 29.55 71.12
CA ALA F 110 38.91 28.53 70.17
C ALA F 110 37.63 28.94 69.45
N ALA F 111 36.75 29.68 70.13
CA ALA F 111 35.53 30.16 69.48
C ALA F 111 35.84 31.25 68.48
N MET F 112 36.91 32.03 68.71
CA MET F 112 37.28 33.07 67.77
C MET F 112 37.70 32.49 66.43
N GLN F 113 38.53 31.45 66.44
CA GLN F 113 38.97 30.84 65.19
C GLN F 113 37.85 30.02 64.55
N ARG F 114 37.02 29.38 65.37
CA ARG F 114 35.90 28.61 64.83
C ARG F 114 34.93 29.51 64.08
N ALA F 115 34.65 30.69 64.62
CA ALA F 115 33.83 31.65 63.90
C ALA F 115 34.51 32.11 62.61
N ALA F 116 35.84 32.22 62.63
CA ALA F 116 36.57 32.58 61.43
C ALA F 116 36.45 31.50 60.37
N ALA F 117 36.53 30.23 60.77
CA ALA F 117 36.43 29.13 59.82
C ALA F 117 35.03 29.01 59.23
N LEU F 118 34.00 29.47 59.95
CA LEU F 118 32.63 29.35 59.47
C LEU F 118 32.23 30.51 58.57
N PHE F 119 32.39 31.74 59.05
CA PHE F 119 31.94 32.92 58.32
C PHE F 119 33.04 33.58 57.51
N GLY F 120 34.26 33.06 57.56
CA GLY F 120 35.33 33.63 56.76
C GLY F 120 36.08 34.71 57.51
N ALA F 121 37.36 34.86 57.16
CA ALA F 121 38.21 35.88 57.77
C ALA F 121 39.38 36.16 56.84
N CYS F 122 39.72 37.45 56.71
CA CYS F 122 40.88 37.82 55.91
C CYS F 122 42.18 37.33 56.56
N GLU F 123 42.24 37.37 57.89
CA GLU F 123 43.41 36.89 58.61
C GLU F 123 43.04 36.58 60.05
N VAL F 124 43.53 35.45 60.54
CA VAL F 124 43.39 35.06 61.94
C VAL F 124 44.79 35.03 62.54
N PHE F 125 44.99 35.78 63.62
CA PHE F 125 46.32 35.95 64.18
C PHE F 125 46.25 35.95 65.70
N HIS F 126 47.41 35.72 66.31
CA HIS F 126 47.59 35.79 67.75
C HIS F 126 48.80 36.66 68.05
N VAL F 127 48.67 37.57 69.01
CA VAL F 127 49.74 38.48 69.38
C VAL F 127 50.38 38.01 70.68
N LEU F 128 51.70 38.04 70.73
CA LEU F 128 52.46 37.65 71.91
C LEU F 128 53.46 38.74 72.27
N CYS F 129 53.69 38.91 73.56
CA CYS F 129 54.63 39.90 74.07
C CYS F 129 55.62 39.21 75.00
N GLU F 130 56.90 39.50 74.83
CA GLU F 130 57.91 38.94 75.71
C GLU F 130 57.80 39.56 77.10
N PRO F 131 57.99 38.77 78.17
CA PRO F 131 57.84 39.30 79.54
C PRO F 131 59.09 40.00 80.05
N ARG F 132 59.22 41.28 79.67
CA ARG F 132 60.35 42.10 80.10
C ARG F 132 59.91 43.42 80.71
N PHE F 133 58.61 43.60 80.98
CA PHE F 133 58.08 44.84 81.49
C PHE F 133 57.66 44.69 82.94
N GLY F 134 57.22 45.80 83.52
CA GLY F 134 56.86 45.83 84.92
C GLY F 134 58.00 46.30 85.79
N PRO F 135 57.73 46.53 87.09
CA PRO F 135 58.74 47.01 88.04
C PRO F 135 59.87 46.01 88.25
N ALA F 141 53.34 43.71 79.10
CA ALA F 141 52.73 45.03 79.14
C ALA F 141 51.36 44.99 79.82
N SER F 142 51.17 45.84 80.81
CA SER F 142 49.90 45.92 81.53
C SER F 142 49.31 47.32 81.57
N THR F 143 50.16 48.35 81.64
CA THR F 143 49.70 49.72 81.73
C THR F 143 49.83 50.44 80.39
N LEU F 144 49.35 51.68 80.36
CA LEU F 144 49.39 52.45 79.13
C LEU F 144 50.82 52.71 78.68
N GLU F 145 51.71 53.04 79.63
CA GLU F 145 53.10 53.28 79.27
C GLU F 145 53.82 51.99 78.90
N GLU F 146 53.45 50.87 79.53
CA GLU F 146 54.03 49.59 79.17
C GLU F 146 53.67 49.19 77.74
N VAL F 147 52.41 49.41 77.35
CA VAL F 147 51.98 49.12 75.98
C VAL F 147 52.73 50.01 74.99
N GLU F 148 52.85 51.30 75.31
CA GLU F 148 53.55 52.23 74.42
C GLU F 148 55.01 51.85 74.28
N GLN F 149 55.64 51.42 75.37
CA GLN F 149 57.03 50.95 75.30
C GLN F 149 57.12 49.68 74.46
N ALA F 150 56.17 48.76 74.62
CA ALA F 150 56.22 47.51 73.88
C ALA F 150 56.08 47.74 72.38
N ILE F 151 55.17 48.63 71.97
CA ILE F 151 54.97 48.90 70.56
C ILE F 151 56.18 49.61 69.97
N ALA F 152 56.71 50.61 70.68
CA ALA F 152 57.82 51.40 70.15
C ALA F 152 59.10 50.57 70.03
N THR F 153 59.35 49.69 70.98
CA THR F 153 60.60 48.93 71.03
C THR F 153 60.50 47.58 70.33
N ASN F 154 59.44 47.37 69.54
CA ASN F 154 59.24 46.12 68.79
C ASN F 154 59.25 44.91 69.72
N ALA F 155 58.38 44.94 70.71
CA ALA F 155 58.23 43.85 71.67
C ALA F 155 57.00 43.00 71.38
N LEU F 156 56.48 43.04 70.16
CA LEU F 156 55.26 42.33 69.79
C LEU F 156 55.59 41.23 68.79
N ARG F 157 54.99 40.06 69.01
CA ARG F 157 55.16 38.92 68.13
C ARG F 157 53.79 38.52 67.58
N PHE F 158 53.69 38.40 66.27
CA PHE F 158 52.44 38.08 65.60
C PHE F 158 52.57 36.74 64.89
N VAL F 159 51.67 35.81 65.21
CA VAL F 159 51.57 34.52 64.52
C VAL F 159 50.24 34.51 63.79
N ARG F 160 50.29 34.38 62.47
CA ARG F 160 49.10 34.44 61.62
C ARG F 160 48.70 33.03 61.22
N LEU F 161 47.45 32.66 61.48
CA LEU F 161 46.97 31.32 61.17
C LEU F 161 46.44 31.21 59.74
N GLY F 162 46.52 32.27 58.95
CA GLY F 162 46.12 32.22 57.57
C GLY F 162 44.69 32.67 57.34
N PRO F 163 44.40 33.12 56.12
CA PRO F 163 43.02 33.51 55.79
C PRO F 163 42.09 32.32 55.81
N GLU F 164 40.83 32.59 56.17
CA GLU F 164 39.79 31.58 56.21
C GLU F 164 38.73 31.90 55.16
N PRO F 165 38.55 31.06 54.13
CA PRO F 165 37.52 31.33 53.13
C PRO F 165 36.10 31.23 53.67
N GLY F 166 35.89 30.50 54.77
CA GLY F 166 34.55 30.31 55.29
C GLY F 166 33.79 29.25 54.53
N TRP F 167 32.52 29.15 54.83
CA TRP F 167 31.74 28.16 54.11
C TRP F 167 30.78 28.84 53.14
N PRO F 168 30.55 28.24 51.97
CA PRO F 168 29.89 28.98 50.88
C PRO F 168 28.53 29.55 51.24
N GLN F 169 27.71 28.82 51.98
CA GLN F 169 26.38 29.28 52.34
C GLN F 169 26.33 29.93 53.72
N LEU F 170 27.48 30.06 54.38
CA LEU F 170 27.54 30.71 55.68
C LEU F 170 28.12 32.12 55.63
N ARG F 171 28.91 32.44 54.60
CA ARG F 171 29.49 33.76 54.44
C ARG F 171 28.52 34.76 53.84
N LEU F 172 27.32 34.32 53.44
CA LEU F 172 26.30 35.20 52.91
C LEU F 172 25.35 35.72 53.97
N LEU F 173 25.47 35.25 55.21
CA LEU F 173 24.56 35.69 56.27
C LEU F 173 24.82 37.15 56.62
N SER F 174 23.75 37.86 56.94
CA SER F 174 23.81 39.29 57.21
C SER F 174 23.30 39.58 58.61
N ALA F 175 23.74 40.73 59.14
CA ALA F 175 23.31 41.15 60.47
C ALA F 175 21.80 41.33 60.61
N PRO F 176 21.07 41.94 59.67
CA PRO F 176 19.61 42.08 59.86
C PRO F 176 18.89 40.75 60.01
N SER F 177 19.38 39.69 59.38
CA SER F 177 18.72 38.39 59.51
C SER F 177 18.79 37.87 60.94
N PHE F 178 19.88 38.16 61.64
CA PHE F 178 20.08 37.74 63.03
C PHE F 178 20.52 38.96 63.82
N PRO F 179 19.59 39.83 64.20
CA PRO F 179 19.96 41.07 64.88
C PRO F 179 20.46 40.82 66.30
N LEU F 180 21.29 41.75 66.77
CA LEU F 180 21.88 41.71 68.10
C LEU F 180 21.43 42.95 68.85
N GLU F 181 20.54 42.76 69.84
CA GLU F 181 20.05 43.88 70.62
C GLU F 181 21.16 44.44 71.50
N SER F 182 21.33 45.77 71.46
CA SER F 182 22.43 46.43 72.15
C SER F 182 21.87 47.55 73.01
N THR F 183 22.33 47.60 74.27
CA THR F 183 21.99 48.68 75.18
C THR F 183 23.27 49.46 75.48
N LEU F 184 23.20 50.78 75.30
CA LEU F 184 24.38 51.64 75.40
C LEU F 184 24.51 52.16 76.83
N GLN F 185 25.53 51.69 77.53
CA GLN F 185 25.89 52.18 78.86
C GLN F 185 27.17 53.00 78.71
N GLY F 186 27.04 54.32 78.75
CA GLY F 186 28.13 55.20 78.47
C GLY F 186 28.65 55.02 77.06
N PRO F 187 29.97 54.91 76.90
CA PRO F 187 30.56 54.65 75.59
C PRO F 187 30.75 53.19 75.24
N VAL F 188 30.18 52.27 76.02
CA VAL F 188 30.39 50.83 75.85
C VAL F 188 29.05 50.17 75.59
N HIS F 189 28.99 49.37 74.52
CA HIS F 189 27.77 48.66 74.18
C HIS F 189 27.59 47.43 75.07
N TRP F 190 26.34 47.10 75.36
CA TRP F 190 25.98 45.89 76.08
C TRP F 190 25.05 45.07 75.18
N VAL F 191 25.52 43.92 74.72
CA VAL F 191 24.85 43.15 73.68
C VAL F 191 24.22 41.90 74.28
N ARG F 192 23.15 41.45 73.66
CA ARG F 192 22.45 40.24 74.09
C ARG F 192 21.83 39.57 72.87
N ALA F 193 21.55 38.27 73.02
CA ALA F 193 20.92 37.48 71.97
C ALA F 193 19.49 37.18 72.37
N SER F 194 18.54 37.50 71.49
CA SER F 194 17.13 37.25 71.78
C SER F 194 16.85 35.75 71.88
N ASP F 195 17.39 34.96 70.96
CA ASP F 195 17.20 33.52 70.97
C ASP F 195 18.48 32.87 70.43
N MET F 196 18.41 31.57 70.17
CA MET F 196 19.54 30.80 69.67
C MET F 196 19.39 30.46 68.19
N ARG F 197 18.77 31.36 67.43
CA ARG F 197 18.39 31.04 66.05
C ARG F 197 19.60 30.88 65.14
N LEU F 198 20.61 31.76 65.30
CA LEU F 198 21.75 31.73 64.38
C LEU F 198 22.53 30.43 64.50
N ARG F 199 22.77 29.95 65.73
CA ARG F 199 23.47 28.68 65.90
C ARG F 199 22.64 27.53 65.34
N GLN F 200 21.32 27.58 65.52
CA GLN F 200 20.46 26.57 64.92
C GLN F 200 20.53 26.61 63.40
N HIS F 201 20.66 27.80 62.82
CA HIS F 201 20.85 27.91 61.38
C HIS F 201 22.21 27.38 60.96
N VAL F 202 23.27 27.78 61.69
CA VAL F 202 24.62 27.36 61.33
C VAL F 202 24.77 25.85 61.45
N GLU F 203 24.32 25.28 62.56
CA GLU F 203 24.47 23.84 62.75
C GLU F 203 23.59 23.04 61.80
N GLY F 204 22.42 23.54 61.45
CA GLY F 204 21.62 22.88 60.42
C GLY F 204 22.29 22.93 59.07
N VAL F 205 23.03 24.00 58.79
CA VAL F 205 23.78 24.09 57.54
C VAL F 205 24.92 23.08 57.52
N LEU F 206 25.71 23.04 58.60
CA LEU F 206 26.81 22.09 58.68
C LEU F 206 26.30 20.66 58.67
N GLU F 207 25.14 20.44 59.27
CA GLU F 207 24.51 19.12 59.22
C GLU F 207 24.14 18.74 57.79
N ARG F 208 23.62 19.69 57.02
CA ARG F 208 23.31 19.42 55.62
C ARG F 208 24.57 19.34 54.76
N SER F 209 25.57 20.17 55.07
CA SER F 209 26.81 20.17 54.28
C SER F 209 27.53 18.84 54.42
N ARG F 210 27.51 18.25 55.61
CA ARG F 210 28.10 16.93 55.79
C ARG F 210 27.39 15.88 54.95
N HIS F 211 26.07 15.99 54.83
CA HIS F 211 25.30 15.00 54.08
C HIS F 211 25.63 15.07 52.60
N ILE F 212 25.73 16.28 52.04
CA ILE F 212 26.02 16.42 50.62
C ILE F 212 27.39 15.87 50.29
N LEU F 213 28.40 16.19 51.11
CA LEU F 213 29.75 15.70 50.86
C LEU F 213 29.82 14.18 51.04
N ALA F 214 29.11 13.64 52.03
CA ALA F 214 29.11 12.19 52.22
C ALA F 214 28.47 11.47 51.04
N ALA F 215 27.35 12.00 50.54
CA ALA F 215 26.63 11.40 49.42
C ALA F 215 27.10 11.93 48.07
N TRP F 216 28.13 12.78 48.06
CA TRP F 216 28.63 13.34 46.81
C TRP F 216 29.10 12.25 45.85
N GLU F 217 29.85 11.28 46.35
CA GLU F 217 30.32 10.16 45.54
C GLU F 217 29.21 9.12 45.48
N GLY F 218 28.41 9.17 44.41
CA GLY F 218 27.28 8.28 44.27
C GLY F 218 25.99 9.03 44.00
N ILE F 219 26.12 10.31 43.68
CA ILE F 219 24.96 11.14 43.37
C ILE F 219 24.31 10.73 42.06
N SER F 220 25.08 10.12 41.15
CA SER F 220 24.53 9.74 39.85
C SER F 220 23.52 8.61 39.98
N GLU F 221 23.61 7.82 41.05
CA GLU F 221 22.68 6.72 41.27
C GLU F 221 21.38 7.16 41.94
N LEU F 222 21.32 8.39 42.43
CA LEU F 222 20.10 8.91 43.04
C LEU F 222 19.21 9.50 41.96
N PRO F 223 17.97 9.01 41.79
CA PRO F 223 17.10 9.59 40.75
C PRO F 223 16.77 11.05 40.97
N ILE F 224 16.68 11.48 42.21
CA ILE F 224 16.40 12.86 42.57
C ILE F 224 17.65 13.44 43.22
N PRO F 225 18.31 14.41 42.58
CA PRO F 225 19.58 14.93 43.14
C PRO F 225 19.42 15.57 44.51
N ALA F 226 18.23 16.09 44.85
CA ALA F 226 18.03 16.69 46.16
C ALA F 226 18.17 15.68 47.29
N LEU F 227 18.14 14.38 46.98
CA LEU F 227 18.33 13.35 48.00
C LEU F 227 19.75 13.30 48.55
N ALA F 228 20.70 13.99 47.91
CA ALA F 228 22.06 13.99 48.42
C ALA F 228 22.20 14.75 49.74
N ALA F 229 21.21 15.56 50.08
CA ALA F 229 21.19 16.25 51.37
C ALA F 229 20.61 15.40 52.48
N TRP F 230 20.16 14.18 52.17
CA TRP F 230 19.62 13.30 53.19
C TRP F 230 20.74 12.76 54.09
N PRO F 231 20.42 12.45 55.34
CA PRO F 231 21.41 11.78 56.19
C PRO F 231 21.75 10.42 55.64
N PRO F 232 22.99 9.95 55.85
CA PRO F 232 23.38 8.65 55.29
C PRO F 232 22.53 7.49 55.78
N SER F 233 22.00 7.56 57.01
CA SER F 233 21.06 6.54 57.46
C SER F 233 19.78 6.58 56.64
N HIS F 234 19.30 7.78 56.30
CA HIS F 234 18.10 7.92 55.49
C HIS F 234 18.32 7.41 54.07
N LEU F 235 19.52 7.60 53.53
CA LEU F 235 19.83 7.09 52.20
C LEU F 235 19.95 5.57 52.19
N ARG F 236 20.48 4.97 53.26
CA ARG F 236 20.48 3.52 53.36
C ARG F 236 19.07 2.98 53.50
N TRP F 237 18.17 3.77 54.09
CA TRP F 237 16.77 3.39 54.17
C TRP F 237 16.13 3.27 52.78
N LEU F 238 16.53 4.14 51.87
CA LEU F 238 15.98 4.09 50.51
C LEU F 238 16.31 2.78 49.83
N HIS F 239 17.55 2.30 49.97
CA HIS F 239 17.97 1.07 49.31
C HIS F 239 17.38 -0.18 49.94
N GLU F 240 16.76 -0.05 51.09
CA GLU F 240 16.10 -1.18 51.72
C GLU F 240 14.77 -1.46 51.02
N PRO F 241 14.30 -2.71 51.03
CA PRO F 241 13.05 -3.04 50.35
C PRO F 241 11.86 -2.29 50.95
N LEU F 242 10.94 -1.91 50.07
CA LEU F 242 9.75 -1.20 50.49
C LEU F 242 8.86 -2.08 51.35
N ASP F 243 8.32 -1.50 52.42
CA ASP F 243 7.43 -2.23 53.31
C ASP F 243 6.00 -1.78 53.09
N PRO F 244 5.12 -2.64 52.59
CA PRO F 244 3.77 -2.18 52.22
C PRO F 244 2.94 -1.66 53.37
N VAL F 245 3.17 -2.11 54.60
CA VAL F 245 2.35 -1.69 55.73
C VAL F 245 3.04 -0.57 56.53
N GLN F 246 4.37 -0.57 56.60
CA GLN F 246 5.07 0.44 57.38
C GLN F 246 5.37 1.70 56.59
N ASP F 247 5.41 1.62 55.26
CA ASP F 247 5.72 2.76 54.41
C ASP F 247 4.47 3.36 53.78
N LYS F 248 3.30 3.07 54.34
CA LYS F 248 2.06 3.64 53.82
C LYS F 248 2.06 5.15 53.96
N ALA F 249 2.57 5.66 55.08
CA ALA F 249 2.60 7.11 55.30
C ALA F 249 3.64 7.79 54.41
N TRP F 250 4.80 7.16 54.23
CA TRP F 250 5.84 7.75 53.39
C TRP F 250 5.40 7.79 51.93
N VAL F 251 4.76 6.72 51.45
CA VAL F 251 4.29 6.68 50.07
C VAL F 251 3.16 7.67 49.87
N GLN F 252 2.28 7.80 50.85
CA GLN F 252 1.14 8.71 50.73
C GLN F 252 1.61 10.16 50.55
N ALA F 253 2.69 10.54 51.24
CA ALA F 253 3.18 11.91 51.16
C ALA F 253 4.08 12.15 49.96
N LEU F 254 4.41 11.12 49.19
CA LEU F 254 5.27 11.30 48.03
C LEU F 254 4.56 12.13 46.97
N PRO F 255 5.21 13.16 46.41
CA PRO F 255 4.67 13.79 45.20
C PRO F 255 4.74 12.80 44.04
N LYS F 256 3.58 12.42 43.52
CA LYS F 256 3.47 11.38 42.52
C LYS F 256 3.15 11.97 41.15
N VAL F 257 3.34 11.14 40.13
CA VAL F 257 3.01 11.47 38.75
C VAL F 257 2.05 10.42 38.23
N GLU F 258 0.97 10.85 37.61
CA GLU F 258 -0.06 9.98 37.11
C GLU F 258 -0.10 10.06 35.58
N LEU F 259 0.24 8.96 34.91
CA LEU F 259 0.29 8.95 33.46
C LEU F 259 -0.79 8.11 32.80
N HIS F 260 -1.44 7.22 33.54
CA HIS F 260 -2.47 6.33 32.99
C HIS F 260 -3.66 6.32 33.94
N CYS F 261 -4.63 7.20 33.67
CA CYS F 261 -5.81 7.34 34.50
C CYS F 261 -6.99 7.70 33.60
N HIS F 262 -8.07 6.92 33.70
CA HIS F 262 -9.24 7.11 32.85
C HIS F 262 -10.29 7.92 33.61
N LEU F 263 -10.83 8.94 32.94
CA LEU F 263 -11.85 9.78 33.55
C LEU F 263 -13.14 9.00 33.79
N GLY F 264 -13.51 8.12 32.86
CA GLY F 264 -14.76 7.40 32.95
C GLY F 264 -14.78 6.25 33.93
N GLY F 265 -13.65 5.93 34.54
CA GLY F 265 -13.60 4.85 35.50
C GLY F 265 -13.24 5.27 36.90
N PHE F 266 -13.66 6.47 37.31
CA PHE F 266 -13.28 7.02 38.61
C PHE F 266 -14.36 6.82 39.67
N ALA F 267 -15.57 7.34 39.44
CA ALA F 267 -16.65 7.21 40.42
C ALA F 267 -17.63 6.12 39.97
N THR F 268 -17.13 4.88 39.94
CA THR F 268 -17.90 3.80 39.34
C THR F 268 -18.88 3.19 40.34
N HIS F 269 -18.52 3.14 41.62
CA HIS F 269 -19.38 2.55 42.63
C HIS F 269 -19.18 3.30 43.94
N GLY F 270 -19.86 2.84 44.98
CA GLY F 270 -19.66 3.38 46.31
C GLY F 270 -20.30 4.75 46.50
N GLU F 271 -19.76 5.48 47.49
CA GLU F 271 -20.29 6.80 47.79
C GLU F 271 -19.96 7.81 46.69
N LEU F 272 -18.82 7.62 46.02
CA LEU F 272 -18.44 8.55 44.96
C LEU F 272 -19.37 8.47 43.76
N LEU F 273 -19.90 7.28 43.45
CA LEU F 273 -20.85 7.16 42.36
C LEU F 273 -22.11 7.97 42.65
N HIS F 274 -22.58 7.95 43.89
CA HIS F 274 -23.77 8.71 44.22
C HIS F 274 -23.49 10.21 44.29
N LYS F 275 -22.29 10.61 44.72
CA LYS F 275 -21.96 12.04 44.75
C LYS F 275 -21.96 12.64 43.35
N VAL F 276 -21.54 11.87 42.35
CA VAL F 276 -21.62 12.35 40.97
C VAL F 276 -23.08 12.37 40.52
N ARG F 277 -23.84 11.34 40.87
CA ARG F 277 -25.24 11.26 40.44
C ARG F 277 -26.09 12.36 41.07
N GLN F 278 -25.88 12.68 42.35
CA GLN F 278 -26.69 13.68 43.02
C GLN F 278 -26.47 15.09 42.49
N GLU F 279 -25.44 15.32 41.67
CA GLU F 279 -25.21 16.62 41.07
C GLU F 279 -25.55 16.64 39.58
N ALA F 280 -26.38 15.72 39.13
CA ALA F 280 -26.86 15.73 37.75
C ALA F 280 -27.73 16.97 37.51
N ALA F 281 -27.57 17.57 36.32
CA ALA F 281 -28.40 18.71 35.96
C ALA F 281 -29.83 18.27 35.63
N ASN F 282 -30.01 17.03 35.14
CA ASN F 282 -31.31 16.47 34.83
C ASN F 282 -31.42 15.13 35.54
N PRO F 283 -31.85 15.12 36.80
CA PRO F 283 -31.96 13.86 37.54
C PRO F 283 -32.95 12.88 36.92
N GLU F 284 -33.95 13.37 36.19
CA GLU F 284 -34.92 12.47 35.57
C GLU F 284 -34.33 11.64 34.44
N SER F 285 -33.21 12.09 33.85
CA SER F 285 -32.55 11.35 32.80
C SER F 285 -31.46 10.42 33.32
N LEU F 286 -31.28 10.34 34.63
CA LEU F 286 -30.26 9.47 35.20
C LEU F 286 -30.63 8.01 34.96
N PRO F 287 -29.71 7.20 34.43
CA PRO F 287 -30.00 5.77 34.30
C PRO F 287 -30.14 5.13 35.66
N PRO F 288 -30.96 4.09 35.77
CA PRO F 288 -31.05 3.36 37.03
C PRO F 288 -29.70 2.74 37.41
N VAL F 289 -29.40 2.75 38.70
CA VAL F 289 -28.15 2.17 39.19
C VAL F 289 -28.24 0.66 39.03
N ARG F 290 -27.48 0.12 38.08
CA ARG F 290 -27.45 -1.31 37.85
C ARG F 290 -26.77 -2.03 39.01
N ALA F 291 -27.15 -3.28 39.22
CA ALA F 291 -26.53 -4.11 40.25
C ALA F 291 -25.27 -4.74 39.67
N ILE F 292 -24.12 -4.19 40.04
CA ILE F 292 -22.83 -4.72 39.64
C ILE F 292 -22.06 -5.11 40.89
N PRO F 293 -22.18 -6.36 41.35
CA PRO F 293 -21.47 -6.76 42.57
C PRO F 293 -19.99 -6.97 42.30
N LEU F 294 -19.16 -6.43 43.18
CA LEU F 294 -17.72 -6.59 43.04
C LEU F 294 -17.31 -8.02 43.39
N PRO F 295 -16.27 -8.54 42.75
CA PRO F 295 -15.79 -9.87 43.10
C PRO F 295 -15.32 -9.90 44.54
N PRO F 296 -15.47 -11.03 45.22
CA PRO F 296 -15.08 -11.11 46.63
C PRO F 296 -13.58 -10.87 46.80
N GLY F 297 -13.23 -10.19 47.88
CA GLY F 297 -11.86 -9.82 48.13
C GLY F 297 -11.40 -8.55 47.43
N TRP F 298 -12.28 -7.89 46.69
CA TRP F 298 -11.91 -6.68 45.98
C TRP F 298 -11.33 -5.65 46.94
N PRO F 299 -10.25 -4.95 46.56
CA PRO F 299 -9.61 -4.92 45.25
C PRO F 299 -8.64 -6.06 44.98
N ILE F 300 -8.59 -7.09 45.81
CA ILE F 300 -7.68 -8.21 45.59
C ILE F 300 -8.52 -9.48 45.46
N PRO F 301 -9.01 -9.81 44.27
CA PRO F 301 -9.87 -10.98 44.13
C PRO F 301 -9.09 -12.27 44.30
N GLU F 302 -9.84 -13.33 44.62
CA GLU F 302 -9.23 -14.65 44.76
C GLU F 302 -8.64 -15.12 43.43
N GLU F 303 -9.35 -14.87 42.33
CA GLU F 303 -8.89 -15.22 41.00
C GLU F 303 -9.03 -14.03 40.07
N PRO F 304 -8.16 -13.92 39.07
CA PRO F 304 -8.30 -12.84 38.09
C PRO F 304 -9.62 -12.92 37.35
N ILE F 305 -10.21 -11.75 37.08
CA ILE F 305 -11.54 -11.69 36.49
C ILE F 305 -11.51 -11.48 34.98
N GLY F 306 -10.34 -11.19 34.40
CA GLY F 306 -10.26 -10.98 32.97
C GLY F 306 -10.66 -9.57 32.57
N LEU F 307 -10.44 -9.26 31.30
CA LEU F 307 -10.69 -7.90 30.82
C LEU F 307 -12.18 -7.63 30.63
N GLU F 308 -12.94 -8.62 30.17
CA GLU F 308 -14.36 -8.40 29.92
C GLU F 308 -15.11 -8.08 31.21
N ARG F 309 -14.88 -8.87 32.27
CA ARG F 309 -15.57 -8.62 33.53
C ARG F 309 -15.10 -7.31 34.17
N TYR F 310 -13.85 -6.92 33.94
CA TYR F 310 -13.30 -5.71 34.56
C TYR F 310 -14.01 -4.47 34.05
N MET F 311 -14.17 -4.36 32.73
CA MET F 311 -14.82 -3.19 32.15
C MET F 311 -16.30 -3.11 32.50
N ARG F 312 -16.92 -4.25 32.81
CA ARG F 312 -18.32 -4.24 33.21
C ARG F 312 -18.52 -3.74 34.64
N LEU F 313 -17.46 -3.72 35.46
CA LEU F 313 -17.58 -3.18 36.81
C LEU F 313 -17.76 -1.67 36.81
N GLY F 314 -17.48 -1.00 35.70
CA GLY F 314 -17.65 0.43 35.62
C GLY F 314 -18.81 0.86 34.75
N ASP F 315 -19.89 0.06 34.75
CA ASP F 315 -21.04 0.35 33.89
C ASP F 315 -21.99 1.38 34.49
N ASN F 316 -21.85 1.70 35.78
CA ASN F 316 -22.66 2.76 36.36
C ASN F 316 -22.15 4.16 36.06
N ASN F 317 -20.92 4.28 35.53
CA ASN F 317 -20.39 5.58 35.17
C ASN F 317 -19.94 5.57 33.72
N GLY F 318 -19.27 6.62 33.28
CA GLY F 318 -18.82 6.71 31.91
C GLY F 318 -19.89 7.28 31.00
N SER F 319 -20.07 6.67 29.83
CA SER F 319 -21.00 7.21 28.84
C SER F 319 -22.42 7.26 29.38
N ALA F 320 -22.79 6.32 30.24
CA ALA F 320 -24.14 6.33 30.81
C ALA F 320 -24.39 7.59 31.64
N LEU F 321 -23.42 7.97 32.47
CA LEU F 321 -23.61 9.06 33.42
C LEU F 321 -23.08 10.40 32.94
N LEU F 322 -22.00 10.41 32.17
CA LEU F 322 -21.28 11.65 31.90
C LEU F 322 -21.85 12.45 30.74
N LYS F 323 -22.94 11.98 30.11
CA LYS F 323 -23.64 12.83 29.15
C LYS F 323 -24.36 13.97 29.84
N ASP F 324 -24.57 13.86 31.15
CA ASP F 324 -25.15 14.97 31.91
C ASP F 324 -24.08 16.01 32.22
N PRO F 325 -24.31 17.28 31.89
CA PRO F 325 -23.30 18.30 32.22
C PRO F 325 -23.00 18.41 33.71
N GLY F 326 -24.01 18.20 34.55
CA GLY F 326 -23.78 18.22 35.99
C GLY F 326 -22.95 17.05 36.48
N CYS F 327 -23.23 15.86 35.95
CA CYS F 327 -22.43 14.69 36.31
C CYS F 327 -21.00 14.82 35.80
N LEU F 328 -20.82 15.36 34.60
CA LEU F 328 -19.48 15.55 34.06
C LEU F 328 -18.68 16.52 34.92
N ARG F 329 -19.32 17.59 35.40
CA ARG F 329 -18.62 18.52 36.27
C ARG F 329 -18.24 17.87 37.60
N ALA F 330 -19.17 17.11 38.19
CA ALA F 330 -18.87 16.43 39.44
C ALA F 330 -17.74 15.42 39.27
N GLN F 331 -17.76 14.66 38.17
CA GLN F 331 -16.74 13.67 37.92
C GLN F 331 -15.36 14.30 37.81
N CYS F 332 -15.26 15.45 37.13
CA CYS F 332 -13.97 16.11 36.99
C CYS F 332 -13.48 16.68 38.31
N ARG F 333 -14.35 17.41 39.03
CA ARG F 333 -13.92 18.05 40.28
C ARG F 333 -13.62 17.01 41.35
N LEU F 334 -14.41 15.94 41.43
CA LEU F 334 -14.16 14.90 42.42
C LEU F 334 -12.89 14.13 42.11
N LEU F 335 -12.60 13.90 40.83
CA LEU F 335 -11.36 13.23 40.46
C LEU F 335 -10.15 14.07 40.83
N TYR F 336 -10.24 15.39 40.62
CA TYR F 336 -9.16 16.28 41.03
C TYR F 336 -8.97 16.26 42.55
N GLU F 337 -10.07 16.19 43.30
CA GLU F 337 -9.96 16.09 44.75
C GLU F 337 -9.28 14.79 45.15
N ALA F 338 -9.53 13.71 44.42
CA ALA F 338 -8.82 12.46 44.68
C ALA F 338 -7.34 12.58 44.36
N LEU F 339 -7.00 13.33 43.30
CA LEU F 339 -5.60 13.55 42.97
C LEU F 339 -4.90 14.37 44.04
N LEU F 340 -5.55 15.42 44.54
CA LEU F 340 -4.95 16.25 45.57
C LEU F 340 -4.75 15.46 46.87
N ALA F 341 -5.73 14.63 47.23
CA ALA F 341 -5.63 13.84 48.45
C ALA F 341 -4.48 12.84 48.36
N ASP F 342 -4.09 12.45 47.16
CA ASP F 342 -3.00 11.50 46.94
C ASP F 342 -1.67 12.19 46.67
N HIS F 343 -1.62 13.51 46.76
CA HIS F 343 -0.39 14.28 46.59
C HIS F 343 0.21 14.07 45.19
N VAL F 344 -0.65 13.86 44.22
CA VAL F 344 -0.23 13.80 42.83
C VAL F 344 0.13 15.20 42.36
N ALA F 345 1.32 15.37 41.80
CA ALA F 345 1.78 16.68 41.35
C ALA F 345 1.50 16.91 39.87
N TYR F 346 1.59 15.87 39.06
CA TYR F 346 1.26 15.94 37.65
C TYR F 346 0.41 14.73 37.31
N ALA F 347 -0.67 14.96 36.57
CA ALA F 347 -1.54 13.88 36.15
C ALA F 347 -1.92 14.06 34.69
N GLU F 348 -2.10 12.95 34.00
CA GLU F 348 -2.62 12.94 32.63
C GLU F 348 -3.89 12.10 32.63
N ILE F 349 -5.03 12.76 32.45
CA ILE F 349 -6.34 12.11 32.51
C ILE F 349 -6.78 11.79 31.09
N ARG F 350 -7.22 10.56 30.88
CA ARG F 350 -7.70 10.10 29.59
C ARG F 350 -9.22 10.18 29.56
N CYS F 351 -9.76 10.80 28.52
CA CYS F 351 -11.19 11.01 28.40
C CYS F 351 -11.63 10.69 26.98
N SER F 352 -12.93 10.45 26.83
CA SER F 352 -13.56 10.18 25.53
C SER F 352 -14.69 11.18 25.35
N PRO F 353 -14.37 12.42 24.99
CA PRO F 353 -15.41 13.46 24.93
C PRO F 353 -16.55 13.16 23.97
N ALA F 354 -16.29 12.43 22.89
CA ALA F 354 -17.37 12.09 21.98
C ALA F 354 -18.32 11.05 22.57
N ASN F 355 -17.87 10.26 23.53
CA ASN F 355 -18.76 9.34 24.22
C ASN F 355 -19.78 10.05 25.07
N TYR F 356 -19.48 11.29 25.50
CA TYR F 356 -20.38 12.05 26.37
C TYR F 356 -21.10 13.16 25.61
N ALA F 357 -21.03 13.15 24.28
CA ALA F 357 -21.66 14.18 23.48
C ALA F 357 -23.14 13.88 23.27
N SER F 358 -23.92 14.94 23.11
CA SER F 358 -25.35 14.82 22.89
C SER F 358 -25.77 15.59 21.64
N ALA F 359 -27.08 15.68 21.39
CA ALA F 359 -27.55 16.41 20.22
C ALA F 359 -27.20 17.88 20.30
N SER F 360 -27.34 18.48 21.49
CA SER F 360 -27.02 19.88 21.71
C SER F 360 -25.61 20.10 22.23
N ARG F 361 -24.87 19.03 22.53
CA ARG F 361 -23.53 19.13 23.12
C ARG F 361 -22.56 18.37 22.21
N SER F 362 -21.78 19.12 21.45
CA SER F 362 -20.78 18.50 20.57
C SER F 362 -19.62 17.97 21.41
N PRO F 363 -18.85 17.04 20.85
CA PRO F 363 -17.64 16.59 21.56
C PRO F 363 -16.68 17.71 21.89
N TRP F 364 -16.63 18.76 21.06
CA TRP F 364 -15.82 19.92 21.41
C TRP F 364 -16.36 20.64 22.63
N VAL F 365 -17.69 20.71 22.78
CA VAL F 365 -18.28 21.30 23.97
C VAL F 365 -17.96 20.47 25.20
N VAL F 366 -18.03 19.14 25.07
CA VAL F 366 -17.72 18.26 26.19
C VAL F 366 -16.26 18.40 26.60
N LEU F 367 -15.35 18.38 25.62
CA LEU F 367 -13.92 18.48 25.92
C LEU F 367 -13.58 19.82 26.54
N GLN F 368 -14.17 20.90 26.02
CA GLN F 368 -13.93 22.22 26.57
C GLN F 368 -14.42 22.31 28.01
N GLU F 369 -15.55 21.67 28.31
CA GLU F 369 -16.04 21.63 29.68
C GLU F 369 -15.12 20.82 30.57
N ILE F 370 -14.61 19.70 30.08
CA ILE F 370 -13.69 18.88 30.86
C ILE F 370 -12.42 19.65 31.17
N ARG F 371 -11.88 20.34 30.16
CA ARG F 371 -10.65 21.10 30.36
C ARG F 371 -10.86 22.23 31.35
N ASN F 372 -11.97 22.95 31.24
CA ASN F 372 -12.19 24.10 32.11
C ASN F 372 -12.61 23.69 33.51
N HIS F 373 -13.24 22.52 33.65
CA HIS F 373 -13.50 22.00 34.99
C HIS F 373 -12.19 21.72 35.73
N PHE F 374 -11.22 21.12 35.03
CA PHE F 374 -9.92 20.85 35.64
C PHE F 374 -9.12 22.13 35.79
N GLN F 375 -9.18 23.01 34.81
CA GLN F 375 -8.48 24.28 34.91
C GLN F 375 -8.98 25.11 36.07
N GLN F 376 -10.30 25.17 36.27
CA GLN F 376 -10.85 25.89 37.40
C GLN F 376 -10.44 25.24 38.72
N ALA F 377 -10.41 23.91 38.76
CA ALA F 377 -9.92 23.21 39.94
C ALA F 377 -8.45 23.50 40.19
N MET F 378 -7.64 23.53 39.12
CA MET F 378 -6.23 23.84 39.27
C MET F 378 -6.02 25.27 39.79
N GLU F 379 -6.78 26.23 39.26
CA GLU F 379 -6.60 27.63 39.63
C GLU F 379 -7.00 27.87 41.08
N GLU F 380 -8.00 27.14 41.58
CA GLU F 380 -8.45 27.30 42.95
C GLU F 380 -7.47 26.70 43.97
N THR F 381 -6.50 25.92 43.51
CA THR F 381 -5.52 25.27 44.37
C THR F 381 -4.25 26.10 44.43
N PRO F 382 -3.68 26.27 45.63
CA PRO F 382 -2.41 27.00 45.75
C PRO F 382 -1.31 26.32 44.95
N GLU F 383 -0.40 27.15 44.43
CA GLU F 383 0.67 26.68 43.56
C GLU F 383 1.52 25.61 44.24
N ASP F 384 1.65 25.65 45.56
CA ASP F 384 2.53 24.74 46.27
C ASP F 384 2.04 23.29 46.21
N ARG F 385 0.72 23.09 46.32
CA ARG F 385 0.16 21.74 46.31
C ARG F 385 -0.74 21.50 45.11
N ARG F 386 -0.58 22.28 44.05
CA ARG F 386 -1.44 22.16 42.88
C ARG F 386 -1.05 20.94 42.05
N CYS F 387 -2.05 20.17 41.65
CA CYS F 387 -1.84 19.05 40.72
C CYS F 387 -2.09 19.57 39.30
N HIS F 388 -1.05 19.59 38.48
CA HIS F 388 -1.24 19.95 37.08
C HIS F 388 -1.87 18.79 36.34
N VAL F 389 -2.98 19.04 35.66
CA VAL F 389 -3.71 18.02 34.93
C VAL F 389 -3.60 18.34 33.44
N ASN F 390 -3.14 17.35 32.68
CA ASN F 390 -3.18 17.39 31.23
C ASN F 390 -4.15 16.33 30.74
N LEU F 391 -4.62 16.48 29.52
CA LEU F 391 -5.66 15.62 28.98
C LEU F 391 -5.15 14.81 27.79
N LEU F 392 -5.43 13.51 27.81
CA LEU F 392 -5.25 12.65 26.66
C LEU F 392 -6.63 12.26 26.14
N LEU F 393 -6.77 12.18 24.83
CA LEU F 393 -8.01 11.76 24.20
C LEU F 393 -7.87 10.31 23.77
N THR F 394 -8.82 9.47 24.20
CA THR F 394 -8.75 8.05 23.94
C THR F 394 -9.44 7.74 22.63
N ALA F 395 -8.68 7.20 21.67
CA ALA F 395 -9.25 6.64 20.46
C ALA F 395 -9.51 5.16 20.68
N THR F 396 -10.79 4.78 20.70
CA THR F 396 -11.21 3.43 21.03
C THR F 396 -11.52 2.65 19.76
N ARG F 397 -10.84 1.53 19.59
CA ARG F 397 -11.06 0.64 18.46
C ARG F 397 -11.96 -0.51 18.87
N GLU F 398 -12.72 -1.03 17.91
CA GLU F 398 -13.62 -2.16 18.12
C GLU F 398 -13.76 -2.94 16.82
N GLU F 399 -14.64 -3.95 16.85
CA GLU F 399 -14.97 -4.72 15.66
C GLU F 399 -16.01 -3.97 14.85
N GLY F 400 -15.58 -3.29 13.79
CA GLY F 400 -16.48 -2.50 12.98
C GLY F 400 -17.31 -1.53 13.79
N GLY F 401 -18.62 -1.52 13.55
CA GLY F 401 -19.55 -0.77 14.37
C GLY F 401 -19.59 0.72 14.04
N ASP F 402 -18.61 1.46 14.53
CA ASP F 402 -18.46 2.86 14.17
C ASP F 402 -17.05 3.36 14.44
N ARG F 403 -16.22 3.48 13.40
CA ARG F 403 -14.89 4.04 13.56
C ARG F 403 -14.82 5.50 13.11
N SER F 404 -15.97 6.14 12.93
CA SER F 404 -15.99 7.59 12.81
C SER F 404 -15.77 8.28 14.15
N ARG F 405 -15.94 7.54 15.25
CA ARG F 405 -15.66 8.10 16.57
C ARG F 405 -14.17 8.29 16.79
N ILE F 406 -13.36 7.39 16.23
CA ILE F 406 -11.91 7.57 16.28
C ILE F 406 -11.50 8.81 15.52
N ALA F 407 -12.06 9.00 14.32
CA ALA F 407 -11.74 10.19 13.54
C ALA F 407 -12.17 11.45 14.25
N ARG F 408 -13.24 11.37 15.03
CA ARG F 408 -13.70 12.52 15.81
C ARG F 408 -12.76 12.80 16.98
N HIS F 409 -12.28 11.74 17.65
CA HIS F 409 -11.37 11.93 18.77
C HIS F 409 -9.99 12.38 18.29
N LEU F 410 -9.50 11.80 17.20
CA LEU F 410 -8.20 12.21 16.68
C LEU F 410 -8.23 13.65 16.19
N ALA F 411 -9.35 14.05 15.57
CA ALA F 411 -9.48 15.42 15.11
C ALA F 411 -9.66 16.39 16.28
N LEU F 412 -10.36 15.95 17.32
CA LEU F 412 -10.55 16.78 18.51
C LEU F 412 -9.23 17.07 19.19
N ALA F 413 -8.36 16.06 19.30
CA ALA F 413 -7.07 16.24 19.95
C ALA F 413 -6.15 17.13 19.12
N ILE F 414 -6.23 17.04 17.79
CA ILE F 414 -5.46 17.94 16.95
C ILE F 414 -5.96 19.37 17.11
N THR F 415 -7.28 19.55 17.13
CA THR F 415 -7.86 20.87 17.32
C THR F 415 -7.52 21.44 18.69
N ALA F 416 -7.63 20.62 19.74
CA ALA F 416 -7.40 21.10 21.09
C ALA F 416 -5.94 21.36 21.37
N ALA F 417 -5.03 20.78 20.58
CA ALA F 417 -3.61 20.90 20.88
C ALA F 417 -3.13 22.34 20.83
N GLU F 418 -3.47 23.09 19.78
CA GLU F 418 -3.00 24.47 19.71
C GLU F 418 -3.93 25.43 20.42
N HIS F 419 -5.16 25.00 20.74
CA HIS F 419 -6.13 25.90 21.35
C HIS F 419 -5.68 26.34 22.73
N TRP F 420 -5.22 25.40 23.55
CA TRP F 420 -4.78 25.69 24.91
C TRP F 420 -3.27 25.52 24.96
N LYS F 421 -2.55 26.62 25.18
CA LYS F 421 -1.11 26.60 25.33
C LYS F 421 -0.66 26.72 26.78
N ASN F 422 -1.60 26.85 27.71
CA ASN F 422 -1.29 27.10 29.10
C ASN F 422 -2.31 26.35 29.95
N GLY F 423 -1.97 26.14 31.22
CA GLY F 423 -2.88 25.46 32.12
C GLY F 423 -3.14 24.03 31.70
N CYS F 424 -4.36 23.57 31.97
CA CYS F 424 -4.78 22.27 31.47
C CYS F 424 -4.81 22.30 29.95
N ARG F 425 -4.21 21.30 29.33
CA ARG F 425 -4.15 21.28 27.88
C ARG F 425 -4.09 19.84 27.39
N VAL F 426 -4.48 19.65 26.14
CA VAL F 426 -4.47 18.33 25.53
C VAL F 426 -3.09 18.04 24.97
N VAL F 427 -2.49 16.94 25.41
CA VAL F 427 -1.09 16.67 25.15
C VAL F 427 -0.85 15.37 24.42
N GLY F 428 -1.89 14.59 24.13
CA GLY F 428 -1.68 13.36 23.40
C GLY F 428 -2.97 12.65 23.14
N VAL F 429 -2.85 11.56 22.38
CA VAL F 429 -3.95 10.63 22.13
C VAL F 429 -3.59 9.30 22.75
N ASP F 430 -4.61 8.52 23.09
CA ASP F 430 -4.44 7.22 23.71
C ASP F 430 -5.20 6.19 22.86
N LEU F 431 -4.46 5.41 22.08
CA LEU F 431 -5.09 4.36 21.28
C LEU F 431 -5.41 3.18 22.17
N ALA F 432 -6.69 2.85 22.28
CA ALA F 432 -7.16 1.85 23.22
C ALA F 432 -8.37 1.11 22.66
N GLY F 433 -9.07 0.36 23.50
CA GLY F 433 -10.28 -0.31 23.07
C GLY F 433 -10.15 -1.81 22.93
N PHE F 434 -10.47 -2.33 21.76
CA PHE F 434 -10.58 -3.77 21.53
C PHE F 434 -9.23 -4.30 21.07
N GLU F 435 -8.67 -5.24 21.82
CA GLU F 435 -7.31 -5.73 21.56
C GLU F 435 -7.39 -7.06 20.83
N ASP F 436 -6.99 -7.07 19.56
CA ASP F 436 -6.98 -8.29 18.77
C ASP F 436 -6.07 -8.07 17.57
N ARG F 437 -5.66 -9.18 16.94
CA ARG F 437 -4.89 -9.13 15.71
C ARG F 437 -5.65 -8.49 14.55
N THR F 438 -6.98 -8.38 14.66
CA THR F 438 -7.76 -7.62 13.69
C THR F 438 -7.66 -6.11 13.94
N THR F 439 -7.60 -5.70 15.21
CA THR F 439 -7.47 -4.29 15.58
C THR F 439 -6.06 -3.95 16.06
N ARG F 440 -5.04 -4.64 15.54
CA ARG F 440 -3.68 -4.33 15.92
C ARG F 440 -3.28 -2.95 15.40
N ALA F 441 -2.17 -2.44 15.93
CA ALA F 441 -1.78 -1.04 15.77
C ALA F 441 -1.66 -0.60 14.31
N ALA F 442 -1.02 -1.42 13.47
CA ALA F 442 -0.75 -1.02 12.09
C ALA F 442 -2.02 -0.76 11.29
N MET F 443 -3.15 -1.31 11.73
CA MET F 443 -4.41 -1.06 11.03
C MET F 443 -4.78 0.42 11.07
N PHE F 444 -4.32 1.14 12.09
CA PHE F 444 -4.62 2.55 12.26
C PHE F 444 -3.41 3.44 11.98
N ALA F 445 -2.37 2.92 11.33
CA ALA F 445 -1.15 3.70 11.13
C ALA F 445 -1.40 4.97 10.32
N THR F 446 -2.27 4.90 9.31
CA THR F 446 -2.58 6.07 8.50
C THR F 446 -3.51 7.05 9.21
N ASP F 447 -4.26 6.58 10.21
CA ASP F 447 -5.11 7.50 10.98
C ASP F 447 -4.28 8.45 11.83
N PHE F 448 -3.10 8.02 12.26
CA PHE F 448 -2.28 8.79 13.19
C PHE F 448 -1.20 9.61 12.51
N GLU F 449 -1.12 9.57 11.18
CA GLU F 449 -0.24 10.50 10.48
C GLU F 449 -0.60 11.96 10.75
N PRO F 450 -1.88 12.38 10.73
CA PRO F 450 -2.19 13.76 11.14
C PRO F 450 -1.79 14.06 12.56
N VAL F 451 -1.88 13.08 13.46
CA VAL F 451 -1.49 13.28 14.85
C VAL F 451 0.00 13.55 14.96
N HIS F 452 0.82 12.87 14.15
CA HIS F 452 2.25 13.05 14.21
C HIS F 452 2.69 14.36 13.56
N ARG F 453 1.98 14.82 12.54
CA ARG F 453 2.31 16.08 11.87
C ARG F 453 2.14 17.29 12.79
N VAL F 454 1.21 17.24 13.74
CA VAL F 454 0.94 18.35 14.63
C VAL F 454 1.66 18.18 15.96
N GLY F 455 2.59 17.24 16.04
CA GLY F 455 3.39 17.04 17.23
C GLY F 455 2.64 16.55 18.45
N LEU F 456 1.63 15.71 18.26
CA LEU F 456 0.89 15.12 19.36
C LEU F 456 1.51 13.77 19.70
N ALA F 457 1.75 13.55 20.99
CA ALA F 457 2.29 12.28 21.45
C ALA F 457 1.22 11.20 21.44
N VAL F 458 1.66 9.95 21.37
CA VAL F 458 0.77 8.80 21.28
C VAL F 458 1.18 7.80 22.34
N THR F 459 0.20 7.32 23.11
CA THR F 459 0.35 6.18 23.99
C THR F 459 -0.63 5.10 23.56
N VAL F 460 -0.24 3.84 23.73
CA VAL F 460 -0.98 2.70 23.17
C VAL F 460 -1.28 1.70 24.28
N HIS F 461 -2.54 1.26 24.35
CA HIS F 461 -2.98 0.18 25.24
C HIS F 461 -2.65 -1.20 24.65
N ALA F 462 -1.37 -1.49 24.48
CA ALA F 462 -0.95 -2.77 23.92
C ALA F 462 -0.55 -3.71 25.05
N GLY F 463 -1.53 -4.10 25.87
CA GLY F 463 -1.21 -4.91 27.03
C GLY F 463 -2.13 -6.00 27.54
N GLU F 464 -3.02 -6.58 26.72
CA GLU F 464 -3.85 -7.65 27.26
C GLU F 464 -3.70 -8.98 26.51
N ASN F 465 -3.67 -8.94 25.18
CA ASN F 465 -3.81 -10.14 24.37
C ASN F 465 -2.58 -11.06 24.42
N ASP F 466 -1.60 -10.74 25.25
CA ASP F 466 -0.39 -11.54 25.39
C ASP F 466 0.33 -11.68 24.04
N ASP F 467 0.31 -10.60 23.27
CA ASP F 467 1.01 -10.53 22.00
C ASP F 467 2.23 -9.61 22.12
N VAL F 468 3.23 -9.89 21.29
CA VAL F 468 4.38 -9.00 21.14
C VAL F 468 4.39 -8.30 19.80
N GLU F 469 3.73 -8.87 18.79
CA GLU F 469 3.63 -8.23 17.49
C GLU F 469 2.84 -6.93 17.55
N GLY F 470 1.87 -6.81 18.45
CA GLY F 470 1.16 -5.54 18.60
C GLY F 470 2.04 -4.44 19.16
N ILE F 471 2.94 -4.79 20.07
CA ILE F 471 3.87 -3.82 20.65
C ILE F 471 4.87 -3.35 19.60
N TRP F 472 5.19 -4.21 18.64
CA TRP F 472 6.10 -3.83 17.56
C TRP F 472 5.50 -2.75 16.68
N GLN F 473 4.24 -2.91 16.25
CA GLN F 473 3.60 -1.83 15.52
C GLN F 473 3.43 -0.58 16.38
N ALA F 474 3.11 -0.72 17.66
CA ALA F 474 2.95 0.48 18.48
C ALA F 474 4.24 1.28 18.55
N VAL F 475 5.39 0.61 18.67
CA VAL F 475 6.66 1.32 18.71
C VAL F 475 7.01 1.87 17.34
N PHE F 476 6.83 1.08 16.29
CA PHE F 476 7.39 1.40 14.98
C PHE F 476 6.38 1.83 13.93
N LYS F 477 5.12 1.41 14.04
CA LYS F 477 4.12 1.84 13.07
C LYS F 477 3.28 3.01 13.57
N LEU F 478 3.09 3.12 14.88
CA LEU F 478 2.38 4.25 15.47
C LEU F 478 3.30 5.27 16.11
N SER F 479 4.58 4.98 16.24
CA SER F 479 5.53 5.87 16.89
C SER F 479 5.07 6.25 18.30
N ALA F 480 4.58 5.26 19.04
CA ALA F 480 4.06 5.50 20.38
C ALA F 480 5.19 5.88 21.32
N ARG F 481 4.97 6.94 22.10
CA ARG F 481 5.97 7.37 23.08
C ARG F 481 5.86 6.58 24.38
N ARG F 482 4.69 6.07 24.69
CA ARG F 482 4.46 5.27 25.88
C ARG F 482 3.63 4.05 25.52
N LEU F 483 3.80 2.98 26.29
CA LEU F 483 3.06 1.73 26.09
C LEU F 483 2.26 1.44 27.35
N GLY F 484 0.95 1.29 27.18
CA GLY F 484 0.10 0.95 28.31
C GLY F 484 0.17 -0.53 28.64
N HIS F 485 0.31 -0.82 29.93
CA HIS F 485 0.47 -2.18 30.42
C HIS F 485 1.69 -2.84 29.80
N ALA F 486 1.50 -3.60 28.73
CA ALA F 486 2.59 -4.27 28.01
C ALA F 486 3.43 -5.11 28.97
N LEU F 487 2.79 -6.12 29.53
CA LEU F 487 3.40 -6.97 30.56
C LEU F 487 4.17 -8.14 29.97
N HIS F 488 4.30 -8.23 28.65
CA HIS F 488 4.91 -9.37 27.99
C HIS F 488 6.04 -8.93 27.08
N LEU F 489 6.75 -7.87 27.47
CA LEU F 489 7.92 -7.42 26.73
C LEU F 489 9.05 -8.44 26.79
N SER F 490 9.20 -9.13 27.92
CA SER F 490 10.26 -10.11 28.09
C SER F 490 10.13 -11.30 27.14
N ARG F 491 8.95 -11.52 26.58
CA ARG F 491 8.79 -12.61 25.60
C ARG F 491 9.68 -12.39 24.39
N SER F 492 9.89 -11.13 24.01
CA SER F 492 10.82 -10.78 22.93
C SER F 492 11.97 -9.99 23.54
N PRO F 493 13.09 -10.63 23.86
CA PRO F 493 14.21 -9.88 24.47
C PRO F 493 14.78 -8.84 23.54
N ASP F 494 14.53 -8.97 22.24
CA ASP F 494 14.96 -7.98 21.27
C ASP F 494 14.05 -6.74 21.32
N LEU F 495 12.73 -6.96 21.49
CA LEU F 495 11.82 -5.84 21.66
C LEU F 495 12.05 -5.14 22.99
N LEU F 496 12.39 -5.90 24.04
CA LEU F 496 12.70 -5.30 25.33
C LEU F 496 13.89 -4.37 25.23
N ARG F 497 14.91 -4.76 24.46
CA ARG F 497 16.07 -3.89 24.27
C ARG F 497 15.69 -2.63 23.51
N VAL F 498 14.82 -2.75 22.52
CA VAL F 498 14.38 -1.59 21.74
C VAL F 498 13.60 -0.61 22.61
N VAL F 499 12.72 -1.12 23.47
CA VAL F 499 11.91 -0.25 24.31
C VAL F 499 12.81 0.55 25.26
N ALA F 500 13.80 -0.10 25.85
CA ALA F 500 14.71 0.59 26.75
C ALA F 500 15.61 1.56 26.01
N GLU F 501 16.07 1.18 24.81
CA GLU F 501 17.00 2.02 24.06
C GLU F 501 16.33 3.30 23.59
N ARG F 502 15.09 3.21 23.12
CA ARG F 502 14.40 4.37 22.55
C ARG F 502 13.71 5.23 23.61
N GLY F 503 13.75 4.84 24.88
CA GLY F 503 13.12 5.62 25.93
C GLY F 503 11.63 5.49 25.99
N ILE F 504 11.05 4.52 25.29
CA ILE F 504 9.61 4.31 25.33
C ILE F 504 9.22 3.86 26.73
N ALA F 505 8.32 4.60 27.36
CA ALA F 505 7.93 4.29 28.73
C ALA F 505 6.82 3.26 28.76
N VAL F 506 6.82 2.44 29.81
CA VAL F 506 5.83 1.39 30.01
C VAL F 506 4.97 1.82 31.19
N GLU F 507 3.66 1.91 30.95
CA GLU F 507 2.71 2.31 31.98
C GLU F 507 2.18 1.05 32.67
N LEU F 508 2.67 0.79 33.87
CA LEU F 508 2.23 -0.36 34.65
C LEU F 508 1.14 0.07 35.62
N CYS F 509 0.09 -0.74 35.71
CA CYS F 509 -1.03 -0.50 36.61
C CYS F 509 -1.16 -1.72 37.52
N PRO F 510 -0.51 -1.69 38.68
CA PRO F 510 -0.42 -2.90 39.52
C PRO F 510 -1.75 -3.54 39.88
N TYR F 511 -2.68 -2.80 40.48
CA TYR F 511 -3.97 -3.38 40.86
C TYR F 511 -4.75 -3.86 39.64
N ALA F 512 -4.80 -3.05 38.58
CA ALA F 512 -5.54 -3.46 37.39
C ALA F 512 -4.93 -4.69 36.75
N ASN F 513 -3.59 -4.75 36.69
CA ASN F 513 -2.93 -5.93 36.15
C ASN F 513 -3.19 -7.15 37.02
N LEU F 514 -3.14 -6.99 38.35
CA LEU F 514 -3.42 -8.10 39.24
C LEU F 514 -4.88 -8.54 39.12
N GLN F 515 -5.81 -7.58 39.02
CA GLN F 515 -7.22 -7.92 38.96
C GLN F 515 -7.59 -8.57 37.63
N ILE F 516 -7.04 -8.05 36.53
CA ILE F 516 -7.39 -8.58 35.21
C ILE F 516 -6.59 -9.83 34.90
N LYS F 517 -5.28 -9.79 35.08
CA LYS F 517 -4.41 -10.89 34.68
C LYS F 517 -4.10 -11.86 35.80
N GLY F 518 -3.83 -11.34 36.99
CA GLY F 518 -3.41 -12.18 38.10
C GLY F 518 -1.91 -12.40 38.09
N PHE F 519 -1.28 -12.18 39.24
CA PHE F 519 0.15 -12.38 39.38
C PHE F 519 0.42 -13.01 40.75
N PRO F 520 1.49 -13.80 40.87
CA PRO F 520 1.85 -14.34 42.18
C PRO F 520 2.11 -13.20 43.16
N LEU F 521 1.70 -13.42 44.41
CA LEU F 521 1.63 -12.34 45.39
C LEU F 521 2.36 -12.77 46.65
N ASP F 522 3.21 -11.88 47.17
CA ASP F 522 3.95 -12.10 48.42
C ASP F 522 4.92 -13.28 48.33
N GLU F 523 5.31 -13.67 47.11
CA GLU F 523 6.32 -14.71 46.96
C GLU F 523 7.69 -14.16 47.33
N GLU F 524 8.46 -14.96 48.08
CA GLU F 524 9.76 -14.49 48.55
C GLU F 524 10.85 -14.59 47.49
N GLN F 525 10.61 -15.33 46.40
CA GLN F 525 11.52 -15.40 45.28
C GLN F 525 10.79 -14.99 44.00
N GLU F 526 11.55 -14.77 42.94
CA GLU F 526 11.03 -14.24 41.68
C GLU F 526 11.34 -15.21 40.55
N GLY F 527 10.30 -15.67 39.86
CA GLY F 527 10.54 -16.43 38.65
C GLY F 527 9.35 -16.74 37.77
N SER F 528 9.46 -16.37 36.50
CA SER F 528 8.66 -16.88 35.39
C SER F 528 7.18 -16.50 35.44
N GLU F 529 6.73 -15.94 36.55
CA GLU F 529 5.35 -15.46 36.65
C GLU F 529 5.24 -14.11 37.34
N THR F 530 6.31 -13.61 37.95
CA THR F 530 6.25 -12.43 38.77
C THR F 530 5.89 -11.21 37.92
N TYR F 531 5.33 -10.21 38.59
CA TYR F 531 5.11 -8.91 37.96
C TYR F 531 6.44 -8.42 37.38
N PRO F 532 6.47 -7.99 36.12
CA PRO F 532 7.75 -7.74 35.46
C PRO F 532 8.37 -6.39 35.78
N LEU F 533 7.90 -5.75 36.85
CA LEU F 533 8.37 -4.40 37.17
C LEU F 533 9.88 -4.37 37.41
N ARG F 534 10.38 -5.24 38.30
CA ARG F 534 11.80 -5.23 38.60
C ARG F 534 12.63 -5.78 37.44
N GLY F 535 12.09 -6.73 36.68
CA GLY F 535 12.77 -7.16 35.46
C GLY F 535 12.85 -6.06 34.43
N TYR F 536 11.78 -5.27 34.29
CA TYR F 536 11.81 -4.13 33.38
C TYR F 536 12.81 -3.08 33.84
N LEU F 537 12.84 -2.79 35.14
CA LEU F 537 13.79 -1.81 35.66
C LEU F 537 15.23 -2.27 35.44
N ALA F 538 15.50 -3.56 35.67
CA ALA F 538 16.85 -4.09 35.49
C ALA F 538 17.30 -4.05 34.04
N ALA F 539 16.36 -4.04 33.09
CA ALA F 539 16.68 -3.99 31.67
C ALA F 539 16.77 -2.58 31.13
N GLY F 540 16.62 -1.56 31.98
CA GLY F 540 16.69 -0.19 31.53
C GLY F 540 15.41 0.36 30.95
N VAL F 541 14.28 -0.31 31.15
CA VAL F 541 13.00 0.20 30.69
C VAL F 541 12.54 1.30 31.62
N ALA F 542 12.07 2.40 31.05
CA ALA F 542 11.49 3.50 31.82
C ALA F 542 10.08 3.08 32.25
N VAL F 543 9.93 2.70 33.51
CA VAL F 543 8.70 2.11 34.00
C VAL F 543 7.98 3.12 34.89
N THR F 544 6.68 3.26 34.67
CA THR F 544 5.82 4.11 35.49
C THR F 544 4.71 3.27 36.09
N LEU F 545 4.25 3.67 37.27
CA LEU F 545 3.19 2.98 37.98
C LEU F 545 1.97 3.88 38.06
N ASN F 546 0.81 3.35 37.67
CA ASN F 546 -0.41 4.15 37.58
C ASN F 546 -1.61 3.43 38.17
N THR F 547 -2.77 4.09 38.14
CA THR F 547 -3.99 3.54 38.71
C THR F 547 -4.94 2.94 37.67
N ASP F 548 -4.79 3.28 36.40
CA ASP F 548 -5.68 2.82 35.33
C ASP F 548 -7.10 3.34 35.55
N ASN F 549 -7.78 2.80 36.56
CA ASN F 549 -9.14 3.20 36.90
C ASN F 549 -9.23 3.31 38.40
N LEU F 550 -9.34 4.54 38.92
CA LEU F 550 -9.41 4.73 40.36
C LEU F 550 -10.66 4.09 40.96
N GLY F 551 -11.74 4.01 40.18
CA GLY F 551 -12.97 3.45 40.68
C GLY F 551 -13.09 1.95 40.53
N ILE F 552 -12.89 1.44 39.32
CA ILE F 552 -13.05 0.01 39.08
C ILE F 552 -12.03 -0.78 39.88
N SER F 553 -10.78 -0.33 39.88
CA SER F 553 -9.74 -1.03 40.63
C SER F 553 -9.80 -0.77 42.13
N GLN F 554 -10.54 0.27 42.54
CA GLN F 554 -10.75 0.58 43.96
C GLN F 554 -9.42 0.76 44.70
N ALA F 555 -8.49 1.46 44.05
CA ALA F 555 -7.19 1.72 44.65
C ALA F 555 -6.68 3.06 44.17
N SER F 556 -5.98 3.77 45.05
CA SER F 556 -5.34 5.01 44.69
C SER F 556 -3.94 4.74 44.14
N LEU F 557 -3.25 5.81 43.74
CA LEU F 557 -1.87 5.67 43.31
C LEU F 557 -0.97 5.25 44.46
N THR F 558 -1.29 5.68 45.68
CA THR F 558 -0.55 5.23 46.85
C THR F 558 -0.68 3.72 47.04
N ASP F 559 -1.90 3.19 46.89
CA ASP F 559 -2.10 1.76 47.04
C ASP F 559 -1.40 0.98 45.94
N ASN F 560 -1.40 1.51 44.73
CA ASN F 560 -0.72 0.84 43.62
C ASN F 560 0.78 0.77 43.84
N LEU F 561 1.37 1.84 44.39
CA LEU F 561 2.79 1.82 44.69
C LEU F 561 3.11 0.79 45.77
N LEU F 562 2.27 0.70 46.79
CA LEU F 562 2.52 -0.25 47.87
C LEU F 562 2.29 -1.69 47.43
N LEU F 563 1.38 -1.90 46.47
CA LEU F 563 1.14 -3.25 45.97
C LEU F 563 2.37 -3.82 45.26
N THR F 564 3.22 -2.96 44.71
CA THR F 564 4.43 -3.43 44.06
C THR F 564 5.39 -4.10 45.05
N ALA F 565 5.28 -3.78 46.34
CA ALA F 565 6.05 -4.50 47.35
C ALA F 565 5.62 -5.96 47.41
N ARG F 566 4.31 -6.21 47.32
CA ARG F 566 3.80 -7.57 47.31
C ARG F 566 3.91 -8.23 45.95
N LEU F 567 3.80 -7.45 44.88
CA LEU F 567 3.92 -8.01 43.53
C LEU F 567 5.35 -8.38 43.20
N CYS F 568 6.30 -7.50 43.54
CA CYS F 568 7.71 -7.73 43.23
C CYS F 568 8.49 -7.88 44.53
N PRO F 569 9.04 -9.07 44.81
CA PRO F 569 9.79 -9.25 46.04
C PRO F 569 11.07 -8.44 46.05
N GLY F 570 11.31 -7.72 47.14
CA GLY F 570 12.55 -7.01 47.32
C GLY F 570 12.68 -5.70 46.59
N ILE F 571 11.58 -5.15 46.06
CA ILE F 571 11.65 -3.85 45.41
C ILE F 571 11.96 -2.79 46.46
N THR F 572 12.97 -1.97 46.18
CA THR F 572 13.44 -1.01 47.17
C THR F 572 12.65 0.30 47.06
N ARG F 573 12.79 1.12 48.09
CA ARG F 573 12.13 2.42 48.10
C ARG F 573 12.79 3.39 47.14
N LEU F 574 14.05 3.15 46.77
CA LEU F 574 14.66 3.93 45.71
C LEU F 574 14.01 3.64 44.37
N GLU F 575 13.66 2.36 44.12
CA GLU F 575 13.03 1.99 42.86
C GLU F 575 11.66 2.62 42.70
N VAL F 576 10.93 2.79 43.80
CA VAL F 576 9.68 3.53 43.75
C VAL F 576 9.93 4.97 43.36
N LEU F 577 10.98 5.58 43.93
CA LEU F 577 11.34 6.94 43.56
C LEU F 577 11.79 7.02 42.10
N LYS F 578 12.42 5.96 41.61
CA LYS F 578 12.88 5.96 40.22
C LYS F 578 11.72 5.91 39.24
N THR F 579 10.62 5.27 39.61
CA THR F 579 9.43 5.26 38.76
C THR F 579 8.78 6.64 38.67
N GLN F 580 8.77 7.38 39.78
CA GLN F 580 8.25 8.74 39.74
C GLN F 580 9.11 9.63 38.84
N VAL F 581 10.43 9.45 38.90
CA VAL F 581 11.32 10.18 38.01
C VAL F 581 11.10 9.76 36.57
N PHE F 582 10.91 8.46 36.34
CA PHE F 582 10.60 7.97 35.00
C PHE F 582 9.31 8.59 34.47
N ALA F 583 8.29 8.68 35.33
CA ALA F 583 7.01 9.24 34.91
C ALA F 583 7.12 10.72 34.59
N ALA F 584 7.94 11.46 35.35
CA ALA F 584 8.19 12.86 35.02
C ALA F 584 8.86 13.00 33.67
N GLN F 585 9.82 12.12 33.37
CA GLN F 585 10.49 12.16 32.08
C GLN F 585 9.57 11.71 30.96
N ALA F 586 8.69 10.76 31.24
CA ALA F 586 7.78 10.23 30.24
C ALA F 586 6.55 11.09 30.02
N ALA F 587 6.33 12.10 30.86
CA ALA F 587 5.14 12.92 30.75
C ALA F 587 5.13 13.68 29.43
N PHE F 588 3.93 13.86 28.88
CA PHE F 588 3.79 14.68 27.69
C PHE F 588 3.67 16.14 28.09
N ALA F 589 4.60 16.61 28.91
CA ALA F 589 4.60 17.96 29.44
C ALA F 589 5.54 18.85 28.64
N ASN F 590 5.34 20.16 28.75
CA ASN F 590 6.24 21.10 28.11
C ASN F 590 7.30 21.54 29.12
N GLN F 591 8.12 22.53 28.74
CA GLN F 591 9.22 22.96 29.58
C GLN F 591 8.72 23.57 30.90
N ALA F 592 7.65 24.37 30.83
CA ALA F 592 7.14 24.99 32.05
C ALA F 592 6.51 23.96 32.99
N GLU F 593 5.78 22.99 32.44
CA GLU F 593 5.18 21.96 33.28
C GLU F 593 6.24 21.03 33.86
N ARG F 594 7.24 20.67 33.06
CA ARG F 594 8.29 19.78 33.55
C ARG F 594 9.12 20.45 34.64
N LYS F 595 9.43 21.74 34.46
CA LYS F 595 10.18 22.46 35.48
C LYS F 595 9.40 22.55 36.79
N ALA F 596 8.11 22.85 36.69
CA ALA F 596 7.28 22.92 37.90
C ALA F 596 7.16 21.56 38.56
N LEU F 597 7.05 20.49 37.76
CA LEU F 597 6.94 19.15 38.31
C LEU F 597 8.23 18.71 39.00
N TRP F 598 9.38 19.04 38.41
CA TRP F 598 10.65 18.65 39.01
C TRP F 598 10.88 19.34 40.35
N ALA F 599 10.46 20.60 40.47
CA ALA F 599 10.56 21.29 41.76
C ALA F 599 9.71 20.61 42.82
N ARG F 600 8.59 20.00 42.42
CA ARG F 600 7.77 19.25 43.37
C ARG F 600 8.40 17.93 43.73
N LEU F 601 9.01 17.24 42.75
CA LEU F 601 9.61 15.94 43.04
C LEU F 601 10.83 16.05 43.93
N ALA F 602 11.48 17.22 43.95
CA ALA F 602 12.62 17.43 44.84
C ALA F 602 12.23 17.41 46.31
N GLN F 603 10.95 17.51 46.63
CA GLN F 603 10.48 17.53 48.01
C GLN F 603 10.03 16.14 48.46
N VAL F 604 11.00 15.24 48.52
CA VAL F 604 10.73 13.87 48.97
C VAL F 604 10.49 13.87 50.48
N PRO F 605 9.44 13.20 50.96
CA PRO F 605 9.18 13.19 52.41
C PRO F 605 10.32 12.54 53.18
N VAL F 606 10.61 13.09 54.35
CA VAL F 606 11.63 12.53 55.22
C VAL F 606 11.12 11.24 55.85
N PRO F 607 11.83 10.13 55.75
CA PRO F 607 11.34 8.88 56.34
C PRO F 607 11.32 8.94 57.86
N THR F 608 10.42 8.17 58.44
CA THR F 608 10.32 8.02 59.89
C THR F 608 10.65 6.59 60.28
N ASP F 609 11.31 6.44 61.41
CA ASP F 609 11.73 5.13 61.93
C ASP F 609 12.63 4.41 60.93
N THR F 610 13.79 5.02 60.68
CA THR F 610 14.78 4.46 59.77
C THR F 610 15.56 3.36 60.50
N GLU F 611 16.68 2.94 59.89
CA GLU F 611 17.53 1.87 60.42
C GLU F 611 16.73 0.58 60.61
PC A23 G 2 43.47 36.20 79.55
O1C A23 G 2 43.54 36.78 78.00
O2C A23 G 2 44.33 37.01 80.42
P A23 G 2 41.52 30.18 80.87
OP1 A23 G 2 40.27 30.13 81.70
OP2 A23 G 2 41.21 30.44 79.42
O5' A23 G 2 42.56 31.31 81.47
C5' A23 G 2 43.34 32.06 80.58
C4' A23 G 2 42.56 33.26 80.17
O4' A23 G 2 40.98 33.25 80.87
C3' A23 G 2 43.12 34.34 80.59
O3' A23 G 2 43.89 34.97 79.56
C2' A23 G 2 41.82 35.39 80.92
O2' A23 G 2 41.94 36.29 80.09
C1' A23 G 2 40.55 34.56 80.69
N9 A23 G 2 39.52 34.91 81.62
C8 A23 G 2 39.56 34.70 82.92
N7 A23 G 2 38.43 35.16 83.45
C5 A23 G 2 37.66 35.65 82.48
C6 A23 G 2 36.39 36.25 82.40
N6 A23 G 2 35.60 36.45 83.61
N1 A23 G 2 35.90 36.64 81.23
C2 A23 G 2 36.62 36.47 80.12
N3 A23 G 2 37.81 35.91 80.14
C4 A23 G 2 38.36 35.49 81.30
PC A23 H 2 49.25 27.81 80.23
O1C A23 H 2 48.41 26.41 80.06
O2C A23 H 2 49.45 28.10 81.65
P A23 H 2 49.29 32.33 75.63
OP1 A23 H 2 50.50 32.10 74.77
OP2 A23 H 2 48.21 31.30 75.33
O5' A23 H 2 49.69 32.32 77.23
C5' A23 H 2 48.91 31.59 78.13
C4' A23 H 2 49.34 30.18 78.08
O4' A23 H 2 50.81 30.02 77.17
C3' A23 H 2 49.60 29.72 79.25
O3' A23 H 2 48.58 28.80 79.68
C2' A23 H 2 51.01 28.78 79.08
O2' A23 H 2 50.70 27.66 79.49
C1' A23 H 2 51.26 28.77 77.57
N9 A23 H 2 52.65 28.59 77.27
C8 A23 H 2 53.63 29.43 77.55
N7 A23 H 2 54.76 28.92 77.11
C5 A23 H 2 54.52 27.73 76.54
C6 A23 H 2 55.28 26.72 75.91
N6 A23 H 2 56.71 26.88 75.78
N1 A23 H 2 54.69 25.63 75.45
C2 A23 H 2 53.37 25.48 75.57
N3 A23 H 2 52.61 26.39 76.15
C4 A23 H 2 53.16 27.52 76.64
N MET I 1 11.49 -71.60 -39.33
CA MET I 1 12.06 -71.98 -40.63
C MET I 1 13.52 -71.56 -40.73
N ARG I 2 14.28 -72.27 -41.57
CA ARG I 2 15.70 -72.01 -41.75
C ARG I 2 15.99 -72.04 -43.25
N ILE I 3 16.41 -70.90 -43.80
CA ILE I 3 16.65 -70.74 -45.23
C ILE I 3 18.15 -70.60 -45.45
N LEU I 4 18.69 -71.38 -46.36
CA LEU I 4 20.12 -71.41 -46.66
C LEU I 4 20.36 -70.69 -47.99
N LEU I 5 21.32 -69.76 -47.99
CA LEU I 5 21.73 -69.04 -49.19
C LEU I 5 23.20 -69.33 -49.46
N CYS I 6 23.52 -69.66 -50.72
CA CYS I 6 24.86 -70.07 -51.10
C CYS I 6 25.24 -69.45 -52.44
N SER I 7 26.55 -69.32 -52.66
CA SER I 7 27.11 -68.91 -53.93
C SER I 7 27.75 -70.10 -54.62
N VAL I 8 27.79 -70.07 -55.94
CA VAL I 8 28.38 -71.14 -56.74
C VAL I 8 29.38 -70.53 -57.72
N GLY I 9 30.61 -71.04 -57.69
CA GLY I 9 31.60 -70.72 -58.70
C GLY I 9 31.77 -71.89 -59.65
N THR I 10 33.01 -72.26 -59.92
CA THR I 10 33.28 -73.43 -60.75
C THR I 10 33.10 -74.74 -59.99
N SER I 11 33.05 -74.70 -58.65
CA SER I 11 32.87 -75.89 -57.83
C SER I 11 31.44 -75.90 -57.30
N TRP I 12 30.57 -76.64 -57.97
CA TRP I 12 29.17 -76.75 -57.55
C TRP I 12 29.01 -77.53 -56.25
N ALA I 13 30.04 -78.26 -55.82
CA ALA I 13 29.92 -79.15 -54.68
C ALA I 13 29.77 -78.43 -53.35
N VAL I 14 29.93 -77.10 -53.32
CA VAL I 14 29.84 -76.37 -52.07
C VAL I 14 28.42 -76.43 -51.51
N VAL I 15 27.41 -76.32 -52.38
CA VAL I 15 26.02 -76.31 -51.90
C VAL I 15 25.63 -77.61 -51.21
N PRO I 16 25.86 -78.80 -51.79
CA PRO I 16 25.53 -80.03 -51.05
C PRO I 16 26.26 -80.15 -49.73
N GLU I 17 27.51 -79.71 -49.66
CA GLU I 17 28.22 -79.70 -48.38
C GLU I 17 27.62 -78.69 -47.42
N ALA I 18 27.20 -77.52 -47.93
CA ALA I 18 26.62 -76.50 -47.07
C ALA I 18 25.27 -76.93 -46.52
N MET I 19 24.55 -77.80 -47.24
CA MET I 19 23.26 -78.28 -46.76
C MET I 19 23.37 -79.16 -45.53
N GLN I 20 24.57 -79.62 -45.17
CA GLN I 20 24.77 -80.47 -44.00
C GLN I 20 25.37 -79.72 -42.82
N LEU I 21 25.27 -78.39 -42.81
CA LEU I 21 25.77 -77.62 -41.68
C LEU I 21 25.00 -77.96 -40.41
N LEU I 22 23.68 -78.08 -40.50
CA LEU I 22 22.85 -78.38 -39.35
C LEU I 22 22.76 -79.87 -39.04
N GLY I 23 23.13 -80.74 -39.98
CA GLY I 23 23.09 -82.16 -39.75
C GLY I 23 21.99 -82.88 -40.51
N SER I 24 21.33 -83.83 -39.86
CA SER I 24 20.29 -84.60 -40.52
C SER I 24 19.03 -83.78 -40.74
N GLN I 25 18.78 -82.77 -39.90
CA GLN I 25 17.59 -81.94 -40.07
C GLN I 25 17.68 -81.12 -41.35
N GLY I 26 18.86 -80.57 -41.65
CA GLY I 26 19.01 -79.79 -42.86
C GLY I 26 18.29 -78.45 -42.79
N PHE I 27 18.01 -77.91 -43.97
CA PHE I 27 17.36 -76.61 -44.12
C PHE I 27 16.00 -76.79 -44.78
N ASP I 28 15.07 -75.89 -44.45
CA ASP I 28 13.75 -75.94 -45.07
C ASP I 28 13.80 -75.42 -46.50
N GLU I 29 14.61 -74.39 -46.76
CA GLU I 29 14.77 -73.85 -48.10
C GLU I 29 16.26 -73.71 -48.40
N VAL I 30 16.64 -74.06 -49.62
CA VAL I 30 18.01 -73.93 -50.10
C VAL I 30 17.96 -73.15 -51.41
N HIS I 31 18.39 -71.90 -51.38
CA HIS I 31 18.36 -71.02 -52.54
C HIS I 31 19.78 -70.76 -53.01
N VAL I 32 19.96 -70.80 -54.33
CA VAL I 32 21.27 -70.76 -54.97
C VAL I 32 21.36 -69.54 -55.86
N LEU I 33 22.43 -68.76 -55.71
CA LEU I 33 22.71 -67.62 -56.56
C LEU I 33 24.08 -67.81 -57.21
N THR I 34 24.13 -67.63 -58.54
CA THR I 34 25.39 -67.75 -59.27
C THR I 34 25.34 -66.84 -60.48
N THR I 35 26.44 -66.81 -61.23
CA THR I 35 26.59 -65.92 -62.37
C THR I 35 26.08 -66.58 -63.64
N ALA I 36 26.24 -65.87 -64.76
CA ALA I 36 25.78 -66.34 -66.07
C ALA I 36 26.90 -66.90 -66.92
N SER I 37 28.06 -67.20 -66.32
CA SER I 37 29.18 -67.72 -67.09
C SER I 37 28.86 -69.10 -67.67
N SER I 38 29.42 -69.37 -68.84
CA SER I 38 29.25 -70.67 -69.47
C SER I 38 29.95 -71.78 -68.69
N LYS I 39 30.93 -71.43 -67.85
CA LYS I 39 31.63 -72.40 -67.03
C LYS I 39 30.84 -72.82 -65.80
N ILE I 40 29.68 -72.21 -65.57
CA ILE I 40 28.83 -72.57 -64.43
C ILE I 40 27.70 -73.51 -64.84
N SER I 41 27.34 -73.55 -66.12
CA SER I 41 26.21 -74.37 -66.56
C SER I 41 26.34 -75.84 -66.20
N PRO I 42 27.48 -76.51 -66.41
CA PRO I 42 27.60 -77.90 -65.91
C PRO I 42 27.40 -78.00 -64.41
N GLY I 43 27.91 -77.03 -63.65
CA GLY I 43 27.66 -77.02 -62.22
C GLY I 43 26.18 -76.83 -61.90
N VAL I 44 25.51 -75.99 -62.68
CA VAL I 44 24.07 -75.79 -62.50
C VAL I 44 23.32 -77.08 -62.75
N GLU I 45 23.71 -77.82 -63.80
CA GLU I 45 23.06 -79.09 -64.10
C GLU I 45 23.31 -80.11 -63.00
N GLN I 46 24.54 -80.17 -62.48
CA GLN I 46 24.84 -81.09 -61.38
C GLN I 46 24.03 -80.72 -60.14
N LEU I 47 23.90 -79.43 -59.85
CA LEU I 47 23.08 -78.99 -58.72
C LEU I 47 21.61 -79.33 -58.94
N LEU I 48 21.13 -79.22 -60.18
CA LEU I 48 19.76 -79.58 -60.47
C LEU I 48 19.52 -81.07 -60.25
N ARG I 49 20.49 -81.91 -60.65
CA ARG I 49 20.37 -83.34 -60.36
C ARG I 49 20.37 -83.60 -58.86
N TYR I 50 21.27 -82.93 -58.13
CA TYR I 50 21.36 -83.11 -56.68
C TYR I 50 20.12 -82.55 -55.97
N PHE I 51 19.39 -81.66 -56.63
CA PHE I 51 18.13 -81.19 -56.06
C PHE I 51 16.97 -82.13 -56.42
N GLU I 52 17.06 -82.77 -57.58
CA GLU I 52 16.07 -83.79 -57.93
C GLU I 52 16.13 -84.96 -56.96
N MET I 53 17.34 -85.39 -56.59
CA MET I 53 17.49 -86.35 -55.52
C MET I 53 17.64 -85.61 -54.18
N HIS I 54 17.34 -86.31 -53.07
CA HIS I 54 16.91 -85.64 -51.84
C HIS I 54 15.87 -84.58 -52.15
N PRO I 55 14.63 -84.97 -52.47
CA PRO I 55 13.60 -83.97 -52.78
C PRO I 55 13.00 -83.30 -51.55
N GLY I 56 13.69 -83.41 -50.41
CA GLY I 56 13.19 -82.91 -49.15
C GLY I 56 12.88 -81.43 -49.12
N PRO I 57 13.91 -80.58 -49.16
CA PRO I 57 13.69 -79.14 -49.00
C PRO I 57 13.36 -78.46 -50.32
N ARG I 58 12.88 -77.23 -50.21
CA ARG I 58 12.56 -76.41 -51.37
C ARG I 58 13.84 -75.84 -51.96
N PHE I 59 13.93 -75.82 -53.30
CA PHE I 59 15.12 -75.40 -53.99
C PHE I 59 14.81 -74.29 -54.98
N SER I 60 15.83 -73.47 -55.26
CA SER I 60 15.72 -72.41 -56.25
C SER I 60 17.12 -72.01 -56.68
N ILE I 61 17.42 -72.19 -57.97
CA ILE I 61 18.70 -71.79 -58.54
C ILE I 61 18.51 -70.49 -59.29
N SER I 62 19.22 -69.45 -58.86
CA SER I 62 19.16 -68.13 -59.48
C SER I 62 20.48 -67.83 -60.15
N ARG I 63 20.44 -67.48 -61.43
CA ARG I 63 21.62 -67.09 -62.18
C ARG I 63 21.54 -65.60 -62.47
N VAL I 64 22.64 -64.89 -62.21
CA VAL I 64 22.68 -63.44 -62.36
C VAL I 64 22.90 -63.11 -63.83
N GLN I 65 21.92 -62.46 -64.45
CA GLN I 65 22.10 -61.97 -65.80
C GLN I 65 23.04 -60.77 -65.81
N ASP I 66 23.57 -60.47 -66.99
CA ASP I 66 24.49 -59.36 -67.23
C ASP I 66 25.81 -59.51 -66.46
N PHE I 67 26.08 -60.69 -65.91
CA PHE I 67 27.33 -60.96 -65.21
C PHE I 67 27.86 -62.30 -65.69
N GLU I 68 28.93 -62.26 -66.48
CA GLU I 68 29.59 -63.47 -66.96
C GLU I 68 30.95 -63.68 -66.32
N ASP I 69 31.82 -62.67 -66.34
CA ASP I 69 33.12 -62.73 -65.71
C ASP I 69 33.38 -61.43 -64.96
N LEU I 70 34.13 -61.53 -63.87
CA LEU I 70 34.48 -60.35 -63.07
C LEU I 70 35.54 -59.58 -63.83
N ARG I 71 35.09 -58.62 -64.64
CA ARG I 71 35.98 -57.83 -65.49
C ARG I 71 36.38 -56.50 -64.85
N SER I 72 35.41 -55.75 -64.34
CA SER I 72 35.67 -54.44 -63.76
C SER I 72 34.73 -54.22 -62.58
N GLU I 73 34.71 -53.00 -62.06
CA GLU I 73 33.90 -52.68 -60.90
C GLU I 73 32.40 -52.71 -61.21
N GLN I 74 32.03 -52.42 -62.45
CA GLN I 74 30.63 -52.42 -62.83
C GLN I 74 30.01 -53.80 -62.66
N ASP I 75 30.74 -54.84 -63.04
CA ASP I 75 30.23 -56.20 -62.84
C ASP I 75 30.02 -56.49 -61.37
N HIS I 76 30.99 -56.13 -60.52
CA HIS I 76 30.88 -56.39 -59.09
C HIS I 76 29.69 -55.66 -58.48
N MET I 77 29.49 -54.40 -58.86
CA MET I 77 28.39 -53.61 -58.30
C MET I 77 27.03 -54.12 -58.80
N LEU I 78 26.94 -54.54 -60.06
CA LEU I 78 25.70 -55.16 -60.54
C LEU I 78 25.43 -56.46 -59.79
N PHE I 79 26.46 -57.27 -59.58
CA PHE I 79 26.30 -58.51 -58.83
C PHE I 79 25.90 -58.24 -57.39
N GLU I 80 26.43 -57.18 -56.79
CA GLU I 80 26.06 -56.81 -55.43
C GLU I 80 24.59 -56.45 -55.35
N GLU I 81 24.08 -55.72 -56.34
CA GLU I 81 22.68 -55.34 -56.33
C GLU I 81 21.78 -56.56 -56.49
N VAL I 82 22.15 -57.46 -57.41
CA VAL I 82 21.38 -58.69 -57.58
C VAL I 82 21.41 -59.51 -56.30
N LEU I 83 22.58 -59.57 -55.65
CA LEU I 83 22.69 -60.28 -54.38
C LEU I 83 21.76 -59.71 -53.33
N TRP I 84 21.77 -58.39 -53.16
CA TRP I 84 20.96 -57.79 -52.11
C TRP I 84 19.47 -58.01 -52.38
N ARG I 85 19.03 -57.81 -53.62
CA ARG I 85 17.62 -58.03 -53.92
C ARG I 85 17.23 -59.49 -53.79
N TRP I 86 18.12 -60.40 -54.21
CA TRP I 86 17.85 -61.82 -54.10
C TRP I 86 17.80 -62.28 -52.65
N LEU I 87 18.66 -61.72 -51.80
CA LEU I 87 18.63 -62.03 -50.37
C LEU I 87 17.36 -61.50 -49.73
N LEU I 88 16.92 -60.30 -50.12
CA LEU I 88 15.67 -59.78 -49.59
C LEU I 88 14.49 -60.64 -50.02
N GLN I 89 14.47 -61.07 -51.28
CA GLN I 89 13.33 -61.84 -51.78
C GLN I 89 13.30 -63.24 -51.21
N ARG I 90 14.43 -63.94 -51.23
CA ARG I 90 14.46 -65.35 -50.84
C ARG I 90 14.41 -65.54 -49.33
N ALA I 91 15.05 -64.65 -48.57
CA ALA I 91 15.13 -64.77 -47.11
C ALA I 91 14.69 -63.45 -46.50
N PRO I 92 13.38 -63.19 -46.46
CA PRO I 92 12.91 -61.91 -45.90
C PRO I 92 13.28 -61.69 -44.44
N GLN I 93 13.32 -62.76 -43.63
CA GLN I 93 13.61 -62.64 -42.21
C GLN I 93 15.09 -62.91 -41.96
N ALA I 94 15.75 -61.99 -41.24
CA ALA I 94 17.17 -62.15 -40.95
C ALA I 94 17.43 -63.32 -40.02
N ALA I 95 16.50 -63.63 -39.12
CA ALA I 95 16.67 -64.73 -38.18
C ALA I 95 16.62 -66.09 -38.86
N HIS I 96 16.18 -66.16 -40.12
CA HIS I 96 16.11 -67.41 -40.87
C HIS I 96 17.18 -67.51 -41.95
N ARG I 97 18.23 -66.69 -41.85
CA ARG I 97 19.25 -66.61 -42.89
C ARG I 97 20.47 -67.42 -42.51
N TYR I 98 20.88 -68.33 -43.40
CA TYR I 98 22.12 -69.08 -43.26
C TYR I 98 22.90 -68.88 -44.55
N ILE I 99 23.86 -67.97 -44.52
CA ILE I 99 24.57 -67.53 -45.73
C ILE I 99 25.93 -68.21 -45.76
N CYS I 100 26.19 -68.94 -46.84
CA CYS I 100 27.46 -69.61 -47.08
C CYS I 100 28.23 -68.83 -48.14
N LEU I 101 29.52 -68.59 -47.88
CA LEU I 101 30.39 -67.84 -48.78
C LEU I 101 31.42 -68.73 -49.45
N ALA I 102 31.20 -70.05 -49.48
CA ALA I 102 32.20 -70.95 -50.05
C ALA I 102 32.35 -70.74 -51.55
N GLY I 103 31.25 -70.58 -52.27
CA GLY I 103 31.29 -70.48 -53.71
C GLY I 103 31.58 -69.08 -54.21
N GLY I 104 31.78 -68.97 -55.52
CA GLY I 104 31.99 -67.70 -56.16
C GLY I 104 33.43 -67.20 -56.04
N TYR I 105 33.63 -65.99 -56.57
CA TYR I 105 34.92 -65.34 -56.49
C TYR I 105 35.25 -64.98 -55.04
N LYS I 106 36.46 -64.47 -54.83
CA LYS I 106 36.81 -63.90 -53.54
C LYS I 106 35.93 -62.70 -53.24
N THR I 107 35.70 -61.84 -54.23
CA THR I 107 34.78 -60.73 -54.06
C THR I 107 33.37 -61.21 -53.81
N ILE I 108 32.98 -62.34 -54.40
CA ILE I 108 31.64 -62.87 -54.17
C ILE I 108 31.47 -63.28 -52.71
N SER I 109 32.46 -63.96 -52.14
CA SER I 109 32.38 -64.35 -50.72
C SER I 109 32.43 -63.13 -49.81
N ALA I 110 33.28 -62.16 -50.14
CA ALA I 110 33.34 -60.94 -49.35
C ALA I 110 32.02 -60.19 -49.39
N ALA I 111 31.37 -60.17 -50.56
CA ALA I 111 30.02 -59.60 -50.66
C ALA I 111 29.01 -60.42 -49.89
N MET I 112 29.19 -61.75 -49.84
CA MET I 112 28.32 -62.58 -49.01
C MET I 112 28.34 -62.09 -47.57
N GLN I 113 29.55 -61.96 -47.02
CA GLN I 113 29.65 -61.51 -45.63
C GLN I 113 29.22 -60.06 -45.46
N ARG I 114 29.48 -59.20 -46.44
CA ARG I 114 29.06 -57.82 -46.34
C ARG I 114 27.54 -57.70 -46.29
N ALA I 115 26.84 -58.43 -47.17
CA ALA I 115 25.38 -58.43 -47.15
C ALA I 115 24.85 -59.03 -45.87
N ALA I 116 25.50 -60.09 -45.38
CA ALA I 116 25.06 -60.70 -44.12
C ALA I 116 25.20 -59.71 -42.96
N ALA I 117 26.31 -58.98 -42.91
CA ALA I 117 26.50 -58.00 -41.84
C ALA I 117 25.56 -56.81 -41.99
N LEU I 118 25.18 -56.47 -43.22
CA LEU I 118 24.30 -55.33 -43.43
C LEU I 118 22.85 -55.66 -43.08
N PHE I 119 22.27 -56.65 -43.75
CA PHE I 119 20.86 -56.95 -43.57
C PHE I 119 20.61 -58.00 -42.49
N GLY I 120 21.65 -58.53 -41.86
CA GLY I 120 21.43 -59.47 -40.77
C GLY I 120 21.36 -60.90 -41.27
N ALA I 121 21.95 -61.80 -40.49
CA ALA I 121 21.99 -63.21 -40.85
C ALA I 121 22.14 -64.03 -39.58
N CYS I 122 21.36 -65.12 -39.49
CA CYS I 122 21.42 -65.99 -38.32
C CYS I 122 22.77 -66.71 -38.24
N GLU I 123 23.37 -67.04 -39.38
CA GLU I 123 24.67 -67.69 -39.39
C GLU I 123 25.38 -67.37 -40.69
N VAL I 124 26.69 -67.13 -40.59
CA VAL I 124 27.58 -67.01 -41.74
C VAL I 124 28.65 -68.07 -41.57
N PHE I 125 28.81 -68.93 -42.57
CA PHE I 125 29.71 -70.06 -42.44
C PHE I 125 30.40 -70.35 -43.77
N HIS I 126 31.56 -70.99 -43.66
CA HIS I 126 32.35 -71.47 -44.79
C HIS I 126 32.59 -72.96 -44.64
N VAL I 127 32.51 -73.69 -45.76
CA VAL I 127 32.65 -75.14 -45.77
C VAL I 127 33.92 -75.50 -46.53
N LEU I 128 34.69 -76.41 -45.96
CA LEU I 128 35.92 -76.90 -46.56
C LEU I 128 35.86 -78.41 -46.70
N CYS I 129 36.31 -78.93 -47.83
CA CYS I 129 36.32 -80.35 -48.12
C CYS I 129 37.74 -80.87 -48.19
N GLU I 130 37.97 -82.04 -47.61
CA GLU I 130 39.29 -82.64 -47.63
C GLU I 130 39.67 -83.03 -49.07
N PRO I 131 40.94 -82.94 -49.44
CA PRO I 131 41.34 -83.20 -50.82
C PRO I 131 41.53 -84.69 -51.12
N ARG I 132 41.05 -85.55 -50.23
CA ARG I 132 41.26 -86.99 -50.35
C ARG I 132 40.28 -87.67 -51.30
N PHE I 133 39.61 -86.93 -52.16
CA PHE I 133 38.65 -87.49 -53.11
C PHE I 133 39.17 -87.31 -54.54
N GLY I 134 38.43 -87.90 -55.49
CA GLY I 134 38.80 -87.84 -56.88
C GLY I 134 39.90 -88.82 -57.23
N PRO I 135 40.44 -88.71 -58.45
CA PRO I 135 41.51 -89.59 -58.93
C PRO I 135 42.81 -89.39 -58.17
N ALA I 141 35.89 -83.22 -53.54
CA ALA I 141 34.68 -83.75 -54.16
C ALA I 141 34.20 -82.83 -55.28
N SER I 142 34.02 -83.41 -56.48
CA SER I 142 33.58 -82.64 -57.63
C SER I 142 32.38 -83.31 -58.30
N THR I 143 32.25 -84.62 -58.15
CA THR I 143 31.16 -85.37 -58.74
C THR I 143 30.14 -85.75 -57.68
N LEU I 144 29.01 -86.30 -58.14
CA LEU I 144 27.95 -86.69 -57.23
C LEU I 144 28.41 -87.78 -56.27
N GLU I 145 29.12 -88.78 -56.79
CA GLU I 145 29.60 -89.87 -55.92
C GLU I 145 30.61 -89.36 -54.91
N GLU I 146 31.53 -88.51 -55.33
CA GLU I 146 32.50 -87.94 -54.40
C GLU I 146 31.81 -87.09 -53.33
N VAL I 147 30.79 -86.33 -53.73
CA VAL I 147 30.04 -85.53 -52.77
C VAL I 147 29.34 -86.44 -51.76
N GLU I 148 28.71 -87.52 -52.24
CA GLU I 148 28.05 -88.46 -51.33
C GLU I 148 29.05 -89.09 -50.36
N GLN I 149 30.24 -89.45 -50.86
CA GLN I 149 31.27 -90.00 -49.99
C GLN I 149 31.71 -88.99 -48.94
N ALA I 150 31.85 -87.72 -49.34
CA ALA I 150 32.21 -86.68 -48.39
C ALA I 150 31.15 -86.52 -47.31
N ILE I 151 29.88 -86.53 -47.70
CA ILE I 151 28.81 -86.40 -46.70
C ILE I 151 28.79 -87.60 -45.76
N ALA I 152 28.94 -88.81 -46.30
CA ALA I 152 28.86 -90.01 -45.48
C ALA I 152 30.05 -90.14 -44.54
N THR I 153 31.26 -89.83 -45.03
CA THR I 153 32.48 -90.05 -44.27
C THR I 153 32.88 -88.86 -43.41
N ASN I 154 32.07 -87.81 -43.36
CA ASN I 154 32.31 -86.64 -42.50
C ASN I 154 33.67 -86.01 -42.80
N ALA I 155 33.86 -85.64 -44.06
CA ALA I 155 35.09 -85.00 -44.51
C ALA I 155 34.98 -83.48 -44.60
N LEU I 156 33.86 -82.90 -44.15
CA LEU I 156 33.62 -81.48 -44.28
C LEU I 156 33.84 -80.77 -42.95
N ARG I 157 34.34 -79.55 -43.04
CA ARG I 157 34.52 -78.67 -41.89
C ARG I 157 33.73 -77.40 -42.11
N PHE I 158 33.04 -76.94 -41.07
CA PHE I 158 32.22 -75.74 -41.13
C PHE I 158 32.81 -74.68 -40.24
N VAL I 159 33.06 -73.49 -40.81
CA VAL I 159 33.56 -72.36 -40.04
C VAL I 159 32.47 -71.32 -39.93
N ARG I 160 31.68 -71.40 -38.86
CA ARG I 160 30.54 -70.50 -38.64
C ARG I 160 31.07 -69.17 -38.13
N LEU I 161 31.11 -68.17 -39.01
CA LEU I 161 31.68 -66.87 -38.64
C LEU I 161 30.88 -66.14 -37.58
N GLY I 162 29.66 -66.58 -37.29
CA GLY I 162 28.86 -65.98 -36.25
C GLY I 162 27.65 -65.24 -36.79
N PRO I 163 26.59 -65.15 -35.98
CA PRO I 163 25.40 -64.42 -36.41
C PRO I 163 25.70 -62.94 -36.61
N GLU I 164 25.02 -62.35 -37.59
CA GLU I 164 25.15 -60.93 -37.87
C GLU I 164 23.88 -60.21 -37.46
N PRO I 165 23.92 -59.32 -36.46
CA PRO I 165 22.71 -58.58 -36.09
C PRO I 165 22.16 -57.72 -37.21
N GLY I 166 23.03 -57.18 -38.06
CA GLY I 166 22.59 -56.26 -39.09
C GLY I 166 22.40 -54.85 -38.57
N TRP I 167 21.87 -54.01 -39.45
CA TRP I 167 21.67 -52.62 -39.03
C TRP I 167 20.20 -52.35 -38.81
N PRO I 168 19.86 -51.58 -37.77
CA PRO I 168 18.44 -51.48 -37.36
C PRO I 168 17.51 -50.97 -38.45
N GLN I 169 17.95 -50.00 -39.26
CA GLN I 169 17.11 -49.47 -40.33
C GLN I 169 17.40 -50.13 -41.68
N LEU I 170 18.28 -51.13 -41.72
CA LEU I 170 18.54 -51.87 -42.94
C LEU I 170 17.86 -53.22 -42.97
N ARG I 171 17.58 -53.82 -41.82
CA ARG I 171 16.93 -55.12 -41.77
C ARG I 171 15.42 -55.03 -41.94
N LEU I 172 14.86 -53.82 -41.97
CA LEU I 172 13.44 -53.62 -42.18
C LEU I 172 13.06 -53.54 -43.65
N LEU I 173 14.04 -53.60 -44.55
CA LEU I 173 13.75 -53.53 -45.98
C LEU I 173 13.06 -54.80 -46.45
N SER I 174 12.26 -54.66 -47.51
CA SER I 174 11.42 -55.74 -48.00
C SER I 174 11.65 -55.93 -49.50
N ALA I 175 11.39 -57.16 -49.96
CA ALA I 175 11.50 -57.46 -51.38
C ALA I 175 10.61 -56.61 -52.28
N PRO I 176 9.33 -56.35 -51.96
CA PRO I 176 8.50 -55.56 -52.88
C PRO I 176 9.06 -54.19 -53.18
N SER I 177 9.78 -53.56 -52.24
CA SER I 177 10.34 -52.24 -52.49
C SER I 177 11.46 -52.30 -53.52
N PHE I 178 12.21 -53.40 -53.56
CA PHE I 178 13.33 -53.57 -54.49
C PHE I 178 13.19 -54.92 -55.17
N PRO I 179 12.30 -55.04 -56.15
CA PRO I 179 12.03 -56.34 -56.76
C PRO I 179 13.13 -56.74 -57.74
N LEU I 180 13.06 -58.00 -58.16
CA LEU I 180 13.98 -58.58 -59.13
C LEU I 180 13.21 -58.95 -60.40
N GLU I 181 13.79 -58.62 -61.55
CA GLU I 181 13.23 -59.03 -62.83
C GLU I 181 13.73 -60.43 -63.12
N SER I 182 12.91 -61.42 -62.77
CA SER I 182 13.28 -62.83 -62.88
C SER I 182 12.54 -63.46 -64.05
N THR I 183 13.27 -64.17 -64.90
CA THR I 183 12.70 -64.94 -65.99
C THR I 183 13.06 -66.41 -65.82
N LEU I 184 12.20 -67.29 -66.31
CA LEU I 184 12.34 -68.72 -66.11
C LEU I 184 12.86 -69.38 -67.37
N GLN I 185 13.88 -70.22 -67.23
CA GLN I 185 14.42 -70.99 -68.34
C GLN I 185 14.41 -72.47 -67.97
N GLY I 186 13.30 -72.93 -67.39
CA GLY I 186 13.21 -74.26 -66.84
C GLY I 186 13.11 -74.20 -65.33
N PRO I 187 13.94 -74.97 -64.64
CA PRO I 187 14.04 -74.87 -63.18
C PRO I 187 15.03 -73.83 -62.68
N VAL I 188 15.51 -72.93 -63.54
CA VAL I 188 16.55 -71.98 -63.23
C VAL I 188 16.00 -70.57 -63.41
N HIS I 189 16.22 -69.71 -62.42
CA HIS I 189 15.80 -68.31 -62.48
C HIS I 189 16.95 -67.45 -62.98
N TRP I 190 16.68 -66.62 -63.99
CA TRP I 190 17.63 -65.63 -64.48
C TRP I 190 17.15 -64.27 -64.01
N VAL I 191 17.86 -63.70 -63.04
CA VAL I 191 17.43 -62.49 -62.36
C VAL I 191 18.31 -61.32 -62.77
N ARG I 192 17.73 -60.12 -62.71
CA ARG I 192 18.45 -58.90 -63.01
C ARG I 192 17.80 -57.75 -62.25
N ALA I 193 18.56 -56.68 -62.08
CA ALA I 193 18.12 -55.51 -61.33
C ALA I 193 17.80 -54.38 -62.31
N SER I 194 16.63 -53.75 -62.12
CA SER I 194 16.21 -52.68 -63.02
C SER I 194 17.15 -51.48 -62.93
N ASP I 195 17.49 -51.06 -61.72
CA ASP I 195 18.35 -49.90 -61.51
C ASP I 195 19.22 -50.17 -60.29
N MET I 196 19.75 -49.10 -59.71
CA MET I 196 20.65 -49.19 -58.56
C MET I 196 20.05 -48.61 -57.29
N ARG I 197 18.72 -48.68 -57.17
CA ARG I 197 18.04 -47.99 -56.07
C ARG I 197 18.43 -48.54 -54.71
N LEU I 198 18.57 -49.86 -54.59
CA LEU I 198 18.86 -50.45 -53.29
C LEU I 198 20.25 -50.03 -52.80
N ARG I 199 21.24 -49.96 -53.69
CA ARG I 199 22.56 -49.50 -53.29
C ARG I 199 22.53 -48.06 -52.82
N GLN I 200 21.80 -47.21 -53.55
CA GLN I 200 21.72 -45.81 -53.17
C GLN I 200 21.06 -45.66 -51.81
N HIS I 201 20.00 -46.43 -51.55
CA HIS I 201 19.35 -46.38 -50.25
C HIS I 201 20.29 -46.86 -49.15
N VAL I 202 21.02 -47.95 -49.40
CA VAL I 202 21.95 -48.48 -48.40
C VAL I 202 23.08 -47.49 -48.13
N GLU I 203 23.63 -46.90 -49.18
CA GLU I 203 24.71 -45.93 -49.00
C GLU I 203 24.23 -44.70 -48.25
N GLY I 204 23.03 -44.22 -48.55
CA GLY I 204 22.48 -43.11 -47.79
C GLY I 204 22.27 -43.47 -46.34
N VAL I 205 21.79 -44.69 -46.07
CA VAL I 205 21.56 -45.13 -44.70
C VAL I 205 22.87 -45.19 -43.93
N LEU I 206 23.91 -45.78 -44.54
CA LEU I 206 25.19 -45.88 -43.86
C LEU I 206 25.84 -44.51 -43.67
N GLU I 207 25.72 -43.63 -44.66
CA GLU I 207 26.26 -42.28 -44.51
C GLU I 207 25.57 -41.53 -43.39
N ARG I 208 24.24 -41.63 -43.32
CA ARG I 208 23.50 -40.99 -42.23
C ARG I 208 23.87 -41.60 -40.88
N SER I 209 24.05 -42.92 -40.83
CA SER I 209 24.43 -43.58 -39.60
C SER I 209 25.80 -43.12 -39.12
N ARG I 210 26.76 -43.00 -40.05
CA ARG I 210 28.07 -42.49 -39.70
C ARG I 210 27.99 -41.05 -39.22
N HIS I 211 27.16 -40.24 -39.86
CA HIS I 211 26.99 -38.86 -39.42
C HIS I 211 26.42 -38.79 -38.01
N ILE I 212 25.43 -39.64 -37.71
CA ILE I 212 24.83 -39.64 -36.37
C ILE I 212 25.85 -40.10 -35.34
N LEU I 213 26.57 -41.19 -35.62
CA LEU I 213 27.52 -41.72 -34.65
C LEU I 213 28.68 -40.76 -34.42
N ALA I 214 29.11 -40.06 -35.45
CA ALA I 214 30.17 -39.08 -35.29
C ALA I 214 29.75 -37.92 -34.40
N ALA I 215 28.52 -37.44 -34.56
CA ALA I 215 28.00 -36.32 -33.77
C ALA I 215 27.31 -36.77 -32.50
N TRP I 216 27.34 -38.08 -32.20
CA TRP I 216 26.66 -38.59 -31.02
C TRP I 216 27.25 -38.04 -29.73
N GLU I 217 28.57 -37.90 -29.66
CA GLU I 217 29.21 -37.45 -28.43
C GLU I 217 28.77 -36.04 -28.04
N GLY I 218 28.74 -35.12 -28.99
CA GLY I 218 28.36 -33.75 -28.70
C GLY I 218 26.93 -33.44 -29.08
N ILE I 219 26.02 -34.39 -28.85
CA ILE I 219 24.63 -34.17 -29.23
C ILE I 219 23.94 -33.22 -28.27
N SER I 220 24.43 -33.13 -27.03
CA SER I 220 23.83 -32.21 -26.07
C SER I 220 24.19 -30.75 -26.37
N GLU I 221 25.18 -30.53 -27.22
CA GLU I 221 25.62 -29.19 -27.59
C GLU I 221 24.86 -28.64 -28.79
N LEU I 222 24.08 -29.47 -29.47
CA LEU I 222 23.33 -29.05 -30.64
C LEU I 222 21.95 -28.58 -30.22
N PRO I 223 21.56 -27.34 -30.50
CA PRO I 223 20.23 -26.87 -30.07
C PRO I 223 19.09 -27.66 -30.69
N ILE I 224 19.24 -28.11 -31.92
CA ILE I 224 18.24 -28.93 -32.61
C ILE I 224 18.81 -30.34 -32.73
N PRO I 225 18.17 -31.35 -32.13
CA PRO I 225 18.76 -32.68 -32.13
C PRO I 225 18.90 -33.29 -33.51
N ALA I 226 18.10 -32.86 -34.48
CA ALA I 226 18.20 -33.38 -35.84
C ALA I 226 19.51 -32.99 -36.53
N LEU I 227 20.26 -32.05 -35.95
CA LEU I 227 21.54 -31.65 -36.54
C LEU I 227 22.59 -32.74 -36.42
N ALA I 228 22.40 -33.72 -35.54
CA ALA I 228 23.38 -34.79 -35.41
C ALA I 228 23.44 -35.69 -36.64
N ALA I 229 22.42 -35.64 -37.50
CA ALA I 229 22.44 -36.36 -38.76
C ALA I 229 23.18 -35.61 -39.85
N TRP I 230 23.66 -34.40 -39.56
CA TRP I 230 24.39 -33.64 -40.56
C TRP I 230 25.79 -34.23 -40.76
N PRO I 231 26.37 -34.03 -41.94
CA PRO I 231 27.76 -34.44 -42.13
C PRO I 231 28.67 -33.66 -41.20
N PRO I 232 29.78 -34.25 -40.78
CA PRO I 232 30.69 -33.54 -39.86
C PRO I 232 31.22 -32.23 -40.42
N SER I 233 31.44 -32.14 -41.73
CA SER I 233 31.88 -30.88 -42.31
C SER I 233 30.81 -29.80 -42.16
N HIS I 234 29.55 -30.16 -42.33
CA HIS I 234 28.47 -29.21 -42.12
C HIS I 234 28.38 -28.77 -40.67
N LEU I 235 28.65 -29.68 -39.72
CA LEU I 235 28.63 -29.30 -38.31
C LEU I 235 29.81 -28.42 -37.94
N ARG I 236 30.97 -28.63 -38.56
CA ARG I 236 32.07 -27.68 -38.37
C ARG I 236 31.74 -26.33 -39.02
N TRP I 237 30.97 -26.34 -40.10
CA TRP I 237 30.49 -25.11 -40.69
C TRP I 237 29.56 -24.37 -39.73
N LEU I 238 28.71 -25.11 -39.01
CA LEU I 238 27.79 -24.49 -38.05
C LEU I 238 28.54 -23.69 -37.00
N HIS I 239 29.73 -24.15 -36.61
CA HIS I 239 30.49 -23.46 -35.57
C HIS I 239 31.32 -22.30 -36.11
N GLU I 240 31.41 -22.14 -37.43
CA GLU I 240 32.12 -21.02 -38.01
C GLU I 240 31.30 -19.74 -37.84
N PRO I 241 31.94 -18.58 -37.86
CA PRO I 241 31.19 -17.32 -37.73
C PRO I 241 30.25 -17.11 -38.91
N LEU I 242 29.13 -16.47 -38.63
CA LEU I 242 28.12 -16.20 -39.65
C LEU I 242 28.62 -15.13 -40.62
N ASP I 243 28.39 -15.36 -41.91
CA ASP I 243 28.78 -14.41 -42.95
C ASP I 243 27.53 -13.71 -43.48
N PRO I 244 27.38 -12.40 -43.25
CA PRO I 244 26.13 -11.73 -43.66
C PRO I 244 25.85 -11.78 -45.15
N VAL I 245 26.87 -11.91 -45.99
CA VAL I 245 26.68 -11.89 -47.43
C VAL I 245 26.55 -13.29 -48.00
N GLN I 246 27.43 -14.21 -47.61
CA GLN I 246 27.36 -15.57 -48.13
C GLN I 246 26.20 -16.37 -47.54
N ASP I 247 25.85 -16.13 -46.28
CA ASP I 247 24.82 -16.92 -45.60
C ASP I 247 23.42 -16.33 -45.78
N LYS I 248 23.24 -15.41 -46.72
CA LYS I 248 21.91 -14.85 -46.96
C LYS I 248 20.88 -15.92 -47.25
N ALA I 249 21.18 -16.80 -48.21
CA ALA I 249 20.21 -17.81 -48.63
C ALA I 249 19.93 -18.80 -47.50
N TRP I 250 20.97 -19.21 -46.77
CA TRP I 250 20.78 -20.16 -45.69
C TRP I 250 19.93 -19.56 -44.58
N VAL I 251 20.19 -18.32 -44.20
CA VAL I 251 19.39 -17.67 -43.17
C VAL I 251 17.96 -17.45 -43.64
N GLN I 252 17.80 -17.10 -44.93
CA GLN I 252 16.47 -16.90 -45.48
C GLN I 252 15.65 -18.18 -45.47
N ALA I 253 16.28 -19.31 -45.78
CA ALA I 253 15.58 -20.59 -45.79
C ALA I 253 15.28 -21.13 -44.41
N LEU I 254 15.84 -20.54 -43.36
CA LEU I 254 15.65 -21.06 -42.01
C LEU I 254 14.19 -20.92 -41.58
N PRO I 255 13.64 -21.94 -40.93
CA PRO I 255 12.37 -21.75 -40.21
C PRO I 255 12.59 -20.87 -38.99
N LYS I 256 11.88 -19.75 -38.92
CA LYS I 256 12.13 -18.74 -37.91
C LYS I 256 10.95 -18.60 -36.96
N VAL I 257 11.23 -18.05 -35.79
CA VAL I 257 10.22 -17.75 -34.78
C VAL I 257 10.23 -16.25 -34.54
N GLU I 258 9.06 -15.64 -34.61
CA GLU I 258 8.90 -14.20 -34.39
C GLU I 258 8.14 -13.98 -33.10
N LEU I 259 8.75 -13.26 -32.16
CA LEU I 259 8.13 -13.00 -30.87
C LEU I 259 7.86 -11.53 -30.60
N HIS I 260 8.39 -10.62 -31.41
CA HIS I 260 8.24 -9.18 -31.20
C HIS I 260 8.02 -8.53 -32.56
N CYS I 261 6.76 -8.36 -32.94
CA CYS I 261 6.41 -7.78 -34.23
C CYS I 261 5.09 -7.03 -34.05
N HIS I 262 5.14 -5.70 -34.20
CA HIS I 262 3.94 -4.89 -34.04
C HIS I 262 3.14 -4.86 -35.33
N LEU I 263 1.82 -5.03 -35.21
CA LEU I 263 0.95 -5.02 -36.37
C LEU I 263 0.88 -3.63 -36.99
N GLY I 264 0.87 -2.59 -36.18
CA GLY I 264 0.75 -1.24 -36.68
C GLY I 264 1.99 -0.65 -37.30
N GLY I 265 3.12 -1.34 -37.22
CA GLY I 265 4.35 -0.84 -37.79
C GLY I 265 4.84 -1.65 -38.97
N PHE I 266 3.93 -2.18 -39.78
CA PHE I 266 4.29 -3.08 -40.87
C PHE I 266 4.30 -2.39 -42.24
N ALA I 267 3.18 -1.83 -42.66
CA ALA I 267 3.10 -1.15 -43.96
C ALA I 267 3.11 0.37 -43.76
N THR I 268 4.26 0.88 -43.34
CA THR I 268 4.33 2.27 -42.92
C THR I 268 4.73 3.22 -44.05
N HIS I 269 5.35 2.70 -45.11
CA HIS I 269 5.71 3.53 -46.25
C HIS I 269 5.91 2.64 -47.46
N GLY I 270 5.90 3.26 -48.64
CA GLY I 270 6.22 2.54 -49.85
C GLY I 270 5.04 1.76 -50.43
N GLU I 271 5.39 0.70 -51.16
CA GLU I 271 4.38 -0.05 -51.90
C GLU I 271 3.41 -0.77 -50.98
N LEU I 272 3.90 -1.27 -49.84
CA LEU I 272 3.01 -1.93 -48.88
C LEU I 272 2.00 -0.95 -48.29
N LEU I 273 2.46 0.24 -47.92
CA LEU I 273 1.54 1.26 -47.43
C LEU I 273 0.53 1.64 -48.50
N HIS I 274 0.98 1.78 -49.74
CA HIS I 274 0.07 2.11 -50.83
C HIS I 274 -0.98 1.03 -51.03
N LYS I 275 -0.57 -0.24 -50.95
CA LYS I 275 -1.52 -1.33 -51.12
C LYS I 275 -2.53 -1.37 -49.99
N VAL I 276 -2.08 -1.16 -48.75
CA VAL I 276 -3.00 -1.11 -47.63
C VAL I 276 -3.98 0.04 -47.80
N ARG I 277 -3.52 1.16 -48.35
CA ARG I 277 -4.40 2.29 -48.59
C ARG I 277 -5.42 1.97 -49.69
N GLN I 278 -4.98 1.37 -50.80
CA GLN I 278 -5.93 1.01 -51.86
C GLN I 278 -6.96 0.00 -51.39
N GLU I 279 -6.64 -0.81 -50.38
CA GLU I 279 -7.64 -1.75 -49.91
C GLU I 279 -8.64 -1.15 -48.91
N ALA I 280 -8.70 0.17 -48.80
CA ALA I 280 -9.61 0.80 -47.84
C ALA I 280 -11.07 0.61 -48.25
N ALA I 281 -11.92 0.36 -47.26
CA ALA I 281 -13.35 0.26 -47.51
C ALA I 281 -14.00 1.62 -47.74
N ASN I 282 -13.42 2.68 -47.18
CA ASN I 282 -13.91 4.05 -47.36
C ASN I 282 -12.75 4.90 -47.83
N PRO I 283 -12.46 4.89 -49.14
CA PRO I 283 -11.32 5.68 -49.64
C PRO I 283 -11.44 7.16 -49.38
N GLU I 284 -12.66 7.70 -49.36
CA GLU I 284 -12.85 9.13 -49.13
C GLU I 284 -12.45 9.54 -47.72
N SER I 285 -12.43 8.61 -46.77
CA SER I 285 -12.05 8.88 -45.39
C SER I 285 -10.57 8.64 -45.12
N LEU I 286 -9.79 8.28 -46.13
CA LEU I 286 -8.37 8.01 -45.93
C LEU I 286 -7.63 9.31 -45.61
N PRO I 287 -6.82 9.33 -44.56
CA PRO I 287 -6.02 10.52 -44.30
C PRO I 287 -4.98 10.71 -45.39
N PRO I 288 -4.57 11.95 -45.64
CA PRO I 288 -3.53 12.18 -46.65
C PRO I 288 -2.21 11.54 -46.24
N VAL I 289 -1.46 11.08 -47.24
CA VAL I 289 -0.16 10.47 -47.00
C VAL I 289 0.79 11.58 -46.52
N ARG I 290 1.12 11.57 -45.23
CA ARG I 290 2.03 12.57 -44.70
C ARG I 290 3.43 12.37 -45.24
N ALA I 291 4.18 13.47 -45.35
CA ALA I 291 5.54 13.44 -45.87
C ALA I 291 6.48 13.10 -44.72
N ILE I 292 6.92 11.84 -44.67
CA ILE I 292 7.84 11.38 -43.64
C ILE I 292 9.12 10.90 -44.32
N PRO I 293 10.13 11.76 -44.48
CA PRO I 293 11.36 11.32 -45.14
C PRO I 293 12.18 10.43 -44.22
N LEU I 294 12.61 9.29 -44.74
CA LEU I 294 13.43 8.38 -43.96
C LEU I 294 14.82 8.97 -43.75
N PRO I 295 15.45 8.67 -42.60
CA PRO I 295 16.81 9.14 -42.39
C PRO I 295 17.74 8.56 -43.43
N PRO I 296 18.78 9.31 -43.82
CA PRO I 296 19.70 8.82 -44.86
C PRO I 296 20.37 7.53 -44.44
N GLY I 297 20.58 6.64 -45.41
CA GLY I 297 21.20 5.36 -45.15
C GLY I 297 20.27 4.31 -44.59
N TRP I 298 18.97 4.60 -44.48
CA TRP I 298 18.02 3.64 -43.95
C TRP I 298 18.08 2.35 -44.76
N PRO I 299 18.01 1.18 -44.10
CA PRO I 299 17.74 0.94 -42.69
C PRO I 299 18.94 1.13 -41.75
N ILE I 300 20.09 1.56 -42.23
CA ILE I 300 21.27 1.71 -41.38
C ILE I 300 21.67 3.18 -41.35
N PRO I 301 21.12 3.99 -40.45
CA PRO I 301 21.41 5.42 -40.46
C PRO I 301 22.85 5.72 -40.04
N GLU I 302 23.31 6.90 -40.44
CA GLU I 302 24.64 7.35 -40.01
C GLU I 302 24.70 7.51 -38.50
N GLU I 303 23.65 8.04 -37.90
CA GLU I 303 23.57 8.23 -36.46
C GLU I 303 22.21 7.73 -35.95
N PRO I 304 22.13 7.30 -34.71
CA PRO I 304 20.84 6.89 -34.15
C PRO I 304 19.86 8.05 -34.11
N ILE I 305 18.59 7.73 -34.31
CA ILE I 305 17.56 8.76 -34.47
C ILE I 305 16.77 8.93 -33.18
N GLY I 306 16.69 7.87 -32.38
CA GLY I 306 15.96 7.93 -31.13
C GLY I 306 14.54 7.40 -31.25
N LEU I 307 13.93 7.14 -30.10
CA LEU I 307 12.63 6.48 -30.08
C LEU I 307 11.53 7.40 -30.62
N GLU I 308 11.60 8.69 -30.35
CA GLU I 308 10.57 9.62 -30.82
C GLU I 308 10.55 9.65 -32.35
N ARG I 309 11.71 9.82 -32.97
CA ARG I 309 11.77 9.84 -34.43
C ARG I 309 11.41 8.47 -35.01
N TYR I 310 11.82 7.39 -34.34
CA TYR I 310 11.47 6.06 -34.80
C TYR I 310 9.95 5.87 -34.82
N MET I 311 9.26 6.32 -33.76
CA MET I 311 7.81 6.21 -33.73
C MET I 311 7.16 7.12 -34.75
N ARG I 312 7.70 8.32 -34.95
CA ARG I 312 7.12 9.21 -35.95
C ARG I 312 7.32 8.70 -37.37
N LEU I 313 8.30 7.82 -37.59
CA LEU I 313 8.48 7.25 -38.93
C LEU I 313 7.29 6.40 -39.35
N GLY I 314 6.51 5.92 -38.39
CA GLY I 314 5.37 5.07 -38.71
C GLY I 314 4.02 5.76 -38.60
N ASP I 315 3.99 7.07 -38.83
CA ASP I 315 2.76 7.83 -38.68
C ASP I 315 1.78 7.63 -39.83
N ASN I 316 2.24 7.15 -40.99
CA ASN I 316 1.34 6.91 -42.10
C ASN I 316 0.47 5.68 -41.91
N ASN I 317 0.82 4.80 -40.97
CA ASN I 317 0.01 3.63 -40.65
C ASN I 317 -0.38 3.69 -39.19
N GLY I 318 -1.02 2.63 -38.71
CA GLY I 318 -1.41 2.55 -37.32
C GLY I 318 -2.84 2.98 -37.08
N SER I 319 -3.06 3.73 -35.99
CA SER I 319 -4.41 4.14 -35.64
C SER I 319 -5.03 5.02 -36.71
N ALA I 320 -4.23 5.91 -37.29
CA ALA I 320 -4.73 6.85 -38.28
C ALA I 320 -5.28 6.16 -39.53
N LEU I 321 -4.85 4.94 -39.80
CA LEU I 321 -5.21 4.25 -41.03
C LEU I 321 -5.98 2.96 -40.80
N LEU I 322 -5.69 2.22 -39.73
CA LEU I 322 -6.25 0.89 -39.54
C LEU I 322 -7.63 0.91 -38.89
N LYS I 323 -8.22 2.08 -38.67
CA LYS I 323 -9.62 2.13 -38.28
C LYS I 323 -10.54 1.72 -39.43
N ASP I 324 -10.07 1.80 -40.66
CA ASP I 324 -10.83 1.31 -41.81
C ASP I 324 -10.79 -0.22 -41.84
N PRO I 325 -11.94 -0.89 -41.89
CA PRO I 325 -11.92 -2.36 -41.91
C PRO I 325 -11.16 -2.95 -43.07
N GLY I 326 -11.26 -2.36 -44.26
CA GLY I 326 -10.52 -2.86 -45.40
C GLY I 326 -9.02 -2.68 -45.24
N CYS I 327 -8.60 -1.54 -44.70
CA CYS I 327 -7.19 -1.33 -44.41
C CYS I 327 -6.68 -2.32 -43.38
N LEU I 328 -7.48 -2.60 -42.35
CA LEU I 328 -7.09 -3.58 -41.34
C LEU I 328 -6.95 -4.97 -41.94
N ARG I 329 -7.90 -5.38 -42.78
CA ARG I 329 -7.82 -6.68 -43.42
C ARG I 329 -6.59 -6.78 -44.32
N ALA I 330 -6.32 -5.73 -45.10
CA ALA I 330 -5.14 -5.72 -45.95
C ALA I 330 -3.87 -5.79 -45.12
N GLN I 331 -3.80 -5.04 -44.03
CA GLN I 331 -2.62 -5.06 -43.18
C GLN I 331 -2.38 -6.45 -42.62
N CYS I 332 -3.42 -7.11 -42.15
CA CYS I 332 -3.26 -8.45 -41.58
C CYS I 332 -2.82 -9.45 -42.64
N ARG I 333 -3.48 -9.44 -43.81
CA ARG I 333 -3.13 -10.40 -44.85
C ARG I 333 -1.74 -10.16 -45.40
N LEU I 334 -1.34 -8.90 -45.59
CA LEU I 334 0.00 -8.61 -46.08
C LEU I 334 1.07 -8.93 -45.05
N LEU I 335 0.78 -8.72 -43.75
CA LEU I 335 1.70 -9.16 -42.72
C LEU I 335 1.89 -10.66 -42.75
N TYR I 336 0.79 -11.41 -42.91
CA TYR I 336 0.91 -12.87 -42.99
C TYR I 336 1.71 -13.28 -44.21
N GLU I 337 1.52 -12.60 -45.35
CA GLU I 337 2.28 -12.95 -46.54
C GLU I 337 3.77 -12.65 -46.36
N ALA I 338 4.09 -11.56 -45.67
CA ALA I 338 5.49 -11.28 -45.35
C ALA I 338 6.06 -12.35 -44.43
N LEU I 339 5.28 -12.81 -43.46
CA LEU I 339 5.74 -13.89 -42.58
C LEU I 339 5.98 -15.17 -43.37
N LEU I 340 5.10 -15.49 -44.31
CA LEU I 340 5.30 -16.66 -45.15
C LEU I 340 6.53 -16.54 -46.03
N ALA I 341 6.75 -15.36 -46.62
CA ALA I 341 7.90 -15.18 -47.51
C ALA I 341 9.22 -15.26 -46.76
N ASP I 342 9.21 -15.05 -45.45
CA ASP I 342 10.42 -15.11 -44.63
C ASP I 342 10.58 -16.45 -43.95
N HIS I 343 9.70 -17.41 -44.24
CA HIS I 343 9.77 -18.76 -43.69
C HIS I 343 9.64 -18.77 -42.17
N VAL I 344 8.89 -17.79 -41.64
CA VAL I 344 8.57 -17.78 -40.23
C VAL I 344 7.58 -18.91 -39.95
N ALA I 345 7.87 -19.70 -38.93
CA ALA I 345 7.03 -20.84 -38.58
C ALA I 345 6.02 -20.50 -37.48
N TYR I 346 6.43 -19.68 -36.52
CA TYR I 346 5.56 -19.25 -35.44
C TYR I 346 5.73 -17.76 -35.26
N ALA I 347 4.64 -17.04 -35.06
CA ALA I 347 4.69 -15.61 -34.85
C ALA I 347 3.75 -15.21 -33.73
N GLU I 348 4.12 -14.15 -33.02
CA GLU I 348 3.28 -13.50 -32.04
C GLU I 348 3.18 -12.03 -32.44
N ILE I 349 2.03 -11.64 -32.96
CA ILE I 349 1.82 -10.29 -33.47
C ILE I 349 1.20 -9.45 -32.36
N ARG I 350 1.77 -8.26 -32.15
CA ARG I 350 1.27 -7.32 -31.15
C ARG I 350 0.36 -6.31 -31.83
N CYS I 351 -0.83 -6.12 -31.27
CA CYS I 351 -1.84 -5.24 -31.82
C CYS I 351 -2.49 -4.47 -30.70
N SER I 352 -3.09 -3.34 -31.06
CA SER I 352 -3.83 -2.49 -30.13
C SER I 352 -5.23 -2.30 -30.69
N PRO I 353 -6.12 -3.26 -30.47
CA PRO I 353 -7.47 -3.17 -31.06
C PRO I 353 -8.24 -1.94 -30.63
N ALA I 354 -8.07 -1.47 -29.39
CA ALA I 354 -8.80 -0.29 -28.95
C ALA I 354 -8.32 0.98 -29.66
N ASN I 355 -7.10 0.97 -30.17
CA ASN I 355 -6.62 2.10 -30.96
C ASN I 355 -7.36 2.23 -32.27
N TYR I 356 -7.86 1.11 -32.81
CA TYR I 356 -8.50 1.08 -34.12
C TYR I 356 -10.01 1.06 -34.03
N ALA I 357 -10.57 1.21 -32.84
CA ALA I 357 -12.00 1.16 -32.65
C ALA I 357 -12.65 2.47 -33.05
N SER I 358 -13.86 2.38 -33.59
CA SER I 358 -14.66 3.52 -34.00
C SER I 358 -15.98 3.51 -33.23
N ALA I 359 -16.89 4.40 -33.63
CA ALA I 359 -18.18 4.48 -32.96
C ALA I 359 -18.98 3.20 -33.15
N SER I 360 -18.95 2.63 -34.36
CA SER I 360 -19.71 1.42 -34.66
C SER I 360 -18.88 0.14 -34.57
N ARG I 361 -17.59 0.25 -34.28
CA ARG I 361 -16.67 -0.88 -34.25
C ARG I 361 -15.97 -0.92 -32.90
N SER I 362 -16.47 -1.75 -32.00
CA SER I 362 -15.88 -1.87 -30.68
C SER I 362 -14.52 -2.56 -30.75
N PRO I 363 -13.67 -2.37 -29.74
CA PRO I 363 -12.40 -3.09 -29.73
C PRO I 363 -12.54 -4.59 -29.80
N TRP I 364 -13.63 -5.16 -29.28
CA TRP I 364 -13.87 -6.59 -29.44
C TRP I 364 -14.12 -6.95 -30.89
N VAL I 365 -14.86 -6.11 -31.61
CA VAL I 365 -15.07 -6.32 -33.05
C VAL I 365 -13.75 -6.25 -33.80
N VAL I 366 -12.90 -5.28 -33.46
CA VAL I 366 -11.62 -5.12 -34.14
C VAL I 366 -10.72 -6.32 -33.86
N LEU I 367 -10.65 -6.74 -32.59
CA LEU I 367 -9.82 -7.88 -32.24
C LEU I 367 -10.32 -9.16 -32.91
N GLN I 368 -11.63 -9.34 -32.96
CA GLN I 368 -12.20 -10.50 -33.62
C GLN I 368 -11.89 -10.49 -35.11
N GLU I 369 -11.95 -9.32 -35.75
CA GLU I 369 -11.60 -9.21 -37.16
C GLU I 369 -10.12 -9.52 -37.39
N ILE I 370 -9.25 -9.01 -36.52
CA ILE I 370 -7.82 -9.30 -36.65
C ILE I 370 -7.57 -10.80 -36.52
N ARG I 371 -8.16 -11.41 -35.50
CA ARG I 371 -7.99 -12.84 -35.28
C ARG I 371 -8.54 -13.65 -36.44
N ASN I 372 -9.69 -13.25 -36.98
CA ASN I 372 -10.30 -13.99 -38.07
C ASN I 372 -9.50 -13.83 -39.36
N HIS I 373 -8.94 -12.64 -39.60
CA HIS I 373 -8.09 -12.45 -40.77
C HIS I 373 -6.86 -13.35 -40.68
N PHE I 374 -6.22 -13.40 -39.51
CA PHE I 374 -5.04 -14.24 -39.37
C PHE I 374 -5.41 -15.72 -39.46
N GLN I 375 -6.56 -16.11 -38.89
CA GLN I 375 -6.98 -17.51 -38.97
C GLN I 375 -7.32 -17.91 -40.40
N GLN I 376 -7.95 -17.01 -41.16
CA GLN I 376 -8.24 -17.30 -42.56
C GLN I 376 -6.96 -17.39 -43.38
N ALA I 377 -5.99 -16.51 -43.11
CA ALA I 377 -4.71 -16.62 -43.79
C ALA I 377 -4.02 -17.93 -43.45
N MET I 378 -4.09 -18.35 -42.19
CA MET I 378 -3.49 -19.60 -41.76
C MET I 378 -4.14 -20.79 -42.46
N GLU I 379 -5.48 -20.82 -42.48
CA GLU I 379 -6.20 -21.98 -43.02
C GLU I 379 -5.97 -22.13 -44.52
N GLU I 380 -5.68 -21.03 -45.22
CA GLU I 380 -5.45 -21.08 -46.65
C GLU I 380 -4.03 -21.51 -47.01
N THR I 381 -3.16 -21.67 -46.02
CA THR I 381 -1.79 -22.12 -46.20
C THR I 381 -1.67 -23.59 -45.85
N PRO I 382 -0.96 -24.37 -46.67
CA PRO I 382 -0.74 -25.78 -46.34
C PRO I 382 -0.01 -25.94 -45.02
N GLU I 383 -0.35 -27.02 -44.31
CA GLU I 383 0.18 -27.23 -42.96
C GLU I 383 1.71 -27.25 -42.95
N ASP I 384 2.32 -27.83 -43.97
CA ASP I 384 3.78 -27.90 -44.03
C ASP I 384 4.44 -26.54 -44.21
N ARG I 385 3.69 -25.54 -44.67
CA ARG I 385 4.21 -24.19 -44.86
C ARG I 385 3.53 -23.17 -43.97
N ARG I 386 2.54 -23.59 -43.17
CA ARG I 386 1.74 -22.66 -42.39
C ARG I 386 2.57 -22.00 -41.29
N CYS I 387 2.42 -20.69 -41.15
CA CYS I 387 2.98 -19.93 -40.04
C CYS I 387 1.88 -19.72 -39.01
N HIS I 388 2.00 -20.38 -37.86
CA HIS I 388 1.04 -20.14 -36.79
C HIS I 388 1.21 -18.73 -36.25
N VAL I 389 0.10 -18.01 -36.17
CA VAL I 389 0.09 -16.64 -35.68
C VAL I 389 -0.73 -16.58 -34.41
N ASN I 390 -0.14 -16.05 -33.34
CA ASN I 390 -0.83 -15.76 -32.11
C ASN I 390 -0.78 -14.25 -31.86
N LEU I 391 -1.73 -13.75 -31.10
CA LEU I 391 -1.88 -12.31 -30.87
C LEU I 391 -1.50 -11.97 -29.44
N LEU I 392 -0.72 -10.92 -29.28
CA LEU I 392 -0.49 -10.27 -27.99
C LEU I 392 -1.13 -8.90 -28.03
N LEU I 393 -1.87 -8.56 -26.98
CA LEU I 393 -2.52 -7.27 -26.90
C LEU I 393 -1.60 -6.30 -26.18
N THR I 394 -1.32 -5.17 -26.81
CA THR I 394 -0.39 -4.17 -26.28
C THR I 394 -1.16 -3.18 -25.42
N ALA I 395 -0.87 -3.17 -24.12
CA ALA I 395 -1.35 -2.14 -23.21
C ALA I 395 -0.30 -1.04 -23.17
N THR I 396 -0.57 0.06 -23.85
CA THR I 396 0.40 1.14 -23.99
C THR I 396 0.35 2.09 -22.81
N ARG I 397 1.48 2.23 -22.13
CA ARG I 397 1.58 3.17 -21.01
C ARG I 397 1.75 4.58 -21.55
N GLU I 398 1.07 5.53 -20.91
CA GLU I 398 1.07 6.90 -21.39
C GLU I 398 1.31 7.87 -20.24
N GLU I 399 2.08 8.92 -20.52
CA GLU I 399 2.24 10.01 -19.56
C GLU I 399 0.95 10.80 -19.43
N GLY I 400 0.64 11.22 -18.22
CA GLY I 400 -0.64 11.81 -17.90
C GLY I 400 -1.59 10.85 -17.22
N GLY I 401 -1.17 9.60 -16.99
CA GLY I 401 -1.94 8.66 -16.21
C GLY I 401 -3.15 8.07 -16.89
N ASP I 402 -3.34 8.29 -18.18
CA ASP I 402 -4.51 7.72 -18.85
C ASP I 402 -4.44 6.20 -18.84
N ARG I 403 -5.45 5.57 -18.27
CA ARG I 403 -5.43 4.13 -18.05
C ARG I 403 -6.71 3.44 -18.47
N SER I 404 -7.64 4.14 -19.13
CA SER I 404 -8.86 3.51 -19.61
C SER I 404 -8.57 2.58 -20.79
N ARG I 405 -7.70 3.01 -21.70
CA ARG I 405 -7.32 2.15 -22.82
C ARG I 405 -6.56 0.92 -22.34
N ILE I 406 -5.71 1.08 -21.31
CA ILE I 406 -5.01 -0.06 -20.74
C ILE I 406 -5.99 -1.04 -20.13
N ALA I 407 -6.97 -0.54 -19.38
CA ALA I 407 -8.00 -1.40 -18.82
C ALA I 407 -8.76 -2.13 -19.91
N ARG I 408 -9.10 -1.42 -20.98
CA ARG I 408 -9.81 -2.04 -22.09
C ARG I 408 -8.99 -3.15 -22.74
N HIS I 409 -7.70 -2.89 -22.97
CA HIS I 409 -6.85 -3.90 -23.60
C HIS I 409 -6.66 -5.11 -22.71
N LEU I 410 -6.47 -4.91 -21.40
CA LEU I 410 -6.32 -6.02 -20.49
C LEU I 410 -7.59 -6.86 -20.41
N ALA I 411 -8.75 -6.20 -20.32
CA ALA I 411 -10.01 -6.93 -20.30
C ALA I 411 -10.24 -7.67 -21.61
N LEU I 412 -9.89 -7.05 -22.73
CA LEU I 412 -10.02 -7.69 -24.03
C LEU I 412 -9.16 -8.95 -24.10
N ALA I 413 -7.92 -8.87 -23.62
CA ALA I 413 -7.06 -10.04 -23.61
C ALA I 413 -7.61 -11.13 -22.72
N ILE I 414 -8.16 -10.77 -21.55
CA ILE I 414 -8.71 -11.78 -20.65
C ILE I 414 -9.90 -12.49 -21.31
N THR I 415 -10.76 -11.73 -21.99
CA THR I 415 -11.91 -12.33 -22.66
C THR I 415 -11.46 -13.22 -23.82
N ALA I 416 -10.54 -12.72 -24.65
CA ALA I 416 -10.11 -13.46 -25.83
C ALA I 416 -9.25 -14.67 -25.48
N ALA I 417 -8.59 -14.67 -24.33
CA ALA I 417 -7.76 -15.81 -23.97
C ALA I 417 -8.60 -17.06 -23.81
N GLU I 418 -9.79 -16.93 -23.25
CA GLU I 418 -10.70 -18.06 -23.16
C GLU I 418 -11.63 -18.19 -24.34
N HIS I 419 -11.82 -17.12 -25.13
CA HIS I 419 -12.71 -17.24 -26.29
C HIS I 419 -12.20 -18.27 -27.29
N TRP I 420 -10.94 -18.16 -27.70
CA TRP I 420 -10.37 -19.00 -28.73
C TRP I 420 -9.40 -20.00 -28.09
N LYS I 421 -9.66 -21.29 -28.32
CA LYS I 421 -8.79 -22.35 -27.83
C LYS I 421 -8.00 -23.04 -28.93
N ASN I 422 -8.29 -22.74 -30.19
CA ASN I 422 -7.62 -23.35 -31.33
C ASN I 422 -7.32 -22.26 -32.35
N GLY I 423 -6.44 -22.60 -33.30
CA GLY I 423 -6.06 -21.67 -34.33
C GLY I 423 -5.35 -20.45 -33.76
N CYS I 424 -5.59 -19.30 -34.38
CA CYS I 424 -5.09 -18.04 -33.83
C CYS I 424 -5.78 -17.74 -32.52
N ARG I 425 -5.02 -17.35 -31.52
CA ARG I 425 -5.60 -17.04 -30.22
C ARG I 425 -4.73 -16.00 -29.52
N VAL I 426 -5.35 -15.31 -28.56
CA VAL I 426 -4.64 -14.33 -27.75
C VAL I 426 -3.93 -15.07 -26.62
N VAL I 427 -2.62 -14.88 -26.52
CA VAL I 427 -1.79 -15.68 -25.63
C VAL I 427 -1.06 -14.84 -24.59
N GLY I 428 -1.14 -13.52 -24.67
CA GLY I 428 -0.46 -12.70 -23.70
C GLY I 428 -0.75 -11.23 -23.91
N VAL I 429 -0.12 -10.42 -23.07
CA VAL I 429 -0.22 -8.97 -23.14
C VAL I 429 1.18 -8.38 -23.19
N ASP I 430 1.33 -7.32 -23.96
CA ASP I 430 2.58 -6.58 -24.06
C ASP I 430 2.41 -5.26 -23.33
N LEU I 431 3.31 -4.98 -22.39
CA LEU I 431 3.30 -3.72 -21.65
C LEU I 431 4.30 -2.78 -22.32
N ALA I 432 3.79 -1.86 -23.13
CA ALA I 432 4.63 -1.01 -23.96
C ALA I 432 4.29 0.46 -23.69
N GLY I 433 4.80 1.33 -24.55
CA GLY I 433 4.47 2.74 -24.49
C GLY I 433 5.61 3.65 -24.12
N PHE I 434 5.48 4.31 -22.97
CA PHE I 434 6.37 5.40 -22.57
C PHE I 434 6.98 5.05 -21.22
N GLU I 435 8.29 4.77 -21.21
CA GLU I 435 9.00 4.34 -20.01
C GLU I 435 9.79 5.52 -19.45
N ASP I 436 9.34 6.02 -18.30
CA ASP I 436 10.05 7.05 -17.54
C ASP I 436 10.10 6.59 -16.09
N ARG I 437 10.84 7.33 -15.26
CA ARG I 437 10.90 6.99 -13.84
C ARG I 437 9.50 6.93 -13.23
N THR I 438 8.63 7.88 -13.60
CA THR I 438 7.24 7.81 -13.16
C THR I 438 6.35 7.08 -14.16
N THR I 439 6.83 5.94 -14.69
CA THR I 439 5.98 4.98 -15.39
C THR I 439 6.44 3.56 -15.13
N ARG I 440 7.30 3.33 -14.14
CA ARG I 440 7.99 2.06 -14.00
C ARG I 440 6.99 0.92 -13.78
N ALA I 441 7.47 -0.30 -14.00
CA ALA I 441 6.63 -1.50 -14.01
C ALA I 441 5.76 -1.64 -12.77
N ALA I 442 6.32 -1.36 -11.58
CA ALA I 442 5.59 -1.59 -10.34
C ALA I 442 4.35 -0.72 -10.24
N MET I 443 4.32 0.41 -10.95
CA MET I 443 3.16 1.28 -10.97
C MET I 443 1.91 0.55 -11.45
N PHE I 444 2.08 -0.51 -12.23
CA PHE I 444 0.99 -1.22 -12.88
C PHE I 444 0.84 -2.66 -12.41
N ALA I 445 1.49 -3.04 -11.30
CA ALA I 445 1.36 -4.41 -10.81
C ALA I 445 -0.08 -4.73 -10.45
N THR I 446 -0.80 -3.74 -9.93
CA THR I 446 -2.20 -3.93 -9.59
C THR I 446 -3.06 -4.17 -10.82
N ASP I 447 -2.75 -3.49 -11.93
CA ASP I 447 -3.53 -3.66 -13.15
C ASP I 447 -3.41 -5.06 -13.74
N PHE I 448 -2.28 -5.72 -13.52
CA PHE I 448 -1.98 -6.99 -14.15
C PHE I 448 -2.26 -8.19 -13.25
N GLU I 449 -2.80 -7.97 -12.05
CA GLU I 449 -3.24 -9.10 -11.24
C GLU I 449 -4.28 -9.96 -11.96
N PRO I 450 -5.31 -9.40 -12.62
CA PRO I 450 -6.25 -10.27 -13.36
C PRO I 450 -5.59 -11.06 -14.48
N VAL I 451 -4.60 -10.47 -15.15
CA VAL I 451 -3.91 -11.15 -16.24
C VAL I 451 -3.21 -12.39 -15.71
N HIS I 452 -2.55 -12.28 -14.56
CA HIS I 452 -1.94 -13.45 -13.94
C HIS I 452 -2.98 -14.41 -13.40
N ARG I 453 -4.13 -13.90 -12.96
CA ARG I 453 -5.20 -14.78 -12.47
C ARG I 453 -5.72 -15.70 -13.57
N VAL I 454 -5.89 -15.17 -14.78
CA VAL I 454 -6.44 -15.96 -15.87
C VAL I 454 -5.32 -16.64 -16.64
N GLY I 455 -4.10 -16.58 -16.11
CA GLY I 455 -2.99 -17.27 -16.71
C GLY I 455 -2.55 -16.77 -18.08
N LEU I 456 -2.57 -15.46 -18.28
CA LEU I 456 -2.07 -14.85 -19.50
C LEU I 456 -0.62 -14.46 -19.27
N ALA I 457 0.24 -14.77 -20.23
CA ALA I 457 1.65 -14.42 -20.12
C ALA I 457 1.85 -12.93 -20.36
N VAL I 458 2.94 -12.40 -19.81
CA VAL I 458 3.25 -10.98 -19.86
C VAL I 458 4.64 -10.80 -20.47
N THR I 459 4.75 -9.93 -21.46
CA THR I 459 6.04 -9.43 -21.92
C THR I 459 6.08 -7.93 -21.70
N VAL I 460 7.20 -7.43 -21.17
CA VAL I 460 7.34 -6.02 -20.82
C VAL I 460 8.22 -5.37 -21.86
N HIS I 461 7.72 -4.28 -22.43
CA HIS I 461 8.33 -3.64 -23.60
C HIS I 461 9.12 -2.40 -23.18
N ALA I 462 10.26 -2.65 -22.55
CA ALA I 462 11.15 -1.57 -22.14
C ALA I 462 11.56 -0.72 -23.34
N GLY I 463 11.39 0.60 -23.21
CA GLY I 463 11.67 1.50 -24.31
C GLY I 463 12.12 2.90 -23.92
N GLU I 464 13.18 3.39 -24.57
CA GLU I 464 13.74 4.72 -24.31
C GLU I 464 14.14 4.88 -22.85
N ASN I 465 15.03 4.05 -22.36
CA ASN I 465 15.51 4.16 -21.00
C ASN I 465 16.81 3.38 -20.87
N ASP I 466 17.63 3.79 -19.91
CA ASP I 466 18.86 3.10 -19.56
C ASP I 466 18.83 2.68 -18.10
N ASP I 467 17.68 2.16 -17.68
CA ASP I 467 17.39 1.88 -16.27
C ASP I 467 17.27 0.38 -16.05
N VAL I 468 17.88 -0.10 -14.96
CA VAL I 468 17.74 -1.50 -14.57
C VAL I 468 16.64 -1.71 -13.53
N GLU I 469 16.18 -0.64 -12.87
CA GLU I 469 15.09 -0.78 -11.92
C GLU I 469 13.78 -1.16 -12.61
N GLY I 470 13.56 -0.63 -13.82
CA GLY I 470 12.39 -1.03 -14.59
C GLY I 470 12.40 -2.51 -14.94
N ILE I 471 13.56 -3.04 -15.33
CA ILE I 471 13.66 -4.46 -15.63
C ILE I 471 13.43 -5.28 -14.37
N TRP I 472 13.97 -4.85 -13.23
CA TRP I 472 13.77 -5.58 -11.99
C TRP I 472 12.30 -5.62 -11.61
N GLN I 473 11.60 -4.49 -11.76
CA GLN I 473 10.18 -4.47 -11.44
C GLN I 473 9.37 -5.26 -12.45
N ALA I 474 9.78 -5.29 -13.71
CA ALA I 474 9.12 -6.13 -14.70
C ALA I 474 9.25 -7.60 -14.33
N VAL I 475 10.44 -8.01 -13.88
CA VAL I 475 10.66 -9.40 -13.53
C VAL I 475 9.90 -9.78 -12.27
N PHE I 476 9.96 -8.94 -11.24
CA PHE I 476 9.53 -9.34 -9.91
C PHE I 476 8.21 -8.72 -9.48
N LYS I 477 7.75 -7.65 -10.12
CA LYS I 477 6.46 -7.07 -9.79
C LYS I 477 5.39 -7.36 -10.82
N LEU I 478 5.76 -7.50 -12.09
CA LEU I 478 4.81 -7.85 -13.13
C LEU I 478 4.89 -9.30 -13.57
N SER I 479 5.84 -10.07 -13.04
CA SER I 479 6.02 -11.47 -13.42
C SER I 479 6.19 -11.62 -14.93
N ALA I 480 6.95 -10.71 -15.54
CA ALA I 480 7.17 -10.75 -16.97
C ALA I 480 7.93 -12.00 -17.35
N ARG I 481 7.44 -12.71 -18.38
CA ARG I 481 8.11 -13.90 -18.88
C ARG I 481 9.09 -13.57 -19.98
N ARG I 482 8.89 -12.46 -20.69
CA ARG I 482 9.81 -12.01 -21.72
C ARG I 482 10.04 -10.52 -21.54
N LEU I 483 11.22 -10.06 -21.94
CA LEU I 483 11.58 -8.65 -21.88
C LEU I 483 12.03 -8.18 -23.25
N GLY I 484 11.47 -7.06 -23.70
CA GLY I 484 11.82 -6.47 -24.98
C GLY I 484 12.84 -5.37 -24.80
N HIS I 485 13.86 -5.38 -25.66
CA HIS I 485 14.90 -4.35 -25.70
C HIS I 485 15.62 -4.19 -24.36
N ALA I 486 15.86 -5.31 -23.68
CA ALA I 486 16.61 -5.28 -22.42
C ALA I 486 18.11 -5.28 -22.74
N LEU I 487 18.58 -4.12 -23.20
CA LEU I 487 19.93 -3.96 -23.70
C LEU I 487 20.92 -3.57 -22.61
N HIS I 488 20.49 -3.47 -21.35
CA HIS I 488 21.36 -3.04 -20.28
C HIS I 488 21.34 -4.03 -19.11
N LEU I 489 21.17 -5.32 -19.41
CA LEU I 489 21.16 -6.34 -18.36
C LEU I 489 22.53 -6.52 -17.73
N SER I 490 23.60 -6.43 -18.53
CA SER I 490 24.94 -6.66 -18.01
C SER I 490 25.36 -5.63 -16.97
N ARG I 491 24.75 -4.44 -16.98
CA ARG I 491 25.10 -3.43 -16.00
C ARG I 491 24.75 -3.86 -14.58
N SER I 492 23.78 -4.76 -14.43
CA SER I 492 23.43 -5.34 -13.15
C SER I 492 23.74 -6.84 -13.19
N PRO I 493 24.88 -7.27 -12.64
CA PRO I 493 25.19 -8.71 -12.69
C PRO I 493 24.16 -9.58 -11.99
N ASP I 494 23.61 -9.11 -10.88
CA ASP I 494 22.56 -9.86 -10.21
C ASP I 494 21.33 -10.01 -11.09
N LEU I 495 20.94 -8.92 -11.77
CA LEU I 495 19.78 -8.99 -12.65
C LEU I 495 20.02 -9.92 -13.83
N LEU I 496 21.23 -9.90 -14.40
CA LEU I 496 21.56 -10.80 -15.48
C LEU I 496 21.50 -12.26 -15.02
N ARG I 497 22.02 -12.53 -13.82
CA ARG I 497 21.96 -13.89 -13.28
C ARG I 497 20.52 -14.33 -13.04
N VAL I 498 19.68 -13.42 -12.54
CA VAL I 498 18.27 -13.74 -12.32
C VAL I 498 17.57 -14.03 -13.64
N VAL I 499 17.82 -13.20 -14.65
CA VAL I 499 17.20 -13.40 -15.95
C VAL I 499 17.60 -14.75 -16.54
N ALA I 500 18.89 -15.08 -16.44
CA ALA I 500 19.35 -16.37 -16.95
C ALA I 500 18.78 -17.53 -16.15
N GLU I 501 18.68 -17.38 -14.83
CA GLU I 501 18.27 -18.50 -13.98
C GLU I 501 16.79 -18.78 -14.08
N ARG I 502 15.97 -17.73 -14.20
CA ARG I 502 14.52 -17.88 -14.26
C ARG I 502 14.02 -18.20 -15.66
N GLY I 503 14.90 -18.24 -16.66
CA GLY I 503 14.49 -18.50 -18.02
C GLY I 503 13.63 -17.42 -18.62
N ILE I 504 13.89 -16.16 -18.25
CA ILE I 504 13.17 -15.03 -18.82
C ILE I 504 13.85 -14.65 -20.12
N ALA I 505 13.09 -14.69 -21.21
CA ALA I 505 13.65 -14.42 -22.53
C ALA I 505 13.82 -12.92 -22.75
N VAL I 506 14.84 -12.57 -23.51
CA VAL I 506 15.11 -11.19 -23.89
C VAL I 506 14.83 -11.07 -25.38
N GLU I 507 13.87 -10.23 -25.74
CA GLU I 507 13.52 -9.98 -27.13
C GLU I 507 14.44 -8.90 -27.68
N LEU I 508 15.41 -9.29 -28.49
CA LEU I 508 16.31 -8.35 -29.14
C LEU I 508 15.84 -8.10 -30.56
N CYS I 509 15.90 -6.83 -30.98
CA CYS I 509 15.52 -6.43 -32.33
C CYS I 509 16.74 -5.72 -32.92
N PRO I 510 17.60 -6.47 -33.62
CA PRO I 510 18.88 -5.91 -34.08
C PRO I 510 18.78 -4.59 -34.83
N TYR I 511 18.02 -4.57 -35.92
CA TYR I 511 17.92 -3.34 -36.72
C TYR I 511 17.28 -2.21 -35.94
N ALA I 512 16.21 -2.50 -35.19
CA ALA I 512 15.56 -1.45 -34.41
C ALA I 512 16.48 -0.91 -33.32
N ASN I 513 17.20 -1.79 -32.64
CA ASN I 513 18.14 -1.34 -31.61
C ASN I 513 19.25 -0.50 -32.22
N LEU I 514 19.76 -0.91 -33.38
CA LEU I 514 20.77 -0.11 -34.07
C LEU I 514 20.22 1.26 -34.46
N GLN I 515 18.98 1.30 -34.95
CA GLN I 515 18.42 2.56 -35.44
C GLN I 515 18.05 3.50 -34.29
N ILE I 516 17.70 2.96 -33.13
CA ILE I 516 17.25 3.80 -32.02
C ILE I 516 18.41 4.18 -31.11
N LYS I 517 19.31 3.25 -30.81
CA LYS I 517 20.40 3.50 -29.87
C LYS I 517 21.77 3.57 -30.51
N GLY I 518 21.97 2.95 -31.66
CA GLY I 518 23.21 3.13 -32.40
C GLY I 518 24.40 2.34 -31.88
N PHE I 519 24.34 1.02 -32.00
CA PHE I 519 25.49 0.19 -31.65
C PHE I 519 26.51 0.19 -32.77
N PRO I 520 27.79 -0.01 -32.46
CA PRO I 520 28.81 -0.06 -33.50
C PRO I 520 28.67 -1.29 -34.41
N LEU I 521 29.15 -1.15 -35.63
CA LEU I 521 29.06 -2.20 -36.63
C LEU I 521 30.45 -2.57 -37.14
N ASP I 522 30.63 -3.86 -37.44
CA ASP I 522 31.87 -4.37 -38.05
C ASP I 522 33.10 -4.06 -37.23
N GLU I 523 32.94 -3.93 -35.91
CA GLU I 523 34.09 -3.68 -35.07
C GLU I 523 34.94 -4.93 -34.94
N GLU I 524 36.17 -4.75 -34.46
CA GLU I 524 37.17 -5.81 -34.53
C GLU I 524 36.84 -6.98 -33.61
N GLN I 525 36.83 -6.77 -32.29
CA GLN I 525 36.50 -7.85 -31.37
C GLN I 525 35.30 -7.55 -30.48
N GLU I 526 35.34 -6.48 -29.68
CA GLU I 526 34.39 -6.31 -28.59
C GLU I 526 34.64 -5.00 -27.85
N GLY I 527 33.85 -4.73 -26.82
CA GLY I 527 34.24 -3.75 -25.81
C GLY I 527 33.38 -2.52 -25.64
N SER I 528 32.62 -2.49 -24.54
CA SER I 528 32.03 -1.29 -23.96
C SER I 528 30.96 -0.66 -24.84
N GLU I 529 30.78 -1.18 -26.05
CA GLU I 529 29.75 -0.67 -26.95
C GLU I 529 29.03 -1.75 -27.73
N THR I 530 29.54 -2.97 -27.76
CA THR I 530 29.02 -4.01 -28.64
C THR I 530 27.59 -4.37 -28.26
N TYR I 531 26.84 -4.83 -29.26
CA TYR I 531 25.53 -5.41 -29.02
C TYR I 531 25.66 -6.53 -28.00
N PRO I 532 24.84 -6.54 -26.95
CA PRO I 532 25.06 -7.50 -25.85
C PRO I 532 24.55 -8.91 -26.15
N LEU I 533 24.30 -9.23 -27.42
CA LEU I 533 23.77 -10.54 -27.77
C LEU I 533 24.72 -11.65 -27.36
N ARG I 534 25.99 -11.55 -27.74
CA ARG I 534 26.95 -12.60 -27.40
C ARG I 534 27.19 -12.65 -25.89
N GLY I 535 27.24 -11.49 -25.24
CA GLY I 535 27.38 -11.48 -23.80
C GLY I 535 26.21 -12.13 -23.09
N TYR I 536 25.00 -11.89 -23.58
CA TYR I 536 23.82 -12.55 -23.03
C TYR I 536 23.87 -14.05 -23.25
N LEU I 537 24.26 -14.47 -24.46
CA LEU I 537 24.32 -15.90 -24.76
C LEU I 537 25.35 -16.60 -23.88
N ALA I 538 26.50 -15.97 -23.66
CA ALA I 538 27.52 -16.56 -22.80
C ALA I 538 27.10 -16.61 -21.34
N ALA I 539 26.16 -15.76 -20.93
CA ALA I 539 25.69 -15.73 -19.56
C ALA I 539 24.51 -16.66 -19.32
N GLY I 540 24.09 -17.42 -20.33
CA GLY I 540 22.96 -18.31 -20.18
C GLY I 540 21.61 -17.68 -20.41
N VAL I 541 21.57 -16.44 -20.90
CA VAL I 541 20.31 -15.75 -21.14
C VAL I 541 19.65 -16.32 -22.39
N ALA I 542 18.36 -16.62 -22.30
CA ALA I 542 17.57 -17.00 -23.46
C ALA I 542 17.33 -15.77 -24.33
N VAL I 543 17.95 -15.73 -25.49
CA VAL I 543 17.93 -14.55 -26.35
C VAL I 543 17.15 -14.90 -27.62
N THR I 544 16.25 -14.00 -28.01
CA THR I 544 15.49 -14.11 -29.24
C THR I 544 15.73 -12.86 -30.08
N LEU I 545 15.80 -13.05 -31.39
CA LEU I 545 16.03 -11.96 -32.33
C LEU I 545 14.77 -11.73 -33.13
N ASN I 546 14.31 -10.47 -33.19
CA ASN I 546 13.02 -10.13 -33.76
C ASN I 546 13.15 -8.92 -34.67
N THR I 547 12.04 -8.57 -35.32
CA THR I 547 11.99 -7.46 -36.26
C THR I 547 11.47 -6.17 -35.64
N ASP I 548 10.74 -6.25 -34.53
CA ASP I 548 10.10 -5.11 -33.89
C ASP I 548 9.02 -4.52 -34.77
N ASN I 549 9.43 -3.77 -35.81
CA ASN I 549 8.50 -3.18 -36.76
C ASN I 549 9.03 -3.48 -38.16
N LEU I 550 8.32 -4.31 -38.91
CA LEU I 550 8.79 -4.68 -40.24
C LEU I 550 8.82 -3.48 -41.18
N GLY I 551 7.94 -2.52 -40.97
CA GLY I 551 7.87 -1.36 -41.84
C GLY I 551 8.81 -0.25 -41.46
N ILE I 552 8.77 0.16 -40.19
CA ILE I 552 9.60 1.28 -39.76
C ILE I 552 11.07 0.94 -39.91
N SER I 553 11.46 -0.29 -39.57
CA SER I 553 12.85 -0.68 -39.62
C SER I 553 13.32 -1.08 -41.01
N GLN I 554 12.40 -1.33 -41.95
CA GLN I 554 12.75 -1.75 -43.31
C GLN I 554 13.66 -2.97 -43.31
N ALA I 555 13.30 -3.97 -42.52
CA ALA I 555 14.11 -5.16 -42.40
C ALA I 555 13.24 -6.34 -42.02
N SER I 556 13.45 -7.48 -42.68
CA SER I 556 12.77 -8.71 -42.33
C SER I 556 13.50 -9.38 -41.17
N LEU I 557 13.01 -10.56 -40.78
CA LEU I 557 13.70 -11.32 -39.74
C LEU I 557 15.05 -11.82 -40.23
N THR I 558 15.12 -12.24 -41.49
CA THR I 558 16.40 -12.63 -42.09
C THR I 558 17.41 -11.49 -42.03
N ASP I 559 16.95 -10.26 -42.32
CA ASP I 559 17.84 -9.11 -42.29
C ASP I 559 18.40 -8.88 -40.89
N ASN I 560 17.57 -9.03 -39.86
CA ASN I 560 18.05 -8.85 -38.49
C ASN I 560 19.02 -9.95 -38.10
N LEU I 561 18.72 -11.20 -38.47
CA LEU I 561 19.61 -12.30 -38.16
C LEU I 561 20.97 -12.10 -38.82
N LEU I 562 20.99 -11.65 -40.06
CA LEU I 562 22.25 -11.39 -40.74
C LEU I 562 22.95 -10.15 -40.19
N LEU I 563 22.19 -9.16 -39.73
CA LEU I 563 22.80 -7.98 -39.13
C LEU I 563 23.48 -8.31 -37.81
N THR I 564 23.01 -9.35 -37.11
CA THR I 564 23.69 -9.77 -35.89
C THR I 564 25.15 -10.13 -36.15
N ALA I 565 25.48 -10.56 -37.36
CA ALA I 565 26.88 -10.84 -37.70
C ALA I 565 27.73 -9.58 -37.65
N ARG I 566 27.19 -8.46 -38.13
CA ARG I 566 27.90 -7.19 -38.05
C ARG I 566 27.86 -6.59 -36.65
N LEU I 567 26.75 -6.78 -35.94
CA LEU I 567 26.62 -6.20 -34.60
C LEU I 567 27.52 -6.92 -33.60
N CYS I 568 27.61 -8.23 -33.70
CA CYS I 568 28.42 -9.04 -32.78
C CYS I 568 29.52 -9.75 -33.54
N PRO I 569 30.78 -9.33 -33.41
CA PRO I 569 31.84 -9.96 -34.19
C PRO I 569 32.01 -11.43 -33.82
N GLY I 570 32.17 -12.27 -34.85
CA GLY I 570 32.45 -13.67 -34.63
C GLY I 570 31.31 -14.50 -34.09
N ILE I 571 30.08 -14.02 -34.19
CA ILE I 571 28.94 -14.82 -33.76
C ILE I 571 28.74 -15.96 -34.75
N THR I 572 28.57 -17.17 -34.23
CA THR I 572 28.42 -18.35 -35.06
C THR I 572 26.96 -18.54 -35.44
N ARG I 573 26.74 -19.11 -36.62
CA ARG I 573 25.40 -19.44 -37.06
C ARG I 573 24.74 -20.49 -36.19
N LEU I 574 25.53 -21.31 -35.49
CA LEU I 574 24.97 -22.17 -34.46
C LEU I 574 24.30 -21.36 -33.38
N GLU I 575 24.82 -20.16 -33.08
CA GLU I 575 24.14 -19.27 -32.14
C GLU I 575 22.86 -18.71 -32.72
N VAL I 576 22.78 -18.54 -34.04
CA VAL I 576 21.50 -18.18 -34.67
C VAL I 576 20.48 -19.29 -34.47
N LEU I 577 20.90 -20.54 -34.67
CA LEU I 577 20.01 -21.66 -34.39
C LEU I 577 19.62 -21.70 -32.92
N LYS I 578 20.56 -21.39 -32.03
CA LYS I 578 20.25 -21.34 -30.60
C LYS I 578 19.22 -20.28 -30.29
N THR I 579 19.31 -19.12 -30.94
CA THR I 579 18.31 -18.07 -30.74
C THR I 579 16.94 -18.53 -31.24
N GLN I 580 16.91 -19.27 -32.35
CA GLN I 580 15.64 -19.81 -32.81
C GLN I 580 15.04 -20.79 -31.80
N VAL I 581 15.89 -21.64 -31.23
CA VAL I 581 15.42 -22.58 -30.21
C VAL I 581 14.94 -21.84 -28.96
N PHE I 582 15.64 -20.76 -28.59
CA PHE I 582 15.22 -19.93 -27.46
C PHE I 582 13.86 -19.31 -27.72
N ALA I 583 13.64 -18.81 -28.93
CA ALA I 583 12.35 -18.23 -29.27
C ALA I 583 11.25 -19.29 -29.25
N ALA I 584 11.55 -20.50 -29.71
CA ALA I 584 10.58 -21.59 -29.66
C ALA I 584 10.24 -21.93 -28.22
N GLN I 585 11.22 -21.92 -27.32
CA GLN I 585 10.96 -22.25 -25.93
C GLN I 585 10.25 -21.10 -25.20
N ALA I 586 10.48 -19.86 -25.63
CA ALA I 586 9.91 -18.70 -24.97
C ALA I 586 8.54 -18.31 -25.51
N ALA I 587 8.09 -18.95 -26.58
CA ALA I 587 6.79 -18.62 -27.15
C ALA I 587 5.68 -18.90 -26.15
N PHE I 588 4.64 -18.06 -26.16
CA PHE I 588 3.49 -18.28 -25.32
C PHE I 588 2.55 -19.28 -25.98
N ALA I 589 3.08 -20.42 -26.39
CA ALA I 589 2.35 -21.43 -27.15
C ALA I 589 1.93 -22.57 -26.24
N ASN I 590 0.90 -23.30 -26.68
CA ASN I 590 0.44 -24.48 -25.96
C ASN I 590 1.15 -25.71 -26.52
N GLN I 591 0.72 -26.90 -26.10
CA GLN I 591 1.43 -28.12 -26.46
C GLN I 591 1.37 -28.38 -27.96
N ALA I 592 0.21 -28.17 -28.60
CA ALA I 592 0.09 -28.44 -30.02
C ALA I 592 0.91 -27.48 -30.85
N GLU I 593 0.83 -26.18 -30.52
CA GLU I 593 1.60 -25.18 -31.25
C GLU I 593 3.09 -25.43 -31.08
N ARG I 594 3.51 -25.76 -29.85
CA ARG I 594 4.92 -26.03 -29.60
C ARG I 594 5.39 -27.28 -30.33
N LYS I 595 4.55 -28.32 -30.39
CA LYS I 595 4.91 -29.54 -31.11
C LYS I 595 5.08 -29.25 -32.60
N ALA I 596 4.14 -28.51 -33.19
CA ALA I 596 4.27 -28.16 -34.61
C ALA I 596 5.50 -27.29 -34.85
N LEU I 597 5.78 -26.36 -33.94
CA LEU I 597 6.96 -25.51 -34.08
C LEU I 597 8.25 -26.32 -34.02
N TRP I 598 8.32 -27.29 -33.10
CA TRP I 598 9.51 -28.14 -33.02
C TRP I 598 9.67 -28.99 -34.27
N ALA I 599 8.56 -29.50 -34.80
CA ALA I 599 8.62 -30.26 -36.04
C ALA I 599 9.12 -29.38 -37.18
N ARG I 600 8.72 -28.10 -37.20
CA ARG I 600 9.18 -27.21 -38.26
C ARG I 600 10.62 -26.80 -38.09
N LEU I 601 11.11 -26.72 -36.85
CA LEU I 601 12.49 -26.35 -36.61
C LEU I 601 13.47 -27.47 -36.91
N ALA I 602 13.02 -28.72 -36.88
CA ALA I 602 13.90 -29.84 -37.19
C ALA I 602 14.33 -29.86 -38.65
N GLN I 603 13.68 -29.10 -39.52
CA GLN I 603 14.04 -29.04 -40.94
C GLN I 603 14.99 -27.87 -41.20
N VAL I 604 16.18 -27.97 -40.62
CA VAL I 604 17.22 -26.96 -40.83
C VAL I 604 17.73 -27.06 -42.27
N PRO I 605 17.83 -25.95 -43.00
CA PRO I 605 18.32 -26.02 -44.38
C PRO I 605 19.74 -26.55 -44.45
N VAL I 606 20.01 -27.34 -45.48
CA VAL I 606 21.34 -27.90 -45.68
C VAL I 606 22.29 -26.80 -46.16
N PRO I 607 23.47 -26.66 -45.59
CA PRO I 607 24.41 -25.65 -46.06
C PRO I 607 24.93 -25.98 -47.45
N THR I 608 25.43 -24.94 -48.12
CA THR I 608 25.90 -25.04 -49.50
C THR I 608 27.38 -24.77 -49.66
N ASP I 609 28.00 -23.99 -48.78
CA ASP I 609 29.37 -23.54 -48.94
C ASP I 609 30.30 -24.17 -47.90
N THR I 610 30.12 -25.45 -47.63
CA THR I 610 30.98 -26.18 -46.68
C THR I 610 32.18 -26.77 -47.42
N GLU I 611 33.01 -25.88 -47.95
CA GLU I 611 34.27 -26.28 -48.58
C GLU I 611 35.47 -25.43 -48.18
N GLN I 612 35.26 -24.25 -47.59
CA GLN I 612 36.34 -23.38 -47.15
C GLN I 612 37.34 -23.06 -48.26
N MET J 1 52.27 -40.76 -48.99
CA MET J 1 52.29 -42.13 -48.50
C MET J 1 51.17 -42.96 -49.11
N ARG J 2 51.49 -44.18 -49.52
CA ARG J 2 50.52 -45.12 -50.08
C ARG J 2 50.92 -46.52 -49.64
N ILE J 3 50.17 -47.09 -48.71
CA ILE J 3 50.48 -48.39 -48.11
C ILE J 3 49.50 -49.43 -48.64
N LEU J 4 50.01 -50.56 -49.08
CA LEU J 4 49.19 -51.66 -49.58
C LEU J 4 49.26 -52.83 -48.60
N LEU J 5 48.10 -53.25 -48.11
CA LEU J 5 47.99 -54.41 -47.25
C LEU J 5 47.38 -55.54 -48.07
N CYS J 6 48.07 -56.68 -48.11
CA CYS J 6 47.65 -57.80 -48.95
C CYS J 6 47.83 -59.11 -48.20
N SER J 7 46.74 -59.85 -48.03
CA SER J 7 46.83 -61.21 -47.56
C SER J 7 47.34 -62.12 -48.67
N VAL J 8 48.02 -63.18 -48.29
CA VAL J 8 48.58 -64.13 -49.24
C VAL J 8 48.16 -65.54 -48.85
N GLY J 9 47.87 -66.37 -49.84
CA GLY J 9 47.59 -67.77 -49.62
C GLY J 9 48.65 -68.63 -50.27
N THR J 10 48.25 -69.73 -50.89
CA THR J 10 49.20 -70.57 -51.62
C THR J 10 49.76 -69.83 -52.82
N SER J 11 48.95 -69.01 -53.48
CA SER J 11 49.37 -68.27 -54.67
C SER J 11 50.08 -66.99 -54.23
N TRP J 12 51.41 -67.06 -54.16
CA TRP J 12 52.19 -65.88 -53.78
C TRP J 12 52.13 -64.78 -54.84
N ALA J 13 51.76 -65.11 -56.07
CA ALA J 13 51.80 -64.17 -57.18
C ALA J 13 50.79 -63.03 -57.04
N VAL J 14 49.86 -63.12 -56.09
CA VAL J 14 48.86 -62.07 -55.95
C VAL J 14 49.49 -60.76 -55.48
N VAL J 15 50.48 -60.85 -54.59
CA VAL J 15 51.13 -59.67 -54.01
C VAL J 15 51.86 -58.86 -55.08
N PRO J 16 52.72 -59.45 -55.93
CA PRO J 16 53.35 -58.65 -56.98
C PRO J 16 52.34 -58.06 -57.97
N GLU J 17 51.25 -58.76 -58.23
CA GLU J 17 50.22 -58.20 -59.10
C GLU J 17 49.43 -57.10 -58.40
N ALA J 18 49.18 -57.25 -57.09
CA ALA J 18 48.55 -56.18 -56.33
C ALA J 18 49.45 -54.96 -56.22
N MET J 19 50.76 -55.17 -56.34
CA MET J 19 51.72 -54.07 -56.39
C MET J 19 51.50 -53.16 -57.59
N GLN J 20 50.79 -53.62 -58.61
CA GLN J 20 50.62 -52.90 -59.86
C GLN J 20 49.25 -52.25 -60.00
N LEU J 21 48.52 -52.10 -58.89
CA LEU J 21 47.22 -51.42 -58.95
C LEU J 21 47.38 -49.97 -59.39
N LEU J 22 48.39 -49.28 -58.87
CA LEU J 22 48.60 -47.88 -59.15
C LEU J 22 49.47 -47.63 -60.38
N GLY J 23 49.90 -48.69 -61.06
CA GLY J 23 50.73 -48.55 -62.25
C GLY J 23 52.19 -48.31 -61.94
N SER J 24 52.84 -47.47 -62.75
CA SER J 24 54.25 -47.17 -62.55
C SER J 24 54.49 -46.38 -61.26
N GLN J 25 53.46 -45.74 -60.72
CA GLN J 25 53.63 -44.99 -59.47
C GLN J 25 53.98 -45.91 -58.32
N GLY J 26 53.30 -47.06 -58.23
CA GLY J 26 53.61 -48.03 -57.20
C GLY J 26 53.14 -47.61 -55.83
N PHE J 27 53.58 -48.36 -54.82
CA PHE J 27 53.22 -48.13 -53.44
C PHE J 27 54.45 -47.71 -52.65
N ASP J 28 54.26 -46.81 -51.69
CA ASP J 28 55.38 -46.39 -50.84
C ASP J 28 55.88 -47.54 -49.98
N GLU J 29 54.98 -48.44 -49.57
CA GLU J 29 55.37 -49.66 -48.87
C GLU J 29 54.22 -50.65 -48.96
N VAL J 30 54.55 -51.94 -49.01
CA VAL J 30 53.56 -53.00 -48.99
C VAL J 30 53.86 -53.94 -47.83
N HIS J 31 52.81 -54.33 -47.12
CA HIS J 31 52.94 -55.25 -45.98
C HIS J 31 52.02 -56.43 -46.24
N VAL J 32 52.55 -57.64 -46.07
CA VAL J 32 51.85 -58.86 -46.43
C VAL J 32 51.59 -59.67 -45.17
N LEU J 33 50.33 -60.05 -44.96
CA LEU J 33 49.95 -60.94 -43.87
C LEU J 33 49.95 -62.38 -44.37
N THR J 34 50.42 -63.28 -43.51
CA THR J 34 50.65 -64.66 -43.90
C THR J 34 50.27 -65.57 -42.73
N THR J 35 49.94 -66.82 -43.04
CA THR J 35 49.65 -67.81 -42.01
C THR J 35 50.88 -68.67 -41.75
N ALA J 36 50.79 -69.50 -40.70
CA ALA J 36 51.92 -70.31 -40.26
C ALA J 36 52.00 -71.65 -40.99
N SER J 37 51.12 -71.92 -41.95
CA SER J 37 51.12 -73.19 -42.64
C SER J 37 52.40 -73.36 -43.48
N SER J 38 52.82 -74.62 -43.60
CA SER J 38 54.02 -74.95 -44.36
C SER J 38 53.78 -75.00 -45.86
N LYS J 39 52.52 -75.03 -46.31
CA LYS J 39 52.22 -75.03 -47.73
C LYS J 39 52.54 -73.71 -48.42
N ILE J 40 52.83 -72.66 -47.65
CA ILE J 40 53.05 -71.33 -48.18
C ILE J 40 54.43 -70.78 -47.85
N SER J 41 55.29 -71.57 -47.21
CA SER J 41 56.69 -71.17 -47.07
C SER J 41 57.40 -70.97 -48.41
N PRO J 42 57.21 -71.84 -49.42
CA PRO J 42 57.77 -71.51 -50.74
C PRO J 42 57.22 -70.21 -51.31
N GLY J 43 55.93 -69.92 -51.09
CA GLY J 43 55.40 -68.65 -51.52
C GLY J 43 56.04 -67.47 -50.80
N VAL J 44 56.30 -67.63 -49.50
CA VAL J 44 56.93 -66.58 -48.72
C VAL J 44 58.35 -66.32 -49.23
N GLU J 45 59.11 -67.39 -49.49
CA GLU J 45 60.47 -67.18 -49.98
C GLU J 45 60.48 -66.62 -51.40
N GLN J 46 59.52 -67.01 -52.25
CA GLN J 46 59.41 -66.40 -53.56
C GLN J 46 59.07 -64.92 -53.45
N LEU J 47 58.20 -64.56 -52.50
CA LEU J 47 57.89 -63.15 -52.28
C LEU J 47 59.13 -62.39 -51.82
N LEU J 48 59.93 -63.00 -50.94
CA LEU J 48 61.19 -62.36 -50.53
C LEU J 48 62.11 -62.15 -51.71
N ARG J 49 62.25 -63.17 -52.57
CA ARG J 49 63.13 -63.06 -53.73
C ARG J 49 62.64 -61.97 -54.68
N TYR J 50 61.32 -61.88 -54.90
CA TYR J 50 60.79 -60.82 -55.74
C TYR J 50 61.05 -59.45 -55.13
N PHE J 51 60.90 -59.35 -53.80
CA PHE J 51 61.16 -58.09 -53.12
C PHE J 51 62.61 -57.66 -53.26
N GLU J 52 63.54 -58.63 -53.24
CA GLU J 52 64.95 -58.30 -53.38
C GLU J 52 65.24 -57.66 -54.74
N MET J 53 64.64 -58.20 -55.81
CA MET J 53 64.92 -57.70 -57.15
C MET J 53 63.90 -56.66 -57.61
N HIS J 54 62.97 -56.25 -56.74
CA HIS J 54 62.21 -55.01 -56.89
C HIS J 54 62.28 -54.24 -55.57
N PRO J 55 63.37 -53.53 -55.32
CA PRO J 55 63.50 -52.79 -54.06
C PRO J 55 62.96 -51.38 -54.15
N GLY J 56 62.93 -50.68 -53.01
CA GLY J 56 62.50 -49.30 -52.97
C GLY J 56 61.39 -49.01 -51.98
N PRO J 57 60.36 -49.84 -51.95
CA PRO J 57 59.36 -49.74 -50.87
C PRO J 57 59.66 -50.70 -49.72
N ARG J 58 59.20 -50.31 -48.53
CA ARG J 58 59.36 -51.16 -47.36
C ARG J 58 58.54 -52.45 -47.51
N PHE J 59 59.05 -53.53 -46.94
CA PHE J 59 58.47 -54.85 -47.14
C PHE J 59 58.26 -55.52 -45.80
N SER J 60 57.18 -56.30 -45.72
CA SER J 60 56.87 -57.09 -44.54
C SER J 60 56.02 -58.28 -44.96
N ILE J 61 56.42 -59.47 -44.51
CA ILE J 61 55.72 -60.70 -44.87
C ILE J 61 55.29 -61.36 -43.56
N SER J 62 54.92 -60.53 -42.58
CA SER J 62 54.49 -60.98 -41.27
C SER J 62 53.56 -62.18 -41.36
N ARG J 63 53.88 -63.23 -40.59
CA ARG J 63 53.13 -64.48 -40.59
C ARG J 63 52.40 -64.64 -39.27
N VAL J 64 51.12 -65.00 -39.34
CA VAL J 64 50.31 -65.19 -38.15
C VAL J 64 50.73 -66.50 -37.48
N GLN J 65 51.15 -66.40 -36.21
CA GLN J 65 51.54 -67.59 -35.48
C GLN J 65 50.32 -68.43 -35.12
N ASP J 66 50.59 -69.69 -34.76
CA ASP J 66 49.59 -70.70 -34.39
C ASP J 66 48.34 -70.65 -35.25
N PHE J 67 48.51 -70.48 -36.56
CA PHE J 67 47.41 -70.54 -37.52
C PHE J 67 47.92 -71.29 -38.74
N GLU J 68 47.64 -72.59 -38.79
CA GLU J 68 48.03 -73.40 -39.95
C GLU J 68 46.88 -73.53 -40.94
N ASP J 69 45.76 -74.10 -40.51
CA ASP J 69 44.60 -74.31 -41.35
C ASP J 69 43.34 -73.89 -40.61
N LEU J 70 42.25 -73.78 -41.36
CA LEU J 70 40.96 -73.42 -40.78
C LEU J 70 40.34 -74.68 -40.17
N ARG J 71 40.80 -75.01 -38.96
CA ARG J 71 40.23 -76.17 -38.26
C ARG J 71 38.80 -75.89 -37.82
N SER J 72 38.56 -74.73 -37.22
CA SER J 72 37.24 -74.39 -36.70
C SER J 72 37.14 -72.87 -36.61
N GLU J 73 36.10 -72.39 -35.92
CA GLU J 73 35.83 -70.97 -35.83
C GLU J 73 36.88 -70.22 -35.02
N GLN J 74 37.54 -70.90 -34.08
CA GLN J 74 38.55 -70.25 -33.27
C GLN J 74 39.73 -69.77 -34.11
N ASP J 75 40.14 -70.56 -35.10
CA ASP J 75 41.21 -70.12 -35.98
C ASP J 75 40.82 -68.86 -36.75
N HIS J 76 39.57 -68.81 -37.24
CA HIS J 76 39.10 -67.64 -37.96
C HIS J 76 39.05 -66.42 -37.05
N MET J 77 38.57 -66.60 -35.82
CA MET J 77 38.49 -65.48 -34.88
C MET J 77 39.88 -64.96 -34.52
N LEU J 78 40.83 -65.87 -34.28
CA LEU J 78 42.19 -65.46 -33.98
C LEU J 78 42.82 -64.74 -35.17
N PHE J 79 42.61 -65.26 -36.38
CA PHE J 79 43.15 -64.63 -37.57
C PHE J 79 42.55 -63.24 -37.77
N GLU J 80 41.25 -63.09 -37.50
CA GLU J 80 40.60 -61.78 -37.65
C GLU J 80 41.19 -60.77 -36.67
N GLU J 81 41.37 -61.17 -35.40
CA GLU J 81 41.89 -60.24 -34.42
C GLU J 81 43.34 -59.84 -34.74
N VAL J 82 44.15 -60.82 -35.13
CA VAL J 82 45.54 -60.54 -35.51
C VAL J 82 45.59 -59.67 -36.76
N LEU J 83 44.67 -59.90 -37.70
CA LEU J 83 44.50 -59.00 -38.83
C LEU J 83 44.22 -57.56 -38.39
N TRP J 84 43.33 -57.39 -37.42
CA TRP J 84 43.01 -56.03 -36.99
C TRP J 84 44.22 -55.35 -36.38
N ARG J 85 44.94 -56.06 -35.50
CA ARG J 85 46.14 -55.48 -34.90
C ARG J 85 47.21 -55.19 -35.95
N TRP J 86 47.42 -56.12 -36.89
CA TRP J 86 48.42 -55.90 -37.94
C TRP J 86 48.04 -54.73 -38.83
N LEU J 87 46.75 -54.58 -39.15
CA LEU J 87 46.30 -53.46 -39.95
C LEU J 87 46.52 -52.14 -39.23
N LEU J 88 46.24 -52.11 -37.92
CA LEU J 88 46.51 -50.90 -37.16
C LEU J 88 48.00 -50.58 -37.13
N GLN J 89 48.84 -51.61 -36.98
CA GLN J 89 50.28 -51.38 -36.84
C GLN J 89 50.91 -50.92 -38.15
N ARG J 90 50.58 -51.58 -39.26
CA ARG J 90 51.25 -51.32 -40.53
C ARG J 90 50.64 -50.15 -41.30
N ALA J 91 49.34 -49.93 -41.18
CA ALA J 91 48.66 -48.82 -41.85
C ALA J 91 47.87 -48.05 -40.81
N PRO J 92 48.55 -47.22 -40.01
CA PRO J 92 47.84 -46.48 -38.96
C PRO J 92 46.75 -45.55 -39.48
N GLN J 93 46.91 -45.01 -40.68
CA GLN J 93 45.98 -44.07 -41.25
C GLN J 93 45.17 -44.73 -42.36
N ALA J 94 43.85 -44.60 -42.29
CA ALA J 94 42.97 -45.18 -43.30
C ALA J 94 42.88 -44.34 -44.57
N ALA J 95 43.41 -43.12 -44.56
CA ALA J 95 43.29 -42.26 -45.72
C ALA J 95 44.14 -42.77 -46.89
N HIS J 96 45.20 -43.52 -46.60
CA HIS J 96 46.09 -44.06 -47.62
C HIS J 96 46.36 -45.53 -47.35
N ARG J 97 45.31 -46.30 -47.09
CA ARG J 97 45.40 -47.71 -46.79
C ARG J 97 44.75 -48.49 -47.92
N TYR J 98 45.56 -49.26 -48.66
CA TYR J 98 45.08 -50.06 -49.77
C TYR J 98 45.07 -51.53 -49.35
N ILE J 99 43.94 -52.21 -49.58
CA ILE J 99 43.74 -53.57 -49.11
C ILE J 99 43.37 -54.45 -50.29
N CYS J 100 44.07 -55.58 -50.43
CA CYS J 100 43.84 -56.53 -51.51
C CYS J 100 43.14 -57.77 -50.98
N LEU J 101 42.15 -58.25 -51.72
CA LEU J 101 41.33 -59.38 -51.31
C LEU J 101 41.76 -60.70 -51.94
N ALA J 102 42.81 -60.70 -52.75
CA ALA J 102 43.11 -61.87 -53.58
C ALA J 102 43.54 -63.06 -52.73
N GLY J 103 44.51 -62.87 -51.84
CA GLY J 103 45.13 -63.98 -51.15
C GLY J 103 44.29 -64.55 -50.01
N GLY J 104 44.72 -65.71 -49.54
CA GLY J 104 44.09 -66.35 -48.40
C GLY J 104 42.83 -67.11 -48.76
N TYR J 105 42.21 -67.68 -47.72
CA TYR J 105 40.97 -68.40 -47.86
C TYR J 105 39.84 -67.45 -48.29
N LYS J 106 38.67 -68.04 -48.57
CA LYS J 106 37.49 -67.22 -48.79
C LYS J 106 37.15 -66.39 -47.56
N THR J 107 37.20 -67.03 -46.38
CA THR J 107 37.00 -66.30 -45.14
C THR J 107 38.09 -65.25 -44.93
N ILE J 108 39.31 -65.52 -45.38
CA ILE J 108 40.37 -64.54 -45.21
C ILE J 108 40.07 -63.29 -46.01
N SER J 109 39.65 -63.43 -47.27
CA SER J 109 39.31 -62.25 -48.07
C SER J 109 38.08 -61.52 -47.53
N ALA J 110 37.08 -62.30 -47.09
CA ALA J 110 35.90 -61.68 -46.50
C ALA J 110 36.27 -60.89 -45.24
N ALA J 111 37.15 -61.44 -44.41
CA ALA J 111 37.64 -60.69 -43.26
C ALA J 111 38.47 -59.50 -43.68
N MET J 112 39.19 -59.60 -44.80
CA MET J 112 39.93 -58.45 -45.30
C MET J 112 38.99 -57.28 -45.55
N GLN J 113 37.91 -57.54 -46.30
CA GLN J 113 36.99 -56.47 -46.61
C GLN J 113 36.21 -56.03 -45.38
N ARG J 114 35.92 -56.95 -44.46
CA ARG J 114 35.23 -56.56 -43.23
C ARG J 114 36.09 -55.61 -42.40
N ALA J 115 37.39 -55.91 -42.28
CA ALA J 115 38.29 -55.00 -41.59
C ALA J 115 38.41 -53.67 -42.33
N ALA J 116 38.41 -53.72 -43.67
CA ALA J 116 38.44 -52.48 -44.44
C ALA J 116 37.23 -51.62 -44.14
N ALA J 117 36.05 -52.23 -44.05
CA ALA J 117 34.83 -51.48 -43.75
C ALA J 117 34.83 -50.96 -42.32
N LEU J 118 35.35 -51.77 -41.38
CA LEU J 118 35.31 -51.36 -39.97
C LEU J 118 36.29 -50.23 -39.69
N PHE J 119 37.51 -50.33 -40.19
CA PHE J 119 38.55 -49.37 -39.85
C PHE J 119 38.83 -48.34 -40.94
N GLY J 120 38.29 -48.53 -42.13
CA GLY J 120 38.50 -47.58 -43.20
C GLY J 120 39.65 -47.99 -44.11
N ALA J 121 39.53 -47.62 -45.38
CA ALA J 121 40.56 -47.95 -46.36
C ALA J 121 40.46 -46.97 -47.52
N CYS J 122 41.62 -46.58 -48.06
CA CYS J 122 41.62 -45.72 -49.23
C CYS J 122 41.04 -46.44 -50.44
N GLU J 123 41.34 -47.73 -50.58
CA GLU J 123 40.80 -48.52 -51.68
C GLU J 123 40.83 -50.00 -51.31
N VAL J 124 39.76 -50.70 -51.67
CA VAL J 124 39.67 -52.14 -51.53
C VAL J 124 39.53 -52.73 -52.93
N PHE J 125 40.43 -53.65 -53.28
CA PHE J 125 40.50 -54.14 -54.65
C PHE J 125 40.85 -55.62 -54.66
N HIS J 126 40.56 -56.25 -55.80
CA HIS J 126 40.93 -57.64 -56.07
C HIS J 126 41.62 -57.70 -57.42
N VAL J 127 42.68 -58.50 -57.51
CA VAL J 127 43.48 -58.63 -58.72
C VAL J 127 43.21 -59.99 -59.34
N LEU J 128 43.05 -60.02 -60.65
CA LEU J 128 42.84 -61.25 -61.40
C LEU J 128 43.81 -61.30 -62.57
N CYS J 129 44.27 -62.51 -62.89
CA CYS J 129 45.20 -62.73 -63.99
C CYS J 129 44.60 -63.75 -64.94
N GLU J 130 44.73 -63.49 -66.25
CA GLU J 130 44.24 -64.43 -67.25
C GLU J 130 45.08 -65.71 -67.21
N PRO J 131 44.45 -66.88 -67.30
CA PRO J 131 45.19 -68.16 -67.26
C PRO J 131 45.83 -68.51 -68.60
N ARG J 132 46.90 -67.80 -68.93
CA ARG J 132 47.64 -68.01 -70.17
C ARG J 132 49.14 -68.06 -69.89
N PHE J 133 49.52 -68.76 -68.82
CA PHE J 133 50.91 -68.88 -68.42
C PHE J 133 51.20 -70.31 -67.99
N GLY J 134 52.47 -70.68 -68.06
CA GLY J 134 52.89 -72.02 -67.72
C GLY J 134 53.25 -72.82 -68.95
N PRO J 135 53.75 -74.06 -68.75
CA PRO J 135 54.15 -74.95 -69.84
C PRO J 135 52.98 -75.36 -70.73
N ALA J 141 50.18 -66.87 -63.61
CA ALA J 141 51.57 -66.70 -63.18
C ALA J 141 51.82 -67.37 -61.84
N SER J 142 52.88 -68.16 -61.78
CA SER J 142 53.24 -68.85 -60.54
C SER J 142 54.70 -68.62 -60.18
N THR J 143 55.55 -68.42 -61.19
CA THR J 143 56.97 -68.21 -60.97
C THR J 143 57.33 -66.74 -61.22
N LEU J 144 58.60 -66.42 -60.93
CA LEU J 144 59.06 -65.03 -61.06
C LEU J 144 58.95 -64.55 -62.49
N GLU J 145 59.44 -65.35 -63.45
CA GLU J 145 59.40 -64.92 -64.84
C GLU J 145 57.98 -64.87 -65.37
N GLU J 146 57.11 -65.78 -64.91
CA GLU J 146 55.70 -65.72 -65.30
C GLU J 146 55.05 -64.44 -64.79
N VAL J 147 55.35 -64.04 -63.55
CA VAL J 147 54.81 -62.80 -63.00
C VAL J 147 55.31 -61.60 -63.80
N GLU J 148 56.60 -61.59 -64.13
CA GLU J 148 57.16 -60.49 -64.90
C GLU J 148 56.53 -60.42 -66.29
N GLN J 149 56.31 -61.57 -66.93
CA GLN J 149 55.62 -61.58 -68.21
C GLN J 149 54.19 -61.08 -68.07
N ALA J 150 53.51 -61.47 -66.99
CA ALA J 150 52.13 -61.03 -66.78
C ALA J 150 52.04 -59.52 -66.66
N ILE J 151 52.95 -58.92 -65.90
CA ILE J 151 52.92 -57.46 -65.75
C ILE J 151 53.37 -56.78 -67.04
N ALA J 152 54.35 -57.34 -67.74
CA ALA J 152 54.84 -56.72 -68.97
C ALA J 152 53.78 -56.73 -70.06
N THR J 153 53.02 -57.81 -70.17
CA THR J 153 52.03 -57.98 -71.23
C THR J 153 50.64 -57.48 -70.85
N ASN J 154 50.51 -56.81 -69.70
CA ASN J 154 49.23 -56.27 -69.22
C ASN J 154 48.19 -57.38 -69.09
N ALA J 155 48.51 -58.35 -68.24
CA ALA J 155 47.64 -59.50 -67.99
C ALA J 155 47.03 -59.45 -66.60
N LEU J 156 46.69 -58.25 -66.13
CA LEU J 156 46.17 -58.05 -64.79
C LEU J 156 44.83 -57.33 -64.85
N ARG J 157 43.84 -57.87 -64.14
CA ARG J 157 42.54 -57.22 -63.98
C ARG J 157 42.43 -56.70 -62.55
N PHE J 158 42.02 -55.44 -62.41
CA PHE J 158 41.84 -54.81 -61.11
C PHE J 158 40.38 -54.41 -60.96
N VAL J 159 39.71 -54.98 -59.96
CA VAL J 159 38.34 -54.62 -59.62
C VAL J 159 38.39 -53.88 -58.28
N ARG J 160 38.09 -52.59 -58.30
CA ARG J 160 38.17 -51.75 -57.12
C ARG J 160 36.79 -51.67 -56.46
N LEU J 161 36.66 -52.30 -55.29
CA LEU J 161 35.37 -52.34 -54.61
C LEU J 161 34.97 -50.98 -54.03
N GLY J 162 35.86 -50.00 -54.03
CA GLY J 162 35.52 -48.67 -53.57
C GLY J 162 36.14 -48.34 -52.22
N PRO J 163 36.37 -47.07 -51.98
CA PRO J 163 36.92 -46.66 -50.68
C PRO J 163 35.94 -46.90 -49.55
N GLU J 164 36.48 -47.19 -48.37
CA GLU J 164 35.68 -47.46 -47.18
C GLU J 164 35.94 -46.36 -46.15
N PRO J 165 34.92 -45.61 -45.71
CA PRO J 165 35.16 -44.55 -44.73
C PRO J 165 35.35 -45.04 -43.30
N GLY J 166 35.10 -46.32 -43.03
CA GLY J 166 35.25 -46.82 -41.68
C GLY J 166 34.11 -46.38 -40.77
N TRP J 167 34.42 -46.32 -39.48
CA TRP J 167 33.46 -45.92 -38.47
C TRP J 167 34.04 -44.83 -37.58
N PRO J 168 33.21 -43.89 -37.12
CA PRO J 168 33.77 -42.69 -36.48
C PRO J 168 34.65 -42.97 -35.27
N GLN J 169 34.27 -43.95 -34.45
CA GLN J 169 35.01 -44.26 -33.23
C GLN J 169 35.93 -45.46 -33.39
N LEU J 170 36.03 -46.02 -34.59
CA LEU J 170 36.98 -47.10 -34.87
C LEU J 170 38.19 -46.63 -35.66
N ARG J 171 38.11 -45.47 -36.32
CA ARG J 171 39.24 -44.93 -37.05
C ARG J 171 40.32 -44.36 -36.13
N LEU J 172 39.98 -44.05 -34.88
CA LEU J 172 40.93 -43.48 -33.93
C LEU J 172 41.73 -44.54 -33.19
N LEU J 173 41.43 -45.81 -33.39
CA LEU J 173 42.19 -46.87 -32.74
C LEU J 173 43.61 -46.90 -33.26
N SER J 174 44.57 -47.14 -32.36
CA SER J 174 45.98 -47.07 -32.68
C SER J 174 46.67 -48.37 -32.27
N ALA J 175 47.82 -48.62 -32.90
CA ALA J 175 48.59 -49.82 -32.60
C ALA J 175 49.02 -49.92 -31.13
N PRO J 176 49.50 -48.87 -30.46
CA PRO J 176 49.93 -49.04 -29.06
C PRO J 176 48.81 -49.53 -28.15
N SER J 177 47.56 -49.17 -28.41
CA SER J 177 46.46 -49.64 -27.57
C SER J 177 46.30 -51.15 -27.66
N PHE J 178 46.52 -51.71 -28.85
CA PHE J 178 46.39 -53.15 -29.10
C PHE J 178 47.66 -53.62 -29.79
N PRO J 179 48.75 -53.79 -29.04
CA PRO J 179 50.02 -54.15 -29.66
C PRO J 179 50.02 -55.59 -30.16
N LEU J 180 50.86 -55.83 -31.16
CA LEU J 180 51.03 -57.15 -31.78
C LEU J 180 52.46 -57.60 -31.54
N GLU J 181 52.63 -58.62 -30.70
CA GLU J 181 53.97 -59.13 -30.42
C GLU J 181 54.52 -59.84 -31.66
N SER J 182 55.75 -59.51 -32.03
CA SER J 182 56.38 -60.03 -33.24
C SER J 182 57.72 -60.64 -32.89
N THR J 183 57.98 -61.84 -33.42
CA THR J 183 59.25 -62.53 -33.25
C THR J 183 59.91 -62.65 -34.62
N LEU J 184 61.16 -62.19 -34.70
CA LEU J 184 61.88 -62.21 -35.98
C LEU J 184 62.49 -63.57 -36.23
N GLN J 185 62.28 -64.08 -37.44
CA GLN J 185 62.87 -65.33 -37.91
C GLN J 185 63.60 -65.09 -39.22
N GLY J 186 64.39 -64.02 -39.24
CA GLY J 186 65.03 -63.56 -40.44
C GLY J 186 64.35 -62.30 -40.95
N PRO J 187 64.12 -62.24 -42.26
CA PRO J 187 63.39 -61.10 -42.84
C PRO J 187 61.87 -61.23 -42.78
N VAL J 188 61.34 -62.19 -42.02
CA VAL J 188 59.91 -62.46 -41.95
C VAL J 188 59.47 -62.34 -40.50
N HIS J 189 58.42 -61.55 -40.26
CA HIS J 189 57.87 -61.38 -38.93
C HIS J 189 56.91 -62.53 -38.61
N TRP J 190 56.93 -62.96 -37.35
CA TRP J 190 56.01 -63.96 -36.84
C TRP J 190 55.21 -63.30 -35.72
N VAL J 191 53.95 -62.95 -36.01
CA VAL J 191 53.14 -62.12 -35.14
C VAL J 191 52.16 -62.98 -34.36
N ARG J 192 51.87 -62.55 -33.13
CA ARG J 192 50.89 -63.21 -32.29
C ARG J 192 50.18 -62.15 -31.45
N ALA J 193 49.09 -62.57 -30.81
CA ALA J 193 48.31 -61.70 -29.94
C ALA J 193 48.14 -62.35 -28.57
N SER J 194 48.34 -61.57 -27.52
CA SER J 194 48.23 -62.10 -26.16
C SER J 194 46.79 -62.21 -25.68
N ASP J 195 45.87 -61.45 -26.27
CA ASP J 195 44.48 -61.45 -25.84
C ASP J 195 43.60 -61.00 -27.01
N MET J 196 42.30 -61.07 -26.82
CA MET J 196 41.32 -60.70 -27.84
C MET J 196 40.66 -59.38 -27.48
N ARG J 197 41.46 -58.44 -26.95
CA ARG J 197 40.93 -57.15 -26.51
C ARG J 197 40.34 -56.36 -27.68
N LEU J 198 41.03 -56.34 -28.81
CA LEU J 198 40.58 -55.52 -29.94
C LEU J 198 39.23 -56.01 -30.47
N ARG J 199 39.05 -57.32 -30.59
CA ARG J 199 37.78 -57.84 -31.09
C ARG J 199 36.63 -57.52 -30.14
N GLN J 200 36.87 -57.68 -28.83
CA GLN J 200 35.83 -57.37 -27.85
C GLN J 200 35.48 -55.88 -27.89
N HIS J 201 36.50 -55.03 -28.00
CA HIS J 201 36.25 -53.60 -28.12
C HIS J 201 35.43 -53.28 -29.36
N VAL J 202 35.78 -53.88 -30.49
CA VAL J 202 35.07 -53.63 -31.75
C VAL J 202 33.62 -54.11 -31.64
N GLU J 203 33.40 -55.28 -31.05
CA GLU J 203 32.03 -55.78 -30.94
C GLU J 203 31.19 -54.93 -30.00
N GLY J 204 31.78 -54.49 -28.88
CA GLY J 204 31.06 -53.57 -28.00
C GLY J 204 30.74 -52.26 -28.68
N VAL J 205 31.68 -51.74 -29.48
CA VAL J 205 31.46 -50.49 -30.20
C VAL J 205 30.33 -50.67 -31.21
N LEU J 206 30.34 -51.77 -31.96
CA LEU J 206 29.29 -52.00 -32.94
C LEU J 206 27.93 -52.18 -32.27
N GLU J 207 27.89 -52.86 -31.12
CA GLU J 207 26.64 -53.01 -30.39
C GLU J 207 26.12 -51.66 -29.92
N ARG J 208 27.01 -50.81 -29.39
CA ARG J 208 26.59 -49.48 -28.97
C ARG J 208 26.11 -48.64 -30.15
N SER J 209 26.78 -48.77 -31.29
CA SER J 209 26.35 -48.05 -32.49
C SER J 209 24.96 -48.50 -32.93
N ARG J 210 24.71 -49.81 -32.90
CA ARG J 210 23.39 -50.32 -33.22
C ARG J 210 22.34 -49.77 -32.26
N HIS J 211 22.66 -49.73 -30.97
CA HIS J 211 21.72 -49.19 -29.99
C HIS J 211 21.42 -47.72 -30.26
N ILE J 212 22.46 -46.93 -30.54
CA ILE J 212 22.27 -45.50 -30.77
C ILE J 212 21.44 -45.27 -32.03
N LEU J 213 21.73 -46.02 -33.09
CA LEU J 213 20.98 -45.84 -34.34
C LEU J 213 19.54 -46.31 -34.20
N ALA J 214 19.31 -47.35 -33.39
CA ALA J 214 17.93 -47.79 -33.17
C ALA J 214 17.15 -46.78 -32.35
N ALA J 215 17.77 -46.20 -31.32
CA ALA J 215 17.11 -45.24 -30.46
C ALA J 215 17.17 -43.81 -30.99
N TRP J 216 17.79 -43.60 -32.15
CA TRP J 216 17.93 -42.25 -32.70
C TRP J 216 16.57 -41.62 -32.99
N GLU J 217 15.66 -42.39 -33.57
CA GLU J 217 14.30 -41.91 -33.84
C GLU J 217 13.50 -42.02 -32.55
N GLY J 218 13.45 -40.93 -31.79
CA GLY J 218 12.77 -40.93 -30.52
C GLY J 218 13.69 -40.57 -29.37
N ILE J 219 14.82 -39.94 -29.69
CA ILE J 219 15.76 -39.54 -28.65
C ILE J 219 15.23 -38.36 -27.87
N SER J 220 14.35 -37.55 -28.47
CA SER J 220 13.81 -36.38 -27.78
C SER J 220 12.87 -36.75 -26.65
N GLU J 221 12.35 -37.97 -26.64
CA GLU J 221 11.47 -38.44 -25.59
C GLU J 221 12.20 -39.08 -24.42
N LEU J 222 13.53 -39.23 -24.53
CA LEU J 222 14.32 -39.78 -23.44
C LEU J 222 14.78 -38.63 -22.53
N PRO J 223 14.48 -38.68 -21.24
CA PRO J 223 14.91 -37.58 -20.36
C PRO J 223 16.42 -37.42 -20.30
N ILE J 224 17.16 -38.51 -20.36
CA ILE J 224 18.62 -38.51 -20.34
C ILE J 224 19.10 -38.94 -21.72
N PRO J 225 19.80 -38.09 -22.46
CA PRO J 225 20.22 -38.47 -23.82
C PRO J 225 21.15 -39.68 -23.86
N ALA J 226 21.91 -39.94 -22.80
CA ALA J 226 22.81 -41.08 -22.78
C ALA J 226 22.06 -42.41 -22.84
N LEU J 227 20.75 -42.40 -22.58
CA LEU J 227 19.95 -43.62 -22.66
C LEU J 227 19.79 -44.14 -24.09
N ALA J 228 20.14 -43.36 -25.10
CA ALA J 228 20.02 -43.81 -26.47
C ALA J 228 21.00 -44.95 -26.79
N ALA J 229 22.02 -45.14 -25.97
CA ALA J 229 22.96 -46.24 -26.14
C ALA J 229 22.48 -47.53 -25.50
N TRP J 230 21.31 -47.52 -24.87
CA TRP J 230 20.79 -48.72 -24.24
C TRP J 230 20.24 -49.68 -25.30
N PRO J 231 20.26 -50.97 -25.02
CA PRO J 231 19.62 -51.93 -25.92
C PRO J 231 18.13 -51.67 -25.99
N PRO J 232 17.50 -51.97 -27.13
CA PRO J 232 16.05 -51.70 -27.25
C PRO J 232 15.22 -52.44 -26.22
N SER J 233 15.66 -53.61 -25.76
CA SER J 233 14.95 -54.29 -24.68
C SER J 233 14.99 -53.46 -23.40
N HIS J 234 16.14 -52.88 -23.07
CA HIS J 234 16.24 -52.03 -21.88
C HIS J 234 15.36 -50.78 -22.03
N LEU J 235 15.33 -50.20 -23.22
CA LEU J 235 14.48 -49.03 -23.44
C LEU J 235 13.01 -49.38 -23.31
N ARG J 236 12.61 -50.55 -23.79
CA ARG J 236 11.24 -51.02 -23.57
C ARG J 236 10.99 -51.28 -22.08
N TRP J 237 12.03 -51.70 -21.36
CA TRP J 237 11.93 -51.89 -19.92
C TRP J 237 11.67 -50.56 -19.20
N LEU J 238 12.27 -49.47 -19.67
CA LEU J 238 12.02 -48.18 -19.03
C LEU J 238 10.56 -47.78 -19.11
N HIS J 239 9.91 -48.04 -20.25
CA HIS J 239 8.53 -47.61 -20.42
C HIS J 239 7.54 -48.49 -19.67
N GLU J 240 8.00 -49.59 -19.11
CA GLU J 240 7.16 -50.45 -18.29
C GLU J 240 6.92 -49.82 -16.92
N PRO J 241 5.79 -50.12 -16.29
CA PRO J 241 5.52 -49.56 -14.95
C PRO J 241 6.57 -50.01 -13.94
N LEU J 242 6.91 -49.08 -13.04
CA LEU J 242 7.91 -49.36 -12.02
C LEU J 242 7.39 -50.39 -11.03
N ASP J 243 8.23 -51.36 -10.69
CA ASP J 243 7.86 -52.40 -9.74
C ASP J 243 8.49 -52.11 -8.39
N PRO J 244 7.71 -51.82 -7.36
CA PRO J 244 8.31 -51.37 -6.09
C PRO J 244 9.19 -52.40 -5.39
N VAL J 245 9.01 -53.69 -5.66
CA VAL J 245 9.78 -54.73 -4.98
C VAL J 245 10.90 -55.27 -5.84
N GLN J 246 10.69 -55.36 -7.16
CA GLN J 246 11.73 -55.88 -8.04
C GLN J 246 12.72 -54.82 -8.52
N ASP J 247 12.40 -53.54 -8.36
CA ASP J 247 13.28 -52.46 -8.78
C ASP J 247 13.94 -51.77 -7.60
N LYS J 248 14.01 -52.44 -6.45
CA LYS J 248 14.69 -51.87 -5.29
C LYS J 248 16.14 -51.54 -5.60
N ALA J 249 16.87 -52.50 -6.19
CA ALA J 249 18.29 -52.29 -6.45
C ALA J 249 18.51 -51.22 -7.51
N TRP J 250 17.70 -51.23 -8.57
CA TRP J 250 17.88 -50.26 -9.65
C TRP J 250 17.61 -48.84 -9.17
N VAL J 251 16.54 -48.64 -8.40
CA VAL J 251 16.26 -47.32 -7.85
C VAL J 251 17.33 -46.92 -6.85
N GLN J 252 17.80 -47.88 -6.05
CA GLN J 252 18.85 -47.58 -5.08
C GLN J 252 20.12 -47.10 -5.75
N ALA J 253 20.49 -47.72 -6.88
CA ALA J 253 21.71 -47.37 -7.58
C ALA J 253 21.57 -46.11 -8.44
N LEU J 254 20.36 -45.59 -8.62
CA LEU J 254 20.17 -44.40 -9.43
C LEU J 254 20.87 -43.20 -8.81
N PRO J 255 21.58 -42.39 -9.60
CA PRO J 255 22.01 -41.08 -9.09
C PRO J 255 20.82 -40.16 -8.95
N LYS J 256 20.54 -39.72 -7.73
CA LYS J 256 19.34 -38.97 -7.43
C LYS J 256 19.66 -37.53 -7.09
N VAL J 257 18.63 -36.69 -7.18
CA VAL J 257 18.70 -35.28 -6.81
C VAL J 257 17.75 -35.05 -5.65
N GLU J 258 18.25 -34.40 -4.61
CA GLU J 258 17.47 -34.11 -3.41
C GLU J 258 17.27 -32.60 -3.33
N LEU J 259 16.01 -32.17 -3.37
CA LEU J 259 15.71 -30.74 -3.35
C LEU J 259 14.93 -30.30 -2.12
N HIS J 260 14.34 -31.21 -1.35
CA HIS J 260 13.52 -30.86 -0.20
C HIS J 260 13.89 -31.81 0.94
N CYS J 261 14.89 -31.42 1.72
CA CYS J 261 15.37 -32.23 2.84
C CYS J 261 15.73 -31.29 3.99
N HIS J 262 15.09 -31.50 5.14
CA HIS J 262 15.33 -30.66 6.30
C HIS J 262 16.45 -31.28 7.15
N LEU J 263 17.43 -30.45 7.51
CA LEU J 263 18.51 -30.91 8.37
C LEU J 263 18.00 -31.31 9.75
N GLY J 264 17.05 -30.55 10.28
CA GLY J 264 16.57 -30.77 11.64
C GLY J 264 15.66 -31.96 11.81
N GLY J 265 15.25 -32.61 10.73
CA GLY J 265 14.39 -33.77 10.85
C GLY J 265 15.01 -35.05 10.36
N PHE J 266 16.31 -35.24 10.59
CA PHE J 266 17.03 -36.39 10.05
C PHE J 266 17.29 -37.47 11.08
N ALA J 267 17.98 -37.16 12.17
CA ALA J 267 18.27 -38.16 13.21
C ALA J 267 17.32 -37.95 14.38
N THR J 268 16.04 -38.22 14.13
CA THR J 268 15.00 -37.89 15.10
C THR J 268 14.67 -39.03 16.04
N HIS J 269 14.97 -40.27 15.67
CA HIS J 269 14.72 -41.41 16.52
C HIS J 269 15.64 -42.55 16.10
N GLY J 270 15.50 -43.68 16.78
CA GLY J 270 16.27 -44.85 16.45
C GLY J 270 17.73 -44.73 16.85
N GLU J 271 18.59 -45.48 16.15
CA GLU J 271 20.01 -45.49 16.45
C GLU J 271 20.70 -44.20 16.02
N LEU J 272 20.21 -43.54 14.97
CA LEU J 272 20.84 -42.32 14.51
C LEU J 272 20.71 -41.19 15.52
N LEU J 273 19.56 -41.11 16.19
CA LEU J 273 19.38 -40.08 17.22
C LEU J 273 20.38 -40.27 18.36
N HIS J 274 20.59 -41.51 18.78
CA HIS J 274 21.57 -41.77 19.83
C HIS J 274 23.00 -41.54 19.35
N LYS J 275 23.29 -41.83 18.08
CA LYS J 275 24.62 -41.55 17.55
C LYS J 275 24.89 -40.05 17.50
N VAL J 276 23.86 -39.26 17.20
CA VAL J 276 24.03 -37.81 17.23
C VAL J 276 24.19 -37.31 18.67
N ARG J 277 23.38 -37.84 19.59
CA ARG J 277 23.42 -37.39 20.98
C ARG J 277 24.76 -37.71 21.63
N GLN J 278 25.31 -38.90 21.37
CA GLN J 278 26.54 -39.32 22.03
C GLN J 278 27.76 -38.54 21.56
N GLU J 279 27.63 -37.73 20.51
CA GLU J 279 28.73 -36.94 20.01
C GLU J 279 28.67 -35.50 20.54
N ALA J 280 27.77 -35.24 21.48
CA ALA J 280 27.60 -33.89 22.02
C ALA J 280 28.86 -33.40 22.70
N ALA J 281 29.15 -32.11 22.53
CA ALA J 281 30.30 -31.51 23.19
C ALA J 281 30.03 -31.27 24.68
N ASN J 282 28.76 -31.09 25.05
CA ASN J 282 28.36 -30.89 26.43
C ASN J 282 27.25 -31.88 26.75
N PRO J 283 27.61 -33.12 27.07
CA PRO J 283 26.58 -34.14 27.33
C PRO J 283 25.67 -33.81 28.49
N GLU J 284 26.12 -33.03 29.46
CA GLU J 284 25.29 -32.65 30.59
C GLU J 284 24.17 -31.70 30.20
N SER J 285 24.30 -31.01 29.07
CA SER J 285 23.26 -30.12 28.58
C SER J 285 22.27 -30.81 27.65
N LEU J 286 22.44 -32.11 27.42
CA LEU J 286 21.52 -32.83 26.54
C LEU J 286 20.15 -32.93 27.19
N PRO J 287 19.07 -32.56 26.48
CA PRO J 287 17.74 -32.77 27.03
C PRO J 287 17.44 -34.26 27.15
N PRO J 288 16.59 -34.65 28.10
CA PRO J 288 16.21 -36.06 28.18
C PRO J 288 15.46 -36.50 26.93
N VAL J 289 15.69 -37.75 26.53
CA VAL J 289 15.05 -38.30 25.35
C VAL J 289 13.56 -38.46 25.66
N ARG J 290 12.73 -37.62 25.06
CA ARG J 290 11.29 -37.71 25.27
C ARG J 290 10.74 -38.97 24.63
N ALA J 291 9.69 -39.51 25.24
CA ALA J 291 9.00 -40.67 24.68
C ALA J 291 8.08 -40.20 23.57
N ILE J 292 8.47 -40.44 22.32
CA ILE J 292 7.65 -40.10 21.16
C ILE J 292 7.31 -41.39 20.43
N PRO J 293 6.19 -42.03 20.75
CA PRO J 293 5.85 -43.30 20.08
C PRO J 293 5.39 -43.06 18.66
N LEU J 294 5.99 -43.80 17.73
CA LEU J 294 5.60 -43.68 16.33
C LEU J 294 4.24 -44.34 16.10
N PRO J 295 3.45 -43.83 15.17
CA PRO J 295 2.17 -44.46 14.87
C PRO J 295 2.39 -45.87 14.34
N PRO J 296 1.48 -46.79 14.64
CA PRO J 296 1.66 -48.18 14.19
C PRO J 296 1.70 -48.28 12.68
N GLY J 297 2.55 -49.16 12.17
CA GLY J 297 2.74 -49.29 10.75
C GLY J 297 3.70 -48.32 10.14
N TRP J 298 4.36 -47.49 10.94
CA TRP J 298 5.31 -46.52 10.42
C TRP J 298 6.38 -47.24 9.59
N PRO J 299 6.78 -46.68 8.43
CA PRO J 299 6.41 -45.37 7.89
C PRO J 299 5.08 -45.32 7.15
N ILE J 300 4.27 -46.37 7.18
CA ILE J 300 2.98 -46.36 6.48
C ILE J 300 1.87 -46.54 7.51
N PRO J 301 1.39 -45.47 8.12
CA PRO J 301 0.38 -45.60 9.17
C PRO J 301 -0.96 -46.05 8.61
N GLU J 302 -1.76 -46.62 9.49
CA GLU J 302 -3.11 -47.04 9.10
C GLU J 302 -3.96 -45.83 8.71
N GLU J 303 -3.82 -44.73 9.43
CA GLU J 303 -4.56 -43.51 9.21
C GLU J 303 -3.59 -42.33 9.18
N PRO J 304 -3.81 -41.35 8.30
CA PRO J 304 -2.93 -40.17 8.30
C PRO J 304 -2.96 -39.45 9.63
N ILE J 305 -1.79 -38.97 10.05
CA ILE J 305 -1.64 -38.40 11.38
C ILE J 305 -1.76 -36.88 11.42
N GLY J 306 -1.50 -36.20 10.31
CA GLY J 306 -1.63 -34.76 10.27
C GLY J 306 -0.33 -34.02 10.55
N LEU J 307 -0.34 -32.73 10.23
CA LEU J 307 0.87 -31.93 10.30
C LEU J 307 1.35 -31.75 11.73
N GLU J 308 0.43 -31.53 12.67
CA GLU J 308 0.81 -31.30 14.06
C GLU J 308 1.52 -32.52 14.65
N ARG J 309 0.90 -33.70 14.53
CA ARG J 309 1.53 -34.91 15.03
C ARG J 309 2.81 -35.23 14.28
N TYR J 310 2.83 -34.97 12.96
CA TYR J 310 4.04 -35.21 12.19
C TYR J 310 5.21 -34.38 12.71
N MET J 311 4.98 -33.09 12.93
CA MET J 311 6.04 -32.22 13.41
C MET J 311 6.43 -32.58 14.85
N ARG J 312 5.47 -33.04 15.65
CA ARG J 312 5.80 -33.45 17.01
C ARG J 312 6.60 -34.75 17.03
N LEU J 313 6.50 -35.57 15.99
CA LEU J 313 7.30 -36.79 15.95
C LEU J 313 8.81 -36.49 15.93
N GLY J 314 9.20 -35.29 15.51
CA GLY J 314 10.60 -34.93 15.44
C GLY J 314 11.05 -34.06 16.59
N ASP J 315 10.38 -34.15 17.73
CA ASP J 315 10.68 -33.28 18.86
C ASP J 315 11.98 -33.65 19.57
N ASN J 316 12.54 -34.83 19.31
CA ASN J 316 13.78 -35.23 19.95
C ASN J 316 15.02 -34.67 19.27
N ASN J 317 14.89 -34.09 18.08
CA ASN J 317 16.02 -33.51 17.38
C ASN J 317 15.64 -32.14 16.87
N GLY J 318 16.66 -31.33 16.57
CA GLY J 318 16.43 -30.00 16.08
C GLY J 318 16.93 -28.93 17.03
N SER J 319 16.09 -27.95 17.34
CA SER J 319 16.52 -26.84 18.17
C SER J 319 16.97 -27.31 19.54
N ALA J 320 16.29 -28.31 20.09
CA ALA J 320 16.67 -28.84 21.39
C ALA J 320 18.06 -29.47 21.37
N LEU J 321 18.39 -30.19 20.30
CA LEU J 321 19.62 -30.95 20.23
C LEU J 321 20.75 -30.24 19.49
N LEU J 322 20.45 -29.50 18.43
CA LEU J 322 21.48 -28.97 17.55
C LEU J 322 22.08 -27.66 18.04
N LYS J 323 21.67 -27.16 19.20
CA LYS J 323 22.39 -26.05 19.81
C LYS J 323 23.78 -26.48 20.28
N ASP J 324 24.00 -27.77 20.45
CA ASP J 324 25.33 -28.29 20.77
C ASP J 324 26.18 -28.36 19.51
N PRO J 325 27.39 -27.79 19.51
CA PRO J 325 28.24 -27.87 18.31
C PRO J 325 28.58 -29.30 17.90
N GLY J 326 28.83 -30.17 18.87
CA GLY J 326 29.14 -31.56 18.54
C GLY J 326 27.95 -32.30 17.97
N CYS J 327 26.76 -32.06 18.52
CA CYS J 327 25.55 -32.64 17.97
C CYS J 327 25.29 -32.13 16.55
N LEU J 328 25.54 -30.83 16.31
CA LEU J 328 25.34 -30.27 14.98
C LEU J 328 26.31 -30.90 13.98
N ARG J 329 27.57 -31.05 14.37
CA ARG J 329 28.56 -31.67 13.48
C ARG J 329 28.21 -33.12 13.19
N ALA J 330 27.79 -33.87 14.22
CA ALA J 330 27.37 -35.25 13.99
C ALA J 330 26.17 -35.32 13.07
N GLN J 331 25.19 -34.43 13.28
CA GLN J 331 24.01 -34.40 12.43
C GLN J 331 24.38 -34.17 10.97
N CYS J 332 25.25 -33.18 10.72
CA CYS J 332 25.65 -32.88 9.35
C CYS J 332 26.40 -34.05 8.72
N ARG J 333 27.36 -34.62 9.45
CA ARG J 333 28.16 -35.71 8.90
C ARG J 333 27.30 -36.94 8.63
N LEU J 334 26.38 -37.26 9.53
CA LEU J 334 25.53 -38.43 9.35
C LEU J 334 24.52 -38.22 8.23
N LEU J 335 24.01 -36.99 8.08
CA LEU J 335 23.14 -36.70 6.95
C LEU J 335 23.88 -36.86 5.64
N TYR J 336 25.13 -36.40 5.58
CA TYR J 336 25.92 -36.59 4.37
C TYR J 336 26.17 -38.07 4.11
N GLU J 337 26.41 -38.84 5.17
CA GLU J 337 26.61 -40.28 5.00
C GLU J 337 25.36 -40.95 4.45
N ALA J 338 24.18 -40.55 4.95
CA ALA J 338 22.93 -41.07 4.41
C ALA J 338 22.76 -40.71 2.93
N LEU J 339 23.11 -39.46 2.57
CA LEU J 339 23.03 -39.05 1.18
C LEU J 339 23.96 -39.86 0.30
N LEU J 340 25.18 -40.13 0.76
CA LEU J 340 26.10 -40.96 0.00
C LEU J 340 25.58 -42.39 -0.12
N ALA J 341 25.01 -42.93 0.95
CA ALA J 341 24.47 -44.28 0.91
C ALA J 341 23.27 -44.38 -0.01
N ASP J 342 22.56 -43.29 -0.23
CA ASP J 342 21.42 -43.27 -1.14
C ASP J 342 21.81 -42.88 -2.56
N HIS J 343 23.10 -42.70 -2.83
CA HIS J 343 23.60 -42.36 -4.17
C HIS J 343 23.03 -41.04 -4.67
N VAL J 344 22.75 -40.11 -3.75
CA VAL J 344 22.33 -38.77 -4.14
C VAL J 344 23.54 -38.05 -4.73
N ALA J 345 23.34 -37.44 -5.89
CA ALA J 345 24.42 -36.72 -6.56
C ALA J 345 24.41 -35.22 -6.25
N TYR J 346 23.22 -34.65 -6.09
CA TYR J 346 23.06 -33.26 -5.70
C TYR J 346 21.98 -33.19 -4.64
N ALA J 347 22.24 -32.43 -3.57
CA ALA J 347 21.26 -32.27 -2.51
C ALA J 347 21.20 -30.81 -2.09
N GLU J 348 20.00 -30.36 -1.75
CA GLU J 348 19.79 -29.05 -1.16
C GLU J 348 19.19 -29.27 0.23
N ILE J 349 19.96 -28.95 1.26
CA ILE J 349 19.58 -29.20 2.64
C ILE J 349 19.04 -27.91 3.24
N ARG J 350 17.91 -28.02 3.94
CA ARG J 350 17.27 -26.88 4.57
C ARG J 350 17.61 -26.85 6.05
N CYS J 351 18.13 -25.72 6.51
CA CYS J 351 18.54 -25.55 7.89
C CYS J 351 18.00 -24.24 8.43
N SER J 352 17.91 -24.16 9.75
CA SER J 352 17.47 -22.96 10.47
C SER J 352 18.57 -22.58 11.45
N PRO J 353 19.64 -21.93 10.97
CA PRO J 353 20.77 -21.63 11.85
C PRO J 353 20.43 -20.77 13.05
N ALA J 354 19.45 -19.86 12.93
CA ALA J 354 19.08 -19.04 14.07
C ALA J 354 18.40 -19.85 15.16
N ASN J 355 17.77 -20.98 14.79
CA ASN J 355 17.19 -21.86 15.79
C ASN J 355 18.25 -22.54 16.64
N TYR J 356 19.48 -22.64 16.15
CA TYR J 356 20.56 -23.32 16.86
C TYR J 356 21.56 -22.34 17.45
N ALA J 357 21.28 -21.05 17.37
CA ALA J 357 22.18 -20.04 17.91
C ALA J 357 22.09 -19.99 19.42
N SER J 358 23.20 -19.59 20.04
CA SER J 358 23.27 -19.44 21.49
C SER J 358 23.81 -18.08 21.86
N ALA J 359 24.07 -17.86 23.15
CA ALA J 359 24.64 -16.58 23.58
C ALA J 359 26.01 -16.35 23.00
N SER J 360 26.84 -17.39 22.95
CA SER J 360 28.19 -17.29 22.41
C SER J 360 28.29 -17.74 20.96
N ARG J 361 27.21 -18.27 20.38
CA ARG J 361 27.22 -18.81 19.02
C ARG J 361 26.13 -18.09 18.22
N SER J 362 26.53 -17.14 17.41
CA SER J 362 25.60 -16.40 16.58
C SER J 362 25.06 -17.28 15.46
N PRO J 363 23.93 -16.91 14.86
CA PRO J 363 23.43 -17.68 13.71
C PRO J 363 24.42 -17.76 12.56
N TRP J 364 25.24 -16.72 12.35
CA TRP J 364 26.29 -16.81 11.35
C TRP J 364 27.31 -17.89 11.70
N VAL J 365 27.65 -18.01 12.99
CA VAL J 365 28.57 -19.05 13.41
C VAL J 365 27.98 -20.44 13.13
N VAL J 366 26.69 -20.61 13.42
CA VAL J 366 26.05 -21.90 13.19
C VAL J 366 26.01 -22.23 11.70
N LEU J 367 25.64 -21.24 10.87
CA LEU J 367 25.56 -21.49 9.43
C LEU J 367 26.94 -21.80 8.86
N GLN J 368 27.96 -21.07 9.31
CA GLN J 368 29.31 -21.34 8.86
C GLN J 368 29.78 -22.74 9.28
N GLU J 369 29.44 -23.15 10.49
CA GLU J 369 29.80 -24.49 10.94
C GLU J 369 29.09 -25.56 10.10
N ILE J 370 27.80 -25.35 9.80
CA ILE J 370 27.06 -26.31 8.99
C ILE J 370 27.68 -26.41 7.60
N ARG J 371 27.96 -25.25 6.99
CA ARG J 371 28.54 -25.24 5.65
C ARG J 371 29.91 -25.90 5.65
N ASN J 372 30.71 -25.64 6.68
CA ASN J 372 32.05 -26.21 6.71
C ASN J 372 32.02 -27.71 6.97
N HIS J 373 31.08 -28.18 7.79
CA HIS J 373 30.91 -29.61 7.97
C HIS J 373 30.56 -30.29 6.65
N PHE J 374 29.61 -29.72 5.92
CA PHE J 374 29.22 -30.31 4.65
C PHE J 374 30.35 -30.21 3.63
N GLN J 375 31.09 -29.10 3.62
CA GLN J 375 32.20 -28.95 2.69
C GLN J 375 33.31 -29.95 2.99
N GLN J 376 33.63 -30.17 4.26
CA GLN J 376 34.63 -31.16 4.62
C GLN J 376 34.17 -32.55 4.24
N ALA J 377 32.90 -32.86 4.45
CA ALA J 377 32.36 -34.15 4.04
C ALA J 377 32.46 -34.33 2.52
N MET J 378 32.15 -33.29 1.76
CA MET J 378 32.29 -33.37 0.30
C MET J 378 33.74 -33.56 -0.11
N GLU J 379 34.66 -32.83 0.53
CA GLU J 379 36.07 -32.91 0.15
C GLU J 379 36.69 -34.25 0.50
N GLU J 380 36.22 -34.89 1.57
CA GLU J 380 36.72 -36.21 1.94
C GLU J 380 36.25 -37.31 0.99
N THR J 381 35.32 -37.01 0.10
CA THR J 381 34.71 -37.96 -0.83
C THR J 381 35.32 -37.81 -2.22
N PRO J 382 35.61 -38.92 -2.89
CA PRO J 382 36.12 -38.83 -4.28
C PRO J 382 35.12 -38.17 -5.21
N GLU J 383 35.66 -37.53 -6.25
CA GLU J 383 34.82 -36.78 -7.18
C GLU J 383 33.73 -37.65 -7.81
N ASP J 384 34.05 -38.92 -8.07
CA ASP J 384 33.15 -39.77 -8.84
C ASP J 384 31.84 -40.04 -8.09
N ARG J 385 31.91 -40.21 -6.77
CA ARG J 385 30.73 -40.52 -5.98
C ARG J 385 30.36 -39.41 -5.01
N ARG J 386 30.91 -38.21 -5.22
CA ARG J 386 30.67 -37.11 -4.30
C ARG J 386 29.24 -36.58 -4.45
N CYS J 387 28.62 -36.26 -3.33
CA CYS J 387 27.31 -35.63 -3.29
C CYS J 387 27.51 -34.14 -3.02
N HIS J 388 27.17 -33.31 -4.00
CA HIS J 388 27.23 -31.86 -3.80
C HIS J 388 26.07 -31.42 -2.93
N VAL J 389 26.38 -30.74 -1.83
CA VAL J 389 25.39 -30.25 -0.89
C VAL J 389 25.35 -28.73 -1.00
N ASN J 390 24.16 -28.19 -1.25
CA ASN J 390 23.90 -26.76 -1.18
C ASN J 390 22.95 -26.51 -0.03
N LEU J 391 22.91 -25.27 0.45
CA LEU J 391 22.14 -24.93 1.62
C LEU J 391 21.00 -23.98 1.26
N LEU J 392 19.81 -24.28 1.76
CA LEU J 392 18.68 -23.36 1.76
C LEU J 392 18.37 -22.99 3.19
N LEU J 393 18.14 -21.71 3.44
CA LEU J 393 17.81 -21.26 4.79
C LEU J 393 16.29 -21.13 4.91
N THR J 394 15.73 -21.73 5.95
CA THR J 394 14.29 -21.79 6.13
C THR J 394 13.82 -20.58 6.93
N ALA J 395 12.96 -19.77 6.31
CA ALA J 395 12.29 -18.66 7.00
C ALA J 395 10.95 -19.19 7.49
N THR J 396 10.85 -19.45 8.79
CA THR J 396 9.67 -20.04 9.39
C THR J 396 8.71 -18.95 9.85
N ARG J 397 7.50 -18.98 9.31
CA ARG J 397 6.43 -18.10 9.75
C ARG J 397 5.54 -18.83 10.73
N GLU J 398 5.24 -18.21 11.86
CA GLU J 398 4.53 -18.84 12.95
C GLU J 398 3.33 -18.00 13.35
N GLU J 399 2.37 -18.65 14.01
CA GLU J 399 1.20 -17.96 14.53
C GLU J 399 1.63 -17.07 15.69
N GLY J 400 1.33 -15.78 15.62
CA GLY J 400 1.74 -14.85 16.63
C GLY J 400 2.25 -13.55 16.04
N GLY J 401 2.81 -13.61 14.83
CA GLY J 401 3.25 -12.44 14.09
C GLY J 401 4.73 -12.15 14.17
N ASP J 402 5.47 -12.81 15.07
CA ASP J 402 6.88 -12.52 15.27
C ASP J 402 7.65 -12.72 13.96
N ARG J 403 8.55 -11.77 13.67
CA ARG J 403 9.22 -11.74 12.38
C ARG J 403 10.71 -11.46 12.49
N SER J 404 11.27 -11.48 13.70
CA SER J 404 12.69 -11.20 13.87
C SER J 404 13.58 -12.38 13.46
N ARG J 405 13.15 -13.61 13.75
CA ARG J 405 13.90 -14.76 13.27
C ARG J 405 13.87 -14.85 11.74
N ILE J 406 12.75 -14.47 11.12
CA ILE J 406 12.67 -14.42 9.67
C ILE J 406 13.63 -13.39 9.12
N ALA J 407 13.70 -12.22 9.74
CA ALA J 407 14.64 -11.19 9.29
C ALA J 407 16.08 -11.67 9.43
N ARG J 408 16.39 -12.32 10.55
CA ARG J 408 17.73 -12.89 10.73
C ARG J 408 18.05 -13.91 9.66
N HIS J 409 17.10 -14.79 9.34
CA HIS J 409 17.36 -15.85 8.37
C HIS J 409 17.52 -15.29 6.96
N LEU J 410 16.68 -14.34 6.57
CA LEU J 410 16.82 -13.74 5.24
C LEU J 410 18.11 -12.95 5.11
N ALA J 411 18.48 -12.19 6.15
CA ALA J 411 19.74 -11.47 6.12
C ALA J 411 20.92 -12.43 6.07
N LEU J 412 20.84 -13.53 6.82
CA LEU J 412 21.89 -14.54 6.81
C LEU J 412 22.05 -15.16 5.44
N ALA J 413 20.93 -15.44 4.77
CA ALA J 413 20.98 -15.98 3.42
C ALA J 413 21.60 -14.98 2.45
N ILE J 414 21.24 -13.69 2.56
CA ILE J 414 21.83 -12.71 1.66
C ILE J 414 23.33 -12.59 1.89
N THR J 415 23.79 -12.66 3.14
CA THR J 415 25.22 -12.59 3.42
C THR J 415 25.95 -13.83 2.94
N ALA J 416 25.38 -15.01 3.19
CA ALA J 416 26.05 -16.26 2.83
C ALA J 416 26.05 -16.50 1.33
N ALA J 417 25.05 -15.98 0.61
CA ALA J 417 25.01 -16.17 -0.83
C ALA J 417 26.21 -15.53 -1.50
N GLU J 418 26.66 -14.39 -1.00
CA GLU J 418 27.86 -13.77 -1.51
C GLU J 418 29.13 -14.32 -0.87
N HIS J 419 29.06 -14.82 0.37
CA HIS J 419 30.27 -15.25 1.04
C HIS J 419 30.92 -16.43 0.33
N TRP J 420 30.16 -17.49 0.06
CA TRP J 420 30.71 -18.73 -0.49
C TRP J 420 30.35 -18.80 -1.98
N LYS J 421 31.37 -18.87 -2.82
CA LYS J 421 31.20 -18.93 -4.26
C LYS J 421 31.58 -20.28 -4.84
N ASN J 422 32.13 -21.18 -4.03
CA ASN J 422 32.55 -22.50 -4.46
C ASN J 422 32.14 -23.52 -3.41
N GLY J 423 32.15 -24.79 -3.80
CA GLY J 423 31.83 -25.86 -2.87
C GLY J 423 30.40 -25.76 -2.38
N CYS J 424 30.22 -26.03 -1.09
CA CYS J 424 28.91 -25.84 -0.47
C CYS J 424 28.55 -24.36 -0.47
N ARG J 425 27.35 -24.06 -0.94
CA ARG J 425 26.89 -22.68 -1.07
C ARG J 425 25.50 -22.56 -0.47
N VAL J 426 25.14 -21.33 -0.13
CA VAL J 426 23.77 -20.99 0.22
C VAL J 426 23.10 -20.48 -1.05
N VAL J 427 22.06 -21.18 -1.50
CA VAL J 427 21.51 -20.96 -2.83
C VAL J 427 20.07 -20.49 -2.82
N GLY J 428 19.42 -20.41 -1.66
CA GLY J 428 18.06 -19.95 -1.66
C GLY J 428 17.50 -19.85 -0.26
N VAL J 429 16.23 -19.50 -0.20
CA VAL J 429 15.48 -19.41 1.06
C VAL J 429 14.24 -20.25 0.92
N ASP J 430 13.78 -20.83 2.03
CA ASP J 430 12.60 -21.65 2.05
C ASP J 430 11.60 -21.04 3.03
N LEU J 431 10.51 -20.49 2.49
CA LEU J 431 9.46 -19.91 3.32
C LEU J 431 8.56 -21.05 3.78
N ALA J 432 8.63 -21.37 5.08
CA ALA J 432 7.97 -22.55 5.62
C ALA J 432 7.31 -22.13 6.92
N GLY J 433 6.76 -23.07 7.68
CA GLY J 433 6.17 -22.71 8.96
C GLY J 433 4.68 -22.94 8.97
N PHE J 434 3.95 -21.93 9.42
CA PHE J 434 2.56 -22.07 9.83
C PHE J 434 1.61 -21.77 8.66
N GLU J 435 0.71 -22.71 8.39
CA GLU J 435 -0.24 -22.61 7.30
C GLU J 435 -1.55 -22.02 7.81
N ASP J 436 -1.98 -20.91 7.20
CA ASP J 436 -3.21 -20.21 7.49
C ASP J 436 -3.31 -19.03 6.53
N ARG J 437 -4.53 -18.50 6.39
CA ARG J 437 -4.75 -17.31 5.58
C ARG J 437 -4.15 -16.06 6.20
N THR J 438 -3.70 -16.12 7.46
CA THR J 438 -3.02 -15.01 8.09
C THR J 438 -1.54 -14.98 7.77
N THR J 439 -0.95 -16.15 7.49
CA THR J 439 0.47 -16.26 7.16
C THR J 439 0.69 -16.63 5.69
N ARG J 440 -0.17 -16.16 4.80
CA ARG J 440 0.02 -16.43 3.39
C ARG J 440 1.17 -15.59 2.83
N ALA J 441 1.51 -15.88 1.57
CA ALA J 441 2.69 -15.34 0.90
C ALA J 441 2.74 -13.81 0.84
N ALA J 442 1.63 -13.18 0.48
CA ALA J 442 1.61 -11.74 0.27
C ALA J 442 1.93 -10.98 1.55
N MET J 443 1.73 -11.62 2.70
CA MET J 443 2.11 -11.00 3.97
C MET J 443 3.61 -10.78 4.04
N PHE J 444 4.39 -11.73 3.52
CA PHE J 444 5.84 -11.69 3.54
C PHE J 444 6.43 -11.23 2.20
N ALA J 445 5.58 -10.87 1.23
CA ALA J 445 6.08 -10.42 -0.06
C ALA J 445 7.02 -9.23 0.05
N THR J 446 6.85 -8.39 1.08
CA THR J 446 7.74 -7.24 1.25
C THR J 446 9.07 -7.66 1.84
N ASP J 447 9.10 -8.75 2.62
CA ASP J 447 10.31 -9.22 3.26
C ASP J 447 11.31 -9.78 2.26
N PHE J 448 10.82 -10.26 1.12
CA PHE J 448 11.65 -11.00 0.17
C PHE J 448 12.14 -10.15 -1.00
N GLU J 449 11.84 -8.85 -1.03
CA GLU J 449 12.47 -7.98 -2.02
C GLU J 449 13.99 -7.96 -1.90
N PRO J 450 14.59 -7.86 -0.71
CA PRO J 450 16.06 -7.96 -0.65
C PRO J 450 16.59 -9.29 -1.14
N VAL J 451 15.83 -10.37 -0.93
CA VAL J 451 16.23 -11.69 -1.43
C VAL J 451 16.25 -11.68 -2.95
N HIS J 452 15.25 -11.06 -3.57
CA HIS J 452 15.20 -11.02 -5.03
C HIS J 452 16.24 -10.07 -5.61
N ARG J 453 16.61 -9.01 -4.87
CA ARG J 453 17.62 -8.08 -5.36
C ARG J 453 18.99 -8.74 -5.51
N VAL J 454 19.34 -9.62 -4.57
CA VAL J 454 20.66 -10.23 -4.56
C VAL J 454 20.62 -11.56 -5.31
N GLY J 455 19.55 -11.80 -6.04
CA GLY J 455 19.45 -12.98 -6.89
C GLY J 455 19.40 -14.30 -6.14
N LEU J 456 18.74 -14.34 -4.99
CA LEU J 456 18.55 -15.57 -4.24
C LEU J 456 17.25 -16.21 -4.68
N ALA J 457 17.29 -17.51 -4.95
CA ALA J 457 16.08 -18.24 -5.31
C ALA J 457 15.21 -18.46 -4.08
N VAL J 458 13.92 -18.65 -4.33
CA VAL J 458 12.93 -18.82 -3.28
C VAL J 458 12.14 -20.11 -3.55
N THR J 459 11.96 -20.91 -2.52
CA THR J 459 11.02 -22.02 -2.54
C THR J 459 10.05 -21.85 -1.38
N VAL J 460 8.81 -22.28 -1.60
CA VAL J 460 7.72 -22.03 -0.65
C VAL J 460 7.04 -23.35 -0.33
N HIS J 461 6.87 -23.62 0.96
CA HIS J 461 5.95 -24.66 1.42
C HIS J 461 4.52 -24.19 1.28
N ALA J 462 3.70 -24.97 0.57
CA ALA J 462 2.25 -24.91 0.67
C ALA J 462 1.76 -26.35 0.84
N GLY J 463 1.83 -26.85 2.06
CA GLY J 463 1.55 -28.26 2.31
C GLY J 463 0.16 -28.61 2.76
N GLU J 464 -0.29 -27.98 3.85
CA GLU J 464 -1.51 -28.42 4.54
C GLU J 464 -2.74 -27.69 4.02
N ASN J 465 -2.70 -26.36 4.05
CA ASN J 465 -3.82 -25.55 3.58
C ASN J 465 -4.19 -25.89 2.15
N ASP J 466 -5.38 -26.46 1.96
CA ASP J 466 -5.90 -26.69 0.62
C ASP J 466 -6.35 -25.35 0.03
N ASP J 467 -5.41 -24.43 -0.11
CA ASP J 467 -5.69 -23.06 -0.50
C ASP J 467 -4.97 -22.77 -1.81
N VAL J 468 -5.74 -22.69 -2.89
CA VAL J 468 -5.18 -22.30 -4.18
C VAL J 468 -4.60 -20.89 -4.12
N GLU J 469 -5.22 -20.01 -3.32
CA GLU J 469 -4.76 -18.64 -3.23
C GLU J 469 -3.35 -18.53 -2.68
N GLY J 470 -2.99 -19.41 -1.74
CA GLY J 470 -1.62 -19.40 -1.23
C GLY J 470 -0.60 -19.74 -2.30
N ILE J 471 -0.90 -20.73 -3.14
CA ILE J 471 0.02 -21.09 -4.22
C ILE J 471 0.12 -19.95 -5.24
N TRP J 472 -1.02 -19.32 -5.55
CA TRP J 472 -0.99 -18.20 -6.48
C TRP J 472 -0.14 -17.06 -5.94
N GLN J 473 -0.27 -16.76 -4.64
CA GLN J 473 0.53 -15.70 -4.05
C GLN J 473 2.00 -16.07 -3.99
N ALA J 474 2.30 -17.34 -3.74
CA ALA J 474 3.69 -17.77 -3.76
C ALA J 474 4.31 -17.62 -5.15
N VAL J 475 3.55 -17.98 -6.18
CA VAL J 475 4.07 -17.90 -7.54
C VAL J 475 4.22 -16.46 -7.99
N PHE J 476 3.24 -15.60 -7.64
CA PHE J 476 3.19 -14.27 -8.21
C PHE J 476 3.57 -13.14 -7.27
N LYS J 477 3.52 -13.36 -5.96
CA LYS J 477 3.92 -12.31 -5.02
C LYS J 477 5.28 -12.56 -4.38
N LEU J 478 5.71 -13.81 -4.27
CA LEU J 478 7.04 -14.12 -3.78
C LEU J 478 8.01 -14.51 -4.88
N SER J 479 7.53 -14.69 -6.11
CA SER J 479 8.37 -15.12 -7.23
C SER J 479 9.08 -16.43 -6.91
N ALA J 480 8.38 -17.35 -6.27
CA ALA J 480 8.96 -18.62 -5.90
C ALA J 480 9.30 -19.43 -7.15
N ARG J 481 10.51 -19.99 -7.18
CA ARG J 481 10.93 -20.84 -8.28
C ARG J 481 10.47 -22.28 -8.11
N ARG J 482 10.25 -22.71 -6.87
CA ARG J 482 9.77 -24.04 -6.57
C ARG J 482 8.65 -23.95 -5.53
N LEU J 483 7.81 -24.97 -5.50
CA LEU J 483 6.70 -25.05 -4.57
C LEU J 483 6.79 -26.35 -3.79
N GLY J 484 6.83 -26.24 -2.47
CA GLY J 484 6.88 -27.43 -1.64
C GLY J 484 5.51 -28.07 -1.51
N HIS J 485 5.47 -29.38 -1.72
CA HIS J 485 4.24 -30.17 -1.70
C HIS J 485 3.28 -29.66 -2.76
N ALA J 486 2.34 -28.77 -2.39
CA ALA J 486 1.37 -28.21 -3.33
C ALA J 486 0.62 -29.32 -4.06
N LEU J 487 -0.16 -30.07 -3.28
CA LEU J 487 -0.84 -31.25 -3.78
C LEU J 487 -2.23 -30.95 -4.35
N HIS J 488 -2.63 -29.69 -4.41
CA HIS J 488 -3.95 -29.30 -4.88
C HIS J 488 -3.85 -28.30 -6.01
N LEU J 489 -2.89 -28.50 -6.91
CA LEU J 489 -2.77 -27.65 -8.08
C LEU J 489 -3.92 -27.86 -9.05
N SER J 490 -4.41 -29.10 -9.17
CA SER J 490 -5.49 -29.42 -10.11
C SER J 490 -6.79 -28.74 -9.76
N ARG J 491 -6.94 -28.21 -8.55
CA ARG J 491 -8.17 -27.51 -8.19
C ARG J 491 -8.38 -26.27 -9.08
N SER J 492 -7.29 -25.56 -9.38
CA SER J 492 -7.34 -24.41 -10.27
C SER J 492 -6.62 -24.74 -11.57
N PRO J 493 -7.34 -25.01 -12.66
CA PRO J 493 -6.66 -25.32 -13.92
C PRO J 493 -5.79 -24.19 -14.44
N ASP J 494 -6.19 -22.94 -14.21
CA ASP J 494 -5.33 -21.82 -14.58
C ASP J 494 -4.02 -21.85 -13.82
N LEU J 495 -4.07 -22.15 -12.52
CA LEU J 495 -2.86 -22.21 -11.73
C LEU J 495 -1.96 -23.36 -12.18
N LEU J 496 -2.55 -24.52 -12.49
CA LEU J 496 -1.76 -25.63 -13.00
C LEU J 496 -1.09 -25.27 -14.32
N ARG J 497 -1.83 -24.62 -15.21
CA ARG J 497 -1.24 -24.20 -16.48
C ARG J 497 -0.12 -23.20 -16.27
N VAL J 498 -0.31 -22.27 -15.33
CA VAL J 498 0.72 -21.28 -15.04
C VAL J 498 1.97 -21.94 -14.48
N VAL J 499 1.80 -22.91 -13.57
CA VAL J 499 2.93 -23.61 -12.99
C VAL J 499 3.69 -24.38 -14.05
N ALA J 500 2.97 -25.05 -14.96
CA ALA J 500 3.64 -25.79 -16.02
C ALA J 500 4.32 -24.87 -17.02
N GLU J 501 3.71 -23.72 -17.31
CA GLU J 501 4.25 -22.82 -18.33
C GLU J 501 5.48 -22.07 -17.84
N ARG J 502 5.47 -21.64 -16.58
CA ARG J 502 6.56 -20.84 -16.03
C ARG J 502 7.73 -21.70 -15.56
N GLY J 503 7.61 -23.02 -15.62
CA GLY J 503 8.70 -23.87 -15.20
C GLY J 503 8.87 -23.98 -13.71
N ILE J 504 7.86 -23.59 -12.93
CA ILE J 504 7.93 -23.68 -11.48
C ILE J 504 7.86 -25.15 -11.08
N ALA J 505 8.90 -25.62 -10.39
CA ALA J 505 8.94 -27.01 -10.00
C ALA J 505 8.10 -27.26 -8.75
N VAL J 506 7.55 -28.46 -8.66
CA VAL J 506 6.73 -28.87 -7.52
C VAL J 506 7.51 -29.95 -6.77
N GLU J 507 7.79 -29.69 -5.50
CA GLU J 507 8.52 -30.62 -4.66
C GLU J 507 7.54 -31.57 -4.00
N LEU J 508 7.48 -32.80 -4.50
CA LEU J 508 6.63 -33.83 -3.91
C LEU J 508 7.44 -34.69 -2.95
N CYS J 509 6.83 -35.01 -1.81
CA CYS J 509 7.46 -35.86 -0.79
C CYS J 509 6.52 -37.01 -0.52
N PRO J 510 6.64 -38.11 -1.27
CA PRO J 510 5.63 -39.18 -1.21
C PRO J 510 5.33 -39.71 0.17
N TYR J 511 6.35 -40.14 0.92
CA TYR J 511 6.10 -40.74 2.23
C TYR J 511 5.51 -39.71 3.20
N ALA J 512 6.06 -38.50 3.23
CA ALA J 512 5.54 -37.47 4.12
C ALA J 512 4.13 -37.07 3.73
N ASN J 513 3.85 -36.98 2.43
CA ASN J 513 2.50 -36.66 1.98
C ASN J 513 1.51 -37.74 2.40
N LEU J 514 1.89 -39.02 2.24
CA LEU J 514 1.02 -40.10 2.66
C LEU J 514 0.82 -40.10 4.16
N GLN J 515 1.87 -39.81 4.93
CA GLN J 515 1.78 -39.84 6.38
C GLN J 515 0.92 -38.70 6.91
N ILE J 516 1.06 -37.52 6.32
CA ILE J 516 0.32 -36.35 6.78
C ILE J 516 -1.08 -36.31 6.18
N LYS J 517 -1.20 -36.46 4.87
CA LYS J 517 -2.48 -36.31 4.19
C LYS J 517 -3.20 -37.64 4.02
N GLY J 518 -2.50 -38.66 3.53
CA GLY J 518 -3.13 -39.92 3.22
C GLY J 518 -3.63 -39.95 1.79
N PHE J 519 -3.26 -40.98 1.04
CA PHE J 519 -3.72 -41.15 -0.33
C PHE J 519 -4.06 -42.61 -0.55
N PRO J 520 -4.97 -42.91 -1.48
CA PRO J 520 -5.24 -44.31 -1.81
C PRO J 520 -3.98 -45.00 -2.30
N LEU J 521 -3.82 -46.25 -1.87
CA LEU J 521 -2.55 -46.95 -2.02
C LEU J 521 -2.79 -48.28 -2.71
N ASP J 522 -1.97 -48.59 -3.72
CA ASP J 522 -2.03 -49.84 -4.46
C ASP J 522 -3.41 -50.03 -5.12
N GLU J 523 -3.91 -48.96 -5.74
CA GLU J 523 -5.17 -49.00 -6.46
C GLU J 523 -4.91 -49.18 -7.95
N GLU J 524 -5.69 -50.05 -8.59
CA GLU J 524 -5.50 -50.33 -10.00
C GLU J 524 -6.03 -49.21 -10.89
N GLN J 525 -6.90 -48.34 -10.35
CA GLN J 525 -7.48 -47.26 -11.12
C GLN J 525 -7.25 -45.94 -10.40
N GLU J 526 -7.11 -44.87 -11.18
CA GLU J 526 -6.78 -43.54 -10.68
C GLU J 526 -8.00 -42.64 -10.82
N GLY J 527 -8.45 -42.06 -9.71
CA GLY J 527 -9.48 -41.04 -9.80
C GLY J 527 -9.78 -40.27 -8.53
N SER J 528 -9.71 -38.94 -8.63
CA SER J 528 -10.28 -37.99 -7.67
C SER J 528 -9.62 -38.03 -6.29
N GLU J 529 -8.77 -39.03 -6.05
CA GLU J 529 -8.05 -39.11 -4.78
C GLU J 529 -6.59 -39.49 -4.95
N THR J 530 -6.18 -39.96 -6.11
CA THR J 530 -4.84 -40.48 -6.32
C THR J 530 -3.79 -39.40 -6.07
N TYR J 531 -2.59 -39.84 -5.74
CA TYR J 531 -1.46 -38.93 -5.64
C TYR J 531 -1.31 -38.20 -6.97
N PRO J 532 -1.19 -36.87 -6.96
CA PRO J 532 -1.25 -36.09 -8.20
C PRO J 532 0.02 -36.13 -9.04
N LEU J 533 0.96 -37.03 -8.75
CA LEU J 533 2.22 -37.08 -9.49
C LEU J 533 1.99 -37.31 -10.97
N ARG J 534 1.20 -38.33 -11.30
CA ARG J 534 0.99 -38.68 -12.71
C ARG J 534 0.23 -37.59 -13.44
N GLY J 535 -0.78 -37.00 -12.79
CA GLY J 535 -1.51 -35.90 -13.40
C GLY J 535 -0.64 -34.67 -13.60
N TYR J 536 0.21 -34.37 -12.61
CA TYR J 536 1.14 -33.25 -12.75
C TYR J 536 2.10 -33.47 -13.90
N LEU J 537 2.61 -34.71 -14.03
CA LEU J 537 3.49 -35.02 -15.15
C LEU J 537 2.77 -34.88 -16.48
N ALA J 538 1.51 -35.34 -16.54
CA ALA J 538 0.73 -35.21 -17.76
C ALA J 538 0.41 -33.76 -18.08
N ALA J 539 0.35 -32.90 -17.08
CA ALA J 539 0.07 -31.48 -17.29
C ALA J 539 1.32 -30.69 -17.66
N GLY J 540 2.48 -31.32 -17.73
CA GLY J 540 3.71 -30.61 -18.02
C GLY J 540 4.36 -29.93 -16.84
N VAL J 541 3.98 -30.30 -15.62
CA VAL J 541 4.59 -29.75 -14.42
C VAL J 541 5.92 -30.46 -14.18
N ALA J 542 6.96 -29.67 -13.90
CA ALA J 542 8.26 -30.21 -13.53
C ALA J 542 8.17 -30.70 -12.09
N VAL J 543 8.06 -32.01 -11.91
CA VAL J 543 7.80 -32.60 -10.61
C VAL J 543 9.06 -33.28 -10.10
N THR J 544 9.37 -33.05 -8.83
CA THR J 544 10.51 -33.65 -8.16
C THR J 544 10.03 -34.46 -6.97
N LEU J 545 10.73 -35.55 -6.68
CA LEU J 545 10.39 -36.42 -5.57
C LEU J 545 11.47 -36.32 -4.51
N ASN J 546 11.06 -36.13 -3.26
CA ASN J 546 11.98 -35.73 -2.20
C ASN J 546 11.61 -36.49 -0.93
N THR J 547 12.43 -36.31 0.12
CA THR J 547 12.24 -37.00 1.39
C THR J 547 11.56 -36.16 2.45
N ASP J 548 11.63 -34.83 2.36
CA ASP J 548 11.11 -33.90 3.35
C ASP J 548 11.90 -34.03 4.66
N ASN J 549 11.65 -35.09 5.42
CA ASN J 549 12.37 -35.36 6.66
C ASN J 549 12.82 -36.82 6.63
N LEU J 550 14.13 -37.05 6.56
CA LEU J 550 14.64 -38.41 6.49
C LEU J 550 14.35 -39.18 7.78
N GLY J 551 14.27 -38.49 8.91
CA GLY J 551 14.04 -39.14 10.17
C GLY J 551 12.59 -39.32 10.55
N ILE J 552 11.81 -38.24 10.49
CA ILE J 552 10.41 -38.31 10.89
C ILE J 552 9.66 -39.26 9.97
N SER J 553 9.87 -39.15 8.66
CA SER J 553 9.21 -40.03 7.70
C SER J 553 9.80 -41.42 7.67
N GLN J 554 11.01 -41.59 8.20
CA GLN J 554 11.66 -42.90 8.29
C GLN J 554 11.79 -43.57 6.93
N ALA J 555 12.06 -42.77 5.90
CA ALA J 555 12.20 -43.28 4.55
C ALA J 555 13.28 -42.49 3.82
N SER J 556 14.04 -43.18 2.98
CA SER J 556 15.05 -42.54 2.17
C SER J 556 14.45 -42.09 0.84
N LEU J 557 15.29 -41.53 -0.02
CA LEU J 557 14.84 -41.11 -1.34
C LEU J 557 14.45 -42.31 -2.18
N THR J 558 15.20 -43.41 -2.06
CA THR J 558 14.85 -44.64 -2.75
C THR J 558 13.46 -45.13 -2.34
N ASP J 559 13.17 -45.08 -1.03
CA ASP J 559 11.86 -45.51 -0.56
C ASP J 559 10.75 -44.63 -1.10
N ASN J 560 10.98 -43.32 -1.18
CA ASN J 560 9.97 -42.43 -1.74
C ASN J 560 9.74 -42.70 -3.22
N LEU J 561 10.81 -42.90 -3.98
CA LEU J 561 10.66 -43.21 -5.40
C LEU J 561 9.90 -44.51 -5.60
N LEU J 562 10.18 -45.52 -4.77
CA LEU J 562 9.47 -46.77 -4.90
C LEU J 562 8.02 -46.66 -4.43
N LEU J 563 7.75 -45.83 -3.41
CA LEU J 563 6.39 -45.61 -2.97
C LEU J 563 5.56 -44.88 -4.02
N THR J 564 6.20 -44.13 -4.92
CA THR J 564 5.46 -43.56 -6.04
C THR J 564 4.78 -44.64 -6.87
N ALA J 565 5.35 -45.86 -6.89
CA ALA J 565 4.73 -46.96 -7.62
C ALA J 565 3.40 -47.37 -6.99
N ARG J 566 3.32 -47.38 -5.66
CA ARG J 566 2.08 -47.71 -4.98
C ARG J 566 1.11 -46.54 -4.95
N LEU J 567 1.62 -45.31 -4.91
CA LEU J 567 0.76 -44.13 -4.88
C LEU J 567 0.13 -43.84 -6.22
N CYS J 568 0.86 -44.07 -7.31
CA CYS J 568 0.38 -43.78 -8.66
C CYS J 568 0.36 -45.06 -9.47
N PRO J 569 -0.82 -45.56 -9.85
CA PRO J 569 -0.89 -46.81 -10.64
C PRO J 569 -0.24 -46.65 -12.01
N GLY J 570 0.68 -47.55 -12.32
CA GLY J 570 1.26 -47.59 -13.64
C GLY J 570 2.31 -46.54 -13.94
N ILE J 571 2.85 -45.89 -12.91
CA ILE J 571 3.91 -44.92 -13.14
C ILE J 571 5.14 -45.66 -13.65
N THR J 572 5.65 -45.24 -14.80
CA THR J 572 6.81 -45.89 -15.39
C THR J 572 8.09 -45.40 -14.74
N ARG J 573 9.12 -46.23 -14.81
CA ARG J 573 10.42 -45.85 -14.28
C ARG J 573 11.11 -44.81 -15.16
N LEU J 574 10.71 -44.74 -16.43
CA LEU J 574 11.09 -43.59 -17.25
C LEU J 574 10.58 -42.30 -16.62
N GLU J 575 9.41 -42.35 -15.98
CA GLU J 575 8.91 -41.16 -15.28
C GLU J 575 9.72 -40.87 -14.02
N VAL J 576 10.30 -41.90 -13.39
CA VAL J 576 11.24 -41.66 -12.30
C VAL J 576 12.47 -40.93 -12.82
N LEU J 577 12.99 -41.37 -13.95
CA LEU J 577 14.11 -40.66 -14.58
C LEU J 577 13.72 -39.24 -14.94
N LYS J 578 12.49 -39.04 -15.39
CA LYS J 578 12.03 -37.70 -15.74
C LYS J 578 11.94 -36.81 -14.51
N THR J 579 11.52 -37.36 -13.37
CA THR J 579 11.53 -36.58 -12.14
C THR J 579 12.95 -36.22 -11.72
N GLN J 580 13.90 -37.15 -11.90
CA GLN J 580 15.29 -36.84 -11.60
C GLN J 580 15.80 -35.71 -12.49
N VAL J 581 15.45 -35.75 -13.79
CA VAL J 581 15.86 -34.70 -14.71
C VAL J 581 15.20 -33.37 -14.35
N PHE J 582 13.92 -33.40 -13.96
CA PHE J 582 13.24 -32.20 -13.50
C PHE J 582 13.91 -31.60 -12.29
N ALA J 583 14.33 -32.45 -11.34
CA ALA J 583 15.01 -31.95 -10.16
C ALA J 583 16.38 -31.38 -10.50
N ALA J 584 17.09 -32.00 -11.46
CA ALA J 584 18.35 -31.45 -11.92
C ALA J 584 18.16 -30.09 -12.55
N GLN J 585 17.08 -29.90 -13.30
CA GLN J 585 16.82 -28.61 -13.93
C GLN J 585 16.33 -27.58 -12.92
N ALA J 586 15.63 -28.01 -11.88
CA ALA J 586 15.06 -27.12 -10.90
C ALA J 586 16.02 -26.78 -9.77
N ALA J 587 17.20 -27.40 -9.74
CA ALA J 587 18.17 -27.14 -8.70
C ALA J 587 18.59 -25.68 -8.74
N PHE J 588 18.83 -25.11 -7.56
CA PHE J 588 19.38 -23.77 -7.49
C PHE J 588 20.89 -23.83 -7.62
N ALA J 589 21.37 -24.51 -8.65
CA ALA J 589 22.79 -24.75 -8.87
C ALA J 589 23.31 -23.79 -9.94
N ASN J 590 24.62 -23.57 -9.91
CA ASN J 590 25.25 -22.75 -10.94
C ASN J 590 25.71 -23.64 -12.09
N GLN J 591 26.43 -23.07 -13.05
CA GLN J 591 26.80 -23.80 -14.26
C GLN J 591 27.72 -24.97 -13.95
N ALA J 592 28.70 -24.78 -13.06
CA ALA J 592 29.61 -25.87 -12.73
C ALA J 592 28.90 -27.00 -12.00
N GLU J 593 28.06 -26.64 -11.02
CA GLU J 593 27.32 -27.65 -10.28
C GLU J 593 26.36 -28.41 -11.20
N ARG J 594 25.68 -27.69 -12.09
CA ARG J 594 24.75 -28.34 -13.00
C ARG J 594 25.48 -29.24 -13.99
N LYS J 595 26.65 -28.81 -14.47
CA LYS J 595 27.43 -29.67 -15.36
C LYS J 595 27.87 -30.94 -14.67
N ALA J 596 28.36 -30.83 -13.43
CA ALA J 596 28.75 -32.02 -12.68
C ALA J 596 27.56 -32.94 -12.43
N LEU J 597 26.41 -32.35 -12.09
CA LEU J 597 25.22 -33.15 -11.85
C LEU J 597 24.75 -33.86 -13.12
N TRP J 598 24.85 -33.20 -14.26
CA TRP J 598 24.45 -33.84 -15.51
C TRP J 598 25.42 -34.94 -15.90
N ALA J 599 26.71 -34.74 -15.62
CA ALA J 599 27.67 -35.83 -15.81
C ALA J 599 27.32 -37.03 -14.94
N ARG J 600 26.89 -36.77 -13.70
CA ARG J 600 26.51 -37.85 -12.81
C ARG J 600 25.23 -38.54 -13.27
N LEU J 601 24.27 -37.78 -13.79
CA LEU J 601 22.98 -38.35 -14.15
C LEU J 601 23.07 -39.22 -15.40
N ALA J 602 24.07 -38.99 -16.24
CA ALA J 602 24.26 -39.79 -17.44
C ALA J 602 24.59 -41.25 -17.13
N GLN J 603 25.00 -41.55 -15.89
CA GLN J 603 25.39 -42.91 -15.52
C GLN J 603 24.20 -43.64 -14.88
N VAL J 604 23.18 -43.86 -15.69
CA VAL J 604 21.99 -44.60 -15.25
C VAL J 604 22.33 -46.07 -15.07
N PRO J 605 21.95 -46.69 -13.95
CA PRO J 605 22.28 -48.10 -13.75
C PRO J 605 21.62 -49.00 -14.80
N VAL J 606 22.36 -50.02 -15.21
CA VAL J 606 21.85 -50.98 -16.19
C VAL J 606 20.88 -51.92 -15.50
N PRO J 607 19.67 -52.08 -16.03
CA PRO J 607 18.71 -52.97 -15.38
C PRO J 607 19.11 -54.44 -15.47
N THR J 608 18.59 -55.21 -14.53
CA THR J 608 18.74 -56.65 -14.51
C THR J 608 17.36 -57.30 -14.64
N ASP J 609 17.30 -58.43 -15.34
CA ASP J 609 16.04 -59.14 -15.60
C ASP J 609 15.04 -58.25 -16.32
N THR J 610 15.43 -57.86 -17.54
CA THR J 610 14.57 -57.08 -18.42
C THR J 610 13.56 -58.00 -19.11
N GLU J 611 12.91 -57.50 -20.15
CA GLU J 611 11.88 -58.23 -20.89
C GLU J 611 10.74 -58.66 -19.96
PC A23 K 2 44.39 -69.21 -52.61
O1C A23 K 2 44.69 -67.61 -52.37
O2C A23 K 2 45.00 -69.62 -53.88
P A23 K 2 38.96 -71.69 -49.68
OP1 A23 K 2 39.89 -72.80 -49.26
OP2 A23 K 2 38.66 -70.75 -48.53
O5' A23 K 2 39.58 -70.87 -50.98
C5' A23 K 2 40.74 -71.37 -51.59
C4' A23 K 2 41.86 -70.50 -51.19
O4' A23 K 2 42.40 -70.93 -49.60
C3' A23 K 2 42.84 -70.63 -51.98
O3' A23 K 2 43.11 -69.39 -52.68
C2' A23 K 2 44.22 -70.88 -51.00
O2' A23 K 2 45.05 -70.07 -51.39
C1' A23 K 2 43.73 -70.54 -49.58
N9 A23 K 2 44.47 -71.28 -48.60
C8 A23 K 2 44.59 -72.59 -48.55
N7 A23 K 2 45.34 -72.90 -47.51
C5 A23 K 2 45.71 -71.78 -46.88
C6 A23 K 2 46.49 -71.45 -45.75
N6 A23 K 2 47.10 -72.52 -44.97
N1 A23 K 2 46.66 -70.19 -45.39
C2 A23 K 2 46.09 -69.22 -46.12
N3 A23 K 2 45.36 -69.47 -47.18
C4 A23 K 2 45.15 -70.73 -47.58
PC A23 L 2 35.52 -71.34 -56.94
O1C A23 L 2 34.15 -71.26 -56.03
O2C A23 L 2 35.98 -72.74 -56.99
P A23 L 2 39.07 -65.74 -57.40
OP1 A23 L 2 38.97 -65.97 -58.89
OP2 A23 L 2 38.07 -64.70 -56.94
O5' A23 L 2 38.89 -67.14 -56.57
C5' A23 L 2 38.70 -68.34 -57.29
C4' A23 L 2 37.27 -68.69 -57.21
O4' A23 L 2 36.37 -67.75 -58.36
C3' A23 L 2 37.10 -69.93 -57.49
O3' A23 L 2 36.45 -70.61 -56.40
C2' A23 L 2 35.98 -69.98 -58.78
O2' A23 L 2 35.17 -70.85 -58.46
C1' A23 L 2 35.33 -68.59 -58.78
N9 A23 L 2 34.91 -68.23 -60.09
C8 A23 L 2 35.67 -68.23 -61.17
N7 A23 L 2 34.94 -67.85 -62.20
C5 A23 L 2 33.69 -67.59 -61.78
C6 A23 L 2 32.49 -67.16 -62.39
N6 A23 L 2 32.46 -66.88 -63.81
N1 A23 L 2 31.40 -67.00 -61.65
C2 A23 L 2 31.44 -67.25 -60.35
N3 A23 L 2 32.53 -67.65 -59.74
C4 A23 L 2 33.67 -67.83 -60.43
ZN ZN M . -10.56 28.71 -6.55
ZN ZN N . -29.11 -10.62 -4.34
ZN ZN O . 27.61 12.15 6.06
ZN ZN P . -6.31 1.58 30.82
ZN ZN Q . 8.78 -2.87 -30.32
ZN ZN R . 9.01 -29.65 4.38
#